data_6U1O
#
_entry.id   6U1O
#
_entity_poly.entity_id   1
_entity_poly.type   'polypeptide(L)'
_entity_poly.pdbx_seq_one_letter_code
;MDDDHEQLVEELEAVEAIYPDLLSKKQEDGSIIVVKVPQHEYMTLQISFPTHYPSEEAPNVIEVGVCTSLAKRDLYDTKY
LQHLFQEVMDSVFHRGSVCLFDFLTELDGVLYVEPEEETEPVQQSDIPTDPFEGWTASDPITDRGSTFMAFAAHVTSEEQ
AFAMLDLLKTDSKMRKANHVMSAWRIKQDGSAATYQDSDDDGETAAGSRMLHLITIMDVWNVIVVVARWFGGAHIGPDRF
KHINSTAREAVVRAGFDS
;
_entity_poly.pdbx_strand_id   A
#
# COMPACT_ATOMS: atom_id res chain seq x y z
N MET A 1 31.63 -6.22 7.97
CA MET A 1 32.11 -6.05 6.58
C MET A 1 31.53 -7.11 5.65
N ASP A 2 30.42 -7.69 6.04
CA ASP A 2 29.78 -8.74 5.27
C ASP A 2 28.35 -8.38 4.88
N ASP A 3 27.41 -8.62 5.77
CA ASP A 3 26.00 -8.30 5.52
C ASP A 3 25.70 -6.89 5.98
N ASP A 4 26.78 -6.19 6.25
CA ASP A 4 26.76 -4.80 6.65
C ASP A 4 26.03 -3.97 5.63
N HIS A 5 26.13 -4.40 4.40
CA HIS A 5 25.44 -3.75 3.29
C HIS A 5 23.97 -4.05 3.33
N GLU A 6 23.64 -5.27 3.71
CA GLU A 6 22.27 -5.67 3.77
C GLU A 6 21.53 -5.00 4.90
N GLN A 7 22.16 -4.86 6.06
CA GLN A 7 21.50 -4.20 7.18
C GLN A 7 21.46 -2.70 6.91
N LEU A 8 22.54 -2.18 6.31
CA LEU A 8 22.58 -0.79 5.90
C LEU A 8 21.46 -0.50 4.91
N VAL A 9 21.49 -1.21 3.78
CA VAL A 9 20.44 -1.08 2.76
C VAL A 9 19.04 -1.29 3.37
N GLU A 10 18.98 -2.09 4.43
CA GLU A 10 17.72 -2.35 5.12
C GLU A 10 17.22 -1.09 5.81
N GLU A 11 18.11 -0.38 6.51
CA GLU A 11 17.72 0.83 7.21
C GLU A 11 17.34 1.90 6.19
N LEU A 12 18.04 1.89 5.05
CA LEU A 12 17.74 2.81 3.94
C LEU A 12 16.29 2.63 3.49
N GLU A 13 15.87 1.38 3.34
CA GLU A 13 14.50 1.07 2.94
C GLU A 13 13.53 1.33 4.08
N ALA A 14 14.04 1.31 5.31
CA ALA A 14 13.22 1.55 6.50
C ALA A 14 12.94 3.04 6.65
N VAL A 15 14.00 3.84 6.63
CA VAL A 15 13.86 5.29 6.69
C VAL A 15 13.01 5.75 5.50
N GLU A 16 13.20 5.06 4.38
CA GLU A 16 12.41 5.26 3.18
C GLU A 16 10.92 5.02 3.51
N ALA A 17 10.64 3.88 4.12
CA ALA A 17 9.29 3.51 4.53
C ALA A 17 8.68 4.51 5.50
N ILE A 18 9.45 4.90 6.49
CA ILE A 18 8.97 5.80 7.54
C ILE A 18 8.85 7.23 7.01
N TYR A 19 9.90 7.70 6.33
CA TYR A 19 9.95 9.06 5.81
C TYR A 19 10.62 9.11 4.45
N PRO A 20 9.87 8.89 3.37
CA PRO A 20 10.42 8.93 2.02
C PRO A 20 10.78 10.37 1.60
N ASP A 21 9.77 11.16 1.22
CA ASP A 21 9.92 12.58 0.82
C ASP A 21 10.90 13.38 1.71
N LEU A 22 10.99 13.02 2.97
CA LEU A 22 11.86 13.73 3.89
C LEU A 22 13.33 13.42 3.62
N LEU A 23 13.60 12.18 3.27
CA LEU A 23 14.95 11.73 3.00
C LEU A 23 15.29 11.85 1.52
N SER A 24 16.52 12.20 1.24
CA SER A 24 17.01 12.27 -0.11
C SER A 24 18.40 11.66 -0.18
N LYS A 25 18.55 10.56 -0.92
CA LYS A 25 19.83 9.89 -1.01
C LYS A 25 20.64 10.42 -2.18
N LYS A 26 21.83 10.92 -1.90
CA LYS A 26 22.71 11.42 -2.93
C LYS A 26 23.25 10.28 -3.73
N GLN A 27 23.62 9.23 -3.05
CA GLN A 27 24.18 8.07 -3.68
C GLN A 27 23.13 7.01 -3.90
N GLU A 28 23.47 5.97 -4.64
CA GLU A 28 22.49 4.94 -5.00
C GLU A 28 22.05 4.08 -3.81
N ASP A 29 23.00 3.46 -3.12
CA ASP A 29 22.64 2.57 -2.02
C ASP A 29 23.25 2.98 -0.73
N GLY A 30 22.78 4.08 -0.25
CA GLY A 30 23.23 4.57 0.99
C GLY A 30 24.32 5.51 0.75
N SER A 31 25.55 4.98 0.82
CA SER A 31 26.84 5.71 0.70
C SER A 31 26.79 7.14 1.22
N ILE A 32 26.04 7.98 0.58
CA ILE A 32 25.90 9.35 1.00
C ILE A 32 24.46 9.78 0.83
N ILE A 33 23.93 10.47 1.82
CA ILE A 33 22.54 10.83 1.86
C ILE A 33 22.36 12.22 2.45
N VAL A 34 21.21 12.79 2.21
CA VAL A 34 20.84 14.07 2.76
C VAL A 34 19.43 13.97 3.32
N VAL A 35 19.32 13.99 4.62
CA VAL A 35 18.02 13.91 5.25
C VAL A 35 17.65 15.28 5.78
N LYS A 36 16.39 15.55 5.97
CA LYS A 36 15.98 16.82 6.47
C LYS A 36 15.44 16.62 7.87
N VAL A 37 15.48 17.68 8.68
CA VAL A 37 15.00 17.63 10.07
C VAL A 37 13.69 16.82 10.18
N PRO A 38 13.68 15.79 11.08
CA PRO A 38 12.55 14.83 11.27
C PRO A 38 11.15 15.44 11.24
N GLN A 39 11.03 16.70 11.65
CA GLN A 39 9.73 17.34 11.65
C GLN A 39 9.33 17.65 10.20
N HIS A 40 9.91 18.71 9.64
CA HIS A 40 9.66 19.11 8.22
C HIS A 40 10.30 20.49 7.97
N GLU A 41 11.36 20.78 8.73
CA GLU A 41 11.97 22.11 8.75
C GLU A 41 12.41 22.69 7.44
N TYR A 42 13.69 22.65 7.21
CA TYR A 42 14.34 23.35 6.12
C TYR A 42 15.82 23.10 6.20
N MET A 43 16.28 22.74 7.39
CA MET A 43 17.66 22.37 7.57
C MET A 43 17.86 20.93 7.18
N THR A 44 18.59 20.74 6.13
CA THR A 44 18.87 19.41 5.64
C THR A 44 20.28 19.01 6.06
N LEU A 45 20.42 17.78 6.44
CA LEU A 45 21.69 17.29 6.93
C LEU A 45 22.32 16.33 5.92
N GLN A 46 23.55 16.63 5.53
CA GLN A 46 24.31 15.80 4.61
C GLN A 46 25.19 14.83 5.38
N ILE A 47 24.96 13.54 5.16
CA ILE A 47 25.63 12.49 5.90
C ILE A 47 26.19 11.44 4.92
N SER A 48 27.38 10.96 5.19
CA SER A 48 28.05 9.96 4.40
C SER A 48 28.17 8.69 5.22
N PHE A 49 28.36 7.57 4.57
CA PHE A 49 28.51 6.32 5.25
C PHE A 49 29.86 5.70 4.93
N PRO A 50 30.76 5.74 5.90
CA PRO A 50 32.13 5.25 5.76
C PRO A 50 32.18 3.75 5.84
N THR A 51 33.32 3.18 5.47
CA THR A 51 33.53 1.75 5.55
C THR A 51 33.40 1.30 7.02
N HIS A 52 33.45 2.26 7.93
CA HIS A 52 33.26 2.03 9.34
C HIS A 52 31.84 2.45 9.75
N TYR A 53 30.89 2.19 8.85
CA TYR A 53 29.44 2.43 9.06
C TYR A 53 28.95 1.92 10.44
N PRO A 54 27.67 2.29 10.84
CA PRO A 54 27.03 1.95 12.13
C PRO A 54 27.59 0.71 12.84
N SER A 55 27.69 -0.41 12.15
CA SER A 55 28.22 -1.63 12.74
C SER A 55 29.62 -1.38 13.34
N GLU A 56 30.55 -1.04 12.46
CA GLU A 56 31.91 -0.73 12.86
C GLU A 56 31.93 0.43 13.84
N GLU A 57 31.32 1.56 13.46
CA GLU A 57 31.32 2.73 14.32
C GLU A 57 30.02 3.52 14.20
N ALA A 58 29.81 4.15 13.04
CA ALA A 58 28.67 5.08 12.82
C ALA A 58 28.87 5.85 11.49
N PRO A 59 27.84 6.58 10.99
CA PRO A 59 27.96 7.36 9.74
C PRO A 59 28.83 8.62 9.89
N ASN A 60 28.94 9.39 8.82
CA ASN A 60 29.78 10.60 8.80
C ASN A 60 28.98 11.82 8.40
N VAL A 61 28.86 12.78 9.29
CA VAL A 61 28.16 13.99 8.95
C VAL A 61 29.12 14.93 8.22
N ILE A 62 28.88 15.12 6.94
CA ILE A 62 29.78 15.89 6.12
C ILE A 62 29.37 17.35 5.98
N GLU A 63 28.07 17.63 6.13
CA GLU A 63 27.61 19.01 5.95
C GLU A 63 26.15 19.15 6.37
N VAL A 64 25.72 20.38 6.59
CA VAL A 64 24.32 20.68 6.83
C VAL A 64 23.95 21.94 6.06
N GLY A 65 22.71 22.04 5.69
CA GLY A 65 22.24 23.18 4.95
C GLY A 65 20.99 23.68 5.56
N VAL A 66 20.72 24.94 5.44
CA VAL A 66 19.57 25.50 6.07
C VAL A 66 19.00 26.68 5.34
N CYS A 67 17.70 26.68 5.21
CA CYS A 67 17.02 27.79 4.60
C CYS A 67 16.64 28.79 5.69
N THR A 68 17.35 29.89 5.72
CA THR A 68 17.13 30.91 6.74
C THR A 68 17.31 32.32 6.22
N SER A 69 16.81 33.26 6.99
CA SER A 69 16.97 34.66 6.73
C SER A 69 17.80 35.24 7.86
N LEU A 70 17.84 36.56 7.96
CA LEU A 70 18.66 37.21 8.97
C LEU A 70 18.02 37.17 10.36
N ALA A 71 16.87 36.54 10.47
CA ALA A 71 16.14 36.49 11.74
C ALA A 71 16.89 35.67 12.81
N LYS A 72 17.29 34.45 12.47
CA LYS A 72 18.00 33.61 13.44
C LYS A 72 19.27 32.99 12.86
N ARG A 73 19.87 33.68 11.91
CA ARG A 73 21.10 33.19 11.26
C ARG A 73 22.31 33.40 12.17
N ASP A 74 22.10 34.18 13.20
CA ASP A 74 23.16 34.51 14.15
C ASP A 74 23.22 33.49 15.28
N LEU A 75 22.18 32.67 15.37
CA LEU A 75 22.10 31.66 16.41
C LEU A 75 22.86 30.40 16.03
N TYR A 76 22.64 29.92 14.81
CA TYR A 76 23.27 28.68 14.37
C TYR A 76 23.70 28.77 12.91
N ASP A 77 24.88 28.23 12.63
CA ASP A 77 25.43 28.18 11.29
C ASP A 77 25.57 26.73 10.85
N THR A 78 25.92 26.52 9.59
CA THR A 78 26.06 25.19 9.04
C THR A 78 27.17 24.41 9.75
N LYS A 79 28.36 24.97 9.82
CA LYS A 79 29.47 24.28 10.48
C LYS A 79 29.18 24.08 11.96
N TYR A 80 28.38 24.96 12.52
CA TYR A 80 28.04 24.92 13.92
C TYR A 80 27.14 23.73 14.19
N LEU A 81 26.05 23.63 13.43
CA LEU A 81 25.11 22.55 13.58
C LEU A 81 25.82 21.23 13.36
N GLN A 82 26.75 21.22 12.41
CA GLN A 82 27.56 20.05 12.13
C GLN A 82 28.31 19.58 13.38
N HIS A 83 28.83 20.54 14.13
CA HIS A 83 29.54 20.23 15.37
C HIS A 83 28.64 19.48 16.35
N LEU A 84 27.46 20.04 16.62
CA LEU A 84 26.53 19.38 17.54
C LEU A 84 25.95 18.11 16.92
N PHE A 85 25.83 18.12 15.61
CA PHE A 85 25.33 16.96 14.89
C PHE A 85 26.26 15.78 15.12
N GLN A 86 27.54 16.01 14.90
CA GLN A 86 28.59 15.02 15.18
C GLN A 86 28.47 14.49 16.61
N GLU A 87 28.37 15.39 17.59
CA GLU A 87 28.28 14.97 18.99
C GLU A 87 27.02 14.14 19.23
N VAL A 88 26.03 14.36 18.40
CA VAL A 88 24.82 13.54 18.43
C VAL A 88 25.09 12.14 17.92
N MET A 89 25.83 12.03 16.82
CA MET A 89 26.22 10.72 16.30
C MET A 89 26.94 9.93 17.36
N ASP A 90 27.76 10.63 18.10
CA ASP A 90 28.45 10.05 19.29
C ASP A 90 27.49 9.19 20.14
N SER A 91 26.21 9.58 20.17
CA SER A 91 25.20 8.78 20.84
C SER A 91 24.97 7.51 20.03
N VAL A 92 24.75 7.68 18.73
CA VAL A 92 24.49 6.53 17.84
C VAL A 92 25.81 5.99 17.30
N PHE A 93 26.78 5.94 18.19
CA PHE A 93 28.12 5.47 17.87
C PHE A 93 28.31 4.13 18.54
N HIS A 94 27.55 3.93 19.59
CA HIS A 94 27.52 2.69 20.35
C HIS A 94 26.09 2.44 20.87
N ARG A 95 25.27 1.82 20.03
CA ARG A 95 23.88 1.51 20.33
C ARG A 95 23.59 0.28 19.53
N GLY A 96 22.54 -0.46 19.79
CA GLY A 96 22.18 -1.49 18.86
C GLY A 96 21.57 -0.92 17.60
N SER A 97 20.99 0.28 17.73
CA SER A 97 20.41 0.98 16.61
C SER A 97 21.49 1.44 15.64
N VAL A 98 21.11 1.69 14.40
CA VAL A 98 22.07 2.06 13.38
C VAL A 98 22.50 3.53 13.45
N CYS A 99 21.53 4.43 13.65
CA CYS A 99 21.80 5.88 13.68
C CYS A 99 20.53 6.70 13.63
N LEU A 100 19.87 6.64 12.47
CA LEU A 100 18.70 7.46 12.13
C LEU A 100 17.64 7.55 13.23
N PHE A 101 17.45 6.48 13.97
CA PHE A 101 16.42 6.44 14.98
C PHE A 101 16.87 7.10 16.30
N ASP A 102 18.08 6.77 16.73
CA ASP A 102 18.57 7.21 18.05
C ASP A 102 19.17 8.62 18.01
N PHE A 103 19.53 9.06 16.83
CA PHE A 103 20.14 10.37 16.68
C PHE A 103 19.10 11.48 16.58
N LEU A 104 17.87 11.10 16.26
CA LEU A 104 16.82 12.07 16.07
C LEU A 104 16.26 12.49 17.40
N THR A 105 16.50 11.67 18.42
CA THR A 105 15.98 11.90 19.73
C THR A 105 16.62 13.13 20.36
N GLU A 106 17.94 13.23 20.23
CA GLU A 106 18.68 14.36 20.77
C GLU A 106 18.16 15.64 20.14
N LEU A 107 18.09 15.62 18.81
CA LEU A 107 17.62 16.77 18.06
C LEU A 107 16.14 17.04 18.34
N ASP A 108 15.41 16.01 18.71
CA ASP A 108 13.98 16.13 18.95
C ASP A 108 13.73 16.96 20.18
N GLY A 109 14.63 16.83 21.14
CA GLY A 109 14.53 17.62 22.34
C GLY A 109 15.23 18.96 22.24
N VAL A 110 16.52 18.93 21.93
CA VAL A 110 17.37 20.13 21.90
C VAL A 110 16.99 21.14 20.79
N LEU A 111 16.45 20.66 19.68
CA LEU A 111 16.15 21.56 18.57
C LEU A 111 14.77 22.22 18.75
N TYR A 112 14.04 21.80 19.80
CA TYR A 112 12.71 22.35 20.08
C TYR A 112 11.74 21.98 18.95
N VAL A 113 10.79 22.88 18.65
CA VAL A 113 9.80 22.66 17.60
C VAL A 113 8.87 21.50 18.00
N GLU A 114 8.56 21.46 19.29
CA GLU A 114 7.68 20.44 19.83
C GLU A 114 6.25 20.98 19.96
N PRO A 115 5.35 20.61 19.02
CA PRO A 115 3.96 21.07 19.04
C PRO A 115 3.17 20.43 20.16
N GLU A 116 3.00 19.12 20.07
CA GLU A 116 2.30 18.37 21.07
C GLU A 116 3.04 17.08 21.35
N GLU A 117 2.52 16.29 22.26
CA GLU A 117 3.21 15.11 22.71
C GLU A 117 2.44 13.84 22.36
N GLU A 118 1.58 13.93 21.37
CA GLU A 118 0.81 12.78 20.96
C GLU A 118 1.01 12.51 19.47
N THR A 119 1.33 11.27 19.16
CA THR A 119 1.51 10.87 17.77
C THR A 119 0.20 10.32 17.22
N GLU A 120 -0.11 10.67 15.99
CA GLU A 120 -1.35 10.26 15.38
C GLU A 120 -1.13 9.76 13.95
N PRO A 121 -0.99 8.44 13.77
CA PRO A 121 -0.81 7.83 12.45
C PRO A 121 -2.15 7.72 11.70
N VAL A 122 -2.12 7.02 10.58
CA VAL A 122 -3.31 6.84 9.78
C VAL A 122 -3.58 5.35 9.53
N GLN A 123 -4.59 4.82 10.20
CA GLN A 123 -4.96 3.43 10.05
C GLN A 123 -6.19 3.29 9.17
N GLN A 124 -6.73 4.42 8.75
CA GLN A 124 -7.92 4.43 7.90
C GLN A 124 -7.56 4.21 6.45
N SER A 125 -7.97 3.08 5.92
CA SER A 125 -7.73 2.73 4.53
C SER A 125 -8.89 1.93 4.00
N ASP A 126 -9.37 2.31 2.84
CA ASP A 126 -10.44 1.60 2.20
C ASP A 126 -9.93 0.34 1.57
N ILE A 127 -8.93 0.49 0.71
CA ILE A 127 -8.24 -0.64 0.09
C ILE A 127 -7.64 -1.58 1.14
N PRO A 128 -8.10 -2.85 1.16
CA PRO A 128 -7.64 -3.86 2.11
C PRO A 128 -6.21 -4.29 1.82
N THR A 129 -5.38 -4.23 2.84
CA THR A 129 -3.98 -4.59 2.68
C THR A 129 -3.57 -5.66 3.71
N ASP A 130 -4.47 -5.94 4.65
CA ASP A 130 -4.23 -6.92 5.68
C ASP A 130 -4.85 -8.27 5.32
N PRO A 131 -4.09 -9.38 5.53
CA PRO A 131 -4.55 -10.74 5.25
C PRO A 131 -5.88 -11.11 5.91
N PHE A 132 -6.51 -12.12 5.36
CA PHE A 132 -7.80 -12.60 5.85
C PHE A 132 -7.74 -14.10 6.12
N GLU A 133 -8.61 -14.58 7.01
CA GLU A 133 -8.64 -16.00 7.35
C GLU A 133 -9.34 -16.80 6.26
N GLY A 134 -8.80 -17.98 5.92
CA GLY A 134 -9.35 -18.81 4.83
C GLY A 134 -9.46 -18.05 3.51
N TRP A 135 -8.96 -16.85 3.51
CA TRP A 135 -9.10 -15.93 2.44
C TRP A 135 -7.76 -15.46 1.96
N THR A 136 -7.65 -15.26 0.70
CA THR A 136 -6.50 -14.66 0.12
C THR A 136 -6.96 -13.52 -0.76
N ALA A 137 -6.92 -12.32 -0.24
CA ALA A 137 -7.44 -11.20 -0.96
C ALA A 137 -6.42 -10.15 -0.99
N SER A 138 -6.21 -9.61 -2.13
CA SER A 138 -5.17 -8.63 -2.33
C SER A 138 -5.26 -7.98 -3.68
N ASP A 139 -6.43 -7.99 -4.32
CA ASP A 139 -6.53 -7.33 -5.61
C ASP A 139 -7.46 -6.12 -5.55
N PRO A 140 -6.95 -5.00 -5.00
CA PRO A 140 -7.58 -3.71 -5.09
C PRO A 140 -7.02 -2.96 -6.28
N ILE A 141 -7.84 -2.34 -6.97
CA ILE A 141 -7.46 -1.60 -8.16
C ILE A 141 -8.10 -0.22 -8.08
N THR A 142 -7.58 0.70 -8.83
CA THR A 142 -8.06 2.04 -8.78
C THR A 142 -8.40 2.58 -10.18
N ASP A 143 -9.53 3.25 -10.26
CA ASP A 143 -10.03 3.89 -11.45
C ASP A 143 -10.41 5.29 -11.06
N ARG A 144 -10.80 6.13 -12.00
CA ARG A 144 -11.14 7.50 -11.66
C ARG A 144 -12.19 7.55 -10.55
N GLY A 145 -11.72 7.92 -9.37
CA GLY A 145 -12.55 8.06 -8.19
C GLY A 145 -12.95 6.72 -7.58
N SER A 146 -13.20 5.74 -8.43
CA SER A 146 -13.69 4.45 -8.01
C SER A 146 -12.56 3.47 -7.72
N THR A 147 -12.79 2.63 -6.74
CA THR A 147 -11.88 1.61 -6.35
C THR A 147 -12.49 0.27 -6.69
N PHE A 148 -11.77 -0.54 -7.41
CA PHE A 148 -12.26 -1.85 -7.77
C PHE A 148 -11.44 -2.90 -7.06
N MET A 149 -12.04 -3.71 -6.21
CA MET A 149 -11.24 -4.69 -5.48
C MET A 149 -11.87 -6.05 -5.47
N ALA A 150 -11.04 -7.06 -5.26
CA ALA A 150 -11.49 -8.42 -5.27
C ALA A 150 -10.81 -9.24 -4.18
N PHE A 151 -11.50 -10.27 -3.73
CA PHE A 151 -11.00 -11.17 -2.71
C PHE A 151 -11.11 -12.58 -3.26
N ALA A 152 -10.03 -13.35 -3.23
CA ALA A 152 -10.07 -14.72 -3.73
C ALA A 152 -9.89 -15.72 -2.60
N ALA A 153 -10.40 -16.93 -2.77
CA ALA A 153 -10.26 -17.96 -1.76
C ALA A 153 -10.50 -19.34 -2.34
N HIS A 154 -9.52 -20.20 -2.18
CA HIS A 154 -9.62 -21.60 -2.62
C HIS A 154 -10.55 -22.34 -1.69
N VAL A 155 -11.38 -23.22 -2.21
CA VAL A 155 -12.37 -23.87 -1.36
C VAL A 155 -12.65 -25.30 -1.82
N THR A 156 -13.29 -26.02 -0.93
CA THR A 156 -13.76 -27.37 -1.16
C THR A 156 -15.17 -27.30 -1.71
N SER A 157 -16.07 -28.13 -1.19
CA SER A 157 -17.41 -28.15 -1.69
C SER A 157 -18.10 -26.82 -1.40
N GLU A 158 -19.36 -26.75 -1.67
CA GLU A 158 -20.02 -25.47 -1.71
C GLU A 158 -20.32 -24.96 -0.32
N GLU A 159 -20.42 -25.87 0.64
CA GLU A 159 -20.73 -25.48 2.00
C GLU A 159 -19.73 -24.45 2.51
N GLN A 160 -18.45 -24.84 2.63
CA GLN A 160 -17.41 -23.89 3.00
C GLN A 160 -17.49 -22.57 2.22
N ALA A 161 -17.49 -22.66 0.91
CA ALA A 161 -17.54 -21.49 0.04
C ALA A 161 -18.73 -20.61 0.36
N PHE A 162 -19.86 -21.24 0.62
CA PHE A 162 -21.10 -20.54 0.87
C PHE A 162 -21.04 -19.83 2.18
N ALA A 163 -20.55 -20.50 3.19
CA ALA A 163 -20.46 -19.93 4.51
C ALA A 163 -19.50 -18.76 4.53
N MET A 164 -18.21 -19.05 4.31
CA MET A 164 -17.19 -17.98 4.27
C MET A 164 -17.61 -16.75 3.45
N LEU A 165 -18.24 -16.98 2.30
CA LEU A 165 -18.69 -15.89 1.47
C LEU A 165 -19.98 -15.26 2.02
N ASP A 166 -20.83 -16.10 2.61
CA ASP A 166 -22.11 -15.66 3.22
C ASP A 166 -21.85 -14.65 4.26
N LEU A 167 -20.76 -14.86 4.92
CA LEU A 167 -20.43 -14.14 6.05
C LEU A 167 -19.84 -12.83 5.61
N LEU A 168 -18.78 -12.93 4.81
CA LEU A 168 -18.15 -11.76 4.22
C LEU A 168 -19.17 -10.88 3.51
N LYS A 169 -20.12 -11.51 2.83
CA LYS A 169 -21.14 -10.78 2.10
C LYS A 169 -22.09 -10.03 3.02
N THR A 170 -22.46 -10.62 4.14
CA THR A 170 -23.43 -9.96 5.02
C THR A 170 -22.72 -9.09 6.06
N ASP A 171 -21.41 -9.02 5.94
CA ASP A 171 -20.60 -8.24 6.87
C ASP A 171 -20.71 -6.78 6.52
N SER A 172 -20.90 -5.96 7.53
CA SER A 172 -21.08 -4.55 7.34
C SER A 172 -19.82 -3.86 6.80
N LYS A 173 -18.64 -4.46 6.99
CA LYS A 173 -17.42 -3.84 6.46
C LYS A 173 -17.39 -3.94 4.95
N MET A 174 -17.94 -5.02 4.41
CA MET A 174 -18.03 -5.18 2.97
C MET A 174 -19.23 -4.39 2.44
N ARG A 175 -20.19 -4.12 3.34
CA ARG A 175 -21.37 -3.32 3.00
C ARG A 175 -21.02 -1.84 2.89
N LYS A 176 -19.79 -1.50 3.26
CA LYS A 176 -19.32 -0.12 3.18
C LYS A 176 -19.19 0.28 1.73
N ALA A 177 -18.92 -0.70 0.88
CA ALA A 177 -18.80 -0.47 -0.54
C ALA A 177 -20.15 -0.12 -1.14
N ASN A 178 -20.12 0.62 -2.23
CA ASN A 178 -21.36 1.02 -2.92
C ASN A 178 -22.17 -0.21 -3.32
N HIS A 179 -21.53 -1.12 -4.06
CA HIS A 179 -22.18 -2.36 -4.48
C HIS A 179 -21.13 -3.46 -4.59
N VAL A 180 -21.48 -4.65 -4.13
CA VAL A 180 -20.55 -5.77 -4.17
C VAL A 180 -21.13 -6.92 -4.98
N MET A 181 -20.26 -7.67 -5.62
CA MET A 181 -20.64 -8.81 -6.42
C MET A 181 -19.78 -10.00 -6.03
N SER A 182 -20.26 -11.20 -6.24
CA SER A 182 -19.49 -12.37 -5.84
C SER A 182 -19.70 -13.54 -6.81
N ALA A 183 -18.69 -14.40 -6.88
CA ALA A 183 -18.73 -15.54 -7.76
C ALA A 183 -18.18 -16.78 -7.08
N TRP A 184 -18.93 -17.87 -7.16
CA TRP A 184 -18.51 -19.14 -6.59
C TRP A 184 -18.61 -20.25 -7.64
N ARG A 185 -17.78 -21.27 -7.51
CA ARG A 185 -17.80 -22.38 -8.45
C ARG A 185 -17.12 -23.59 -7.83
N ILE A 186 -17.74 -24.75 -7.96
CA ILE A 186 -17.15 -25.98 -7.45
C ILE A 186 -17.09 -27.00 -8.56
N LYS A 187 -15.89 -27.42 -8.93
CA LYS A 187 -15.71 -28.39 -9.99
C LYS A 187 -14.70 -29.42 -9.57
N GLN A 188 -15.17 -30.61 -9.34
CA GLN A 188 -14.30 -31.68 -8.97
C GLN A 188 -13.31 -31.95 -10.07
N ASP A 189 -12.04 -31.90 -9.71
CA ASP A 189 -10.96 -32.08 -10.67
C ASP A 189 -11.08 -33.41 -11.41
N GLY A 190 -11.53 -34.45 -10.72
CA GLY A 190 -11.68 -35.73 -11.37
C GLY A 190 -13.02 -36.37 -11.08
N SER A 191 -13.65 -35.98 -9.97
CA SER A 191 -14.95 -36.52 -9.60
C SER A 191 -16.07 -35.76 -10.32
N ALA A 192 -17.33 -35.97 -9.92
CA ALA A 192 -18.46 -35.35 -10.61
C ALA A 192 -19.29 -34.42 -9.71
N ALA A 193 -19.01 -34.41 -8.42
CA ALA A 193 -19.75 -33.56 -7.48
C ALA A 193 -19.45 -32.08 -7.71
N THR A 194 -20.25 -31.46 -8.55
CA THR A 194 -20.06 -30.07 -8.89
C THR A 194 -21.31 -29.27 -8.61
N TYR A 195 -21.13 -28.06 -8.11
CA TYR A 195 -22.25 -27.19 -7.80
C TYR A 195 -22.04 -25.82 -8.43
N GLN A 196 -23.06 -25.35 -9.14
CA GLN A 196 -22.96 -24.08 -9.85
C GLN A 196 -24.25 -23.24 -9.67
N ASP A 197 -24.05 -21.95 -9.43
CA ASP A 197 -25.16 -20.99 -9.25
C ASP A 197 -24.57 -19.58 -9.26
N SER A 198 -25.36 -18.55 -9.56
CA SER A 198 -24.79 -17.22 -9.60
C SER A 198 -25.39 -16.27 -8.56
N ASP A 199 -24.48 -15.62 -7.84
CA ASP A 199 -24.81 -14.52 -6.93
C ASP A 199 -25.11 -13.24 -7.72
N ASP A 200 -25.56 -12.18 -7.05
CA ASP A 200 -25.89 -10.93 -7.72
C ASP A 200 -25.67 -9.75 -6.78
N ASP A 201 -26.29 -9.80 -5.59
CA ASP A 201 -26.20 -8.76 -4.52
C ASP A 201 -26.60 -7.36 -4.98
N GLY A 202 -25.76 -6.76 -5.78
CA GLY A 202 -26.00 -5.41 -6.22
C GLY A 202 -26.44 -5.36 -7.65
N GLU A 203 -25.48 -5.35 -8.54
CA GLU A 203 -25.76 -5.30 -9.95
C GLU A 203 -25.84 -6.72 -10.53
N THR A 204 -27.06 -7.22 -10.68
CA THR A 204 -27.31 -8.57 -11.19
C THR A 204 -26.72 -8.75 -12.59
N ALA A 205 -26.62 -7.67 -13.35
CA ALA A 205 -26.08 -7.72 -14.69
C ALA A 205 -24.60 -8.10 -14.67
N ALA A 206 -23.98 -7.89 -13.51
CA ALA A 206 -22.58 -8.20 -13.33
C ALA A 206 -22.35 -9.65 -12.91
N GLY A 207 -23.38 -10.31 -12.34
CA GLY A 207 -23.19 -11.64 -11.76
C GLY A 207 -22.86 -12.73 -12.76
N SER A 208 -23.76 -13.00 -13.69
CA SER A 208 -23.53 -14.06 -14.68
C SER A 208 -22.31 -13.73 -15.52
N ARG A 209 -22.16 -12.45 -15.85
CA ARG A 209 -20.99 -11.94 -16.55
C ARG A 209 -19.71 -12.36 -15.80
N MET A 210 -19.72 -12.16 -14.48
CA MET A 210 -18.59 -12.48 -13.62
C MET A 210 -18.39 -14.00 -13.55
N LEU A 211 -19.48 -14.71 -13.57
CA LEU A 211 -19.46 -16.16 -13.58
C LEU A 211 -18.79 -16.67 -14.84
N HIS A 212 -19.32 -16.28 -16.00
CA HIS A 212 -18.72 -16.64 -17.29
C HIS A 212 -17.29 -16.16 -17.37
N LEU A 213 -17.03 -15.07 -16.67
CA LEU A 213 -15.72 -14.46 -16.64
C LEU A 213 -14.71 -15.42 -16.01
N ILE A 214 -15.09 -16.01 -14.87
CA ILE A 214 -14.18 -16.95 -14.22
C ILE A 214 -14.07 -18.24 -15.04
N THR A 215 -15.19 -18.68 -15.62
CA THR A 215 -15.18 -19.87 -16.46
C THR A 215 -14.14 -19.73 -17.59
N ILE A 216 -14.29 -18.69 -18.41
CA ILE A 216 -13.37 -18.43 -19.50
C ILE A 216 -11.94 -18.17 -19.01
N MET A 217 -11.81 -17.69 -17.77
CA MET A 217 -10.47 -17.43 -17.20
C MET A 217 -9.78 -18.73 -16.75
N ASP A 218 -10.38 -19.89 -17.06
CA ASP A 218 -9.80 -21.19 -16.65
C ASP A 218 -9.52 -21.25 -15.16
N VAL A 219 -10.59 -21.38 -14.39
CA VAL A 219 -10.49 -21.37 -12.94
C VAL A 219 -11.75 -21.95 -12.28
N TRP A 220 -11.53 -22.69 -11.19
CA TRP A 220 -12.60 -23.35 -10.45
C TRP A 220 -12.16 -23.58 -9.02
N ASN A 221 -13.04 -24.20 -8.24
CA ASN A 221 -12.79 -24.54 -6.81
C ASN A 221 -12.25 -23.35 -6.01
N VAL A 222 -12.61 -22.15 -6.43
CA VAL A 222 -12.13 -20.95 -5.79
C VAL A 222 -13.21 -19.86 -5.93
N ILE A 223 -13.30 -18.99 -4.95
CA ILE A 223 -14.30 -17.95 -4.96
C ILE A 223 -13.66 -16.57 -5.05
N VAL A 224 -14.38 -15.64 -5.65
CA VAL A 224 -13.92 -14.26 -5.74
C VAL A 224 -15.07 -13.27 -5.50
N VAL A 225 -14.77 -12.26 -4.71
CA VAL A 225 -15.71 -11.20 -4.38
C VAL A 225 -15.17 -9.85 -4.87
N VAL A 226 -15.96 -9.12 -5.67
CA VAL A 226 -15.54 -7.82 -6.17
C VAL A 226 -16.41 -6.71 -5.58
N ALA A 227 -15.76 -5.64 -5.15
CA ALA A 227 -16.46 -4.52 -4.54
C ALA A 227 -16.04 -3.20 -5.17
N ARG A 228 -17.01 -2.29 -5.31
CA ARG A 228 -16.77 -0.96 -5.86
C ARG A 228 -16.77 0.10 -4.73
N TRP A 229 -15.64 0.76 -4.55
CA TRP A 229 -15.49 1.81 -3.51
C TRP A 229 -15.26 3.18 -4.12
N PHE A 230 -15.64 4.22 -3.41
CA PHE A 230 -15.40 5.59 -3.86
C PHE A 230 -14.38 6.28 -2.97
N GLY A 231 -13.26 6.66 -3.55
CA GLY A 231 -12.21 7.31 -2.80
C GLY A 231 -12.06 8.78 -3.16
N GLY A 232 -10.88 9.16 -3.58
CA GLY A 232 -10.63 10.54 -3.98
C GLY A 232 -10.69 10.70 -5.48
N ALA A 233 -9.71 11.39 -6.04
CA ALA A 233 -9.66 11.56 -7.49
C ALA A 233 -9.14 10.29 -8.15
N HIS A 234 -7.95 9.89 -7.76
CA HIS A 234 -7.40 8.63 -8.22
C HIS A 234 -6.87 7.84 -7.05
N ILE A 235 -7.17 8.35 -5.85
CA ILE A 235 -6.74 7.72 -4.59
C ILE A 235 -5.21 7.85 -4.41
N GLY A 236 -4.47 7.23 -5.30
CA GLY A 236 -3.03 7.29 -5.26
C GLY A 236 -2.42 6.75 -6.54
N PRO A 237 -1.28 7.29 -6.99
CA PRO A 237 -0.62 6.83 -8.22
C PRO A 237 -0.14 5.39 -8.12
N ASP A 238 0.48 5.05 -7.01
CA ASP A 238 1.01 3.71 -6.77
C ASP A 238 -0.08 2.73 -6.39
N ARG A 239 -1.31 3.21 -6.23
CA ARG A 239 -2.40 2.39 -5.80
C ARG A 239 -2.62 1.23 -6.77
N PHE A 240 -3.06 1.55 -7.95
CA PHE A 240 -3.42 0.52 -8.92
C PHE A 240 -2.23 -0.26 -9.45
N LYS A 241 -1.34 0.40 -10.18
CA LYS A 241 -0.16 -0.24 -10.80
C LYS A 241 0.67 -1.10 -9.82
N HIS A 242 1.01 -0.53 -8.69
CA HIS A 242 1.92 -1.20 -7.78
C HIS A 242 1.23 -2.37 -7.11
N ILE A 243 0.04 -2.13 -6.60
CA ILE A 243 -0.65 -3.18 -5.94
C ILE A 243 -1.11 -4.22 -6.96
N ASN A 244 -1.20 -3.82 -8.23
CA ASN A 244 -1.57 -4.73 -9.31
C ASN A 244 -0.60 -5.87 -9.36
N SER A 245 0.68 -5.55 -9.34
CA SER A 245 1.71 -6.58 -9.35
C SER A 245 1.53 -7.52 -8.13
N THR A 246 1.18 -6.90 -7.02
CA THR A 246 0.95 -7.61 -5.77
C THR A 246 -0.31 -8.50 -5.88
N ALA A 247 -1.39 -7.88 -6.29
CA ALA A 247 -2.67 -8.50 -6.52
C ALA A 247 -2.55 -9.69 -7.45
N ARG A 248 -1.79 -9.50 -8.52
CA ARG A 248 -1.57 -10.53 -9.51
C ARG A 248 -1.04 -11.79 -8.84
N GLU A 249 -0.07 -11.61 -7.97
CA GLU A 249 0.49 -12.73 -7.22
C GLU A 249 -0.58 -13.39 -6.34
N ALA A 250 -1.41 -12.58 -5.67
CA ALA A 250 -2.45 -13.11 -4.77
C ALA A 250 -3.49 -13.94 -5.53
N VAL A 251 -4.17 -13.29 -6.48
CA VAL A 251 -5.20 -13.91 -7.31
C VAL A 251 -4.70 -15.23 -7.90
N VAL A 252 -3.55 -15.19 -8.53
CA VAL A 252 -2.93 -16.38 -9.08
C VAL A 252 -2.74 -17.43 -7.97
N ARG A 253 -2.06 -17.00 -6.91
CA ARG A 253 -1.76 -17.87 -5.75
C ARG A 253 -2.99 -18.59 -5.18
N ALA A 254 -4.07 -17.86 -4.93
CA ALA A 254 -5.30 -18.46 -4.39
C ALA A 254 -5.87 -19.55 -5.31
N GLY A 255 -5.53 -19.50 -6.57
CA GLY A 255 -6.00 -20.54 -7.46
C GLY A 255 -6.84 -20.02 -8.58
N PHE A 256 -6.42 -18.94 -9.21
CA PHE A 256 -7.23 -18.35 -10.26
C PHE A 256 -6.55 -18.49 -11.60
N ASP A 257 -5.28 -18.75 -11.56
CA ASP A 257 -4.48 -18.89 -12.78
C ASP A 257 -3.87 -20.27 -12.83
N SER A 258 -4.15 -21.03 -11.83
CA SER A 258 -3.64 -22.36 -11.69
C SER A 258 -4.30 -23.31 -12.69
N MET A 1 31.91 -16.45 13.04
CA MET A 1 33.06 -17.35 12.92
C MET A 1 33.12 -17.94 11.53
N ASP A 2 32.10 -18.66 11.17
CA ASP A 2 32.00 -19.26 9.84
C ASP A 2 30.81 -18.69 9.10
N ASP A 3 29.63 -18.88 9.67
CA ASP A 3 28.37 -18.38 9.11
C ASP A 3 28.24 -16.86 9.26
N ASP A 4 29.35 -16.17 9.00
CA ASP A 4 29.45 -14.72 9.17
C ASP A 4 28.43 -13.98 8.34
N HIS A 5 28.09 -14.56 7.22
CA HIS A 5 27.12 -13.96 6.32
C HIS A 5 25.73 -14.24 6.79
N GLU A 6 25.49 -15.44 7.29
CA GLU A 6 24.17 -15.81 7.75
C GLU A 6 23.71 -14.94 8.91
N GLN A 7 24.54 -14.80 9.93
CA GLN A 7 24.21 -13.99 11.09
C GLN A 7 24.00 -12.52 10.69
N LEU A 8 24.94 -12.01 9.91
CA LEU A 8 24.89 -10.64 9.46
C LEU A 8 23.66 -10.42 8.57
N VAL A 9 23.53 -11.21 7.51
CA VAL A 9 22.38 -11.09 6.61
C VAL A 9 21.07 -11.29 7.38
N GLU A 10 21.15 -11.99 8.50
CA GLU A 10 19.99 -12.21 9.35
C GLU A 10 19.51 -10.91 9.96
N GLU A 11 20.42 -10.18 10.62
CA GLU A 11 20.05 -8.91 11.19
C GLU A 11 19.64 -7.94 10.10
N LEU A 12 20.24 -8.10 8.92
CA LEU A 12 19.90 -7.27 7.77
C LEU A 12 18.44 -7.46 7.39
N GLU A 13 18.03 -8.70 7.19
CA GLU A 13 16.64 -9.01 6.84
C GLU A 13 15.68 -8.76 8.01
N ALA A 14 16.21 -8.69 9.22
CA ALA A 14 15.40 -8.44 10.41
C ALA A 14 15.11 -6.96 10.52
N VAL A 15 16.13 -6.18 10.28
CA VAL A 15 16.00 -4.74 10.31
C VAL A 15 15.17 -4.33 9.10
N GLU A 16 15.19 -5.20 8.10
CA GLU A 16 14.48 -5.03 6.85
C GLU A 16 13.01 -5.40 7.05
N ALA A 17 12.76 -6.17 8.09
CA ALA A 17 11.43 -6.65 8.40
C ALA A 17 10.74 -5.65 9.32
N ILE A 18 11.40 -5.38 10.43
CA ILE A 18 10.90 -4.47 11.45
C ILE A 18 10.78 -3.06 10.90
N TYR A 19 11.78 -2.63 10.15
CA TYR A 19 11.85 -1.27 9.62
C TYR A 19 12.65 -1.20 8.32
N PRO A 20 12.04 -1.62 7.19
CA PRO A 20 12.71 -1.65 5.87
C PRO A 20 13.29 -0.29 5.45
N ASP A 21 12.40 0.61 5.00
CA ASP A 21 12.78 2.00 4.56
C ASP A 21 13.67 2.74 5.57
N LEU A 22 13.69 2.26 6.79
CA LEU A 22 14.48 2.86 7.84
C LEU A 22 15.95 2.60 7.61
N LEU A 23 16.24 1.39 7.21
CA LEU A 23 17.60 0.94 7.03
C LEU A 23 17.97 0.97 5.55
N SER A 24 17.90 2.16 5.00
CA SER A 24 18.24 2.38 3.61
C SER A 24 19.65 1.91 3.28
N LYS A 25 19.76 0.88 2.51
CA LYS A 25 21.05 0.27 2.22
C LYS A 25 21.67 0.92 0.99
N LYS A 26 22.83 1.51 1.17
CA LYS A 26 23.51 2.19 0.10
C LYS A 26 24.22 1.23 -0.83
N GLN A 27 24.70 0.15 -0.30
CA GLN A 27 25.42 -0.79 -1.10
C GLN A 27 24.54 -1.93 -1.55
N GLU A 28 25.06 -2.73 -2.46
CA GLU A 28 24.32 -3.83 -3.04
C GLU A 28 24.33 -5.04 -2.10
N ASP A 29 25.43 -5.18 -1.37
CA ASP A 29 25.60 -6.27 -0.44
C ASP A 29 24.69 -6.08 0.76
N GLY A 30 24.92 -5.00 1.48
CA GLY A 30 24.16 -4.73 2.68
C GLY A 30 25.10 -4.22 3.74
N SER A 31 26.39 -4.30 3.42
CA SER A 31 27.46 -3.85 4.29
C SER A 31 27.36 -2.36 4.64
N ILE A 32 27.09 -1.52 3.67
CA ILE A 32 26.99 -0.11 3.95
C ILE A 32 25.58 0.38 3.76
N ILE A 33 25.09 1.12 4.75
CA ILE A 33 23.70 1.51 4.80
C ILE A 33 23.54 2.91 5.39
N VAL A 34 22.32 3.39 5.36
CA VAL A 34 21.94 4.65 5.94
C VAL A 34 20.62 4.46 6.68
N VAL A 35 20.69 4.54 7.98
CA VAL A 35 19.52 4.41 8.79
C VAL A 35 18.92 5.79 8.99
N LYS A 36 17.63 5.87 8.99
CA LYS A 36 16.97 7.14 9.08
C LYS A 36 16.05 7.19 10.28
N VAL A 37 16.06 8.34 10.96
CA VAL A 37 15.21 8.51 12.16
C VAL A 37 13.72 8.26 11.81
N PRO A 38 13.11 7.23 12.42
CA PRO A 38 11.76 6.74 12.06
C PRO A 38 10.61 7.72 12.29
N GLN A 39 10.66 8.47 13.37
CA GLN A 39 9.52 9.31 13.74
C GLN A 39 9.75 10.79 13.47
N HIS A 40 10.76 11.11 12.70
CA HIS A 40 11.02 12.51 12.38
C HIS A 40 11.64 12.69 11.01
N GLU A 41 12.33 11.66 10.53
CA GLU A 41 12.99 11.68 9.20
C GLU A 41 13.61 13.03 8.85
N TYR A 42 14.76 13.27 9.41
CA TYR A 42 15.50 14.51 9.18
C TYR A 42 16.95 14.21 9.11
N MET A 43 17.42 13.45 10.08
CA MET A 43 18.79 13.06 10.11
C MET A 43 18.93 11.61 9.72
N THR A 44 19.73 11.38 8.74
CA THR A 44 20.03 10.06 8.30
C THR A 44 21.46 9.72 8.67
N LEU A 45 21.66 8.52 9.19
CA LEU A 45 22.96 8.10 9.68
C LEU A 45 23.63 7.11 8.70
N GLN A 46 24.81 7.47 8.24
CA GLN A 46 25.60 6.64 7.33
C GLN A 46 26.43 5.63 8.12
N ILE A 47 26.14 4.34 7.93
CA ILE A 47 26.80 3.26 8.67
C ILE A 47 27.42 2.26 7.68
N SER A 48 28.54 1.71 8.05
CA SER A 48 29.20 0.69 7.29
C SER A 48 29.34 -0.56 8.16
N PHE A 49 29.62 -1.68 7.56
CA PHE A 49 29.81 -2.91 8.29
C PHE A 49 31.15 -3.54 7.92
N PRO A 50 32.10 -3.49 8.86
CA PRO A 50 33.48 -3.95 8.67
C PRO A 50 33.62 -5.45 8.78
N THR A 51 34.77 -5.94 8.38
CA THR A 51 35.12 -7.34 8.51
C THR A 51 34.94 -7.81 9.96
N HIS A 52 34.93 -6.86 10.90
CA HIS A 52 34.71 -7.18 12.25
C HIS A 52 33.30 -6.75 12.64
N TYR A 53 32.36 -7.14 11.79
CA TYR A 53 30.91 -6.95 12.01
C TYR A 53 30.46 -7.32 13.46
N PRO A 54 29.20 -6.93 13.86
CA PRO A 54 28.63 -7.10 15.22
C PRO A 54 29.24 -8.21 16.07
N SER A 55 29.25 -9.43 15.55
CA SER A 55 29.78 -10.56 16.29
C SER A 55 31.24 -10.33 16.70
N GLU A 56 32.09 -10.11 15.70
CA GLU A 56 33.51 -9.92 15.95
C GLU A 56 33.79 -8.62 16.66
N GLU A 57 33.13 -7.57 16.26
CA GLU A 57 33.37 -6.29 16.83
C GLU A 57 32.09 -5.44 16.87
N ALA A 58 31.70 -4.91 15.70
CA ALA A 58 30.55 -3.98 15.58
C ALA A 58 30.62 -3.24 14.23
N PRO A 59 29.52 -2.59 13.79
CA PRO A 59 29.52 -1.81 12.54
C PRO A 59 30.38 -0.54 12.63
N ASN A 60 30.35 0.27 11.59
CA ASN A 60 31.12 1.51 11.53
C ASN A 60 30.29 2.66 11.05
N VAL A 61 29.95 3.57 11.94
CA VAL A 61 29.20 4.72 11.55
C VAL A 61 30.15 5.75 10.94
N ILE A 62 29.90 6.13 9.71
CA ILE A 62 30.84 6.97 9.00
C ILE A 62 30.38 8.43 8.90
N GLU A 63 29.07 8.67 8.88
CA GLU A 63 28.57 10.07 8.62
C GLU A 63 27.12 10.25 9.05
N VAL A 64 26.68 11.51 9.13
CA VAL A 64 25.27 11.84 9.34
C VAL A 64 24.87 13.04 8.49
N GLY A 65 23.58 13.15 8.21
CA GLY A 65 23.08 14.28 7.44
C GLY A 65 21.74 14.71 7.96
N VAL A 66 21.45 15.99 7.93
CA VAL A 66 20.19 16.47 8.47
C VAL A 66 19.74 17.77 7.85
N CYS A 67 18.44 17.88 7.70
CA CYS A 67 17.80 19.08 7.22
C CYS A 67 17.44 19.95 8.42
N THR A 68 17.32 21.24 8.23
CA THR A 68 17.01 22.11 9.34
C THR A 68 15.61 22.69 9.20
N SER A 69 14.90 22.74 10.31
CA SER A 69 13.54 23.27 10.35
C SER A 69 13.22 23.79 11.75
N LEU A 70 13.20 22.89 12.72
CA LEU A 70 12.93 23.25 14.11
C LEU A 70 14.08 24.07 14.69
N ALA A 71 13.81 24.82 15.75
CA ALA A 71 14.83 25.64 16.39
C ALA A 71 15.77 24.78 17.23
N LYS A 72 15.28 23.62 17.64
CA LYS A 72 16.06 22.68 18.43
C LYS A 72 17.09 21.92 17.55
N ARG A 73 17.19 22.38 16.34
CA ARG A 73 18.07 21.77 15.36
C ARG A 73 19.44 22.42 15.44
N ASP A 74 19.43 23.74 15.56
CA ASP A 74 20.65 24.56 15.55
C ASP A 74 21.65 24.17 16.65
N LEU A 75 21.17 23.47 17.65
CA LEU A 75 22.01 23.05 18.77
C LEU A 75 22.99 21.95 18.37
N TYR A 76 22.69 21.25 17.28
CA TYR A 76 23.57 20.18 16.82
C TYR A 76 23.64 20.15 15.30
N ASP A 77 24.67 19.53 14.79
CA ASP A 77 24.87 19.44 13.35
C ASP A 77 25.52 18.11 13.02
N THR A 78 25.96 17.97 11.78
CA THR A 78 26.55 16.76 11.29
C THR A 78 27.77 16.34 12.09
N LYS A 79 28.75 17.22 12.19
CA LYS A 79 29.99 16.95 12.93
C LYS A 79 29.69 16.56 14.39
N TYR A 80 28.66 17.15 14.94
CA TYR A 80 28.25 16.85 16.30
C TYR A 80 27.81 15.42 16.42
N LEU A 81 26.79 15.07 15.65
CA LEU A 81 26.23 13.75 15.71
C LEU A 81 27.27 12.70 15.37
N GLN A 82 28.18 13.06 14.49
CA GLN A 82 29.30 12.20 14.13
C GLN A 82 30.18 11.92 15.35
N HIS A 83 30.32 12.91 16.18
CA HIS A 83 31.15 12.81 17.37
C HIS A 83 30.52 11.82 18.35
N LEU A 84 29.27 12.07 18.69
CA LEU A 84 28.57 11.21 19.63
C LEU A 84 28.20 9.87 19.02
N PHE A 85 28.00 9.82 17.70
CA PHE A 85 27.65 8.55 17.08
C PHE A 85 28.73 7.53 17.29
N GLN A 86 29.98 7.94 17.05
CA GLN A 86 31.11 7.08 17.33
C GLN A 86 31.08 6.61 18.77
N GLU A 87 31.00 7.57 19.70
CA GLU A 87 31.02 7.24 21.12
C GLU A 87 29.87 6.32 21.55
N VAL A 88 28.66 6.53 21.03
CA VAL A 88 27.53 5.71 21.45
C VAL A 88 27.45 4.37 20.72
N MET A 89 27.82 4.32 19.44
CA MET A 89 27.74 3.06 18.70
C MET A 89 28.86 2.13 19.10
N ASP A 90 30.09 2.65 19.12
CA ASP A 90 31.27 1.88 19.59
C ASP A 90 31.01 1.26 20.96
N SER A 91 30.06 1.82 21.68
CA SER A 91 29.71 1.35 22.99
C SER A 91 28.77 0.12 22.90
N VAL A 92 28.20 -0.14 21.70
CA VAL A 92 27.30 -1.27 21.57
C VAL A 92 28.05 -2.58 21.35
N PHE A 93 29.38 -2.50 21.12
CA PHE A 93 30.24 -3.72 21.04
C PHE A 93 29.97 -4.70 22.20
N HIS A 94 29.50 -4.16 23.31
CA HIS A 94 29.06 -4.97 24.45
C HIS A 94 27.58 -4.77 24.58
N ARG A 95 26.84 -5.66 23.95
CA ARG A 95 25.42 -5.47 23.76
C ARG A 95 24.57 -6.60 24.22
N GLY A 96 23.33 -6.42 23.90
CA GLY A 96 22.29 -7.28 24.25
C GLY A 96 21.70 -7.90 23.00
N SER A 97 22.33 -7.56 21.88
CA SER A 97 21.91 -7.98 20.56
C SER A 97 23.10 -7.81 19.60
N VAL A 98 22.80 -7.69 18.30
CA VAL A 98 23.84 -7.55 17.27
C VAL A 98 24.46 -6.16 17.30
N CYS A 99 23.60 -5.12 17.44
CA CYS A 99 24.05 -3.71 17.39
C CYS A 99 22.87 -2.74 17.17
N LEU A 100 22.27 -2.84 15.98
CA LEU A 100 21.19 -1.96 15.49
C LEU A 100 20.13 -1.61 16.53
N PHE A 101 19.63 -2.61 17.22
CA PHE A 101 18.53 -2.44 18.15
C PHE A 101 18.91 -1.52 19.29
N ASP A 102 20.10 -1.74 19.83
CA ASP A 102 20.55 -0.98 20.95
C ASP A 102 21.09 0.35 20.51
N PHE A 103 21.71 0.37 19.34
CA PHE A 103 22.26 1.58 18.77
C PHE A 103 21.18 2.64 18.52
N LEU A 104 19.99 2.19 18.16
CA LEU A 104 18.92 3.12 17.85
C LEU A 104 18.21 3.60 19.12
N THR A 105 18.14 2.73 20.11
CA THR A 105 17.43 3.06 21.34
C THR A 105 18.15 4.17 22.12
N GLU A 106 19.48 4.12 22.13
CA GLU A 106 20.27 5.14 22.76
C GLU A 106 19.99 6.47 22.09
N LEU A 107 19.96 6.42 20.77
CA LEU A 107 19.71 7.59 19.95
C LEU A 107 18.33 8.16 20.20
N ASP A 108 17.37 7.27 20.45
CA ASP A 108 15.98 7.67 20.61
C ASP A 108 15.84 8.51 21.84
N GLY A 109 16.60 8.18 22.87
CA GLY A 109 16.54 8.94 24.08
C GLY A 109 17.51 10.11 24.07
N VAL A 110 18.80 9.81 23.87
CA VAL A 110 19.88 10.80 23.93
C VAL A 110 19.71 11.96 22.94
N LEU A 111 19.15 11.69 21.75
CA LEU A 111 19.02 12.74 20.76
C LEU A 111 17.77 13.61 20.99
N TYR A 112 16.97 13.22 22.00
CA TYR A 112 15.76 13.97 22.38
C TYR A 112 14.79 14.25 21.23
N VAL A 113 14.85 13.45 20.18
CA VAL A 113 13.93 13.58 19.07
C VAL A 113 13.20 12.27 18.84
N GLU A 114 12.23 12.02 19.71
CA GLU A 114 11.47 10.78 19.67
C GLU A 114 9.94 11.04 19.63
N PRO A 115 9.37 11.80 20.61
CA PRO A 115 7.93 12.10 20.61
C PRO A 115 7.52 12.90 19.38
N GLU A 116 6.64 12.33 18.57
CA GLU A 116 6.16 13.00 17.37
C GLU A 116 4.67 13.18 17.43
N GLU A 117 4.26 14.42 17.39
CA GLU A 117 2.87 14.77 17.42
C GLU A 117 2.71 16.14 16.78
N GLU A 118 3.28 16.27 15.60
CA GLU A 118 3.27 17.53 14.88
C GLU A 118 2.77 17.34 13.46
N THR A 119 2.11 16.22 13.22
CA THR A 119 1.60 15.91 11.90
C THR A 119 0.12 15.52 11.96
N GLU A 120 -0.45 15.18 10.80
CA GLU A 120 -1.84 14.80 10.70
C GLU A 120 -2.09 13.45 11.38
N PRO A 121 -3.32 13.24 11.87
CA PRO A 121 -3.74 11.99 12.50
C PRO A 121 -3.79 10.83 11.49
N VAL A 122 -4.31 9.70 11.93
CA VAL A 122 -4.42 8.54 11.07
C VAL A 122 -5.62 8.69 10.11
N GLN A 123 -5.40 8.39 8.85
CA GLN A 123 -6.45 8.49 7.84
C GLN A 123 -7.01 7.10 7.53
N GLN A 124 -8.27 7.05 7.12
CA GLN A 124 -8.91 5.78 6.77
C GLN A 124 -8.42 5.30 5.41
N SER A 125 -8.63 4.03 5.12
CA SER A 125 -8.20 3.46 3.87
C SER A 125 -9.28 2.54 3.31
N ASP A 126 -9.58 2.70 2.03
CA ASP A 126 -10.56 1.86 1.37
C ASP A 126 -9.90 0.58 0.88
N ILE A 127 -8.77 0.74 0.19
CA ILE A 127 -7.94 -0.38 -0.26
C ILE A 127 -7.59 -1.32 0.92
N PRO A 128 -8.06 -2.60 0.85
CA PRO A 128 -7.77 -3.60 1.88
C PRO A 128 -6.36 -4.13 1.74
N THR A 129 -5.61 -4.11 2.82
CA THR A 129 -4.23 -4.53 2.79
C THR A 129 -3.92 -5.61 3.85
N ASP A 130 -4.94 -6.01 4.58
CA ASP A 130 -4.78 -7.04 5.60
C ASP A 130 -5.35 -8.39 5.12
N PRO A 131 -4.67 -9.50 5.46
CA PRO A 131 -5.08 -10.85 5.05
C PRO A 131 -6.26 -11.36 5.84
N PHE A 132 -6.81 -12.46 5.39
CA PHE A 132 -7.98 -13.06 6.00
C PHE A 132 -7.77 -14.55 6.22
N GLU A 133 -8.52 -15.14 7.14
CA GLU A 133 -8.42 -16.57 7.42
C GLU A 133 -9.16 -17.35 6.33
N GLY A 134 -8.59 -18.47 5.89
CA GLY A 134 -9.18 -19.25 4.81
C GLY A 134 -9.40 -18.43 3.54
N TRP A 135 -8.91 -17.22 3.55
CA TRP A 135 -9.16 -16.27 2.53
C TRP A 135 -7.88 -15.60 2.07
N THR A 136 -7.78 -15.36 0.81
CA THR A 136 -6.64 -14.70 0.24
C THR A 136 -7.11 -13.55 -0.62
N ALA A 137 -7.08 -12.36 -0.09
CA ALA A 137 -7.59 -11.23 -0.78
C ALA A 137 -6.56 -10.18 -0.79
N SER A 138 -6.32 -9.66 -1.94
CA SER A 138 -5.29 -8.67 -2.13
C SER A 138 -5.38 -8.10 -3.51
N ASP A 139 -6.56 -8.13 -4.13
CA ASP A 139 -6.68 -7.57 -5.45
C ASP A 139 -7.59 -6.35 -5.47
N PRO A 140 -7.10 -5.20 -4.99
CA PRO A 140 -7.73 -3.93 -5.18
C PRO A 140 -7.19 -3.24 -6.43
N ILE A 141 -7.85 -2.20 -6.84
CA ILE A 141 -7.45 -1.40 -8.00
C ILE A 141 -8.12 -0.05 -7.95
N THR A 142 -7.41 0.94 -8.36
CA THR A 142 -7.92 2.26 -8.41
C THR A 142 -8.60 2.54 -9.77
N ASP A 143 -9.79 3.06 -9.71
CA ASP A 143 -10.60 3.37 -10.86
C ASP A 143 -10.94 4.84 -10.78
N ARG A 144 -11.54 5.42 -11.80
CA ARG A 144 -11.88 6.81 -11.72
C ARG A 144 -12.81 7.07 -10.53
N GLY A 145 -12.23 7.65 -9.50
CA GLY A 145 -12.94 7.94 -8.26
C GLY A 145 -13.18 6.70 -7.42
N SER A 146 -13.49 5.61 -8.07
CA SER A 146 -13.83 4.36 -7.42
C SER A 146 -12.63 3.41 -7.28
N THR A 147 -12.78 2.46 -6.40
CA THR A 147 -11.85 1.38 -6.20
C THR A 147 -12.56 0.09 -6.44
N PHE A 148 -12.01 -0.73 -7.26
CA PHE A 148 -12.58 -2.01 -7.43
C PHE A 148 -11.65 -3.04 -6.83
N MET A 149 -12.19 -3.96 -6.08
CA MET A 149 -11.37 -4.92 -5.39
C MET A 149 -11.95 -6.29 -5.43
N ALA A 150 -11.10 -7.29 -5.32
CA ALA A 150 -11.50 -8.64 -5.37
C ALA A 150 -10.83 -9.43 -4.27
N PHE A 151 -11.55 -10.37 -3.75
CA PHE A 151 -11.06 -11.23 -2.71
C PHE A 151 -11.18 -12.66 -3.21
N ALA A 152 -10.08 -13.41 -3.21
CA ALA A 152 -10.14 -14.78 -3.68
C ALA A 152 -10.02 -15.77 -2.52
N ALA A 153 -10.55 -16.97 -2.71
CA ALA A 153 -10.47 -18.00 -1.69
C ALA A 153 -10.68 -19.39 -2.26
N HIS A 154 -9.72 -20.26 -2.03
CA HIS A 154 -9.82 -21.67 -2.44
C HIS A 154 -10.75 -22.37 -1.49
N VAL A 155 -11.61 -23.23 -1.98
CA VAL A 155 -12.61 -23.82 -1.12
C VAL A 155 -12.89 -25.27 -1.47
N THR A 156 -13.56 -25.92 -0.55
CA THR A 156 -14.01 -27.27 -0.68
C THR A 156 -15.41 -27.25 -1.28
N SER A 157 -16.30 -28.04 -0.71
CA SER A 157 -17.65 -28.15 -1.20
C SER A 157 -18.39 -26.80 -1.05
N GLU A 158 -19.67 -26.80 -1.33
CA GLU A 158 -20.42 -25.57 -1.45
C GLU A 158 -20.64 -24.92 -0.11
N GLU A 159 -20.81 -25.74 0.91
CA GLU A 159 -21.08 -25.24 2.25
C GLU A 159 -20.04 -24.23 2.68
N GLN A 160 -18.78 -24.67 2.78
CA GLN A 160 -17.68 -23.79 3.08
C GLN A 160 -17.72 -22.49 2.28
N ALA A 161 -17.75 -22.61 0.96
CA ALA A 161 -17.79 -21.45 0.07
C ALA A 161 -18.95 -20.52 0.42
N PHE A 162 -20.08 -21.12 0.71
CA PHE A 162 -21.29 -20.39 0.99
C PHE A 162 -21.18 -19.63 2.27
N ALA A 163 -20.70 -20.29 3.31
CA ALA A 163 -20.58 -19.69 4.61
C ALA A 163 -19.49 -18.63 4.62
N MET A 164 -18.26 -19.04 4.40
CA MET A 164 -17.12 -18.10 4.35
C MET A 164 -17.42 -16.85 3.49
N LEU A 165 -18.07 -17.04 2.36
CA LEU A 165 -18.38 -15.93 1.50
C LEU A 165 -19.62 -15.19 1.98
N ASP A 166 -20.52 -15.91 2.65
CA ASP A 166 -21.75 -15.33 3.20
C ASP A 166 -21.40 -14.19 4.07
N LEU A 167 -20.66 -14.52 5.08
CA LEU A 167 -20.25 -13.63 6.07
C LEU A 167 -19.38 -12.52 5.50
N LEU A 168 -18.48 -12.87 4.60
CA LEU A 168 -17.69 -11.85 3.91
C LEU A 168 -18.58 -10.85 3.17
N LYS A 169 -19.61 -11.32 2.47
CA LYS A 169 -20.51 -10.41 1.74
C LYS A 169 -21.35 -9.56 2.69
N THR A 170 -21.58 -10.08 3.88
CA THR A 170 -22.36 -9.35 4.87
C THR A 170 -21.45 -8.67 5.88
N ASP A 171 -20.15 -8.64 5.58
CA ASP A 171 -19.20 -7.97 6.47
C ASP A 171 -19.48 -6.51 6.53
N SER A 172 -19.23 -5.91 7.68
CA SER A 172 -19.43 -4.49 7.84
C SER A 172 -18.69 -3.73 6.75
N LYS A 173 -17.55 -4.29 6.32
CA LYS A 173 -16.76 -3.70 5.25
C LYS A 173 -17.58 -3.68 3.97
N MET A 174 -17.93 -4.86 3.50
CA MET A 174 -18.69 -5.05 2.27
C MET A 174 -20.03 -4.31 2.30
N ARG A 175 -20.55 -4.08 3.48
CA ARG A 175 -21.81 -3.35 3.63
C ARG A 175 -21.60 -1.86 3.33
N LYS A 176 -20.41 -1.38 3.63
CA LYS A 176 -20.07 0.02 3.44
C LYS A 176 -19.80 0.35 2.00
N ALA A 177 -19.57 -0.66 1.19
CA ALA A 177 -19.32 -0.44 -0.22
C ALA A 177 -20.62 -0.09 -0.93
N ASN A 178 -20.52 0.36 -2.18
CA ASN A 178 -21.72 0.70 -2.94
C ASN A 178 -22.54 -0.57 -3.22
N HIS A 179 -21.89 -1.55 -3.81
CA HIS A 179 -22.51 -2.84 -4.10
C HIS A 179 -21.43 -3.87 -4.40
N VAL A 180 -21.65 -5.11 -4.00
CA VAL A 180 -20.66 -6.16 -4.17
C VAL A 180 -21.19 -7.31 -5.03
N MET A 181 -20.29 -7.96 -5.75
CA MET A 181 -20.65 -9.09 -6.58
C MET A 181 -19.77 -10.29 -6.24
N SER A 182 -20.27 -11.49 -6.48
CA SER A 182 -19.55 -12.69 -6.11
C SER A 182 -19.70 -13.79 -7.15
N ALA A 183 -18.70 -14.65 -7.25
CA ALA A 183 -18.73 -15.76 -8.19
C ALA A 183 -18.32 -17.05 -7.54
N TRP A 184 -19.04 -18.10 -7.86
CA TRP A 184 -18.79 -19.40 -7.30
C TRP A 184 -18.57 -20.42 -8.41
N ARG A 185 -17.73 -21.40 -8.14
CA ARG A 185 -17.51 -22.49 -9.08
C ARG A 185 -16.78 -23.60 -8.39
N ILE A 186 -17.43 -24.73 -8.25
CA ILE A 186 -16.84 -25.86 -7.58
C ILE A 186 -16.95 -27.07 -8.46
N LYS A 187 -15.87 -27.81 -8.60
CA LYS A 187 -15.87 -28.96 -9.43
C LYS A 187 -15.18 -30.10 -8.76
N GLN A 188 -15.96 -31.01 -8.30
CA GLN A 188 -15.45 -32.16 -7.67
C GLN A 188 -15.41 -33.31 -8.65
N ASP A 189 -14.28 -33.53 -9.24
CA ASP A 189 -14.12 -34.61 -10.21
C ASP A 189 -14.34 -35.96 -9.57
N GLY A 190 -15.22 -36.74 -10.17
CA GLY A 190 -15.52 -38.05 -9.67
C GLY A 190 -16.32 -38.01 -8.39
N SER A 191 -16.88 -36.85 -8.09
CA SER A 191 -17.66 -36.68 -6.89
C SER A 191 -18.91 -35.83 -7.17
N ALA A 192 -19.54 -35.32 -6.12
CA ALA A 192 -20.79 -34.59 -6.27
C ALA A 192 -20.66 -33.09 -6.08
N ALA A 193 -19.81 -32.66 -5.14
CA ALA A 193 -19.67 -31.24 -4.79
C ALA A 193 -19.37 -30.36 -6.00
N THR A 194 -20.37 -29.67 -6.48
CA THR A 194 -20.23 -28.80 -7.62
C THR A 194 -21.02 -27.52 -7.40
N TYR A 195 -21.00 -26.65 -8.40
CA TYR A 195 -21.70 -25.39 -8.30
C TYR A 195 -22.02 -24.82 -9.66
N GLN A 196 -23.29 -24.66 -9.93
CA GLN A 196 -23.75 -24.02 -11.14
C GLN A 196 -24.93 -23.11 -10.80
N ASP A 197 -24.66 -21.82 -10.67
CA ASP A 197 -25.66 -20.83 -10.30
C ASP A 197 -25.03 -19.45 -10.26
N SER A 198 -25.83 -18.41 -10.44
CA SER A 198 -25.31 -17.05 -10.42
C SER A 198 -26.23 -16.13 -9.60
N ASP A 199 -25.62 -15.30 -8.76
CA ASP A 199 -26.39 -14.36 -7.92
C ASP A 199 -26.14 -12.93 -8.36
N ASP A 200 -27.21 -12.26 -8.70
CA ASP A 200 -27.16 -10.88 -9.11
C ASP A 200 -27.69 -10.02 -8.00
N ASP A 201 -26.83 -9.72 -7.04
CA ASP A 201 -27.20 -8.90 -5.85
C ASP A 201 -27.76 -7.54 -6.25
N GLY A 202 -27.21 -7.01 -7.32
CA GLY A 202 -27.62 -5.72 -7.79
C GLY A 202 -27.00 -5.45 -9.11
N GLU A 203 -25.71 -5.66 -9.19
CA GLU A 203 -25.00 -5.52 -10.43
C GLU A 203 -25.16 -6.80 -11.22
N THR A 204 -26.29 -6.93 -11.93
CA THR A 204 -26.56 -8.13 -12.70
C THR A 204 -25.59 -8.24 -13.87
N ALA A 205 -25.06 -7.10 -14.30
CA ALA A 205 -24.08 -7.08 -15.36
C ALA A 205 -22.86 -7.86 -14.91
N ALA A 206 -22.46 -7.64 -13.67
CA ALA A 206 -21.31 -8.30 -13.10
C ALA A 206 -21.64 -9.68 -12.49
N GLY A 207 -22.92 -9.92 -12.18
CA GLY A 207 -23.30 -11.15 -11.50
C GLY A 207 -22.97 -12.39 -12.31
N SER A 208 -23.59 -12.52 -13.46
CA SER A 208 -23.38 -13.67 -14.32
C SER A 208 -22.07 -13.55 -15.08
N ARG A 209 -21.73 -12.32 -15.49
CA ARG A 209 -20.48 -12.07 -16.19
C ARG A 209 -19.28 -12.59 -15.41
N MET A 210 -19.30 -12.44 -14.08
CA MET A 210 -18.19 -12.94 -13.24
C MET A 210 -18.13 -14.45 -13.32
N LEU A 211 -19.31 -15.05 -13.40
CA LEU A 211 -19.43 -16.49 -13.53
C LEU A 211 -18.80 -16.98 -14.82
N HIS A 212 -19.26 -16.45 -15.94
CA HIS A 212 -18.71 -16.79 -17.25
C HIS A 212 -17.23 -16.42 -17.31
N LEU A 213 -16.87 -15.41 -16.54
CA LEU A 213 -15.51 -14.91 -16.50
C LEU A 213 -14.59 -15.93 -15.89
N ILE A 214 -14.96 -16.46 -14.74
CA ILE A 214 -14.13 -17.45 -14.09
C ILE A 214 -14.11 -18.75 -14.90
N THR A 215 -15.23 -19.07 -15.54
CA THR A 215 -15.31 -20.25 -16.37
C THR A 215 -14.29 -20.19 -17.52
N ILE A 216 -14.33 -19.10 -18.31
CA ILE A 216 -13.39 -18.91 -19.41
C ILE A 216 -11.93 -18.76 -18.92
N MET A 217 -11.76 -18.31 -17.67
CA MET A 217 -10.42 -18.15 -17.09
C MET A 217 -9.74 -19.48 -16.75
N ASP A 218 -10.38 -20.61 -17.06
CA ASP A 218 -9.82 -21.93 -16.70
C ASP A 218 -9.51 -22.02 -15.22
N VAL A 219 -10.55 -22.13 -14.43
CA VAL A 219 -10.39 -22.15 -12.99
C VAL A 219 -11.62 -22.73 -12.30
N TRP A 220 -11.36 -23.46 -11.21
CA TRP A 220 -12.41 -24.12 -10.43
C TRP A 220 -11.96 -24.27 -8.99
N ASN A 221 -12.85 -24.82 -8.18
CA ASN A 221 -12.59 -25.11 -6.76
C ASN A 221 -12.12 -23.89 -5.97
N VAL A 222 -12.40 -22.70 -6.48
CA VAL A 222 -11.98 -21.46 -5.86
C VAL A 222 -13.04 -20.38 -6.12
N ILE A 223 -13.27 -19.50 -5.16
CA ILE A 223 -14.29 -18.47 -5.33
C ILE A 223 -13.69 -17.07 -5.22
N VAL A 224 -14.41 -16.08 -5.76
CA VAL A 224 -13.94 -14.70 -5.76
C VAL A 224 -15.11 -13.71 -5.53
N VAL A 225 -14.77 -12.58 -4.92
CA VAL A 225 -15.72 -11.51 -4.60
C VAL A 225 -15.16 -10.16 -5.03
N VAL A 226 -16.00 -9.31 -5.63
CA VAL A 226 -15.56 -7.98 -6.02
C VAL A 226 -16.45 -6.92 -5.37
N ALA A 227 -15.85 -5.80 -5.02
CA ALA A 227 -16.57 -4.69 -4.42
C ALA A 227 -16.05 -3.37 -4.97
N ARG A 228 -16.95 -2.42 -5.15
CA ARG A 228 -16.57 -1.11 -5.67
C ARG A 228 -16.77 -0.01 -4.60
N TRP A 229 -15.67 0.65 -4.27
CA TRP A 229 -15.66 1.74 -3.28
C TRP A 229 -15.41 3.06 -3.94
N PHE A 230 -15.87 4.14 -3.33
CA PHE A 230 -15.64 5.47 -3.86
C PHE A 230 -14.72 6.25 -2.94
N GLY A 231 -13.67 6.82 -3.51
CA GLY A 231 -12.72 7.58 -2.73
C GLY A 231 -12.70 9.04 -3.12
N GLY A 232 -11.72 9.42 -3.92
CA GLY A 232 -11.60 10.80 -4.36
C GLY A 232 -11.67 10.92 -5.86
N ALA A 233 -10.72 11.62 -6.45
CA ALA A 233 -10.67 11.77 -7.89
C ALA A 233 -10.06 10.51 -8.51
N HIS A 234 -8.86 10.19 -8.08
CA HIS A 234 -8.21 8.97 -8.50
C HIS A 234 -7.72 8.24 -7.27
N ILE A 235 -8.16 8.71 -6.09
CA ILE A 235 -7.81 8.10 -4.81
C ILE A 235 -6.33 8.34 -4.46
N GLY A 236 -5.47 7.62 -5.15
CA GLY A 236 -4.06 7.74 -4.94
C GLY A 236 -3.30 7.40 -6.20
N PRO A 237 -2.49 8.33 -6.73
CA PRO A 237 -1.73 8.13 -7.97
C PRO A 237 -0.84 6.87 -7.90
N ASP A 238 -0.37 6.56 -6.71
CA ASP A 238 0.50 5.40 -6.48
C ASP A 238 -0.28 4.10 -6.48
N ARG A 239 -1.56 4.15 -6.16
CA ARG A 239 -2.31 2.97 -5.89
C ARG A 239 -2.51 2.08 -7.07
N PHE A 240 -3.11 2.60 -8.14
CA PHE A 240 -3.46 1.79 -9.30
C PHE A 240 -2.33 0.84 -9.71
N LYS A 241 -1.24 1.42 -10.15
CA LYS A 241 -0.06 0.64 -10.59
C LYS A 241 0.54 -0.26 -9.50
N HIS A 242 0.59 0.26 -8.31
CA HIS A 242 1.26 -0.43 -7.20
C HIS A 242 0.43 -1.61 -6.76
N ILE A 243 -0.83 -1.33 -6.60
CA ILE A 243 -1.75 -2.32 -6.19
C ILE A 243 -1.96 -3.34 -7.28
N ASN A 244 -1.77 -2.93 -8.55
CA ASN A 244 -1.89 -3.82 -9.68
C ASN A 244 -0.91 -4.96 -9.55
N SER A 245 0.33 -4.63 -9.19
CA SER A 245 1.35 -5.65 -9.04
C SER A 245 0.96 -6.64 -7.91
N THR A 246 0.46 -6.07 -6.83
CA THR A 246 0.09 -6.85 -5.67
C THR A 246 -1.14 -7.72 -5.97
N ALA A 247 -2.17 -7.05 -6.44
CA ALA A 247 -3.45 -7.64 -6.80
C ALA A 247 -3.31 -8.84 -7.73
N ARG A 248 -2.65 -8.61 -8.86
CA ARG A 248 -2.50 -9.64 -9.89
C ARG A 248 -1.85 -10.89 -9.30
N GLU A 249 -0.81 -10.72 -8.50
CA GLU A 249 -0.16 -11.86 -7.92
C GLU A 249 -1.08 -12.59 -6.94
N ALA A 250 -1.89 -11.84 -6.18
CA ALA A 250 -2.82 -12.46 -5.21
C ALA A 250 -3.85 -13.38 -5.90
N VAL A 251 -4.65 -12.79 -6.78
CA VAL A 251 -5.65 -13.54 -7.55
C VAL A 251 -5.07 -14.81 -8.16
N VAL A 252 -3.97 -14.67 -8.87
CA VAL A 252 -3.28 -15.81 -9.44
C VAL A 252 -2.85 -16.77 -8.32
N ARG A 253 -2.19 -16.21 -7.32
CA ARG A 253 -1.69 -16.95 -6.14
C ARG A 253 -2.73 -17.91 -5.56
N ALA A 254 -3.89 -17.36 -5.20
CA ALA A 254 -4.99 -18.16 -4.63
C ALA A 254 -5.49 -19.28 -5.55
N GLY A 255 -5.07 -19.27 -6.80
CA GLY A 255 -5.48 -20.36 -7.66
C GLY A 255 -6.52 -19.97 -8.67
N PHE A 256 -6.34 -18.84 -9.33
CA PHE A 256 -7.35 -18.37 -10.27
C PHE A 256 -6.84 -18.39 -11.68
N ASP A 257 -5.55 -18.62 -11.81
CA ASP A 257 -4.89 -18.63 -13.10
C ASP A 257 -4.11 -19.90 -13.27
N SER A 258 -4.78 -20.88 -13.76
CA SER A 258 -4.18 -22.13 -14.10
C SER A 258 -2.95 -21.93 -14.99
N MET A 1 28.95 -20.57 5.58
CA MET A 1 27.86 -20.14 4.70
C MET A 1 27.17 -21.34 4.07
N ASP A 2 25.88 -21.19 3.78
CA ASP A 2 25.09 -22.24 3.17
C ASP A 2 23.80 -21.69 2.59
N ASP A 3 23.01 -21.05 3.44
CA ASP A 3 21.72 -20.44 3.03
C ASP A 3 21.83 -18.92 3.09
N ASP A 4 23.05 -18.43 2.99
CA ASP A 4 23.35 -17.02 3.13
C ASP A 4 22.71 -16.19 2.04
N HIS A 5 22.54 -16.78 0.88
CA HIS A 5 21.88 -16.10 -0.23
C HIS A 5 20.40 -16.16 -0.02
N GLU A 6 19.91 -17.28 0.50
CA GLU A 6 18.49 -17.44 0.80
C GLU A 6 17.99 -16.33 1.70
N GLN A 7 18.62 -16.17 2.85
CA GLN A 7 18.17 -15.16 3.81
C GLN A 7 18.37 -13.77 3.26
N LEU A 8 19.50 -13.56 2.58
CA LEU A 8 19.81 -12.28 1.97
C LEU A 8 18.76 -11.92 0.92
N VAL A 9 18.62 -12.77 -0.08
CA VAL A 9 17.65 -12.54 -1.14
C VAL A 9 16.24 -12.41 -0.58
N GLU A 10 16.01 -13.04 0.56
CA GLU A 10 14.70 -12.97 1.18
C GLU A 10 14.51 -11.67 1.95
N GLU A 11 15.57 -11.17 2.59
CA GLU A 11 15.46 -9.89 3.26
C GLU A 11 15.21 -8.81 2.22
N LEU A 12 15.78 -9.01 1.04
CA LEU A 12 15.55 -8.12 -0.10
C LEU A 12 14.07 -8.11 -0.48
N GLU A 13 13.50 -9.30 -0.65
CA GLU A 13 12.08 -9.44 -0.98
C GLU A 13 11.17 -9.00 0.18
N ALA A 14 11.67 -9.11 1.40
CA ALA A 14 10.90 -8.73 2.58
C ALA A 14 10.92 -7.23 2.77
N VAL A 15 12.12 -6.64 2.64
CA VAL A 15 12.28 -5.20 2.75
C VAL A 15 11.44 -4.55 1.65
N GLU A 16 11.38 -5.25 0.51
CA GLU A 16 10.56 -4.90 -0.62
C GLU A 16 9.08 -4.82 -0.19
N ALA A 17 8.61 -5.88 0.44
CA ALA A 17 7.24 -5.96 0.95
C ALA A 17 6.94 -4.85 1.95
N ILE A 18 7.84 -4.65 2.89
CA ILE A 18 7.65 -3.66 3.95
C ILE A 18 7.77 -2.24 3.38
N TYR A 19 8.84 -1.99 2.64
CA TYR A 19 9.09 -0.69 2.05
C TYR A 19 9.67 -0.84 0.66
N PRO A 20 8.83 -0.87 -0.35
CA PRO A 20 9.28 -1.02 -1.72
C PRO A 20 10.00 0.21 -2.24
N ASP A 21 9.21 1.16 -2.76
CA ASP A 21 9.70 2.44 -3.32
C ASP A 21 10.74 3.17 -2.45
N LEU A 22 10.83 2.83 -1.18
CA LEU A 22 11.78 3.45 -0.29
C LEU A 22 13.20 2.97 -0.59
N LEU A 23 13.33 1.69 -0.84
CA LEU A 23 14.62 1.07 -1.09
C LEU A 23 14.78 0.77 -2.58
N SER A 24 16.00 0.79 -3.05
CA SER A 24 16.28 0.52 -4.44
C SER A 24 17.54 -0.34 -4.56
N LYS A 25 17.47 -1.42 -5.32
CA LYS A 25 18.62 -2.31 -5.44
C LYS A 25 19.42 -1.97 -6.69
N LYS A 26 20.70 -1.65 -6.52
CA LYS A 26 21.56 -1.30 -7.63
C LYS A 26 21.95 -2.54 -8.43
N GLN A 27 22.11 -3.64 -7.75
CA GLN A 27 22.59 -4.85 -8.37
C GLN A 27 21.48 -5.87 -8.59
N GLU A 28 21.82 -6.93 -9.30
CA GLU A 28 20.88 -7.97 -9.69
C GLU A 28 20.32 -8.78 -8.51
N ASP A 29 21.21 -9.32 -7.67
CA ASP A 29 20.76 -10.15 -6.56
C ASP A 29 21.11 -9.50 -5.25
N GLY A 30 20.73 -8.28 -5.15
CA GLY A 30 21.01 -7.53 -3.99
C GLY A 30 22.31 -6.87 -4.15
N SER A 31 23.38 -7.66 -3.87
CA SER A 31 24.81 -7.23 -3.86
C SER A 31 25.03 -5.80 -3.39
N ILE A 32 24.48 -4.86 -4.08
CA ILE A 32 24.64 -3.47 -3.75
C ILE A 32 23.30 -2.77 -3.90
N ILE A 33 22.97 -1.91 -2.96
CA ILE A 33 21.67 -1.29 -2.93
C ILE A 33 21.77 0.16 -2.49
N VAL A 34 20.66 0.85 -2.61
CA VAL A 34 20.52 2.21 -2.18
C VAL A 34 19.21 2.33 -1.42
N VAL A 35 19.30 2.51 -0.12
CA VAL A 35 18.12 2.62 0.68
C VAL A 35 17.94 4.06 1.15
N LYS A 36 16.72 4.44 1.47
CA LYS A 36 16.46 5.79 1.90
C LYS A 36 15.85 5.80 3.29
N VAL A 37 16.14 6.86 4.04
CA VAL A 37 15.63 7.00 5.42
C VAL A 37 14.14 7.34 5.39
N PRO A 38 13.28 6.44 5.91
CA PRO A 38 11.81 6.62 5.88
C PRO A 38 11.28 7.61 6.92
N GLN A 39 12.17 8.15 7.75
CA GLN A 39 11.75 9.08 8.80
C GLN A 39 11.69 10.52 8.32
N HIS A 40 11.93 10.73 7.02
CA HIS A 40 11.89 12.08 6.42
C HIS A 40 12.18 12.02 4.95
N GLU A 41 12.90 10.98 4.54
CA GLU A 41 13.24 10.76 3.15
C GLU A 41 14.02 11.93 2.55
N TYR A 42 15.29 11.96 2.89
CA TYR A 42 16.21 12.99 2.42
C TYR A 42 17.59 12.40 2.27
N MET A 43 17.98 11.59 3.24
CA MET A 43 19.27 10.96 3.22
C MET A 43 19.17 9.56 2.67
N THR A 44 19.75 9.36 1.53
CA THR A 44 19.78 8.07 0.89
C THR A 44 21.14 7.44 1.08
N LEU A 45 21.16 6.17 1.43
CA LEU A 45 22.41 5.49 1.72
C LEU A 45 22.77 4.46 0.63
N GLN A 46 24.03 4.51 0.20
CA GLN A 46 24.59 3.57 -0.78
C GLN A 46 25.33 2.48 -0.01
N ILE A 47 24.86 1.23 -0.13
CA ILE A 47 25.38 0.13 0.67
C ILE A 47 25.66 -1.10 -0.22
N SER A 48 26.74 -1.80 0.09
CA SER A 48 27.14 -2.99 -0.62
C SER A 48 27.08 -4.19 0.31
N PHE A 49 27.10 -5.38 -0.26
CA PHE A 49 27.08 -6.59 0.52
C PHE A 49 28.28 -7.46 0.14
N PRO A 50 29.19 -7.68 1.08
CA PRO A 50 30.43 -8.44 0.86
C PRO A 50 30.21 -9.92 0.90
N THR A 51 31.20 -10.67 0.41
CA THR A 51 31.19 -12.13 0.48
C THR A 51 31.04 -12.55 1.94
N HIS A 52 31.39 -11.64 2.83
CA HIS A 52 31.21 -11.82 4.25
C HIS A 52 29.91 -11.13 4.69
N TYR A 53 28.84 -11.41 3.95
CA TYR A 53 27.45 -10.95 4.24
C TYR A 53 27.11 -11.00 5.77
N PRO A 54 26.00 -10.31 6.20
CA PRO A 54 25.52 -10.22 7.60
C PRO A 54 26.01 -11.32 8.56
N SER A 55 25.81 -12.57 8.20
CA SER A 55 26.24 -13.69 9.02
C SER A 55 27.72 -13.55 9.40
N GLU A 56 28.53 -13.30 8.40
CA GLU A 56 29.95 -13.11 8.56
C GLU A 56 30.34 -11.73 9.15
N GLU A 57 30.15 -10.62 8.40
CA GLU A 57 30.68 -9.31 8.88
C GLU A 57 29.76 -8.11 8.60
N ALA A 58 28.49 -8.38 8.27
CA ALA A 58 27.52 -7.29 7.99
C ALA A 58 27.81 -6.55 6.64
N PRO A 59 26.85 -5.74 6.13
CA PRO A 59 27.01 -5.01 4.84
C PRO A 59 28.09 -3.92 4.87
N ASN A 60 28.23 -3.22 3.75
CA ASN A 60 29.24 -2.17 3.59
C ASN A 60 28.63 -0.89 3.08
N VAL A 61 28.60 0.14 3.89
CA VAL A 61 28.10 1.42 3.43
C VAL A 61 29.16 2.10 2.59
N ILE A 62 28.89 2.23 1.31
CA ILE A 62 29.86 2.78 0.40
C ILE A 62 29.77 4.29 0.33
N GLU A 63 28.59 4.85 0.63
CA GLU A 63 28.40 6.30 0.55
C GLU A 63 27.01 6.70 1.07
N VAL A 64 26.83 7.99 1.37
CA VAL A 64 25.55 8.51 1.77
C VAL A 64 25.32 9.86 1.08
N GLY A 65 24.07 10.27 0.98
CA GLY A 65 23.76 11.54 0.37
C GLY A 65 22.50 12.12 0.93
N VAL A 66 22.36 13.43 0.87
CA VAL A 66 21.20 14.06 1.42
C VAL A 66 20.92 15.41 0.79
N CYS A 67 19.66 15.62 0.49
CA CYS A 67 19.20 16.85 -0.11
C CYS A 67 18.76 17.85 0.97
N THR A 68 18.80 19.13 0.62
CA THR A 68 18.45 20.24 1.52
C THR A 68 19.40 20.33 2.76
N SER A 69 19.74 21.56 3.14
CA SER A 69 20.64 21.80 4.26
C SER A 69 20.01 21.38 5.60
N LEU A 70 18.86 21.97 5.93
CA LEU A 70 18.12 21.65 7.17
C LEU A 70 18.90 22.12 8.43
N ALA A 71 18.22 22.15 9.58
CA ALA A 71 18.84 22.61 10.83
C ALA A 71 19.53 21.46 11.60
N LYS A 72 18.81 20.35 11.78
CA LYS A 72 19.36 19.16 12.52
C LYS A 72 20.42 18.48 11.70
N ARG A 73 20.56 18.95 10.52
CA ARG A 73 21.46 18.36 9.59
C ARG A 73 22.85 18.98 9.70
N ASP A 74 22.89 20.20 10.24
CA ASP A 74 24.15 20.93 10.43
C ASP A 74 25.10 20.13 11.34
N LEU A 75 24.52 19.23 12.10
CA LEU A 75 25.27 18.41 13.04
C LEU A 75 26.07 17.30 12.33
N TYR A 76 25.77 17.04 11.06
CA TYR A 76 26.45 15.95 10.36
C TYR A 76 26.61 16.23 8.87
N ASP A 77 27.63 15.65 8.29
CA ASP A 77 27.90 15.76 6.88
C ASP A 77 27.77 14.37 6.25
N THR A 78 27.93 14.28 4.96
CA THR A 78 27.84 13.03 4.24
C THR A 78 28.95 12.06 4.69
N LYS A 79 30.19 12.50 4.60
CA LYS A 79 31.34 11.70 5.03
C LYS A 79 31.22 11.39 6.50
N TYR A 80 30.62 12.31 7.22
CA TYR A 80 30.43 12.17 8.65
C TYR A 80 29.46 11.03 8.92
N LEU A 81 28.30 11.07 8.26
CA LEU A 81 27.30 10.02 8.40
C LEU A 81 27.91 8.69 7.98
N GLN A 82 28.73 8.74 6.94
CA GLN A 82 29.46 7.56 6.47
C GLN A 82 30.22 6.93 7.64
N HIS A 83 30.94 7.76 8.37
CA HIS A 83 31.72 7.33 9.52
C HIS A 83 30.85 6.63 10.55
N LEU A 84 29.82 7.31 11.02
CA LEU A 84 28.95 6.75 12.03
C LEU A 84 28.14 5.58 11.52
N PHE A 85 27.77 5.60 10.26
CA PHE A 85 26.98 4.53 9.69
C PHE A 85 27.80 3.25 9.70
N GLN A 86 29.00 3.31 9.13
CA GLN A 86 29.92 2.17 9.17
C GLN A 86 30.03 1.57 10.56
N GLU A 87 30.35 2.42 11.54
CA GLU A 87 30.55 1.95 12.90
C GLU A 87 29.27 1.41 13.53
N VAL A 88 28.15 2.09 13.35
CA VAL A 88 26.89 1.61 13.94
C VAL A 88 26.34 0.38 13.22
N MET A 89 26.66 0.21 11.93
CA MET A 89 26.19 -0.95 11.18
C MET A 89 26.98 -2.20 11.60
N ASP A 90 28.31 -2.09 11.62
CA ASP A 90 29.18 -3.18 12.16
C ASP A 90 28.71 -3.62 13.54
N SER A 91 28.03 -2.73 14.22
CA SER A 91 27.51 -2.99 15.54
C SER A 91 26.30 -3.93 15.47
N VAL A 92 25.66 -4.04 14.29
CA VAL A 92 24.48 -4.88 14.19
C VAL A 92 24.84 -6.35 14.05
N PHE A 93 26.14 -6.64 13.86
CA PHE A 93 26.60 -8.02 13.91
C PHE A 93 26.13 -8.71 15.20
N HIS A 94 25.96 -7.92 16.25
CA HIS A 94 25.49 -8.42 17.54
C HIS A 94 24.02 -8.02 17.71
N ARG A 95 23.15 -8.71 17.00
CA ARG A 95 21.72 -8.37 16.87
C ARG A 95 20.81 -9.56 16.84
N GLY A 96 19.58 -9.29 16.43
CA GLY A 96 18.51 -10.23 16.58
C GLY A 96 17.88 -10.54 15.22
N SER A 97 18.53 -10.09 14.15
CA SER A 97 18.05 -10.30 12.80
C SER A 97 19.22 -10.24 11.79
N VAL A 98 18.90 -10.04 10.51
CA VAL A 98 19.92 -10.00 9.45
C VAL A 98 20.77 -8.73 9.52
N CYS A 99 20.10 -7.56 9.74
CA CYS A 99 20.76 -6.23 9.75
C CYS A 99 19.76 -5.12 9.49
N LEU A 100 19.15 -5.16 8.28
CA LEU A 100 18.21 -4.13 7.77
C LEU A 100 17.22 -3.62 8.83
N PHE A 101 16.71 -4.51 9.64
CA PHE A 101 15.68 -4.15 10.60
C PHE A 101 16.27 -3.44 11.81
N ASP A 102 17.41 -3.91 12.25
CA ASP A 102 17.99 -3.39 13.48
C ASP A 102 18.81 -2.15 13.26
N PHE A 103 19.63 -2.15 12.22
CA PHE A 103 20.53 -1.04 11.96
C PHE A 103 19.77 0.28 11.74
N LEU A 104 18.48 0.16 11.43
CA LEU A 104 17.69 1.33 11.17
C LEU A 104 17.24 1.99 12.47
N THR A 105 17.26 1.23 13.59
CA THR A 105 16.83 1.78 14.85
C THR A 105 17.92 2.71 15.39
N GLU A 106 19.18 2.24 15.39
CA GLU A 106 20.32 3.10 15.70
C GLU A 106 20.21 4.43 14.99
N LEU A 107 20.03 4.39 13.69
CA LEU A 107 19.90 5.59 12.89
C LEU A 107 18.61 6.36 13.21
N ASP A 108 17.59 5.63 13.66
CA ASP A 108 16.29 6.22 13.94
C ASP A 108 16.38 7.10 15.16
N GLY A 109 17.28 6.77 16.04
CA GLY A 109 17.46 7.56 17.22
C GLY A 109 18.48 8.66 17.01
N VAL A 110 19.69 8.27 16.63
CA VAL A 110 20.81 9.20 16.47
C VAL A 110 20.56 10.29 15.39
N LEU A 111 19.79 9.97 14.35
CA LEU A 111 19.56 10.94 13.26
C LEU A 111 18.63 12.09 13.67
N TYR A 112 18.12 12.08 14.91
CA TYR A 112 17.22 13.14 15.40
C TYR A 112 15.95 13.24 14.56
N VAL A 113 15.05 12.29 14.76
CA VAL A 113 13.78 12.27 14.05
C VAL A 113 12.84 13.39 14.51
N GLU A 114 11.59 13.29 14.11
CA GLU A 114 10.60 14.31 14.44
C GLU A 114 9.83 13.93 15.70
N PRO A 115 10.05 14.65 16.82
CA PRO A 115 9.29 14.44 18.05
C PRO A 115 7.90 15.04 17.89
N GLU A 116 7.88 16.27 17.33
CA GLU A 116 6.67 17.05 17.01
C GLU A 116 5.53 16.95 18.03
N GLU A 117 4.35 17.30 17.57
CA GLU A 117 3.14 17.34 18.37
C GLU A 117 1.96 17.62 17.43
N GLU A 118 2.08 17.16 16.20
CA GLU A 118 1.08 17.41 15.20
C GLU A 118 1.06 16.28 14.17
N THR A 119 0.07 15.41 14.28
CA THR A 119 -0.03 14.27 13.41
C THR A 119 -1.42 14.15 12.78
N GLU A 120 -1.48 13.56 11.59
CA GLU A 120 -2.72 13.38 10.89
C GLU A 120 -2.80 11.96 10.32
N PRO A 121 -3.62 11.11 10.92
CA PRO A 121 -3.80 9.74 10.48
C PRO A 121 -4.70 9.64 9.25
N VAL A 122 -4.92 8.43 8.79
CA VAL A 122 -5.77 8.18 7.65
C VAL A 122 -7.23 8.13 8.07
N GLN A 123 -7.96 9.19 7.76
CA GLN A 123 -9.37 9.28 8.13
C GLN A 123 -10.20 8.19 7.45
N GLN A 124 -9.90 7.92 6.19
CA GLN A 124 -10.61 6.90 5.43
C GLN A 124 -9.66 6.20 4.47
N SER A 125 -9.84 4.89 4.32
CA SER A 125 -9.02 4.10 3.42
C SER A 125 -9.89 3.13 2.63
N ASP A 126 -9.72 3.15 1.32
CA ASP A 126 -10.51 2.32 0.43
C ASP A 126 -9.62 1.46 -0.44
N ILE A 127 -8.75 0.67 0.18
CA ILE A 127 -7.77 -0.18 -0.52
C ILE A 127 -7.35 -1.34 0.42
N PRO A 128 -7.83 -2.58 0.18
CA PRO A 128 -7.47 -3.72 1.01
C PRO A 128 -6.15 -4.37 0.55
N THR A 129 -5.20 -4.48 1.47
CA THR A 129 -3.90 -5.06 1.16
C THR A 129 -3.49 -6.15 2.17
N ASP A 130 -4.27 -6.27 3.23
CA ASP A 130 -3.98 -7.26 4.26
C ASP A 130 -4.76 -8.55 4.01
N PRO A 131 -4.11 -9.70 4.26
CA PRO A 131 -4.70 -11.02 4.03
C PRO A 131 -5.71 -11.41 5.10
N PHE A 132 -6.41 -12.47 4.82
CA PHE A 132 -7.45 -12.98 5.69
C PHE A 132 -7.24 -14.46 5.99
N GLU A 133 -7.92 -14.97 6.99
CA GLU A 133 -7.85 -16.38 7.31
C GLU A 133 -8.74 -17.16 6.35
N GLY A 134 -8.30 -18.32 5.90
CA GLY A 134 -9.08 -19.09 4.90
C GLY A 134 -9.37 -18.29 3.64
N TRP A 135 -8.76 -17.13 3.56
CA TRP A 135 -9.02 -16.20 2.51
C TRP A 135 -7.75 -15.52 2.06
N THR A 136 -7.71 -15.11 0.84
CA THR A 136 -6.58 -14.38 0.33
C THR A 136 -7.08 -13.19 -0.45
N ALA A 137 -6.79 -11.99 0.00
CA ALA A 137 -7.30 -10.84 -0.69
C ALA A 137 -6.26 -9.78 -0.69
N SER A 138 -6.02 -9.24 -1.85
CA SER A 138 -5.01 -8.21 -2.03
C SER A 138 -5.11 -7.65 -3.43
N ASP A 139 -6.31 -7.63 -3.99
CA ASP A 139 -6.47 -7.13 -5.34
C ASP A 139 -7.23 -5.82 -5.39
N PRO A 140 -6.55 -4.70 -5.14
CA PRO A 140 -7.12 -3.39 -5.33
C PRO A 140 -6.79 -2.85 -6.71
N ILE A 141 -7.69 -2.08 -7.25
CA ILE A 141 -7.50 -1.36 -8.51
C ILE A 141 -8.32 -0.08 -8.44
N THR A 142 -7.99 0.87 -9.24
CA THR A 142 -8.66 2.13 -9.24
C THR A 142 -9.53 2.31 -10.50
N ASP A 143 -10.66 2.98 -10.32
CA ASP A 143 -11.60 3.28 -11.40
C ASP A 143 -12.19 4.65 -11.13
N ARG A 144 -12.94 5.18 -12.08
CA ARG A 144 -13.57 6.49 -11.89
C ARG A 144 -14.40 6.52 -10.62
N GLY A 145 -13.84 7.17 -9.62
CA GLY A 145 -14.50 7.34 -8.34
C GLY A 145 -14.53 6.06 -7.53
N SER A 146 -14.59 4.95 -8.22
CA SER A 146 -14.70 3.66 -7.62
C SER A 146 -13.35 3.01 -7.40
N THR A 147 -13.38 1.96 -6.63
CA THR A 147 -12.23 1.19 -6.33
C THR A 147 -12.56 -0.23 -6.59
N PHE A 148 -11.74 -0.92 -7.30
CA PHE A 148 -11.96 -2.31 -7.53
C PHE A 148 -11.18 -3.11 -6.53
N MET A 149 -11.87 -3.89 -5.76
CA MET A 149 -11.21 -4.75 -4.83
C MET A 149 -11.71 -6.15 -4.99
N ALA A 150 -10.79 -7.05 -5.15
CA ALA A 150 -11.12 -8.40 -5.37
C ALA A 150 -10.46 -9.25 -4.34
N PHE A 151 -11.19 -10.21 -3.89
CA PHE A 151 -10.72 -11.16 -2.96
C PHE A 151 -10.75 -12.51 -3.64
N ALA A 152 -10.03 -13.48 -3.12
CA ALA A 152 -9.91 -14.77 -3.78
C ALA A 152 -9.63 -15.84 -2.72
N ALA A 153 -10.21 -17.01 -2.87
CA ALA A 153 -9.98 -18.05 -1.88
C ALA A 153 -10.24 -19.44 -2.42
N HIS A 154 -9.28 -20.30 -2.24
CA HIS A 154 -9.41 -21.72 -2.59
C HIS A 154 -10.33 -22.38 -1.59
N VAL A 155 -11.26 -23.21 -2.06
CA VAL A 155 -12.28 -23.72 -1.18
C VAL A 155 -12.67 -25.15 -1.54
N THR A 156 -13.36 -25.77 -0.63
CA THR A 156 -13.90 -27.10 -0.82
C THR A 156 -15.30 -27.03 -1.42
N SER A 157 -16.19 -27.93 -1.03
CA SER A 157 -17.52 -27.95 -1.60
C SER A 157 -18.31 -26.72 -1.13
N GLU A 158 -19.10 -26.20 -2.06
CA GLU A 158 -19.93 -24.99 -1.90
C GLU A 158 -20.51 -24.76 -0.51
N GLU A 159 -20.86 -25.81 0.19
CA GLU A 159 -21.38 -25.64 1.57
C GLU A 159 -20.40 -24.86 2.45
N GLN A 160 -19.11 -25.05 2.20
CA GLN A 160 -18.06 -24.39 2.97
C GLN A 160 -17.87 -22.98 2.44
N ALA A 161 -17.69 -22.88 1.12
CA ALA A 161 -17.58 -21.61 0.44
C ALA A 161 -18.75 -20.70 0.79
N PHE A 162 -19.92 -21.30 1.00
CA PHE A 162 -21.12 -20.56 1.34
C PHE A 162 -20.94 -19.90 2.66
N ALA A 163 -20.50 -20.67 3.65
CA ALA A 163 -20.26 -20.13 4.97
C ALA A 163 -19.21 -19.00 4.94
N MET A 164 -17.98 -19.35 4.60
CA MET A 164 -16.90 -18.34 4.48
C MET A 164 -17.30 -17.08 3.66
N LEU A 165 -17.94 -17.29 2.53
CA LEU A 165 -18.38 -16.16 1.71
C LEU A 165 -19.57 -15.45 2.34
N ASP A 166 -20.39 -16.21 3.06
CA ASP A 166 -21.56 -15.67 3.78
C ASP A 166 -21.14 -14.55 4.66
N LEU A 167 -20.14 -14.82 5.43
CA LEU A 167 -19.74 -13.93 6.43
C LEU A 167 -18.93 -12.80 5.82
N LEU A 168 -18.07 -13.11 4.86
CA LEU A 168 -17.34 -12.07 4.14
C LEU A 168 -18.31 -11.08 3.46
N LYS A 169 -19.40 -11.59 2.89
CA LYS A 169 -20.36 -10.72 2.22
C LYS A 169 -21.22 -9.94 3.21
N THR A 170 -21.29 -10.43 4.45
CA THR A 170 -22.03 -9.73 5.49
C THR A 170 -21.07 -9.04 6.45
N ASP A 171 -19.79 -9.05 6.06
CA ASP A 171 -18.73 -8.44 6.86
C ASP A 171 -18.95 -6.96 6.97
N SER A 172 -18.57 -6.40 8.09
CA SER A 172 -18.73 -4.99 8.31
C SER A 172 -17.93 -4.19 7.29
N LYS A 173 -16.86 -4.81 6.75
CA LYS A 173 -16.09 -4.18 5.68
C LYS A 173 -17.00 -4.00 4.47
N MET A 174 -17.47 -5.12 3.95
CA MET A 174 -18.39 -5.16 2.82
C MET A 174 -19.69 -4.39 3.08
N ARG A 175 -19.99 -4.11 4.34
CA ARG A 175 -21.16 -3.33 4.72
C ARG A 175 -20.96 -1.85 4.43
N LYS A 176 -19.72 -1.44 4.24
CA LYS A 176 -19.42 -0.03 4.01
C LYS A 176 -19.25 0.26 2.55
N ALA A 177 -19.08 -0.78 1.77
CA ALA A 177 -18.92 -0.63 0.33
C ALA A 177 -20.26 -0.37 -0.35
N ASN A 178 -20.21 0.10 -1.59
CA ASN A 178 -21.42 0.38 -2.36
C ASN A 178 -22.21 -0.91 -2.60
N HIS A 179 -21.55 -1.90 -3.21
CA HIS A 179 -22.13 -3.22 -3.44
C HIS A 179 -21.07 -4.15 -3.99
N VAL A 180 -21.15 -5.39 -3.58
CA VAL A 180 -20.16 -6.39 -3.94
C VAL A 180 -20.74 -7.44 -4.87
N MET A 181 -19.91 -7.99 -5.71
CA MET A 181 -20.32 -9.08 -6.59
C MET A 181 -19.47 -10.30 -6.29
N SER A 182 -20.05 -11.47 -6.43
CA SER A 182 -19.37 -12.70 -6.09
C SER A 182 -19.53 -13.74 -7.20
N ALA A 183 -18.53 -14.61 -7.35
CA ALA A 183 -18.58 -15.66 -8.36
C ALA A 183 -17.79 -16.87 -7.90
N TRP A 184 -18.24 -18.06 -8.31
CA TRP A 184 -17.57 -19.28 -7.91
C TRP A 184 -18.02 -20.46 -8.78
N ARG A 185 -17.33 -21.57 -8.60
CA ARG A 185 -17.64 -22.82 -9.29
C ARG A 185 -16.77 -23.91 -8.73
N ILE A 186 -17.33 -25.07 -8.55
CA ILE A 186 -16.61 -26.18 -8.00
C ILE A 186 -16.85 -27.39 -8.83
N LYS A 187 -15.81 -28.12 -9.11
CA LYS A 187 -15.92 -29.28 -9.92
C LYS A 187 -15.13 -30.42 -9.35
N GLN A 188 -15.66 -31.59 -9.52
CA GLN A 188 -15.00 -32.78 -9.08
C GLN A 188 -13.94 -33.15 -10.08
N ASP A 189 -12.71 -33.14 -9.64
CA ASP A 189 -11.59 -33.46 -10.51
C ASP A 189 -11.45 -34.96 -10.73
N GLY A 190 -12.22 -35.74 -9.98
CA GLY A 190 -12.17 -37.18 -10.11
C GLY A 190 -13.57 -37.77 -10.20
N SER A 191 -14.54 -36.91 -10.46
CA SER A 191 -15.93 -37.31 -10.57
C SER A 191 -16.69 -36.33 -11.49
N ALA A 192 -18.00 -36.26 -11.36
CA ALA A 192 -18.81 -35.42 -12.25
C ALA A 192 -19.54 -34.29 -11.53
N ALA A 193 -19.59 -34.36 -10.22
CA ALA A 193 -20.33 -33.38 -9.44
C ALA A 193 -19.69 -31.98 -9.50
N THR A 194 -20.55 -30.99 -9.49
CA THR A 194 -20.16 -29.60 -9.51
C THR A 194 -21.18 -28.82 -8.71
N TYR A 195 -20.73 -27.92 -7.88
CA TYR A 195 -21.65 -27.09 -7.14
C TYR A 195 -21.49 -25.65 -7.57
N GLN A 196 -22.59 -25.05 -8.00
CA GLN A 196 -22.59 -23.69 -8.47
C GLN A 196 -24.03 -23.16 -8.42
N ASP A 197 -24.34 -22.39 -7.41
CA ASP A 197 -25.68 -21.85 -7.25
C ASP A 197 -25.81 -20.46 -7.89
N SER A 198 -27.04 -20.11 -8.22
CA SER A 198 -27.35 -18.83 -8.84
C SER A 198 -27.13 -17.67 -7.85
N ASP A 199 -27.03 -16.47 -8.41
CA ASP A 199 -26.78 -15.26 -7.62
C ASP A 199 -26.73 -14.03 -8.52
N ASP A 200 -26.69 -12.88 -7.90
CA ASP A 200 -26.65 -11.60 -8.60
C ASP A 200 -25.89 -10.59 -7.75
N ASP A 201 -26.08 -10.71 -6.43
CA ASP A 201 -25.41 -9.87 -5.43
C ASP A 201 -25.58 -8.37 -5.73
N GLY A 202 -26.83 -7.95 -5.84
CA GLY A 202 -27.14 -6.55 -6.13
C GLY A 202 -26.85 -6.17 -7.57
N GLU A 203 -25.63 -6.41 -8.00
CA GLU A 203 -25.22 -6.07 -9.32
C GLU A 203 -25.44 -7.26 -10.26
N THR A 204 -26.68 -7.43 -10.67
CA THR A 204 -27.07 -8.56 -11.50
C THR A 204 -26.33 -8.54 -12.84
N ALA A 205 -25.98 -7.35 -13.31
CA ALA A 205 -25.26 -7.20 -14.57
C ALA A 205 -23.85 -7.75 -14.47
N ALA A 206 -23.29 -7.67 -13.27
CA ALA A 206 -21.93 -8.14 -13.03
C ALA A 206 -21.89 -9.64 -12.77
N GLY A 207 -23.01 -10.20 -12.27
CA GLY A 207 -23.04 -11.62 -11.96
C GLY A 207 -22.70 -12.50 -13.14
N SER A 208 -23.47 -12.38 -14.22
CA SER A 208 -23.24 -13.18 -15.41
C SER A 208 -21.88 -12.86 -16.03
N ARG A 209 -21.50 -11.60 -15.97
CA ARG A 209 -20.23 -11.14 -16.53
C ARG A 209 -19.05 -11.79 -15.80
N MET A 210 -19.07 -11.71 -14.48
CA MET A 210 -18.01 -12.26 -13.64
C MET A 210 -18.02 -13.79 -13.74
N LEU A 211 -19.21 -14.32 -13.89
CA LEU A 211 -19.41 -15.75 -14.05
C LEU A 211 -18.71 -16.26 -15.32
N HIS A 212 -19.04 -15.65 -16.44
CA HIS A 212 -18.40 -16.00 -17.70
C HIS A 212 -16.91 -15.78 -17.61
N LEU A 213 -16.54 -14.74 -16.88
CA LEU A 213 -15.16 -14.36 -16.68
C LEU A 213 -14.36 -15.48 -16.02
N ILE A 214 -14.88 -16.01 -14.92
CA ILE A 214 -14.17 -17.08 -14.22
C ILE A 214 -14.18 -18.36 -15.04
N THR A 215 -15.22 -18.54 -15.84
CA THR A 215 -15.31 -19.70 -16.69
C THR A 215 -14.24 -19.65 -17.81
N ILE A 216 -14.19 -18.54 -18.54
CA ILE A 216 -13.23 -18.38 -19.64
C ILE A 216 -11.77 -18.38 -19.15
N MET A 217 -11.53 -17.94 -17.92
CA MET A 217 -10.16 -17.92 -17.38
C MET A 217 -9.61 -19.30 -17.09
N ASP A 218 -10.42 -20.37 -17.21
CA ASP A 218 -10.00 -21.72 -16.79
C ASP A 218 -9.64 -21.77 -15.31
N VAL A 219 -10.65 -21.66 -14.49
CA VAL A 219 -10.44 -21.61 -13.07
C VAL A 219 -11.67 -22.13 -12.35
N TRP A 220 -11.45 -22.85 -11.28
CA TRP A 220 -12.53 -23.48 -10.54
C TRP A 220 -12.04 -23.97 -9.18
N ASN A 221 -12.97 -24.49 -8.36
CA ASN A 221 -12.69 -24.90 -6.96
C ASN A 221 -12.12 -23.75 -6.14
N VAL A 222 -12.37 -22.53 -6.59
CA VAL A 222 -11.86 -21.34 -5.94
C VAL A 222 -12.90 -20.21 -6.09
N ILE A 223 -13.06 -19.40 -5.06
CA ILE A 223 -14.05 -18.33 -5.08
C ILE A 223 -13.41 -16.97 -5.22
N VAL A 224 -14.17 -16.02 -5.74
CA VAL A 224 -13.69 -14.67 -5.91
C VAL A 224 -14.83 -13.66 -5.63
N VAL A 225 -14.45 -12.56 -5.01
CA VAL A 225 -15.38 -11.50 -4.64
C VAL A 225 -14.83 -10.14 -5.07
N VAL A 226 -15.63 -9.36 -5.78
CA VAL A 226 -15.22 -8.04 -6.23
C VAL A 226 -16.14 -6.98 -5.64
N ALA A 227 -15.62 -5.80 -5.41
CA ALA A 227 -16.42 -4.72 -4.87
C ALA A 227 -15.96 -3.39 -5.43
N ARG A 228 -16.90 -2.44 -5.50
CA ARG A 228 -16.59 -1.08 -5.92
C ARG A 228 -16.73 -0.12 -4.74
N TRP A 229 -15.60 0.33 -4.22
CA TRP A 229 -15.60 1.30 -3.13
C TRP A 229 -15.47 2.72 -3.65
N PHE A 230 -16.09 3.66 -2.98
CA PHE A 230 -16.02 5.05 -3.39
C PHE A 230 -14.84 5.72 -2.70
N GLY A 231 -13.74 5.87 -3.42
CA GLY A 231 -12.54 6.44 -2.84
C GLY A 231 -12.21 7.79 -3.43
N GLY A 232 -13.21 8.63 -3.59
CA GLY A 232 -13.00 9.95 -4.14
C GLY A 232 -13.05 9.95 -5.64
N ALA A 233 -12.16 10.70 -6.27
CA ALA A 233 -12.12 10.77 -7.73
C ALA A 233 -11.36 9.60 -8.36
N HIS A 234 -10.09 9.48 -8.02
CA HIS A 234 -9.25 8.38 -8.53
C HIS A 234 -8.50 7.73 -7.37
N ILE A 235 -8.85 8.11 -6.14
CA ILE A 235 -8.19 7.59 -4.92
C ILE A 235 -6.74 8.08 -4.84
N GLY A 236 -5.93 7.54 -5.72
CA GLY A 236 -4.55 7.89 -5.80
C GLY A 236 -3.97 7.38 -7.10
N PRO A 237 -3.49 8.28 -7.97
CA PRO A 237 -2.93 7.89 -9.29
C PRO A 237 -1.82 6.85 -9.17
N ASP A 238 -1.06 6.93 -8.10
CA ASP A 238 0.06 6.02 -7.87
C ASP A 238 -0.41 4.65 -7.35
N ARG A 239 -1.66 4.56 -6.94
CA ARG A 239 -2.14 3.36 -6.33
C ARG A 239 -2.35 2.28 -7.36
N PHE A 240 -3.11 2.60 -8.40
CA PHE A 240 -3.52 1.64 -9.44
C PHE A 240 -2.39 0.70 -9.83
N LYS A 241 -1.34 1.26 -10.38
CA LYS A 241 -0.17 0.47 -10.80
C LYS A 241 0.36 -0.45 -9.69
N HIS A 242 0.53 0.10 -8.52
CA HIS A 242 1.18 -0.63 -7.43
C HIS A 242 0.26 -1.72 -6.92
N ILE A 243 -0.98 -1.37 -6.76
CA ILE A 243 -1.96 -2.29 -6.26
C ILE A 243 -2.28 -3.36 -7.29
N ASN A 244 -2.03 -3.06 -8.58
CA ASN A 244 -2.22 -4.02 -9.63
C ASN A 244 -1.16 -5.10 -9.54
N SER A 245 0.07 -4.68 -9.29
CA SER A 245 1.16 -5.62 -9.15
C SER A 245 0.90 -6.55 -7.97
N THR A 246 0.34 -5.97 -6.91
CA THR A 246 0.03 -6.70 -5.72
C THR A 246 -1.14 -7.65 -6.01
N ALA A 247 -2.17 -7.09 -6.61
CA ALA A 247 -3.37 -7.83 -7.00
C ALA A 247 -3.01 -9.09 -7.79
N ARG A 248 -2.31 -8.90 -8.90
CA ARG A 248 -1.95 -10.01 -9.78
C ARG A 248 -1.29 -11.14 -8.98
N GLU A 249 -0.36 -10.78 -8.10
CA GLU A 249 0.33 -11.77 -7.27
C GLU A 249 -0.66 -12.52 -6.35
N ALA A 250 -1.56 -11.77 -5.69
CA ALA A 250 -2.52 -12.35 -4.75
C ALA A 250 -3.53 -13.27 -5.44
N VAL A 251 -4.26 -12.73 -6.40
CA VAL A 251 -5.25 -13.46 -7.18
C VAL A 251 -4.67 -14.79 -7.67
N VAL A 252 -3.52 -14.73 -8.34
CA VAL A 252 -2.81 -15.90 -8.78
C VAL A 252 -2.58 -16.85 -7.60
N ARG A 253 -1.94 -16.30 -6.59
CA ARG A 253 -1.59 -17.04 -5.36
C ARG A 253 -2.80 -17.85 -4.85
N ALA A 254 -3.91 -17.17 -4.64
CA ALA A 254 -5.14 -17.80 -4.16
C ALA A 254 -5.73 -18.88 -5.09
N GLY A 255 -5.32 -18.92 -6.36
CA GLY A 255 -5.92 -19.94 -7.22
C GLY A 255 -6.67 -19.39 -8.40
N PHE A 256 -6.08 -18.44 -9.09
CA PHE A 256 -6.76 -17.77 -10.19
C PHE A 256 -5.76 -17.40 -11.23
N ASP A 257 -5.09 -18.38 -11.75
CA ASP A 257 -4.06 -18.12 -12.78
C ASP A 257 -4.13 -19.10 -13.91
N SER A 258 -4.55 -20.28 -13.59
CA SER A 258 -4.74 -21.28 -14.58
C SER A 258 -5.85 -20.85 -15.52
N MET A 1 28.41 12.57 -15.17
CA MET A 1 27.85 12.78 -16.51
C MET A 1 27.15 11.52 -16.99
N ASP A 2 26.44 11.62 -18.12
CA ASP A 2 25.71 10.50 -18.75
C ASP A 2 24.44 10.15 -17.98
N ASP A 3 24.61 9.76 -16.74
CA ASP A 3 23.49 9.37 -15.88
C ASP A 3 22.88 10.58 -15.17
N ASP A 4 22.96 11.73 -15.82
CA ASP A 4 22.45 12.99 -15.24
C ASP A 4 20.93 12.92 -15.13
N HIS A 5 20.36 12.19 -16.02
CA HIS A 5 18.90 11.96 -16.11
C HIS A 5 18.47 10.87 -15.17
N GLU A 6 19.43 10.09 -14.71
CA GLU A 6 19.11 8.98 -13.87
C GLU A 6 19.01 9.51 -12.47
N GLN A 7 20.13 10.03 -12.01
CA GLN A 7 20.21 10.67 -10.70
C GLN A 7 19.07 11.68 -10.51
N LEU A 8 18.84 12.50 -11.54
CA LEU A 8 17.79 13.51 -11.50
C LEU A 8 16.40 12.87 -11.39
N VAL A 9 16.05 11.99 -12.33
CA VAL A 9 14.73 11.35 -12.32
C VAL A 9 14.52 10.57 -11.04
N GLU A 10 15.60 10.15 -10.43
CA GLU A 10 15.51 9.38 -9.20
C GLU A 10 15.38 10.29 -7.98
N GLU A 11 16.08 11.42 -8.01
CA GLU A 11 15.95 12.40 -6.94
C GLU A 11 14.50 12.88 -6.91
N LEU A 12 13.89 12.92 -8.10
CA LEU A 12 12.48 13.24 -8.24
C LEU A 12 11.63 12.19 -7.54
N GLU A 13 11.82 10.94 -7.92
CA GLU A 13 11.10 9.83 -7.30
C GLU A 13 11.31 9.81 -5.78
N ALA A 14 12.55 9.95 -5.38
CA ALA A 14 12.92 10.00 -3.95
C ALA A 14 12.16 11.07 -3.18
N VAL A 15 11.98 12.22 -3.79
CA VAL A 15 11.27 13.31 -3.11
C VAL A 15 9.77 13.02 -3.17
N GLU A 16 9.41 12.22 -4.14
CA GLU A 16 8.08 11.76 -4.38
C GLU A 16 7.74 10.59 -3.44
N ALA A 17 8.79 9.99 -2.89
CA ALA A 17 8.65 8.83 -2.03
C ALA A 17 8.59 9.28 -0.59
N ILE A 18 9.69 9.92 -0.18
CA ILE A 18 9.84 10.49 1.15
C ILE A 18 8.69 11.46 1.45
N TYR A 19 8.25 12.16 0.43
CA TYR A 19 7.17 13.12 0.57
C TYR A 19 6.08 12.82 -0.47
N PRO A 20 5.24 11.80 -0.22
CA PRO A 20 4.26 11.31 -1.20
C PRO A 20 3.02 12.20 -1.33
N ASP A 21 2.65 12.85 -0.27
CA ASP A 21 1.45 13.69 -0.27
C ASP A 21 1.87 15.14 -0.43
N LEU A 22 3.04 15.42 0.10
CA LEU A 22 3.58 16.76 0.18
C LEU A 22 4.15 17.22 -1.16
N LEU A 23 4.83 16.32 -1.83
CA LEU A 23 5.44 16.61 -3.11
C LEU A 23 4.45 16.40 -4.23
N SER A 24 4.41 17.32 -5.15
CA SER A 24 3.56 17.23 -6.29
C SER A 24 4.31 17.69 -7.53
N LYS A 25 4.35 16.87 -8.58
CA LYS A 25 5.09 17.23 -9.78
C LYS A 25 4.17 17.96 -10.74
N LYS A 26 4.56 19.17 -11.13
CA LYS A 26 3.77 19.99 -12.02
C LYS A 26 3.91 19.54 -13.45
N GLN A 27 5.05 19.01 -13.78
CA GLN A 27 5.34 18.69 -15.15
C GLN A 27 5.29 17.18 -15.44
N GLU A 28 5.67 16.85 -16.66
CA GLU A 28 5.60 15.49 -17.17
C GLU A 28 6.86 14.71 -16.79
N ASP A 29 8.01 15.36 -16.91
CA ASP A 29 9.28 14.75 -16.58
C ASP A 29 9.78 15.26 -15.26
N GLY A 30 8.85 15.84 -14.51
CA GLY A 30 9.17 16.42 -13.22
C GLY A 30 10.24 17.50 -13.30
N SER A 31 10.34 18.16 -14.45
CA SER A 31 11.31 19.24 -14.63
C SER A 31 10.88 20.45 -13.82
N ILE A 32 9.66 20.43 -13.32
CA ILE A 32 9.14 21.47 -12.47
C ILE A 32 8.18 20.84 -11.51
N ILE A 33 8.29 21.19 -10.26
CA ILE A 33 7.49 20.59 -9.22
C ILE A 33 7.00 21.62 -8.24
N VAL A 34 6.10 21.19 -7.40
CA VAL A 34 5.58 22.00 -6.33
C VAL A 34 5.60 21.18 -5.07
N VAL A 35 6.42 21.57 -4.13
CA VAL A 35 6.50 20.88 -2.88
C VAL A 35 5.87 21.77 -1.82
N LYS A 36 5.25 21.19 -0.86
CA LYS A 36 4.60 21.96 0.17
C LYS A 36 5.45 21.97 1.43
N VAL A 37 5.32 22.99 2.26
CA VAL A 37 6.07 23.04 3.52
C VAL A 37 5.45 22.09 4.53
N PRO A 38 6.21 21.09 5.00
CA PRO A 38 5.69 20.05 5.90
C PRO A 38 5.49 20.52 7.35
N GLN A 39 6.08 21.64 7.72
CA GLN A 39 6.01 22.12 9.10
C GLN A 39 4.78 23.01 9.36
N HIS A 40 3.78 22.95 8.48
CA HIS A 40 2.51 23.73 8.65
C HIS A 40 1.55 23.53 7.49
N GLU A 41 2.08 23.00 6.40
CA GLU A 41 1.31 22.74 5.17
C GLU A 41 0.33 23.84 4.80
N TYR A 42 0.86 24.94 4.30
CA TYR A 42 0.08 26.11 3.87
C TYR A 42 0.85 26.86 2.81
N MET A 43 2.17 26.89 2.99
CA MET A 43 3.04 27.47 2.01
C MET A 43 3.53 26.40 1.08
N THR A 44 3.18 26.54 -0.14
CA THR A 44 3.63 25.64 -1.17
C THR A 44 4.71 26.31 -2.00
N LEU A 45 5.73 25.55 -2.34
CA LEU A 45 6.87 26.09 -3.07
C LEU A 45 6.92 25.54 -4.48
N GLN A 46 6.96 26.41 -5.46
CA GLN A 46 7.10 26.01 -6.84
C GLN A 46 8.56 26.08 -7.22
N ILE A 47 9.10 24.93 -7.60
CA ILE A 47 10.51 24.78 -7.91
C ILE A 47 10.66 24.19 -9.31
N SER A 48 11.72 24.54 -9.98
CA SER A 48 11.98 24.10 -11.31
C SER A 48 13.33 23.41 -11.37
N PHE A 49 13.55 22.70 -12.43
CA PHE A 49 14.78 22.03 -12.66
C PHE A 49 15.31 22.46 -14.01
N PRO A 50 16.15 23.49 -14.00
CA PRO A 50 16.72 24.10 -15.18
C PRO A 50 17.76 23.24 -15.82
N THR A 51 18.18 23.61 -17.01
CA THR A 51 19.24 22.92 -17.71
C THR A 51 20.50 22.86 -16.82
N HIS A 52 20.53 23.73 -15.80
CA HIS A 52 21.61 23.80 -14.83
C HIS A 52 21.24 23.00 -13.57
N TYR A 53 20.43 21.96 -13.74
CA TYR A 53 20.00 21.06 -12.63
C TYR A 53 21.21 20.62 -11.75
N PRO A 54 20.97 20.00 -10.54
CA PRO A 54 22.04 19.59 -9.59
C PRO A 54 23.28 18.98 -10.26
N SER A 55 23.05 18.23 -11.33
CA SER A 55 24.11 17.60 -12.10
C SER A 55 25.06 18.63 -12.75
N GLU A 56 24.65 19.88 -12.78
CA GLU A 56 25.38 20.93 -13.48
C GLU A 56 25.60 22.10 -12.50
N GLU A 57 24.48 22.56 -11.90
CA GLU A 57 24.52 23.64 -10.91
C GLU A 57 23.58 23.33 -9.73
N ALA A 58 22.32 23.73 -9.86
CA ALA A 58 21.32 23.54 -8.82
C ALA A 58 19.91 23.90 -9.35
N PRO A 59 18.81 23.41 -8.69
CA PRO A 59 17.42 23.69 -9.13
C PRO A 59 17.01 25.16 -8.98
N ASN A 60 15.78 25.47 -9.35
CA ASN A 60 15.30 26.87 -9.32
C ASN A 60 13.95 27.04 -8.67
N VAL A 61 13.92 27.60 -7.48
CA VAL A 61 12.65 27.95 -6.86
C VAL A 61 12.02 29.11 -7.63
N ILE A 62 10.96 28.83 -8.35
CA ILE A 62 10.34 29.81 -9.20
C ILE A 62 9.37 30.70 -8.44
N GLU A 63 8.75 30.17 -7.39
CA GLU A 63 7.79 30.96 -6.63
C GLU A 63 7.29 30.21 -5.40
N VAL A 64 6.66 30.93 -4.50
CA VAL A 64 6.07 30.34 -3.32
C VAL A 64 4.73 30.99 -3.04
N GLY A 65 3.89 30.30 -2.31
CA GLY A 65 2.58 30.84 -1.98
C GLY A 65 2.12 30.32 -0.67
N VAL A 66 1.24 31.05 -0.01
CA VAL A 66 0.76 30.63 1.27
C VAL A 66 -0.63 31.15 1.55
N CYS A 67 -1.48 30.24 1.92
CA CYS A 67 -2.84 30.55 2.26
C CYS A 67 -2.95 30.80 3.76
N THR A 68 -3.19 32.04 4.17
CA THR A 68 -3.39 32.35 5.57
C THR A 68 -4.42 33.47 5.71
N SER A 69 -4.85 33.73 6.93
CA SER A 69 -5.86 34.75 7.18
C SER A 69 -5.24 36.15 7.32
N LEU A 70 -4.16 36.38 6.56
CA LEU A 70 -3.43 37.66 6.54
C LEU A 70 -2.67 37.94 7.84
N ALA A 71 -3.31 37.70 8.97
CA ALA A 71 -2.72 37.93 10.29
C ALA A 71 -1.33 37.30 10.41
N LYS A 72 -1.18 36.10 9.88
CA LYS A 72 0.09 35.41 9.93
C LYS A 72 0.99 35.90 8.79
N ARG A 73 0.42 35.94 7.59
CA ARG A 73 1.11 36.45 6.39
C ARG A 73 1.75 37.83 6.63
N ASP A 74 1.22 38.59 7.56
CA ASP A 74 1.75 39.93 7.85
C ASP A 74 3.24 39.88 8.20
N LEU A 75 3.69 38.76 8.73
CA LEU A 75 5.08 38.59 9.11
C LEU A 75 5.98 38.25 7.92
N TYR A 76 5.45 37.50 6.97
CA TYR A 76 6.24 37.06 5.81
C TYR A 76 5.44 37.14 4.52
N ASP A 77 6.09 37.56 3.46
CA ASP A 77 5.44 37.72 2.19
C ASP A 77 5.94 36.64 1.23
N THR A 78 5.18 36.40 0.18
CA THR A 78 5.53 35.37 -0.79
C THR A 78 6.88 35.64 -1.48
N LYS A 79 7.09 36.87 -1.93
CA LYS A 79 8.33 37.20 -2.60
C LYS A 79 9.48 37.16 -1.59
N TYR A 80 9.12 37.32 -0.35
CA TYR A 80 10.08 37.32 0.74
C TYR A 80 10.68 35.95 0.89
N LEU A 81 9.83 34.95 1.13
CA LEU A 81 10.28 33.57 1.22
C LEU A 81 11.09 33.20 -0.01
N GLN A 82 10.63 33.70 -1.16
CA GLN A 82 11.33 33.51 -2.45
C GLN A 82 12.79 33.96 -2.36
N HIS A 83 12.96 35.12 -1.76
CA HIS A 83 14.28 35.74 -1.57
C HIS A 83 15.19 34.80 -0.81
N LEU A 84 14.75 34.41 0.37
CA LEU A 84 15.57 33.55 1.23
C LEU A 84 15.65 32.14 0.70
N PHE A 85 14.67 31.73 -0.06
CA PHE A 85 14.63 30.38 -0.56
C PHE A 85 15.72 30.20 -1.60
N GLN A 86 15.70 31.06 -2.63
CA GLN A 86 16.74 31.06 -3.65
C GLN A 86 18.14 31.19 -3.05
N GLU A 87 18.33 32.15 -2.15
CA GLU A 87 19.66 32.40 -1.59
C GLU A 87 20.21 31.17 -0.87
N VAL A 88 19.34 30.47 -0.14
CA VAL A 88 19.79 29.29 0.58
C VAL A 88 19.88 28.06 -0.31
N MET A 89 19.17 28.04 -1.46
CA MET A 89 19.22 26.87 -2.33
C MET A 89 20.52 26.88 -3.12
N ASP A 90 20.80 28.00 -3.78
CA ASP A 90 22.09 28.23 -4.49
C ASP A 90 23.28 27.83 -3.62
N SER A 91 23.09 27.90 -2.32
CA SER A 91 24.13 27.58 -1.37
C SER A 91 24.42 26.08 -1.39
N VAL A 92 23.49 25.28 -1.90
CA VAL A 92 23.68 23.85 -1.89
C VAL A 92 24.56 23.35 -3.03
N PHE A 93 24.97 24.24 -3.96
CA PHE A 93 25.99 23.88 -4.98
C PHE A 93 27.21 23.18 -4.31
N HIS A 94 27.43 23.49 -3.04
CA HIS A 94 28.46 22.83 -2.22
C HIS A 94 27.71 22.05 -1.15
N ARG A 95 27.55 20.76 -1.37
CA ARG A 95 26.60 19.99 -0.59
C ARG A 95 26.95 18.56 -0.26
N GLY A 96 25.90 17.94 0.21
CA GLY A 96 25.89 16.66 0.77
C GLY A 96 25.18 15.72 -0.15
N SER A 97 24.06 16.17 -0.66
CA SER A 97 23.26 15.43 -1.61
C SER A 97 23.03 16.27 -2.88
N VAL A 98 22.03 15.90 -3.68
CA VAL A 98 21.70 16.63 -4.92
C VAL A 98 21.27 18.06 -4.62
N CYS A 99 20.37 18.21 -3.62
CA CYS A 99 19.86 19.53 -3.20
C CYS A 99 18.70 19.39 -2.23
N LEU A 100 17.63 18.76 -2.71
CA LEU A 100 16.36 18.60 -1.98
C LEU A 100 16.51 18.28 -0.49
N PHE A 101 17.41 17.37 -0.18
CA PHE A 101 17.60 16.90 1.19
C PHE A 101 18.27 17.95 2.05
N ASP A 102 19.22 18.63 1.47
CA ASP A 102 20.04 19.57 2.19
C ASP A 102 19.38 20.93 2.34
N PHE A 103 18.82 21.44 1.27
CA PHE A 103 18.24 22.78 1.28
C PHE A 103 17.04 22.87 2.24
N LEU A 104 16.46 21.72 2.59
CA LEU A 104 15.28 21.72 3.44
C LEU A 104 15.66 21.90 4.91
N THR A 105 16.90 21.53 5.26
CA THR A 105 17.34 21.67 6.64
C THR A 105 17.50 23.16 7.00
N GLU A 106 18.14 23.92 6.11
CA GLU A 106 18.27 25.35 6.29
C GLU A 106 16.91 26.01 6.26
N LEU A 107 15.98 25.36 5.58
CA LEU A 107 14.63 25.83 5.48
C LEU A 107 13.90 25.57 6.78
N ASP A 108 14.27 24.49 7.46
CA ASP A 108 13.63 24.12 8.72
C ASP A 108 13.87 25.22 9.73
N GLY A 109 15.06 25.81 9.68
CA GLY A 109 15.37 26.91 10.56
C GLY A 109 14.91 28.26 10.00
N VAL A 110 15.23 28.52 8.71
CA VAL A 110 14.87 29.78 8.05
C VAL A 110 13.36 30.06 8.12
N LEU A 111 12.53 29.01 8.10
CA LEU A 111 11.06 29.15 8.23
C LEU A 111 10.68 29.39 9.70
N TYR A 112 11.66 29.85 10.47
CA TYR A 112 11.57 30.09 11.93
C TYR A 112 11.21 28.81 12.73
N VAL A 113 10.10 28.18 12.36
CA VAL A 113 9.56 26.96 12.99
C VAL A 113 8.65 27.27 14.18
N GLU A 114 7.60 26.49 14.30
CA GLU A 114 6.66 26.60 15.39
C GLU A 114 6.13 25.22 15.72
N PRO A 115 5.95 24.91 17.03
CA PRO A 115 5.43 23.62 17.45
C PRO A 115 3.96 23.45 17.06
N GLU A 116 3.72 22.72 15.99
CA GLU A 116 2.37 22.47 15.53
C GLU A 116 2.17 20.99 15.24
N GLU A 117 1.07 20.45 15.69
CA GLU A 117 0.79 19.05 15.52
C GLU A 117 -0.71 18.83 15.39
N GLU A 118 -1.15 18.57 14.18
CA GLU A 118 -2.54 18.28 13.92
C GLU A 118 -2.67 17.39 12.69
N THR A 119 -3.78 16.68 12.61
CA THR A 119 -4.03 15.79 11.50
C THR A 119 -5.51 15.85 11.10
N GLU A 120 -5.78 15.58 9.84
CA GLU A 120 -7.13 15.59 9.33
C GLU A 120 -7.24 14.63 8.15
N PRO A 121 -8.08 13.60 8.27
CA PRO A 121 -8.30 12.63 7.19
C PRO A 121 -9.11 13.22 6.04
N VAL A 122 -9.45 12.40 5.07
CA VAL A 122 -10.22 12.85 3.93
C VAL A 122 -11.70 12.73 4.20
N GLN A 123 -12.18 11.49 4.27
CA GLN A 123 -13.58 11.20 4.54
C GLN A 123 -13.75 9.73 4.85
N GLN A 124 -13.29 8.89 3.94
CA GLN A 124 -13.35 7.45 4.10
C GLN A 124 -12.07 6.82 3.56
N SER A 125 -11.85 5.57 3.87
CA SER A 125 -10.69 4.85 3.38
C SER A 125 -10.99 3.36 3.41
N ASP A 126 -10.77 2.70 2.28
CA ASP A 126 -10.98 1.28 2.19
C ASP A 126 -10.22 0.71 1.02
N ILE A 127 -9.16 0.00 1.32
CA ILE A 127 -8.29 -0.64 0.35
C ILE A 127 -7.77 -1.92 0.98
N PRO A 128 -8.25 -3.09 0.52
CA PRO A 128 -7.87 -4.37 1.12
C PRO A 128 -6.37 -4.59 1.16
N THR A 129 -5.86 -4.70 2.35
CA THR A 129 -4.48 -5.03 2.60
C THR A 129 -4.40 -6.05 3.74
N ASP A 130 -5.41 -5.99 4.60
CA ASP A 130 -5.53 -6.87 5.74
C ASP A 130 -6.03 -8.25 5.31
N PRO A 131 -5.50 -9.31 5.92
CA PRO A 131 -5.85 -10.68 5.58
C PRO A 131 -7.15 -11.15 6.20
N PHE A 132 -7.60 -12.27 5.70
CA PHE A 132 -8.86 -12.87 6.09
C PHE A 132 -8.70 -14.37 6.32
N GLU A 133 -9.62 -14.96 7.06
CA GLU A 133 -9.53 -16.38 7.40
C GLU A 133 -9.93 -17.26 6.21
N GLY A 134 -9.02 -18.08 5.79
CA GLY A 134 -9.26 -18.96 4.65
C GLY A 134 -9.41 -18.16 3.35
N TRP A 135 -9.32 -16.85 3.50
CA TRP A 135 -9.51 -15.89 2.46
C TRP A 135 -8.19 -15.21 2.13
N THR A 136 -7.95 -15.04 0.86
CA THR A 136 -6.76 -14.35 0.40
C THR A 136 -7.14 -13.26 -0.59
N ALA A 137 -7.14 -12.02 -0.15
CA ALA A 137 -7.52 -10.93 -0.99
C ALA A 137 -6.43 -9.94 -1.05
N SER A 138 -6.25 -9.34 -2.18
CA SER A 138 -5.18 -8.38 -2.37
C SER A 138 -5.33 -7.61 -3.66
N ASP A 139 -6.55 -7.53 -4.21
CA ASP A 139 -6.70 -6.83 -5.47
C ASP A 139 -7.58 -5.58 -5.35
N PRO A 140 -7.05 -4.47 -4.81
CA PRO A 140 -7.68 -3.17 -4.92
C PRO A 140 -7.18 -2.43 -6.14
N ILE A 141 -8.07 -2.02 -6.96
CA ILE A 141 -7.71 -1.26 -8.13
C ILE A 141 -8.33 0.10 -8.00
N THR A 142 -7.71 1.08 -8.56
CA THR A 142 -8.17 2.40 -8.38
C THR A 142 -8.35 3.12 -9.72
N ASP A 143 -9.42 3.87 -9.81
CA ASP A 143 -9.71 4.69 -10.95
C ASP A 143 -10.19 6.01 -10.43
N ARG A 144 -10.41 6.98 -11.29
CA ARG A 144 -10.83 8.27 -10.80
C ARG A 144 -12.24 8.18 -10.17
N GLY A 145 -12.27 8.27 -8.85
CA GLY A 145 -13.50 8.32 -8.11
C GLY A 145 -14.00 6.95 -7.66
N SER A 146 -13.89 5.96 -8.51
CA SER A 146 -14.32 4.59 -8.21
C SER A 146 -13.15 3.76 -7.78
N THR A 147 -13.32 2.81 -6.87
CA THR A 147 -12.24 1.94 -6.53
C THR A 147 -12.75 0.53 -6.64
N PHE A 148 -11.93 -0.33 -7.13
CA PHE A 148 -12.30 -1.71 -7.30
C PHE A 148 -11.57 -2.57 -6.27
N MET A 149 -12.20 -3.61 -5.79
CA MET A 149 -11.55 -4.51 -4.85
C MET A 149 -12.07 -5.93 -4.99
N ALA A 150 -11.16 -6.87 -5.12
CA ALA A 150 -11.50 -8.26 -5.26
C ALA A 150 -10.86 -9.08 -4.15
N PHE A 151 -11.51 -10.19 -3.81
CA PHE A 151 -11.03 -11.08 -2.76
C PHE A 151 -11.13 -12.51 -3.29
N ALA A 152 -10.05 -13.28 -3.19
CA ALA A 152 -10.07 -14.65 -3.66
C ALA A 152 -9.95 -15.61 -2.49
N ALA A 153 -10.38 -16.86 -2.67
CA ALA A 153 -10.29 -17.85 -1.60
C ALA A 153 -10.47 -19.26 -2.14
N HIS A 154 -9.51 -20.13 -1.83
CA HIS A 154 -9.57 -21.54 -2.23
C HIS A 154 -10.58 -22.27 -1.36
N VAL A 155 -11.43 -23.08 -1.97
CA VAL A 155 -12.51 -23.69 -1.22
C VAL A 155 -12.89 -25.07 -1.80
N THR A 156 -13.57 -25.84 -0.97
CA THR A 156 -14.11 -27.13 -1.37
C THR A 156 -15.50 -26.91 -1.98
N SER A 157 -16.45 -27.81 -1.73
CA SER A 157 -17.77 -27.67 -2.29
C SER A 157 -18.45 -26.46 -1.66
N GLU A 158 -19.25 -25.77 -2.46
CA GLU A 158 -19.97 -24.55 -2.08
C GLU A 158 -20.49 -24.47 -0.65
N GLU A 159 -20.84 -25.57 -0.03
CA GLU A 159 -21.31 -25.53 1.37
C GLU A 159 -20.29 -24.83 2.29
N GLN A 160 -19.03 -24.88 1.91
CA GLN A 160 -17.95 -24.36 2.72
C GLN A 160 -17.78 -22.88 2.42
N ALA A 161 -17.69 -22.60 1.12
CA ALA A 161 -17.55 -21.26 0.61
C ALA A 161 -18.77 -20.43 0.91
N PHE A 162 -19.93 -21.08 0.99
CA PHE A 162 -21.18 -20.39 1.27
C PHE A 162 -21.13 -19.80 2.65
N ALA A 163 -20.73 -20.61 3.62
CA ALA A 163 -20.58 -20.10 4.98
C ALA A 163 -19.56 -18.95 5.02
N MET A 164 -18.30 -19.26 4.70
CA MET A 164 -17.26 -18.20 4.68
C MET A 164 -17.67 -16.93 3.89
N LEU A 165 -18.38 -17.10 2.76
CA LEU A 165 -18.85 -15.96 1.97
C LEU A 165 -19.98 -15.25 2.68
N ASP A 166 -20.83 -16.02 3.36
CA ASP A 166 -21.97 -15.49 4.11
C ASP A 166 -21.52 -14.39 4.98
N LEU A 167 -20.65 -14.74 5.88
CA LEU A 167 -20.15 -13.85 6.85
C LEU A 167 -19.33 -12.71 6.19
N LEU A 168 -18.50 -13.05 5.21
CA LEU A 168 -17.78 -12.01 4.44
C LEU A 168 -18.74 -10.94 3.90
N LYS A 169 -19.87 -11.35 3.31
CA LYS A 169 -20.79 -10.38 2.73
C LYS A 169 -21.54 -9.60 3.81
N THR A 170 -21.57 -10.14 5.03
CA THR A 170 -22.16 -9.43 6.16
C THR A 170 -21.08 -8.73 7.00
N ASP A 171 -19.86 -8.62 6.46
CA ASP A 171 -18.73 -8.05 7.19
C ASP A 171 -18.89 -6.54 7.28
N SER A 172 -18.14 -5.90 8.18
CA SER A 172 -18.26 -4.47 8.38
C SER A 172 -17.91 -3.66 7.12
N LYS A 173 -16.92 -4.13 6.36
CA LYS A 173 -16.53 -3.43 5.13
C LYS A 173 -17.52 -3.71 3.99
N MET A 174 -17.82 -4.99 3.76
CA MET A 174 -18.82 -5.40 2.76
C MET A 174 -20.22 -4.89 3.14
N ARG A 175 -20.38 -4.50 4.39
CA ARG A 175 -21.66 -4.02 4.88
C ARG A 175 -22.05 -2.71 4.24
N LYS A 176 -21.11 -1.77 4.22
CA LYS A 176 -21.39 -0.49 3.62
C LYS A 176 -21.29 -0.57 2.11
N ALA A 177 -20.23 -1.24 1.65
CA ALA A 177 -20.06 -1.63 0.24
C ALA A 177 -21.43 -1.88 -0.41
N ASN A 178 -21.81 -0.96 -1.31
CA ASN A 178 -23.16 -0.94 -1.90
C ASN A 178 -23.55 -2.25 -2.56
N HIS A 179 -22.75 -2.73 -3.48
CA HIS A 179 -23.10 -3.96 -4.17
C HIS A 179 -21.88 -4.80 -4.42
N VAL A 180 -22.00 -6.08 -4.10
CA VAL A 180 -20.92 -7.00 -4.31
C VAL A 180 -21.31 -8.04 -5.35
N MET A 181 -20.33 -8.45 -6.12
CA MET A 181 -20.53 -9.49 -7.13
C MET A 181 -19.59 -10.63 -6.79
N SER A 182 -19.96 -11.86 -7.07
CA SER A 182 -19.12 -12.97 -6.69
C SER A 182 -19.12 -14.05 -7.75
N ALA A 183 -17.95 -14.59 -8.03
CA ALA A 183 -17.82 -15.67 -8.99
C ALA A 183 -17.89 -17.00 -8.28
N TRP A 184 -18.54 -17.96 -8.88
CA TRP A 184 -18.76 -19.23 -8.23
C TRP A 184 -18.50 -20.38 -9.19
N ARG A 185 -17.78 -21.39 -8.72
CA ARG A 185 -17.48 -22.57 -9.53
C ARG A 185 -16.83 -23.63 -8.66
N ILE A 186 -17.36 -24.86 -8.70
CA ILE A 186 -16.81 -25.95 -7.92
C ILE A 186 -16.33 -27.03 -8.86
N LYS A 187 -15.19 -27.61 -8.57
CA LYS A 187 -14.63 -28.63 -9.41
C LYS A 187 -14.08 -29.76 -8.58
N GLN A 188 -14.42 -30.97 -8.96
CA GLN A 188 -13.82 -32.12 -8.35
C GLN A 188 -12.43 -32.29 -8.90
N ASP A 189 -11.45 -32.05 -8.07
CA ASP A 189 -10.04 -32.11 -8.46
C ASP A 189 -9.72 -33.36 -9.29
N GLY A 190 -10.12 -34.52 -8.80
CA GLY A 190 -9.82 -35.75 -9.51
C GLY A 190 -11.06 -36.46 -10.02
N SER A 191 -12.16 -35.73 -10.17
CA SER A 191 -13.40 -36.33 -10.63
C SER A 191 -14.11 -35.39 -11.62
N ALA A 192 -15.40 -35.61 -11.83
CA ALA A 192 -16.17 -34.84 -12.80
C ALA A 192 -17.20 -33.92 -12.16
N ALA A 193 -17.59 -34.23 -10.93
CA ALA A 193 -18.62 -33.44 -10.25
C ALA A 193 -18.25 -31.96 -10.17
N THR A 194 -19.11 -31.14 -10.70
CA THR A 194 -18.90 -29.71 -10.71
C THR A 194 -20.18 -29.01 -10.30
N TYR A 195 -20.06 -27.96 -9.54
CA TYR A 195 -21.21 -27.21 -9.11
C TYR A 195 -21.10 -25.77 -9.57
N GLN A 196 -22.23 -25.17 -9.88
CA GLN A 196 -22.24 -23.80 -10.35
C GLN A 196 -23.52 -23.08 -9.95
N ASP A 197 -23.36 -21.99 -9.23
CA ASP A 197 -24.47 -21.15 -8.82
C ASP A 197 -24.10 -19.72 -9.08
N SER A 198 -25.05 -18.92 -9.50
CA SER A 198 -24.74 -17.55 -9.81
C SER A 198 -25.00 -16.63 -8.62
N ASP A 199 -24.02 -15.79 -8.36
CA ASP A 199 -24.20 -14.78 -7.33
C ASP A 199 -24.42 -13.43 -7.95
N ASP A 200 -25.67 -13.01 -7.92
CA ASP A 200 -26.08 -11.72 -8.43
C ASP A 200 -26.56 -10.84 -7.29
N ASP A 201 -26.04 -11.09 -6.10
CA ASP A 201 -26.45 -10.36 -4.88
C ASP A 201 -26.46 -8.86 -5.10
N GLY A 202 -25.39 -8.36 -5.70
CA GLY A 202 -25.29 -6.96 -5.97
C GLY A 202 -25.56 -6.64 -7.42
N GLU A 203 -24.53 -6.81 -8.24
CA GLU A 203 -24.62 -6.52 -9.65
C GLU A 203 -24.92 -7.80 -10.40
N THR A 204 -26.12 -7.91 -10.93
CA THR A 204 -26.53 -9.10 -11.64
C THR A 204 -25.88 -9.16 -13.02
N ALA A 205 -25.58 -8.00 -13.56
CA ALA A 205 -24.97 -7.92 -14.87
C ALA A 205 -23.51 -8.35 -14.79
N ALA A 206 -22.91 -8.10 -13.64
CA ALA A 206 -21.51 -8.43 -13.41
C ALA A 206 -21.33 -9.88 -13.00
N GLY A 207 -22.38 -10.47 -12.42
CA GLY A 207 -22.29 -11.86 -11.99
C GLY A 207 -22.02 -12.79 -13.15
N SER A 208 -22.90 -12.76 -14.14
CA SER A 208 -22.77 -13.59 -15.33
C SER A 208 -21.43 -13.34 -16.03
N ARG A 209 -21.11 -12.06 -16.25
CA ARG A 209 -19.83 -11.65 -16.85
C ARG A 209 -18.64 -12.34 -16.19
N MET A 210 -18.53 -12.21 -14.89
CA MET A 210 -17.39 -12.76 -14.16
C MET A 210 -17.45 -14.28 -14.13
N LEU A 211 -18.65 -14.80 -14.18
CA LEU A 211 -18.87 -16.24 -14.28
C LEU A 211 -18.21 -16.80 -15.55
N HIS A 212 -18.58 -16.23 -16.71
CA HIS A 212 -17.99 -16.66 -17.99
C HIS A 212 -16.49 -16.37 -17.96
N LEU A 213 -16.18 -15.29 -17.29
CA LEU A 213 -14.82 -14.84 -17.08
C LEU A 213 -13.97 -15.96 -16.45
N ILE A 214 -14.39 -16.47 -15.29
CA ILE A 214 -13.60 -17.52 -14.65
C ILE A 214 -13.70 -18.84 -15.41
N THR A 215 -14.77 -19.00 -16.17
CA THR A 215 -14.95 -20.19 -17.00
C THR A 215 -13.82 -20.28 -18.05
N ILE A 216 -13.69 -19.22 -18.85
CA ILE A 216 -12.65 -19.13 -19.88
C ILE A 216 -11.25 -18.92 -19.26
N MET A 217 -11.21 -18.50 -18.01
CA MET A 217 -9.96 -18.16 -17.35
C MET A 217 -9.18 -19.35 -16.82
N ASP A 218 -9.68 -20.60 -17.01
CA ASP A 218 -9.01 -21.79 -16.44
C ASP A 218 -8.71 -21.66 -14.97
N VAL A 219 -9.75 -21.79 -14.17
CA VAL A 219 -9.66 -21.61 -12.75
C VAL A 219 -10.83 -22.32 -12.05
N TRP A 220 -10.56 -22.91 -10.89
CA TRP A 220 -11.54 -23.70 -10.14
C TRP A 220 -11.16 -23.75 -8.68
N ASN A 221 -12.00 -24.42 -7.89
CA ASN A 221 -11.78 -24.62 -6.45
C ASN A 221 -11.48 -23.31 -5.73
N VAL A 222 -11.98 -22.23 -6.26
CA VAL A 222 -11.70 -20.92 -5.73
C VAL A 222 -12.88 -20.01 -5.97
N ILE A 223 -13.12 -19.11 -5.05
CA ILE A 223 -14.17 -18.14 -5.21
C ILE A 223 -13.62 -16.73 -5.08
N VAL A 224 -14.19 -15.81 -5.80
CA VAL A 224 -13.76 -14.43 -5.78
C VAL A 224 -14.94 -13.48 -5.67
N VAL A 225 -14.76 -12.41 -4.91
CA VAL A 225 -15.79 -11.42 -4.70
C VAL A 225 -15.25 -10.04 -5.10
N VAL A 226 -16.03 -9.30 -5.87
CA VAL A 226 -15.63 -7.96 -6.30
C VAL A 226 -16.62 -6.91 -5.81
N ALA A 227 -16.08 -5.94 -5.12
CA ALA A 227 -16.84 -4.82 -4.63
C ALA A 227 -16.22 -3.52 -5.08
N ARG A 228 -17.05 -2.53 -5.30
CA ARG A 228 -16.56 -1.21 -5.65
C ARG A 228 -16.87 -0.25 -4.52
N TRP A 229 -15.89 0.57 -4.12
CA TRP A 229 -16.07 1.50 -3.01
C TRP A 229 -15.03 2.59 -3.08
N PHE A 230 -15.51 3.82 -3.06
CA PHE A 230 -14.69 5.01 -3.30
C PHE A 230 -13.64 5.24 -2.20
N GLY A 231 -14.08 5.79 -1.08
CA GLY A 231 -13.16 6.12 0.00
C GLY A 231 -12.55 7.50 -0.20
N GLY A 232 -11.72 7.61 -1.22
CA GLY A 232 -11.10 8.87 -1.55
C GLY A 232 -11.42 9.28 -2.96
N ALA A 233 -10.68 10.25 -3.49
CA ALA A 233 -10.91 10.69 -4.87
C ALA A 233 -10.24 9.73 -5.85
N HIS A 234 -8.93 9.58 -5.71
CA HIS A 234 -8.20 8.63 -6.54
C HIS A 234 -7.36 7.75 -5.63
N ILE A 235 -7.48 7.99 -4.30
CA ILE A 235 -6.74 7.22 -3.28
C ILE A 235 -5.22 7.44 -3.40
N GLY A 236 -4.64 6.87 -4.44
CA GLY A 236 -3.23 7.00 -4.68
C GLY A 236 -2.90 6.60 -6.10
N PRO A 237 -2.24 7.47 -6.87
CA PRO A 237 -1.88 7.17 -8.27
C PRO A 237 -1.05 5.90 -8.38
N ASP A 238 -0.12 5.73 -7.47
CA ASP A 238 0.74 4.56 -7.45
C ASP A 238 0.04 3.32 -6.86
N ARG A 239 -1.17 3.48 -6.30
CA ARG A 239 -1.77 2.38 -5.58
C ARG A 239 -2.23 1.28 -6.52
N PHE A 240 -3.06 1.62 -7.50
CA PHE A 240 -3.62 0.61 -8.38
C PHE A 240 -2.55 -0.18 -9.16
N LYS A 241 -1.78 0.50 -9.98
CA LYS A 241 -0.69 -0.12 -10.78
C LYS A 241 0.21 -1.04 -9.92
N HIS A 242 0.68 -0.51 -8.82
CA HIS A 242 1.60 -1.25 -7.94
C HIS A 242 0.87 -2.46 -7.38
N ILE A 243 -0.33 -2.22 -6.96
CA ILE A 243 -1.16 -3.24 -6.46
C ILE A 243 -1.40 -4.30 -7.50
N ASN A 244 -1.66 -3.88 -8.73
CA ASN A 244 -1.91 -4.81 -9.82
C ASN A 244 -0.87 -5.89 -9.86
N SER A 245 0.38 -5.49 -9.72
CA SER A 245 1.48 -6.45 -9.74
C SER A 245 1.36 -7.47 -8.56
N THR A 246 1.04 -6.95 -7.37
CA THR A 246 0.98 -7.82 -6.18
C THR A 246 -0.34 -8.61 -6.17
N ALA A 247 -1.40 -7.94 -6.57
CA ALA A 247 -2.73 -8.52 -6.72
C ALA A 247 -2.71 -9.74 -7.62
N ARG A 248 -2.05 -9.61 -8.78
CA ARG A 248 -1.95 -10.72 -9.72
C ARG A 248 -1.36 -11.93 -9.02
N GLU A 249 -0.32 -11.69 -8.24
CA GLU A 249 0.30 -12.75 -7.46
C GLU A 249 -0.72 -13.38 -6.49
N ALA A 250 -1.48 -12.55 -5.76
CA ALA A 250 -2.47 -13.04 -4.78
C ALA A 250 -3.57 -13.86 -5.43
N VAL A 251 -4.31 -13.25 -6.35
CA VAL A 251 -5.39 -13.91 -7.07
C VAL A 251 -4.95 -15.26 -7.62
N VAL A 252 -3.85 -15.27 -8.36
CA VAL A 252 -3.27 -16.50 -8.88
C VAL A 252 -2.97 -17.47 -7.73
N ARG A 253 -2.27 -16.94 -6.74
CA ARG A 253 -1.87 -17.70 -5.54
C ARG A 253 -3.05 -18.46 -4.93
N ALA A 254 -4.14 -17.74 -4.66
CA ALA A 254 -5.35 -18.34 -4.10
C ALA A 254 -5.99 -19.43 -4.95
N GLY A 255 -5.53 -19.61 -6.19
CA GLY A 255 -6.09 -20.66 -7.01
C GLY A 255 -6.75 -20.16 -8.28
N PHE A 256 -6.12 -19.22 -8.95
CA PHE A 256 -6.71 -18.64 -10.15
C PHE A 256 -5.92 -18.99 -11.38
N ASP A 257 -4.68 -19.31 -11.17
CA ASP A 257 -3.80 -19.67 -12.27
C ASP A 257 -2.78 -20.69 -11.81
N SER A 258 -3.17 -21.43 -10.80
CA SER A 258 -2.27 -22.42 -10.21
C SER A 258 -2.83 -23.83 -10.40
N MET A 1 4.88 39.64 -21.98
CA MET A 1 4.03 38.49 -21.63
C MET A 1 3.80 37.60 -22.84
N ASP A 2 4.11 36.33 -22.67
CA ASP A 2 3.91 35.32 -23.70
C ASP A 2 3.35 34.08 -23.06
N ASP A 3 4.11 33.57 -22.11
CA ASP A 3 3.69 32.43 -21.30
C ASP A 3 3.03 32.97 -20.03
N ASP A 4 2.40 34.13 -20.18
CA ASP A 4 1.72 34.86 -19.09
C ASP A 4 0.81 33.94 -18.27
N HIS A 5 0.10 33.11 -18.95
CA HIS A 5 -0.84 32.21 -18.31
C HIS A 5 -0.16 31.00 -17.75
N GLU A 6 0.91 30.56 -18.39
CA GLU A 6 1.66 29.43 -17.87
C GLU A 6 2.23 29.74 -16.48
N GLN A 7 2.94 30.85 -16.37
CA GLN A 7 3.52 31.24 -15.08
C GLN A 7 2.43 31.51 -14.04
N LEU A 8 1.38 32.20 -14.46
CA LEU A 8 0.27 32.50 -13.58
C LEU A 8 -0.43 31.21 -13.14
N VAL A 9 -0.82 30.38 -14.11
CA VAL A 9 -1.48 29.11 -13.82
C VAL A 9 -0.62 28.25 -12.89
N GLU A 10 0.69 28.47 -12.97
CA GLU A 10 1.64 27.75 -12.12
C GLU A 10 1.47 28.15 -10.65
N GLU A 11 1.41 29.45 -10.40
CA GLU A 11 1.22 29.93 -9.05
C GLU A 11 -0.16 29.52 -8.54
N LEU A 12 -1.13 29.48 -9.46
CA LEU A 12 -2.49 29.04 -9.13
C LEU A 12 -2.49 27.60 -8.61
N GLU A 13 -1.97 26.68 -9.41
CA GLU A 13 -1.89 25.26 -9.03
C GLU A 13 -1.03 25.07 -7.77
N ALA A 14 0.00 25.88 -7.63
CA ALA A 14 0.85 25.84 -6.44
C ALA A 14 0.06 26.19 -5.18
N VAL A 15 -0.76 27.22 -5.26
CA VAL A 15 -1.58 27.64 -4.13
C VAL A 15 -2.72 26.64 -3.97
N GLU A 16 -3.03 25.96 -5.06
CA GLU A 16 -4.05 24.96 -5.14
C GLU A 16 -3.54 23.67 -4.49
N ALA A 17 -2.22 23.57 -4.36
CA ALA A 17 -1.54 22.41 -3.82
C ALA A 17 -1.36 22.57 -2.33
N ILE A 18 -0.75 23.70 -1.98
CA ILE A 18 -0.49 24.06 -0.60
C ILE A 18 -1.78 24.10 0.22
N TYR A 19 -2.85 24.58 -0.41
CA TYR A 19 -4.14 24.68 0.24
C TYR A 19 -5.17 23.88 -0.56
N PRO A 20 -5.16 22.53 -0.41
CA PRO A 20 -5.99 21.62 -1.22
C PRO A 20 -7.49 21.73 -0.95
N ASP A 21 -7.88 21.63 0.32
CA ASP A 21 -9.30 21.64 0.66
C ASP A 21 -9.69 23.00 1.21
N LEU A 22 -8.69 23.85 1.36
CA LEU A 22 -8.87 25.16 1.94
C LEU A 22 -9.20 26.20 0.88
N LEU A 23 -8.51 26.11 -0.23
CA LEU A 23 -8.71 27.06 -1.31
C LEU A 23 -9.87 26.64 -2.21
N SER A 24 -10.52 27.62 -2.78
CA SER A 24 -11.62 27.39 -3.68
C SER A 24 -11.56 28.42 -4.81
N LYS A 25 -11.71 27.99 -6.05
CA LYS A 25 -11.64 28.90 -7.16
C LYS A 25 -13.04 29.27 -7.65
N LYS A 26 -13.31 30.56 -7.79
CA LYS A 26 -14.59 31.04 -8.24
C LYS A 26 -14.77 30.76 -9.71
N GLN A 27 -13.84 31.25 -10.48
CA GLN A 27 -13.88 31.03 -11.89
C GLN A 27 -13.07 29.81 -12.23
N GLU A 28 -13.37 29.19 -13.34
CA GLU A 28 -12.66 27.98 -13.74
C GLU A 28 -11.40 28.36 -14.49
N ASP A 29 -11.29 29.64 -14.81
CA ASP A 29 -10.11 30.15 -15.50
C ASP A 29 -8.90 29.96 -14.62
N GLY A 30 -8.99 30.52 -13.41
CA GLY A 30 -7.89 30.44 -12.49
C GLY A 30 -7.63 31.82 -11.92
N SER A 31 -8.25 32.81 -12.56
CA SER A 31 -8.11 34.20 -12.19
C SER A 31 -8.82 34.53 -10.87
N ILE A 32 -10.12 34.35 -10.81
CA ILE A 32 -10.83 34.71 -9.60
C ILE A 32 -10.98 33.53 -8.68
N ILE A 33 -10.59 33.72 -7.42
CA ILE A 33 -10.59 32.64 -6.45
C ILE A 33 -11.01 33.15 -5.07
N VAL A 34 -11.18 32.21 -4.17
CA VAL A 34 -11.50 32.47 -2.80
C VAL A 34 -10.66 31.54 -1.94
N VAL A 35 -9.69 32.09 -1.26
CA VAL A 35 -8.84 31.26 -0.44
C VAL A 35 -9.03 31.65 1.01
N LYS A 36 -8.90 30.71 1.91
CA LYS A 36 -9.07 31.01 3.31
C LYS A 36 -7.72 31.17 3.93
N VAL A 37 -7.63 32.00 4.97
CA VAL A 37 -6.37 32.24 5.68
C VAL A 37 -5.62 30.93 5.93
N PRO A 38 -4.31 30.87 5.52
CA PRO A 38 -3.45 29.67 5.65
C PRO A 38 -3.52 29.01 7.02
N GLN A 39 -3.83 29.77 8.04
CA GLN A 39 -3.90 29.27 9.40
C GLN A 39 -5.19 28.48 9.64
N HIS A 40 -6.01 28.31 8.57
CA HIS A 40 -7.26 27.51 8.60
C HIS A 40 -8.44 28.35 9.12
N GLU A 41 -8.11 29.53 9.66
CA GLU A 41 -9.01 30.46 10.32
C GLU A 41 -10.48 30.23 10.11
N TYR A 42 -11.03 31.05 9.29
CA TYR A 42 -12.47 31.18 9.07
C TYR A 42 -12.66 32.29 8.10
N MET A 43 -11.69 33.19 8.08
CA MET A 43 -11.73 34.31 7.18
C MET A 43 -11.26 33.91 5.82
N THR A 44 -12.16 33.97 4.90
CA THR A 44 -11.89 33.66 3.54
C THR A 44 -11.66 34.94 2.77
N LEU A 45 -10.73 34.90 1.87
CA LEU A 45 -10.38 36.07 1.10
C LEU A 45 -10.87 35.91 -0.35
N GLN A 46 -11.74 36.82 -0.76
CA GLN A 46 -12.27 36.87 -2.12
C GLN A 46 -11.29 37.68 -2.97
N ILE A 47 -10.64 37.02 -3.90
CA ILE A 47 -9.59 37.65 -4.69
C ILE A 47 -9.85 37.46 -6.18
N SER A 48 -9.55 38.48 -6.96
CA SER A 48 -9.77 38.45 -8.39
C SER A 48 -8.49 38.81 -9.11
N PHE A 49 -7.74 37.81 -9.55
CA PHE A 49 -6.54 38.06 -10.35
C PHE A 49 -6.92 38.83 -11.62
N PRO A 50 -6.55 40.12 -11.64
CA PRO A 50 -6.91 41.06 -12.69
C PRO A 50 -6.04 40.98 -13.91
N THR A 51 -6.49 41.67 -14.93
CA THR A 51 -5.77 41.81 -16.15
C THR A 51 -4.37 42.43 -15.89
N HIS A 52 -4.18 43.01 -14.69
CA HIS A 52 -2.90 43.58 -14.29
C HIS A 52 -2.20 42.62 -13.32
N TYR A 53 -2.37 41.32 -13.56
CA TYR A 53 -1.71 40.23 -12.79
C TYR A 53 -0.22 40.55 -12.50
N PRO A 54 0.40 39.85 -11.46
CA PRO A 54 1.77 40.09 -10.95
C PRO A 54 2.74 40.86 -11.86
N SER A 55 2.85 40.47 -13.12
CA SER A 55 3.72 41.14 -14.09
C SER A 55 3.48 42.67 -14.07
N GLU A 56 2.21 43.06 -14.12
CA GLU A 56 1.86 44.46 -14.06
C GLU A 56 1.77 44.98 -12.64
N GLU A 57 0.87 44.40 -11.87
CA GLU A 57 0.68 44.84 -10.50
C GLU A 57 0.67 43.66 -9.54
N ALA A 58 -0.47 43.01 -9.46
CA ALA A 58 -0.74 41.96 -8.47
C ALA A 58 -2.24 41.61 -8.53
N PRO A 59 -2.70 40.57 -7.77
CA PRO A 59 -4.13 40.19 -7.74
C PRO A 59 -5.03 41.31 -7.17
N ASN A 60 -6.33 41.05 -7.10
CA ASN A 60 -7.28 42.04 -6.58
C ASN A 60 -8.16 41.47 -5.49
N VAL A 61 -7.87 41.81 -4.26
CA VAL A 61 -8.73 41.40 -3.17
C VAL A 61 -10.01 42.22 -3.20
N ILE A 62 -11.10 41.59 -3.53
CA ILE A 62 -12.35 42.30 -3.66
C ILE A 62 -13.16 42.26 -2.39
N GLU A 63 -13.02 41.19 -1.61
CA GLU A 63 -13.87 41.00 -0.41
C GLU A 63 -13.23 40.01 0.53
N VAL A 64 -13.61 40.06 1.80
CA VAL A 64 -13.22 39.05 2.76
C VAL A 64 -14.41 38.71 3.64
N GLY A 65 -14.41 37.53 4.21
CA GLY A 65 -15.50 37.11 5.08
C GLY A 65 -14.99 36.23 6.16
N VAL A 66 -15.73 36.08 7.23
CA VAL A 66 -15.26 35.28 8.34
C VAL A 66 -16.39 34.76 9.19
N CYS A 67 -16.29 33.50 9.53
CA CYS A 67 -17.25 32.87 10.39
C CYS A 67 -16.79 33.01 11.83
N THR A 68 -17.49 33.81 12.61
CA THR A 68 -17.16 34.07 14.02
C THR A 68 -18.32 34.73 14.74
N SER A 69 -19.50 34.67 14.11
CA SER A 69 -20.69 35.32 14.63
C SER A 69 -20.52 36.84 14.62
N LEU A 70 -19.87 37.37 15.64
CA LEU A 70 -19.62 38.81 15.74
C LEU A 70 -18.38 39.09 16.59
N ALA A 71 -17.70 38.03 17.01
CA ALA A 71 -16.53 38.16 17.88
C ALA A 71 -15.37 38.85 17.19
N LYS A 72 -15.34 38.78 15.85
CA LYS A 72 -14.28 39.40 15.07
C LYS A 72 -14.18 40.90 15.35
N ARG A 73 -15.34 41.55 15.42
CA ARG A 73 -15.43 43.01 15.63
C ARG A 73 -14.51 43.53 16.73
N ASP A 74 -14.28 42.73 17.75
CA ASP A 74 -13.43 43.14 18.87
C ASP A 74 -11.98 43.33 18.43
N LEU A 75 -11.61 42.68 17.34
CA LEU A 75 -10.25 42.77 16.81
C LEU A 75 -10.24 43.52 15.49
N TYR A 76 -10.96 42.99 14.51
CA TYR A 76 -11.01 43.58 13.17
C TYR A 76 -12.30 43.20 12.46
N ASP A 77 -12.50 43.73 11.28
CA ASP A 77 -13.70 43.41 10.51
C ASP A 77 -13.33 43.16 9.05
N THR A 78 -14.29 42.69 8.29
CA THR A 78 -14.10 42.34 6.90
C THR A 78 -13.58 43.51 6.07
N LYS A 79 -14.29 44.62 6.12
CA LYS A 79 -13.89 45.83 5.38
C LYS A 79 -12.48 46.24 5.78
N TYR A 80 -12.17 46.06 7.04
CA TYR A 80 -10.88 46.44 7.56
C TYR A 80 -9.80 45.54 6.97
N LEU A 81 -10.02 44.23 7.05
CA LEU A 81 -9.09 43.27 6.48
C LEU A 81 -8.92 43.52 4.99
N GLN A 82 -10.01 43.91 4.35
CA GLN A 82 -10.02 44.26 2.95
C GLN A 82 -8.96 45.33 2.68
N HIS A 83 -8.94 46.35 3.54
CA HIS A 83 -8.00 47.46 3.41
C HIS A 83 -6.56 47.02 3.60
N LEU A 84 -6.29 46.32 4.70
CA LEU A 84 -4.93 45.88 4.98
C LEU A 84 -4.44 44.87 3.95
N PHE A 85 -5.33 44.05 3.45
CA PHE A 85 -4.95 43.08 2.43
C PHE A 85 -4.41 43.85 1.23
N GLN A 86 -5.20 44.83 0.76
CA GLN A 86 -4.79 45.70 -0.33
C GLN A 86 -3.37 46.23 -0.16
N GLU A 87 -3.12 46.90 0.97
CA GLU A 87 -1.80 47.51 1.22
C GLU A 87 -0.68 46.47 1.16
N VAL A 88 -0.96 45.29 1.68
CA VAL A 88 0.01 44.20 1.71
C VAL A 88 0.31 43.68 0.34
N MET A 89 -0.71 43.32 -0.41
CA MET A 89 -0.51 42.70 -1.70
C MET A 89 0.14 43.70 -2.65
N ASP A 90 -0.36 44.93 -2.62
CA ASP A 90 0.23 46.04 -3.40
C ASP A 90 1.74 46.19 -3.21
N SER A 91 2.27 45.66 -2.12
CA SER A 91 3.68 45.77 -1.86
C SER A 91 4.42 44.43 -2.08
N VAL A 92 3.68 43.31 -2.15
CA VAL A 92 4.33 42.00 -2.34
C VAL A 92 4.69 41.72 -3.81
N PHE A 93 4.08 42.46 -4.76
CA PHE A 93 4.32 42.28 -6.22
C PHE A 93 5.75 41.80 -6.55
N HIS A 94 6.73 42.63 -6.30
CA HIS A 94 8.11 42.22 -6.50
C HIS A 94 8.84 42.11 -5.18
N ARG A 95 8.35 41.20 -4.37
CA ARG A 95 8.86 40.91 -3.04
C ARG A 95 8.47 39.54 -2.70
N GLY A 96 9.38 38.68 -2.39
CA GLY A 96 8.98 37.43 -1.93
C GLY A 96 8.71 36.49 -3.03
N SER A 97 7.72 36.81 -3.81
CA SER A 97 7.26 35.94 -4.84
C SER A 97 6.35 36.68 -5.82
N VAL A 98 5.48 35.92 -6.49
CA VAL A 98 4.51 36.47 -7.42
C VAL A 98 3.52 37.34 -6.67
N CYS A 99 3.18 36.91 -5.42
CA CYS A 99 2.24 37.63 -4.55
C CYS A 99 1.78 36.77 -3.36
N LEU A 100 1.07 35.69 -3.68
CA LEU A 100 0.44 34.79 -2.70
C LEU A 100 1.33 34.41 -1.51
N PHE A 101 2.53 33.99 -1.78
CA PHE A 101 3.42 33.48 -0.75
C PHE A 101 3.92 34.59 0.17
N ASP A 102 4.13 35.76 -0.37
CA ASP A 102 4.73 36.83 0.41
C ASP A 102 3.71 37.62 1.23
N PHE A 103 2.48 37.68 0.76
CA PHE A 103 1.49 38.48 1.48
C PHE A 103 0.98 37.77 2.72
N LEU A 104 1.13 36.45 2.75
CA LEU A 104 0.62 35.66 3.86
C LEU A 104 1.45 35.87 5.13
N THR A 105 2.77 36.06 4.98
CA THR A 105 3.62 36.28 6.15
C THR A 105 3.25 37.57 6.87
N GLU A 106 3.05 38.64 6.11
CA GLU A 106 2.63 39.91 6.67
C GLU A 106 1.31 39.77 7.42
N LEU A 107 0.35 39.10 6.79
CA LEU A 107 -0.94 38.87 7.43
C LEU A 107 -0.78 37.99 8.66
N ASP A 108 0.15 37.05 8.59
CA ASP A 108 0.38 36.10 9.68
C ASP A 108 0.80 36.84 10.94
N GLY A 109 1.66 37.83 10.77
CA GLY A 109 2.14 38.59 11.89
C GLY A 109 1.10 39.55 12.42
N VAL A 110 0.42 40.26 11.52
CA VAL A 110 -0.57 41.26 11.94
C VAL A 110 -1.86 40.62 12.47
N LEU A 111 -2.24 39.45 11.94
CA LEU A 111 -3.47 38.78 12.38
C LEU A 111 -3.46 38.39 13.86
N TYR A 112 -2.27 38.25 14.48
CA TYR A 112 -2.18 37.86 15.90
C TYR A 112 -2.80 36.48 16.12
N VAL A 113 -2.67 35.64 15.12
CA VAL A 113 -3.21 34.30 15.14
C VAL A 113 -2.50 33.40 16.18
N GLU A 114 -3.24 32.44 16.70
CA GLU A 114 -2.71 31.47 17.65
C GLU A 114 -1.70 30.54 16.98
N PRO A 115 -0.81 29.90 17.78
CA PRO A 115 0.21 28.97 17.26
C PRO A 115 -0.40 27.81 16.48
N GLU A 116 0.41 27.19 15.64
CA GLU A 116 -0.02 26.08 14.81
C GLU A 116 -0.22 24.81 15.65
N GLU A 117 -0.79 23.80 15.05
CA GLU A 117 -1.10 22.57 15.74
C GLU A 117 -0.77 21.40 14.83
N GLU A 118 -1.43 21.36 13.67
CA GLU A 118 -1.23 20.32 12.64
C GLU A 118 -1.53 18.93 13.17
N THR A 119 -2.67 18.40 12.80
CA THR A 119 -3.05 17.08 13.23
C THR A 119 -3.47 16.20 12.08
N GLU A 120 -3.24 14.93 12.25
CA GLU A 120 -3.55 13.93 11.27
C GLU A 120 -4.25 12.76 11.94
N PRO A 121 -5.58 12.68 11.81
CA PRO A 121 -6.34 11.58 12.38
C PRO A 121 -6.20 10.30 11.56
N VAL A 122 -6.88 9.27 12.00
CA VAL A 122 -6.80 7.99 11.33
C VAL A 122 -7.83 7.88 10.22
N GLN A 123 -7.36 7.91 8.98
CA GLN A 123 -8.22 7.75 7.83
C GLN A 123 -8.33 6.26 7.49
N GLN A 124 -9.53 5.82 7.15
CA GLN A 124 -9.75 4.40 6.86
C GLN A 124 -9.70 4.12 5.36
N SER A 125 -9.21 2.94 5.02
CA SER A 125 -9.13 2.52 3.64
C SER A 125 -9.62 1.08 3.51
N ASP A 126 -10.40 0.81 2.46
CA ASP A 126 -10.97 -0.53 2.26
C ASP A 126 -9.99 -1.39 1.47
N ILE A 127 -9.17 -0.72 0.62
CA ILE A 127 -8.10 -1.42 -0.15
C ILE A 127 -7.37 -2.46 0.73
N PRO A 128 -7.66 -3.76 0.42
CA PRO A 128 -7.17 -4.90 1.19
C PRO A 128 -5.68 -5.07 1.09
N THR A 129 -5.05 -5.13 2.23
CA THR A 129 -3.62 -5.28 2.32
C THR A 129 -3.25 -6.28 3.42
N ASP A 130 -4.28 -6.82 4.07
CA ASP A 130 -4.11 -7.72 5.17
C ASP A 130 -4.80 -9.06 4.87
N PRO A 131 -4.41 -10.14 5.57
CA PRO A 131 -4.96 -11.48 5.38
C PRO A 131 -6.36 -11.67 5.97
N PHE A 132 -6.97 -12.77 5.64
CA PHE A 132 -8.32 -13.09 6.06
C PHE A 132 -8.42 -14.55 6.49
N GLU A 133 -9.49 -14.90 7.19
CA GLU A 133 -9.64 -16.28 7.66
C GLU A 133 -10.03 -17.21 6.52
N GLY A 134 -9.14 -18.12 6.23
CA GLY A 134 -9.29 -19.06 5.10
C GLY A 134 -9.25 -18.34 3.74
N TRP A 135 -9.67 -17.10 3.78
CA TRP A 135 -9.76 -16.21 2.68
C TRP A 135 -8.42 -15.62 2.37
N THR A 136 -8.10 -15.56 1.12
CA THR A 136 -6.92 -14.91 0.68
C THR A 136 -7.30 -13.77 -0.24
N ALA A 137 -7.35 -12.58 0.31
CA ALA A 137 -7.72 -11.44 -0.46
C ALA A 137 -6.62 -10.45 -0.45
N SER A 138 -6.37 -9.90 -1.59
CA SER A 138 -5.29 -8.96 -1.77
C SER A 138 -5.37 -8.37 -3.16
N ASP A 139 -6.58 -8.29 -3.68
CA ASP A 139 -6.73 -7.85 -5.03
C ASP A 139 -7.52 -6.55 -5.12
N PRO A 140 -6.88 -5.41 -4.89
CA PRO A 140 -7.47 -4.14 -5.14
C PRO A 140 -7.09 -3.65 -6.53
N ILE A 141 -7.92 -2.85 -7.09
CA ILE A 141 -7.67 -2.22 -8.37
C ILE A 141 -8.22 -0.82 -8.32
N THR A 142 -7.49 0.10 -8.84
CA THR A 142 -7.90 1.46 -8.84
C THR A 142 -8.30 1.92 -10.24
N ASP A 143 -9.42 2.63 -10.31
CA ASP A 143 -9.96 3.12 -11.56
C ASP A 143 -10.42 4.53 -11.34
N ARG A 144 -10.81 5.23 -12.39
CA ARG A 144 -11.26 6.60 -12.23
C ARG A 144 -12.50 6.64 -11.35
N GLY A 145 -12.31 7.11 -10.13
CA GLY A 145 -13.39 7.24 -9.19
C GLY A 145 -13.75 5.92 -8.53
N SER A 146 -13.69 4.86 -9.30
CA SER A 146 -14.07 3.55 -8.83
C SER A 146 -12.88 2.78 -8.28
N THR A 147 -13.16 1.90 -7.36
CA THR A 147 -12.17 1.02 -6.78
C THR A 147 -12.67 -0.38 -6.93
N PHE A 148 -11.97 -1.17 -7.68
CA PHE A 148 -12.38 -2.53 -7.88
C PHE A 148 -11.55 -3.42 -7.01
N MET A 149 -12.17 -4.13 -6.12
CA MET A 149 -11.43 -5.00 -5.23
C MET A 149 -12.00 -6.38 -5.25
N ALA A 150 -11.16 -7.36 -5.05
CA ALA A 150 -11.58 -8.71 -5.10
C ALA A 150 -10.99 -9.48 -3.97
N PHE A 151 -11.59 -10.60 -3.69
CA PHE A 151 -11.19 -11.47 -2.62
C PHE A 151 -11.25 -12.88 -3.17
N ALA A 152 -10.24 -13.67 -2.93
CA ALA A 152 -10.21 -15.02 -3.47
C ALA A 152 -10.10 -16.05 -2.35
N ALA A 153 -10.61 -17.24 -2.58
CA ALA A 153 -10.54 -18.28 -1.56
C ALA A 153 -10.71 -19.65 -2.16
N HIS A 154 -9.76 -20.52 -1.87
CA HIS A 154 -9.79 -21.91 -2.31
C HIS A 154 -10.84 -22.69 -1.55
N VAL A 155 -11.82 -23.22 -2.25
CA VAL A 155 -12.93 -23.87 -1.58
C VAL A 155 -13.38 -25.15 -2.26
N THR A 156 -13.70 -26.12 -1.42
CA THR A 156 -14.35 -27.36 -1.82
C THR A 156 -15.79 -27.08 -2.29
N SER A 157 -16.74 -27.90 -1.90
CA SER A 157 -18.10 -27.79 -2.33
C SER A 157 -18.74 -26.49 -1.81
N GLU A 158 -20.04 -26.33 -2.00
CA GLU A 158 -20.68 -25.04 -1.81
C GLU A 158 -20.74 -24.65 -0.35
N GLU A 159 -20.76 -25.63 0.54
CA GLU A 159 -20.84 -25.36 1.98
C GLU A 159 -19.82 -24.33 2.38
N GLN A 160 -18.54 -24.65 2.22
CA GLN A 160 -17.46 -23.70 2.45
C GLN A 160 -17.73 -22.34 1.81
N ALA A 161 -17.93 -22.34 0.49
CA ALA A 161 -18.15 -21.10 -0.24
C ALA A 161 -19.26 -20.27 0.41
N PHE A 162 -20.32 -20.93 0.79
CA PHE A 162 -21.46 -20.29 1.42
C PHE A 162 -21.11 -19.76 2.82
N ALA A 163 -20.55 -20.63 3.65
CA ALA A 163 -20.20 -20.28 5.04
C ALA A 163 -19.04 -19.28 5.10
N MET A 164 -18.29 -19.19 4.01
CA MET A 164 -17.11 -18.36 4.08
C MET A 164 -17.45 -16.99 3.52
N LEU A 165 -18.20 -17.01 2.40
CA LEU A 165 -18.72 -15.81 1.79
C LEU A 165 -19.71 -15.18 2.74
N ASP A 166 -20.37 -16.03 3.55
CA ASP A 166 -21.29 -15.57 4.57
C ASP A 166 -20.59 -14.61 5.44
N LEU A 167 -19.59 -15.13 6.11
CA LEU A 167 -18.79 -14.41 7.04
C LEU A 167 -17.99 -13.28 6.37
N LEU A 168 -17.91 -13.33 5.05
CA LEU A 168 -17.16 -12.31 4.34
C LEU A 168 -18.04 -11.09 4.09
N LYS A 169 -19.22 -11.34 3.52
CA LYS A 169 -20.14 -10.26 3.17
C LYS A 169 -20.81 -9.69 4.42
N THR A 170 -20.72 -10.42 5.52
CA THR A 170 -21.26 -9.96 6.78
C THR A 170 -20.16 -9.35 7.63
N ASP A 171 -19.03 -9.05 7.00
CA ASP A 171 -17.86 -8.55 7.70
C ASP A 171 -17.90 -7.04 7.73
N SER A 172 -17.10 -6.43 8.55
CA SER A 172 -17.12 -5.00 8.72
C SER A 172 -16.64 -4.25 7.46
N LYS A 173 -15.73 -4.86 6.71
CA LYS A 173 -15.28 -4.24 5.47
C LYS A 173 -16.40 -4.24 4.44
N MET A 174 -16.99 -5.41 4.20
CA MET A 174 -18.14 -5.52 3.34
C MET A 174 -19.35 -4.71 3.85
N ARG A 175 -19.29 -4.29 5.11
CA ARG A 175 -20.36 -3.48 5.70
C ARG A 175 -20.19 -1.99 5.41
N LYS A 176 -18.99 -1.57 5.05
CA LYS A 176 -18.75 -0.15 4.82
C LYS A 176 -18.74 0.20 3.36
N ALA A 177 -18.88 -0.78 2.50
CA ALA A 177 -18.79 -0.54 1.08
C ALA A 177 -20.18 -0.30 0.48
N ASN A 178 -20.20 -0.10 -0.84
CA ASN A 178 -21.47 0.21 -1.53
C ASN A 178 -22.23 -1.08 -1.88
N HIS A 179 -21.59 -1.98 -2.62
CA HIS A 179 -22.19 -3.28 -2.99
C HIS A 179 -21.14 -4.21 -3.53
N VAL A 180 -21.32 -5.50 -3.25
CA VAL A 180 -20.36 -6.51 -3.67
C VAL A 180 -20.98 -7.49 -4.66
N MET A 181 -20.15 -8.02 -5.54
CA MET A 181 -20.56 -9.03 -6.52
C MET A 181 -19.86 -10.33 -6.18
N SER A 182 -20.16 -11.43 -6.87
CA SER A 182 -19.65 -12.73 -6.45
C SER A 182 -19.48 -13.70 -7.65
N ALA A 183 -18.57 -14.65 -7.46
CA ALA A 183 -18.33 -15.72 -8.44
C ALA A 183 -17.72 -16.96 -7.81
N TRP A 184 -18.41 -18.09 -7.93
CA TRP A 184 -17.92 -19.34 -7.39
C TRP A 184 -17.78 -20.42 -8.49
N ARG A 185 -16.92 -21.39 -8.22
CA ARG A 185 -16.65 -22.48 -9.15
C ARG A 185 -16.25 -23.71 -8.34
N ILE A 186 -16.89 -24.87 -8.60
CA ILE A 186 -16.59 -26.07 -7.81
C ILE A 186 -16.18 -27.19 -8.74
N LYS A 187 -15.12 -27.91 -8.40
CA LYS A 187 -14.65 -28.99 -9.23
C LYS A 187 -14.27 -30.14 -8.38
N GLN A 188 -14.80 -31.28 -8.69
CA GLN A 188 -14.38 -32.46 -8.00
C GLN A 188 -13.04 -32.88 -8.53
N ASP A 189 -12.14 -33.16 -7.63
CA ASP A 189 -10.83 -33.63 -8.02
C ASP A 189 -10.76 -35.12 -7.87
N GLY A 190 -11.06 -35.80 -8.94
CA GLY A 190 -11.08 -37.23 -8.94
C GLY A 190 -12.44 -37.75 -9.33
N SER A 191 -13.42 -36.87 -9.27
CA SER A 191 -14.78 -37.18 -9.63
C SER A 191 -15.24 -36.24 -10.76
N ALA A 192 -16.54 -36.10 -10.95
CA ALA A 192 -17.06 -35.27 -12.02
C ALA A 192 -17.92 -34.11 -11.53
N ALA A 193 -18.48 -34.26 -10.33
CA ALA A 193 -19.40 -33.25 -9.77
C ALA A 193 -18.83 -31.83 -9.81
N THR A 194 -19.55 -30.97 -10.47
CA THR A 194 -19.21 -29.58 -10.59
C THR A 194 -20.48 -28.77 -10.49
N TYR A 195 -20.47 -27.69 -9.73
CA TYR A 195 -21.68 -26.90 -9.57
C TYR A 195 -21.60 -25.57 -10.29
N GLN A 196 -22.18 -25.53 -11.47
CA GLN A 196 -22.32 -24.30 -12.21
C GLN A 196 -23.61 -23.61 -11.79
N ASP A 197 -23.52 -22.33 -11.51
CA ASP A 197 -24.65 -21.56 -11.04
C ASP A 197 -24.56 -20.14 -11.57
N SER A 198 -25.41 -19.26 -11.08
CA SER A 198 -25.46 -17.89 -11.56
C SER A 198 -25.77 -16.98 -10.38
N ASP A 199 -25.06 -15.88 -10.28
CA ASP A 199 -25.21 -15.00 -9.13
C ASP A 199 -24.56 -13.65 -9.37
N ASP A 200 -24.82 -12.75 -8.44
CA ASP A 200 -24.29 -11.40 -8.47
C ASP A 200 -24.30 -10.83 -7.05
N ASP A 201 -25.50 -10.73 -6.47
CA ASP A 201 -25.71 -10.35 -5.05
C ASP A 201 -25.79 -8.85 -4.89
N GLY A 202 -24.92 -8.15 -5.56
CA GLY A 202 -24.92 -6.72 -5.53
C GLY A 202 -24.98 -6.14 -6.91
N GLU A 203 -23.89 -6.26 -7.63
CA GLU A 203 -23.81 -5.77 -8.99
C GLU A 203 -24.16 -6.90 -9.97
N THR A 204 -25.34 -6.80 -10.55
CA THR A 204 -25.86 -7.84 -11.44
C THR A 204 -25.09 -7.95 -12.76
N ALA A 205 -24.45 -6.87 -13.19
CA ALA A 205 -23.73 -6.88 -14.46
C ALA A 205 -22.36 -7.51 -14.28
N ALA A 206 -21.69 -7.14 -13.20
CA ALA A 206 -20.38 -7.67 -12.89
C ALA A 206 -20.41 -9.18 -12.68
N GLY A 207 -21.55 -9.68 -12.19
CA GLY A 207 -21.70 -11.12 -12.01
C GLY A 207 -21.41 -11.86 -13.29
N SER A 208 -22.07 -11.44 -14.38
CA SER A 208 -21.88 -12.06 -15.69
C SER A 208 -20.40 -12.03 -16.09
N ARG A 209 -19.78 -10.84 -15.93
CA ARG A 209 -18.35 -10.67 -16.22
C ARG A 209 -17.53 -11.82 -15.66
N MET A 210 -17.58 -11.96 -14.33
CA MET A 210 -16.77 -12.95 -13.62
C MET A 210 -17.22 -14.36 -13.92
N LEU A 211 -18.49 -14.50 -14.16
CA LEU A 211 -19.08 -15.79 -14.46
C LEU A 211 -18.42 -16.42 -15.70
N HIS A 212 -18.52 -15.75 -16.83
CA HIS A 212 -17.91 -16.30 -18.05
C HIS A 212 -16.41 -16.26 -17.92
N LEU A 213 -15.97 -15.32 -17.12
CA LEU A 213 -14.59 -15.13 -16.80
C LEU A 213 -14.00 -16.42 -16.21
N ILE A 214 -14.56 -16.87 -15.10
CA ILE A 214 -14.05 -18.06 -14.42
C ILE A 214 -14.39 -19.33 -15.19
N THR A 215 -15.36 -19.21 -16.07
CA THR A 215 -15.71 -20.31 -16.93
C THR A 215 -14.52 -20.65 -17.87
N ILE A 216 -14.08 -19.67 -18.65
CA ILE A 216 -12.98 -19.86 -19.62
C ILE A 216 -11.57 -19.68 -19.05
N MET A 217 -11.46 -19.07 -17.89
CA MET A 217 -10.16 -18.68 -17.30
C MET A 217 -9.38 -19.85 -16.70
N ASP A 218 -9.74 -21.08 -17.00
CA ASP A 218 -9.05 -22.25 -16.39
C ASP A 218 -8.94 -22.12 -14.89
N VAL A 219 -10.05 -22.33 -14.22
CA VAL A 219 -10.11 -22.12 -12.79
C VAL A 219 -11.24 -22.91 -12.14
N TRP A 220 -10.99 -23.37 -10.90
CA TRP A 220 -11.93 -24.19 -10.13
C TRP A 220 -11.60 -24.12 -8.67
N ASN A 221 -12.39 -24.86 -7.87
CA ASN A 221 -12.23 -24.94 -6.40
C ASN A 221 -11.87 -23.61 -5.75
N VAL A 222 -12.49 -22.55 -6.20
CA VAL A 222 -12.15 -21.25 -5.70
C VAL A 222 -13.31 -20.27 -5.88
N ILE A 223 -13.35 -19.26 -5.04
CA ILE A 223 -14.37 -18.23 -5.12
C ILE A 223 -13.74 -16.84 -5.07
N VAL A 224 -14.27 -15.94 -5.86
CA VAL A 224 -13.84 -14.55 -5.85
C VAL A 224 -15.03 -13.62 -5.68
N VAL A 225 -14.90 -12.66 -4.78
CA VAL A 225 -15.91 -11.63 -4.58
C VAL A 225 -15.31 -10.29 -4.99
N VAL A 226 -16.11 -9.43 -5.59
CA VAL A 226 -15.62 -8.12 -6.02
C VAL A 226 -16.42 -6.98 -5.36
N ALA A 227 -15.75 -5.85 -5.20
CA ALA A 227 -16.30 -4.71 -4.49
C ALA A 227 -15.97 -3.43 -5.25
N ARG A 228 -16.82 -2.42 -5.09
CA ARG A 228 -16.62 -1.14 -5.76
C ARG A 228 -16.80 0.02 -4.79
N TRP A 229 -15.75 0.81 -4.59
CA TRP A 229 -15.81 1.98 -3.72
C TRP A 229 -15.20 3.20 -4.40
N PHE A 230 -15.62 4.38 -3.98
CA PHE A 230 -15.12 5.63 -4.55
C PHE A 230 -14.11 6.26 -3.60
N GLY A 231 -13.03 6.81 -4.14
CA GLY A 231 -12.02 7.42 -3.29
C GLY A 231 -11.32 8.60 -3.95
N GLY A 232 -12.05 9.37 -4.73
CA GLY A 232 -11.47 10.53 -5.38
C GLY A 232 -11.52 10.42 -6.87
N ALA A 233 -10.55 11.04 -7.55
CA ALA A 233 -10.50 11.00 -9.00
C ALA A 233 -9.88 9.70 -9.46
N HIS A 234 -8.67 9.43 -9.01
CA HIS A 234 -8.01 8.17 -9.32
C HIS A 234 -7.49 7.52 -8.08
N ILE A 235 -7.87 8.06 -6.91
CA ILE A 235 -7.47 7.52 -5.60
C ILE A 235 -5.99 7.79 -5.32
N GLY A 236 -5.13 7.29 -6.19
CA GLY A 236 -3.71 7.47 -6.07
C GLY A 236 -2.98 6.89 -7.26
N PRO A 237 -2.09 7.66 -7.90
CA PRO A 237 -1.32 7.21 -9.08
C PRO A 237 -0.55 5.91 -8.82
N ASP A 238 -0.11 5.74 -7.60
CA ASP A 238 0.65 4.55 -7.22
C ASP A 238 -0.26 3.34 -6.99
N ARG A 239 -1.54 3.57 -6.67
CA ARG A 239 -2.38 2.49 -6.25
C ARG A 239 -2.63 1.47 -7.32
N PHE A 240 -3.34 1.85 -8.38
CA PHE A 240 -3.74 0.89 -9.43
C PHE A 240 -2.60 -0.01 -9.89
N LYS A 241 -1.61 0.60 -10.49
CA LYS A 241 -0.48 -0.15 -11.04
C LYS A 241 0.22 -1.05 -10.01
N HIS A 242 0.28 -0.59 -8.79
CA HIS A 242 0.99 -1.30 -7.74
C HIS A 242 0.13 -2.46 -7.24
N ILE A 243 -1.13 -2.16 -7.05
CA ILE A 243 -2.04 -3.15 -6.58
C ILE A 243 -2.35 -4.15 -7.66
N ASN A 244 -2.16 -3.76 -8.94
CA ASN A 244 -2.28 -4.70 -10.05
C ASN A 244 -1.30 -5.82 -9.85
N SER A 245 -0.05 -5.43 -9.59
CA SER A 245 1.00 -6.42 -9.34
C SER A 245 0.60 -7.38 -8.19
N THR A 246 0.18 -6.78 -7.10
CA THR A 246 -0.21 -7.54 -5.92
C THR A 246 -1.41 -8.44 -6.22
N ALA A 247 -2.51 -7.81 -6.61
CA ALA A 247 -3.75 -8.48 -6.97
C ALA A 247 -3.54 -9.68 -7.87
N ARG A 248 -2.87 -9.46 -8.99
CA ARG A 248 -2.65 -10.51 -9.97
C ARG A 248 -1.95 -11.72 -9.34
N GLU A 249 -1.04 -11.48 -8.41
CA GLU A 249 -0.39 -12.59 -7.75
C GLU A 249 -1.33 -13.29 -6.75
N ALA A 250 -2.08 -12.51 -5.94
CA ALA A 250 -3.03 -13.08 -4.98
C ALA A 250 -4.04 -14.00 -5.67
N VAL A 251 -4.81 -13.41 -6.58
CA VAL A 251 -5.75 -14.16 -7.41
C VAL A 251 -5.12 -15.47 -7.96
N VAL A 252 -3.98 -15.35 -8.64
CA VAL A 252 -3.25 -16.52 -9.17
C VAL A 252 -2.81 -17.49 -8.05
N ARG A 253 -2.66 -16.95 -6.86
CA ARG A 253 -2.21 -17.74 -5.73
C ARG A 253 -3.36 -18.56 -5.17
N ALA A 254 -4.43 -17.88 -4.77
CA ALA A 254 -5.62 -18.53 -4.18
C ALA A 254 -6.31 -19.56 -5.10
N GLY A 255 -5.90 -19.68 -6.34
CA GLY A 255 -6.50 -20.69 -7.19
C GLY A 255 -7.21 -20.15 -8.38
N PHE A 256 -6.67 -19.11 -8.97
CA PHE A 256 -7.24 -18.53 -10.14
C PHE A 256 -6.22 -18.53 -11.21
N ASP A 257 -5.95 -19.73 -11.72
CA ASP A 257 -4.90 -20.00 -12.71
C ASP A 257 -4.59 -21.49 -12.65
N SER A 258 -5.43 -22.29 -13.32
CA SER A 258 -5.34 -23.72 -13.31
C SER A 258 -5.19 -24.27 -11.90
N MET A 1 18.53 -9.98 8.50
CA MET A 1 19.65 -9.88 7.55
C MET A 1 19.76 -11.16 6.73
N ASP A 2 19.65 -11.02 5.43
CA ASP A 2 19.72 -12.18 4.56
C ASP A 2 21.03 -12.17 3.75
N ASP A 3 20.97 -11.75 2.49
CA ASP A 3 22.15 -11.64 1.69
C ASP A 3 22.53 -10.18 1.51
N ASP A 4 23.81 -9.91 1.31
CA ASP A 4 24.32 -8.54 1.15
C ASP A 4 23.52 -7.76 0.12
N HIS A 5 23.14 -8.43 -0.94
CA HIS A 5 22.34 -7.81 -1.99
C HIS A 5 20.95 -7.56 -1.49
N GLU A 6 20.37 -8.56 -0.83
CA GLU A 6 19.03 -8.46 -0.27
C GLU A 6 18.84 -7.19 0.55
N GLN A 7 19.73 -6.97 1.51
CA GLN A 7 19.59 -5.81 2.39
C GLN A 7 19.89 -4.52 1.66
N LEU A 8 20.93 -4.53 0.82
CA LEU A 8 21.29 -3.35 0.04
C LEU A 8 20.16 -2.95 -0.91
N VAL A 9 19.73 -3.88 -1.74
CA VAL A 9 18.66 -3.62 -2.68
C VAL A 9 17.37 -3.27 -1.94
N GLU A 10 17.27 -3.75 -0.71
CA GLU A 10 16.11 -3.50 0.10
C GLU A 10 16.07 -2.06 0.54
N GLU A 11 17.20 -1.54 1.02
CA GLU A 11 17.25 -0.15 1.46
C GLU A 11 17.02 0.77 0.28
N LEU A 12 17.45 0.34 -0.90
CA LEU A 12 17.20 1.08 -2.13
C LEU A 12 15.68 1.22 -2.34
N GLU A 13 14.99 0.08 -2.41
CA GLU A 13 13.54 0.05 -2.56
C GLU A 13 12.82 0.74 -1.40
N ALA A 14 13.40 0.64 -0.21
CA ALA A 14 12.80 1.24 0.96
C ALA A 14 12.86 2.75 0.89
N VAL A 15 14.04 3.29 0.63
CA VAL A 15 14.21 4.73 0.51
C VAL A 15 13.35 5.26 -0.64
N GLU A 16 13.14 4.39 -1.63
CA GLU A 16 12.27 4.64 -2.75
C GLU A 16 10.83 4.78 -2.24
N ALA A 17 10.37 3.72 -1.58
CA ALA A 17 9.04 3.67 -0.95
C ALA A 17 8.75 4.89 -0.08
N ILE A 18 9.74 5.29 0.69
CA ILE A 18 9.60 6.41 1.60
C ILE A 18 9.70 7.74 0.84
N TYR A 19 10.68 7.84 -0.05
CA TYR A 19 10.92 9.06 -0.80
C TYR A 19 10.88 8.77 -2.31
N PRO A 20 9.66 8.80 -2.90
CA PRO A 20 9.44 8.41 -4.31
C PRO A 20 10.17 9.27 -5.34
N ASP A 21 9.91 10.56 -5.37
CA ASP A 21 10.47 11.43 -6.42
C ASP A 21 11.68 12.18 -5.90
N LEU A 22 11.87 12.12 -4.60
CA LEU A 22 12.91 12.86 -3.92
C LEU A 22 14.30 12.28 -4.20
N LEU A 23 14.39 10.96 -4.22
CA LEU A 23 15.66 10.30 -4.45
C LEU A 23 15.90 10.08 -5.93
N SER A 24 17.15 10.12 -6.35
CA SER A 24 17.51 9.93 -7.73
C SER A 24 18.75 9.04 -7.84
N LYS A 25 18.70 7.98 -8.64
CA LYS A 25 19.83 7.07 -8.77
C LYS A 25 20.75 7.48 -9.92
N LYS A 26 22.00 7.80 -9.60
CA LYS A 26 22.99 8.14 -10.62
C LYS A 26 23.40 6.92 -11.40
N GLN A 27 23.66 5.85 -10.68
CA GLN A 27 24.10 4.62 -11.30
C GLN A 27 22.92 3.80 -11.75
N GLU A 28 23.11 3.07 -12.83
CA GLU A 28 22.07 2.25 -13.42
C GLU A 28 21.63 1.13 -12.50
N ASP A 29 22.53 0.70 -11.64
CA ASP A 29 22.21 -0.38 -10.72
C ASP A 29 21.57 0.18 -9.47
N GLY A 30 22.32 0.98 -8.71
CA GLY A 30 21.81 1.59 -7.53
C GLY A 30 22.92 1.84 -6.53
N SER A 31 24.16 1.56 -6.96
CA SER A 31 25.32 1.70 -6.10
C SER A 31 25.80 3.16 -6.00
N ILE A 32 25.15 4.07 -6.71
CA ILE A 32 25.48 5.50 -6.62
C ILE A 32 24.22 6.30 -6.82
N ILE A 33 23.98 7.25 -5.94
CA ILE A 33 22.72 7.97 -5.96
C ILE A 33 22.91 9.44 -5.59
N VAL A 34 21.85 10.19 -5.80
CA VAL A 34 21.75 11.56 -5.39
C VAL A 34 20.42 11.73 -4.69
N VAL A 35 20.48 11.91 -3.41
CA VAL A 35 19.28 12.06 -2.63
C VAL A 35 19.11 13.51 -2.25
N LYS A 36 17.90 13.95 -2.09
CA LYS A 36 17.66 15.33 -1.74
C LYS A 36 17.01 15.42 -0.38
N VAL A 37 17.33 16.46 0.36
CA VAL A 37 16.75 16.66 1.69
C VAL A 37 15.26 17.04 1.57
N PRO A 38 14.35 16.19 2.08
CA PRO A 38 12.90 16.39 1.93
C PRO A 38 12.33 17.50 2.81
N GLN A 39 13.13 17.94 3.77
CA GLN A 39 12.69 18.96 4.70
C GLN A 39 12.50 20.30 4.01
N HIS A 40 13.39 20.60 3.07
CA HIS A 40 13.33 21.88 2.36
C HIS A 40 13.56 21.71 0.87
N GLU A 41 14.34 20.70 0.51
CA GLU A 41 14.58 20.36 -0.90
C GLU A 41 15.34 21.46 -1.63
N TYR A 42 16.59 21.57 -1.29
CA TYR A 42 17.49 22.57 -1.85
C TYR A 42 18.90 22.02 -1.91
N MET A 43 19.24 21.22 -0.91
CA MET A 43 20.52 20.58 -0.87
C MET A 43 20.39 19.14 -1.27
N THR A 44 20.96 18.82 -2.39
CA THR A 44 20.96 17.48 -2.90
C THR A 44 22.33 16.86 -2.63
N LEU A 45 22.33 15.63 -2.19
CA LEU A 45 23.57 14.98 -1.80
C LEU A 45 23.98 13.89 -2.81
N GLN A 46 25.23 13.96 -3.26
CA GLN A 46 25.82 12.97 -4.15
C GLN A 46 26.54 11.92 -3.32
N ILE A 47 26.00 10.71 -3.31
CA ILE A 47 26.51 9.64 -2.47
C ILE A 47 26.75 8.39 -3.31
N SER A 48 27.75 7.65 -2.94
CA SER A 48 28.13 6.45 -3.63
C SER A 48 28.10 5.29 -2.65
N PHE A 49 28.14 4.10 -3.18
CA PHE A 49 28.15 2.90 -2.40
C PHE A 49 29.38 2.09 -2.74
N PRO A 50 30.33 1.99 -1.80
CA PRO A 50 31.60 1.29 -1.99
C PRO A 50 31.43 -0.20 -1.88
N THR A 51 32.45 -0.94 -2.31
CA THR A 51 32.48 -2.38 -2.17
C THR A 51 32.15 -2.78 -0.72
N HIS A 52 32.44 -1.88 0.21
CA HIS A 52 32.12 -2.09 1.60
C HIS A 52 30.78 -1.41 1.95
N TYR A 53 29.79 -1.63 1.07
CA TYR A 53 28.37 -1.16 1.24
C TYR A 53 27.87 -1.32 2.69
N PRO A 54 26.65 -0.78 3.03
CA PRO A 54 26.05 -0.95 4.39
C PRO A 54 25.97 -2.42 4.79
N SER A 55 26.07 -3.27 3.79
CA SER A 55 26.12 -4.70 3.93
C SER A 55 27.42 -5.14 4.63
N GLU A 56 28.40 -4.22 4.73
CA GLU A 56 29.69 -4.56 5.26
C GLU A 56 30.22 -3.39 6.11
N GLU A 57 30.13 -2.16 5.58
CA GLU A 57 30.56 -0.97 6.32
C GLU A 57 29.54 0.18 6.20
N ALA A 58 29.72 1.05 5.19
CA ALA A 58 28.88 2.24 5.04
C ALA A 58 29.10 2.90 3.66
N PRO A 59 28.17 3.80 3.20
CA PRO A 59 28.27 4.48 1.88
C PRO A 59 29.38 5.55 1.79
N ASN A 60 29.42 6.26 0.65
CA ASN A 60 30.44 7.28 0.39
C ASN A 60 29.85 8.58 -0.15
N VAL A 61 29.86 9.63 0.65
CA VAL A 61 29.41 10.92 0.16
C VAL A 61 30.50 11.55 -0.68
N ILE A 62 30.23 11.69 -1.96
CA ILE A 62 31.22 12.22 -2.87
C ILE A 62 31.10 13.73 -3.01
N GLU A 63 29.88 14.25 -2.87
CA GLU A 63 29.62 15.70 -3.07
C GLU A 63 28.26 16.08 -2.54
N VAL A 64 28.04 17.37 -2.34
CA VAL A 64 26.74 17.89 -2.00
C VAL A 64 26.52 19.18 -2.77
N GLY A 65 25.29 19.52 -3.02
CA GLY A 65 25.00 20.73 -3.76
C GLY A 65 23.79 21.40 -3.22
N VAL A 66 23.74 22.70 -3.32
CA VAL A 66 22.62 23.43 -2.80
C VAL A 66 22.47 24.76 -3.49
N CYS A 67 21.24 25.10 -3.76
CA CYS A 67 20.91 26.37 -4.33
C CYS A 67 20.98 27.41 -3.22
N THR A 68 21.81 28.41 -3.39
CA THR A 68 22.07 29.36 -2.35
C THR A 68 21.11 30.53 -2.40
N SER A 69 20.04 30.43 -1.64
CA SER A 69 19.09 31.50 -1.52
C SER A 69 19.75 32.66 -0.79
N LEU A 70 19.67 33.85 -1.38
CA LEU A 70 20.35 35.05 -0.88
C LEU A 70 19.96 35.40 0.55
N ALA A 71 18.77 35.01 0.96
CA ALA A 71 18.29 35.38 2.29
C ALA A 71 19.02 34.64 3.41
N LYS A 72 19.11 33.31 3.33
CA LYS A 72 19.77 32.56 4.40
C LYS A 72 20.77 31.52 3.89
N ARG A 73 20.36 30.74 2.90
CA ARG A 73 21.18 29.65 2.34
C ARG A 73 22.50 30.11 1.72
N ASP A 74 22.68 31.42 1.63
CA ASP A 74 23.91 32.02 1.09
C ASP A 74 25.17 31.60 1.86
N LEU A 75 24.97 31.19 3.10
CA LEU A 75 26.09 30.84 3.99
C LEU A 75 26.43 29.36 3.89
N TYR A 76 26.00 28.74 2.82
CA TYR A 76 26.23 27.32 2.60
C TYR A 76 27.30 27.09 1.54
N ASP A 77 28.40 26.47 1.93
CA ASP A 77 29.40 26.08 0.97
C ASP A 77 29.31 24.57 0.77
N THR A 78 29.40 24.13 -0.47
CA THR A 78 29.24 22.73 -0.79
C THR A 78 30.22 21.81 -0.06
N LYS A 79 31.49 22.16 -0.05
CA LYS A 79 32.49 21.30 0.59
C LYS A 79 32.37 21.38 2.07
N TYR A 80 31.89 22.51 2.52
CA TYR A 80 31.69 22.75 3.94
C TYR A 80 30.70 21.73 4.50
N LEU A 81 29.49 21.73 3.97
CA LEU A 81 28.47 20.80 4.41
C LEU A 81 28.93 19.38 4.12
N GLN A 82 29.69 19.23 3.04
CA GLN A 82 30.24 17.97 2.65
C GLN A 82 31.16 17.41 3.72
N HIS A 83 31.88 18.30 4.39
CA HIS A 83 32.84 17.92 5.41
C HIS A 83 32.11 17.27 6.56
N LEU A 84 31.15 17.99 7.12
CA LEU A 84 30.40 17.46 8.26
C LEU A 84 29.55 16.27 7.85
N PHE A 85 29.01 16.35 6.64
CA PHE A 85 28.23 15.25 6.07
C PHE A 85 29.01 13.94 6.18
N GLN A 86 30.25 13.95 5.70
CA GLN A 86 31.11 12.78 5.78
C GLN A 86 31.38 12.39 7.23
N GLU A 87 31.67 13.39 8.06
CA GLU A 87 31.99 13.17 9.47
C GLU A 87 30.89 12.41 10.20
N VAL A 88 29.63 12.79 9.96
CA VAL A 88 28.52 12.14 10.65
C VAL A 88 28.10 10.84 9.96
N MET A 89 28.23 10.78 8.62
CA MET A 89 27.83 9.59 7.88
C MET A 89 28.68 8.39 8.26
N ASP A 90 30.00 8.56 8.19
CA ASP A 90 30.95 7.52 8.55
C ASP A 90 30.67 7.00 9.97
N SER A 91 30.16 7.87 10.81
CA SER A 91 29.88 7.53 12.18
C SER A 91 28.68 6.56 12.29
N VAL A 92 27.87 6.45 11.22
CA VAL A 92 26.71 5.56 11.29
C VAL A 92 27.10 4.10 11.06
N PHE A 93 28.40 3.86 10.80
CA PHE A 93 28.90 2.48 10.73
C PHE A 93 28.53 1.72 12.03
N HIS A 94 28.56 2.41 13.16
CA HIS A 94 28.16 1.80 14.44
C HIS A 94 26.70 2.16 14.72
N ARG A 95 25.81 1.47 14.04
CA ARG A 95 24.37 1.71 14.07
C ARG A 95 23.55 0.46 14.14
N GLY A 96 22.26 0.65 13.97
CA GLY A 96 21.30 -0.36 14.19
C GLY A 96 20.52 -0.62 12.92
N SER A 97 21.14 -0.27 11.80
CA SER A 97 20.52 -0.40 10.49
C SER A 97 21.62 -0.38 9.42
N VAL A 98 21.22 -0.20 8.16
CA VAL A 98 22.16 -0.18 7.05
C VAL A 98 22.98 1.10 7.00
N CYS A 99 22.32 2.27 7.23
CA CYS A 99 23.00 3.59 7.12
C CYS A 99 22.03 4.76 6.91
N LEU A 100 21.03 4.56 6.08
CA LEU A 100 20.22 5.69 5.59
C LEU A 100 19.31 6.30 6.64
N PHE A 101 18.65 5.47 7.41
CA PHE A 101 17.67 5.94 8.36
C PHE A 101 18.32 6.67 9.53
N ASP A 102 19.34 6.07 10.12
CA ASP A 102 19.99 6.66 11.29
C ASP A 102 20.86 7.85 10.89
N PHE A 103 21.19 7.90 9.63
CA PHE A 103 21.98 8.98 9.09
C PHE A 103 21.15 10.25 8.90
N LEU A 104 19.88 10.08 8.55
CA LEU A 104 19.02 11.22 8.29
C LEU A 104 18.52 11.82 9.57
N THR A 105 18.53 11.04 10.62
CA THR A 105 18.13 11.50 11.92
C THR A 105 19.19 12.44 12.48
N GLU A 106 20.44 12.00 12.48
CA GLU A 106 21.56 12.87 12.86
C GLU A 106 21.51 14.16 12.06
N LEU A 107 21.29 14.02 10.75
CA LEU A 107 21.18 15.17 9.85
C LEU A 107 20.00 16.04 10.21
N ASP A 108 18.93 15.39 10.66
CA ASP A 108 17.71 16.08 11.02
C ASP A 108 17.98 17.12 12.08
N GLY A 109 18.64 16.70 13.15
CA GLY A 109 18.94 17.62 14.22
C GLY A 109 20.04 18.62 13.89
N VAL A 110 21.13 18.13 13.31
CA VAL A 110 22.27 19.01 12.99
C VAL A 110 21.97 20.02 11.87
N LEU A 111 21.15 19.65 10.89
CA LEU A 111 20.83 20.55 9.79
C LEU A 111 19.67 21.50 10.09
N TYR A 112 18.72 21.05 10.92
CA TYR A 112 17.55 21.87 11.22
C TYR A 112 16.86 21.45 12.50
N VAL A 113 15.76 22.13 12.82
CA VAL A 113 14.95 21.80 14.00
C VAL A 113 13.48 22.01 13.68
N GLU A 114 12.70 20.94 13.77
CA GLU A 114 11.27 21.04 13.50
C GLU A 114 10.49 20.71 14.76
N PRO A 115 9.84 21.71 15.36
CA PRO A 115 9.05 21.53 16.59
C PRO A 115 7.72 20.81 16.34
N GLU A 116 7.14 21.00 15.17
CA GLU A 116 5.85 20.39 14.87
C GLU A 116 5.74 20.04 13.40
N GLU A 117 5.48 18.78 13.14
CA GLU A 117 5.33 18.29 11.80
C GLU A 117 4.54 17.00 11.79
N GLU A 118 3.24 17.10 11.56
CA GLU A 118 2.38 15.94 11.55
C GLU A 118 1.52 15.93 10.30
N THR A 119 1.00 14.78 9.95
CA THR A 119 0.15 14.63 8.81
C THR A 119 -1.24 14.14 9.22
N GLU A 120 -2.19 14.19 8.31
CA GLU A 120 -3.53 13.75 8.59
C GLU A 120 -3.86 12.53 7.72
N PRO A 121 -3.82 11.34 8.32
CA PRO A 121 -4.15 10.09 7.62
C PRO A 121 -5.64 9.92 7.37
N VAL A 122 -6.00 8.85 6.69
CA VAL A 122 -7.37 8.57 6.37
C VAL A 122 -8.00 7.64 7.40
N GLN A 123 -9.28 7.81 7.64
CA GLN A 123 -10.00 7.01 8.61
C GLN A 123 -10.25 5.61 8.07
N GLN A 124 -10.78 5.53 6.86
CA GLN A 124 -11.10 4.25 6.24
C GLN A 124 -10.03 3.87 5.21
N SER A 125 -10.07 2.62 4.76
CA SER A 125 -9.12 2.14 3.78
C SER A 125 -9.86 1.59 2.56
N ASP A 126 -9.46 2.02 1.38
CA ASP A 126 -10.09 1.59 0.13
C ASP A 126 -9.11 0.77 -0.70
N ILE A 127 -8.25 0.05 -0.03
CA ILE A 127 -7.19 -0.74 -0.68
C ILE A 127 -6.84 -1.96 0.22
N PRO A 128 -7.36 -3.17 -0.09
CA PRO A 128 -7.09 -4.34 0.72
C PRO A 128 -5.73 -4.94 0.43
N THR A 129 -4.92 -5.05 1.46
CA THR A 129 -3.58 -5.60 1.35
C THR A 129 -3.28 -6.52 2.54
N ASP A 130 -4.31 -6.79 3.30
CA ASP A 130 -4.21 -7.63 4.49
C ASP A 130 -4.94 -8.95 4.27
N PRO A 131 -4.46 -10.04 4.89
CA PRO A 131 -5.03 -11.38 4.72
C PRO A 131 -6.28 -11.63 5.56
N PHE A 132 -6.92 -12.71 5.23
CA PHE A 132 -8.16 -13.12 5.85
C PHE A 132 -8.14 -14.60 6.18
N GLU A 133 -9.05 -15.04 7.03
CA GLU A 133 -9.14 -16.44 7.40
C GLU A 133 -9.82 -17.22 6.28
N GLY A 134 -9.23 -18.35 5.90
CA GLY A 134 -9.78 -19.14 4.78
C GLY A 134 -9.91 -18.33 3.50
N TRP A 135 -9.34 -17.16 3.53
CA TRP A 135 -9.49 -16.19 2.48
C TRP A 135 -8.15 -15.59 2.12
N THR A 136 -8.00 -15.21 0.90
CA THR A 136 -6.82 -14.56 0.45
C THR A 136 -7.21 -13.36 -0.40
N ALA A 137 -7.09 -12.18 0.16
CA ALA A 137 -7.52 -11.00 -0.53
C ALA A 137 -6.42 -10.01 -0.53
N SER A 138 -6.16 -9.49 -1.67
CA SER A 138 -5.09 -8.53 -1.87
C SER A 138 -5.12 -8.03 -3.29
N ASP A 139 -6.32 -7.94 -3.85
CA ASP A 139 -6.46 -7.49 -5.22
C ASP A 139 -7.16 -6.14 -5.29
N PRO A 140 -6.42 -5.04 -5.09
CA PRO A 140 -6.90 -3.71 -5.30
C PRO A 140 -6.57 -3.22 -6.70
N ILE A 141 -7.47 -2.47 -7.26
CA ILE A 141 -7.28 -1.86 -8.58
C ILE A 141 -7.99 -0.52 -8.61
N THR A 142 -7.47 0.38 -9.38
CA THR A 142 -8.02 1.70 -9.49
C THR A 142 -8.93 1.83 -10.73
N ASP A 143 -10.00 2.57 -10.56
CA ASP A 143 -10.96 2.85 -11.61
C ASP A 143 -11.22 4.34 -11.60
N ARG A 144 -11.93 4.85 -12.58
CA ARG A 144 -12.24 6.24 -12.60
C ARG A 144 -13.05 6.59 -11.35
N GLY A 145 -12.39 7.27 -10.44
CA GLY A 145 -12.99 7.67 -9.19
C GLY A 145 -13.14 6.54 -8.20
N SER A 146 -13.47 5.37 -8.70
CA SER A 146 -13.72 4.21 -7.87
C SER A 146 -12.47 3.35 -7.69
N THR A 147 -12.55 2.47 -6.72
CA THR A 147 -11.51 1.52 -6.45
C THR A 147 -12.13 0.13 -6.55
N PHE A 148 -11.51 -0.76 -7.29
CA PHE A 148 -12.01 -2.10 -7.39
C PHE A 148 -11.15 -3.05 -6.62
N MET A 149 -11.76 -3.81 -5.75
CA MET A 149 -11.02 -4.78 -4.97
C MET A 149 -11.63 -6.13 -5.08
N ALA A 150 -10.79 -7.13 -5.11
CA ALA A 150 -11.23 -8.49 -5.22
C ALA A 150 -10.62 -9.32 -4.11
N PHE A 151 -11.43 -10.19 -3.58
CA PHE A 151 -10.98 -11.09 -2.55
C PHE A 151 -11.16 -12.50 -3.07
N ALA A 152 -10.10 -13.29 -3.10
CA ALA A 152 -10.23 -14.66 -3.56
C ALA A 152 -10.12 -15.66 -2.42
N ALA A 153 -10.66 -16.84 -2.62
CA ALA A 153 -10.56 -17.89 -1.63
C ALA A 153 -10.81 -19.26 -2.23
N HIS A 154 -9.83 -20.13 -2.11
CA HIS A 154 -9.93 -21.51 -2.57
C HIS A 154 -10.75 -22.30 -1.60
N VAL A 155 -11.62 -23.18 -2.07
CA VAL A 155 -12.54 -23.85 -1.19
C VAL A 155 -12.78 -25.30 -1.59
N THR A 156 -13.37 -26.03 -0.68
CA THR A 156 -13.78 -27.41 -0.86
C THR A 156 -15.20 -27.45 -1.38
N SER A 157 -16.03 -28.32 -0.81
CA SER A 157 -17.39 -28.47 -1.24
C SER A 157 -18.17 -27.19 -0.95
N GLU A 158 -19.47 -27.23 -1.12
CA GLU A 158 -20.24 -26.00 -1.12
C GLU A 158 -20.49 -25.48 0.28
N GLU A 159 -20.39 -26.35 1.28
CA GLU A 159 -20.63 -25.93 2.66
C GLU A 159 -19.69 -24.81 3.05
N GLN A 160 -18.39 -25.08 3.02
CA GLN A 160 -17.36 -24.07 3.29
C GLN A 160 -17.64 -22.77 2.54
N ALA A 161 -17.70 -22.86 1.22
CA ALA A 161 -17.92 -21.70 0.37
C ALA A 161 -19.19 -20.96 0.74
N PHE A 162 -20.22 -21.72 1.03
CA PHE A 162 -21.53 -21.17 1.38
C PHE A 162 -21.42 -20.27 2.59
N ALA A 163 -20.87 -20.82 3.65
CA ALA A 163 -20.76 -20.10 4.91
C ALA A 163 -19.81 -18.93 4.81
N MET A 164 -18.56 -19.20 4.45
CA MET A 164 -17.53 -18.15 4.34
C MET A 164 -18.00 -16.97 3.47
N LEU A 165 -18.66 -17.28 2.36
CA LEU A 165 -19.14 -16.25 1.46
C LEU A 165 -20.39 -15.59 2.03
N ASP A 166 -21.22 -16.37 2.71
CA ASP A 166 -22.44 -15.86 3.32
C ASP A 166 -22.13 -14.78 4.27
N LEU A 167 -21.31 -15.13 5.22
CA LEU A 167 -20.95 -14.28 6.28
C LEU A 167 -20.15 -13.07 5.79
N LEU A 168 -19.25 -13.31 4.83
CA LEU A 168 -18.50 -12.21 4.24
C LEU A 168 -19.41 -11.21 3.54
N LYS A 169 -20.39 -11.70 2.76
CA LYS A 169 -21.27 -10.80 2.04
C LYS A 169 -22.21 -10.06 2.98
N THR A 170 -22.66 -10.73 4.04
CA THR A 170 -23.58 -10.08 4.98
C THR A 170 -22.82 -9.21 5.98
N ASP A 171 -21.50 -9.26 5.92
CA ASP A 171 -20.67 -8.50 6.83
C ASP A 171 -20.69 -7.05 6.45
N SER A 172 -20.76 -6.20 7.43
CA SER A 172 -20.85 -4.80 7.21
C SER A 172 -19.59 -4.22 6.59
N LYS A 173 -18.43 -4.86 6.85
CA LYS A 173 -17.16 -4.35 6.32
C LYS A 173 -17.20 -4.31 4.78
N MET A 174 -17.86 -5.29 4.19
CA MET A 174 -17.99 -5.36 2.76
C MET A 174 -19.18 -4.51 2.29
N ARG A 175 -20.17 -4.35 3.16
CA ARG A 175 -21.36 -3.53 2.87
C ARG A 175 -21.01 -2.05 2.76
N LYS A 176 -19.79 -1.70 3.15
CA LYS A 176 -19.36 -0.29 3.14
C LYS A 176 -19.01 0.18 1.76
N ALA A 177 -18.94 -0.73 0.84
CA ALA A 177 -18.66 -0.36 -0.52
C ALA A 177 -19.91 0.26 -1.13
N ASN A 178 -19.80 0.77 -2.35
CA ASN A 178 -20.98 1.29 -3.04
C ASN A 178 -21.86 0.11 -3.44
N HIS A 179 -21.23 -0.87 -4.09
CA HIS A 179 -21.89 -2.12 -4.47
C HIS A 179 -20.87 -3.23 -4.48
N VAL A 180 -21.29 -4.45 -4.16
CA VAL A 180 -20.39 -5.59 -4.14
C VAL A 180 -20.91 -6.71 -5.01
N MET A 181 -19.99 -7.47 -5.57
CA MET A 181 -20.32 -8.57 -6.46
C MET A 181 -19.53 -9.82 -6.09
N SER A 182 -20.10 -10.98 -6.29
CA SER A 182 -19.44 -12.23 -5.95
C SER A 182 -19.67 -13.29 -7.02
N ALA A 183 -18.70 -14.20 -7.14
CA ALA A 183 -18.80 -15.32 -8.08
C ALA A 183 -18.50 -16.61 -7.34
N TRP A 184 -19.26 -17.66 -7.62
CA TRP A 184 -19.09 -18.92 -6.89
C TRP A 184 -19.39 -20.16 -7.75
N ARG A 185 -18.53 -21.17 -7.64
CA ARG A 185 -18.71 -22.46 -8.30
C ARG A 185 -17.80 -23.52 -7.68
N ILE A 186 -18.35 -24.71 -7.47
CA ILE A 186 -17.59 -25.83 -6.92
C ILE A 186 -17.21 -26.79 -8.05
N LYS A 187 -16.08 -27.44 -7.90
CA LYS A 187 -15.58 -28.35 -8.90
C LYS A 187 -15.01 -29.60 -8.24
N GLN A 188 -15.41 -30.74 -8.69
CA GLN A 188 -14.82 -31.96 -8.22
C GLN A 188 -13.49 -32.16 -8.88
N ASP A 189 -12.44 -31.86 -8.16
CA ASP A 189 -11.09 -31.96 -8.69
C ASP A 189 -10.76 -33.39 -9.13
N GLY A 190 -11.27 -34.37 -8.39
CA GLY A 190 -11.01 -35.75 -8.73
C GLY A 190 -12.27 -36.50 -9.09
N SER A 191 -13.29 -35.77 -9.54
CA SER A 191 -14.57 -36.37 -9.94
C SER A 191 -15.25 -35.48 -10.99
N ALA A 192 -16.57 -35.58 -11.12
CA ALA A 192 -17.29 -34.82 -12.14
C ALA A 192 -18.33 -33.83 -11.58
N ALA A 193 -18.70 -34.02 -10.33
CA ALA A 193 -19.72 -33.18 -9.70
C ALA A 193 -19.29 -31.71 -9.60
N THR A 194 -20.27 -30.84 -9.71
CA THR A 194 -20.07 -29.41 -9.62
C THR A 194 -21.28 -28.79 -8.93
N TYR A 195 -21.07 -27.70 -8.21
CA TYR A 195 -22.16 -27.09 -7.45
C TYR A 195 -22.19 -25.58 -7.63
N GLN A 196 -23.39 -25.02 -7.79
CA GLN A 196 -23.59 -23.59 -7.95
C GLN A 196 -24.99 -23.17 -7.52
N ASP A 197 -25.20 -21.87 -7.48
CA ASP A 197 -26.48 -21.29 -7.17
C ASP A 197 -26.47 -19.86 -7.67
N SER A 198 -27.62 -19.31 -7.97
CA SER A 198 -27.70 -17.97 -8.51
C SER A 198 -27.17 -16.91 -7.54
N ASP A 199 -26.37 -16.02 -8.07
CA ASP A 199 -25.74 -14.94 -7.33
C ASP A 199 -26.31 -13.60 -7.74
N ASP A 200 -26.42 -12.68 -6.79
CA ASP A 200 -26.97 -11.35 -7.08
C ASP A 200 -26.39 -10.33 -6.11
N ASP A 201 -26.87 -10.40 -4.85
CA ASP A 201 -26.50 -9.49 -3.74
C ASP A 201 -26.60 -8.00 -4.07
N GLY A 202 -25.62 -7.50 -4.79
CA GLY A 202 -25.57 -6.10 -5.10
C GLY A 202 -25.93 -5.84 -6.54
N GLU A 203 -25.02 -6.23 -7.42
CA GLU A 203 -25.23 -6.07 -8.84
C GLU A 203 -25.38 -7.44 -9.52
N THR A 204 -26.62 -7.79 -9.83
CA THR A 204 -26.94 -9.08 -10.45
C THR A 204 -26.18 -9.28 -11.78
N ALA A 205 -25.96 -8.19 -12.51
CA ALA A 205 -25.25 -8.27 -13.78
C ALA A 205 -23.76 -8.45 -13.55
N ALA A 206 -23.30 -8.07 -12.37
CA ALA A 206 -21.91 -8.19 -12.03
C ALA A 206 -21.55 -9.63 -11.69
N GLY A 207 -22.48 -10.35 -11.07
CA GLY A 207 -22.22 -11.74 -10.77
C GLY A 207 -21.93 -12.56 -12.03
N SER A 208 -22.85 -12.48 -12.99
CA SER A 208 -22.70 -13.20 -14.26
C SER A 208 -21.42 -12.76 -14.98
N ARG A 209 -21.13 -11.46 -14.89
CA ARG A 209 -19.91 -10.89 -15.46
C ARG A 209 -18.69 -11.66 -15.00
N MET A 210 -18.54 -11.79 -13.69
CA MET A 210 -17.38 -12.48 -13.13
C MET A 210 -17.49 -13.97 -13.31
N LEU A 211 -18.70 -14.47 -13.42
CA LEU A 211 -18.93 -15.87 -13.65
C LEU A 211 -18.27 -16.32 -14.97
N HIS A 212 -18.65 -15.67 -16.05
CA HIS A 212 -18.04 -15.99 -17.35
C HIS A 212 -16.57 -15.60 -17.35
N LEU A 213 -16.25 -14.60 -16.53
CA LEU A 213 -14.90 -14.13 -16.38
C LEU A 213 -14.00 -15.23 -15.77
N ILE A 214 -14.49 -15.89 -14.73
CA ILE A 214 -13.72 -16.95 -14.10
C ILE A 214 -13.70 -18.19 -14.98
N THR A 215 -14.72 -18.34 -15.81
CA THR A 215 -14.77 -19.45 -16.75
C THR A 215 -13.59 -19.35 -17.74
N ILE A 216 -13.47 -18.19 -18.39
CA ILE A 216 -12.40 -17.96 -19.35
C ILE A 216 -11.04 -17.84 -18.67
N MET A 217 -11.04 -17.48 -17.38
CA MET A 217 -9.80 -17.37 -16.60
C MET A 217 -9.21 -18.74 -16.27
N ASP A 218 -9.88 -19.83 -16.69
CA ASP A 218 -9.40 -21.20 -16.41
C ASP A 218 -9.23 -21.42 -14.93
N VAL A 219 -10.35 -21.51 -14.21
CA VAL A 219 -10.28 -21.60 -12.79
C VAL A 219 -11.59 -22.14 -12.17
N TRP A 220 -11.44 -22.90 -11.08
CA TRP A 220 -12.56 -23.48 -10.34
C TRP A 220 -12.18 -23.68 -8.90
N ASN A 221 -13.15 -24.13 -8.11
CA ASN A 221 -12.98 -24.45 -6.70
C ASN A 221 -12.44 -23.28 -5.90
N VAL A 222 -12.75 -22.10 -6.36
CA VAL A 222 -12.28 -20.90 -5.72
C VAL A 222 -13.33 -19.80 -5.92
N ILE A 223 -13.49 -18.95 -4.93
CA ILE A 223 -14.48 -17.89 -4.99
C ILE A 223 -13.79 -16.53 -5.09
N VAL A 224 -14.51 -15.54 -5.61
CA VAL A 224 -13.99 -14.20 -5.72
C VAL A 224 -15.08 -13.14 -5.49
N VAL A 225 -14.79 -12.26 -4.55
CA VAL A 225 -15.67 -11.14 -4.22
C VAL A 225 -15.03 -9.81 -4.65
N VAL A 226 -15.76 -9.03 -5.41
CA VAL A 226 -15.27 -7.74 -5.87
C VAL A 226 -16.14 -6.61 -5.31
N ALA A 227 -15.54 -5.46 -5.09
CA ALA A 227 -16.22 -4.33 -4.52
C ALA A 227 -15.69 -3.04 -5.12
N ARG A 228 -16.48 -1.97 -5.02
CA ARG A 228 -16.09 -0.67 -5.51
C ARG A 228 -16.09 0.37 -4.38
N TRP A 229 -14.92 0.99 -4.15
CA TRP A 229 -14.69 1.93 -3.03
C TRP A 229 -14.16 3.28 -3.47
N PHE A 230 -14.40 4.29 -2.60
CA PHE A 230 -13.84 5.63 -2.74
C PHE A 230 -14.54 6.45 -3.84
N GLY A 231 -14.23 7.74 -3.86
CA GLY A 231 -14.81 8.63 -4.84
C GLY A 231 -13.89 9.81 -5.13
N GLY A 232 -12.78 9.52 -5.79
CA GLY A 232 -11.82 10.55 -6.14
C GLY A 232 -11.64 10.64 -7.64
N ALA A 233 -10.50 11.11 -8.10
CA ALA A 233 -10.25 11.12 -9.53
C ALA A 233 -9.69 9.75 -9.99
N HIS A 234 -8.53 9.41 -9.47
CA HIS A 234 -7.91 8.11 -9.72
C HIS A 234 -7.39 7.52 -8.43
N ILE A 235 -7.76 8.16 -7.31
CA ILE A 235 -7.37 7.70 -5.94
C ILE A 235 -5.84 7.58 -5.83
N GLY A 236 -5.15 8.27 -6.73
CA GLY A 236 -3.73 8.19 -6.82
C GLY A 236 -3.33 7.19 -7.87
N PRO A 237 -2.95 7.65 -9.09
CA PRO A 237 -2.55 6.75 -10.20
C PRO A 237 -1.34 5.89 -9.82
N ASP A 238 -0.69 6.27 -8.74
CA ASP A 238 0.44 5.54 -8.20
C ASP A 238 -0.02 4.22 -7.56
N ARG A 239 -1.32 4.16 -7.18
CA ARG A 239 -1.84 2.97 -6.54
C ARG A 239 -2.03 1.86 -7.53
N PHE A 240 -2.78 2.13 -8.60
CA PHE A 240 -3.16 1.13 -9.63
C PHE A 240 -2.02 0.18 -9.98
N LYS A 241 -0.95 0.73 -10.50
CA LYS A 241 0.20 -0.08 -10.96
C LYS A 241 0.81 -0.93 -9.83
N HIS A 242 0.76 -0.42 -8.62
CA HIS A 242 1.39 -1.11 -7.49
C HIS A 242 0.49 -2.18 -6.96
N ILE A 243 -0.74 -1.79 -6.76
CA ILE A 243 -1.74 -2.70 -6.27
C ILE A 243 -2.04 -3.76 -7.31
N ASN A 244 -1.82 -3.41 -8.59
CA ASN A 244 -1.99 -4.33 -9.68
C ASN A 244 -1.02 -5.47 -9.56
N SER A 245 0.23 -5.12 -9.29
CA SER A 245 1.27 -6.12 -9.16
C SER A 245 0.95 -7.08 -7.99
N THR A 246 0.55 -6.49 -6.87
CA THR A 246 0.21 -7.25 -5.68
C THR A 246 -1.03 -8.11 -5.96
N ALA A 247 -2.08 -7.44 -6.40
CA ALA A 247 -3.35 -8.05 -6.76
C ALA A 247 -3.17 -9.28 -7.62
N ARG A 248 -2.42 -9.12 -8.70
CA ARG A 248 -2.22 -10.18 -9.65
C ARG A 248 -1.66 -11.41 -8.97
N GLU A 249 -0.66 -11.22 -8.12
CA GLU A 249 -0.05 -12.34 -7.41
C GLU A 249 -1.03 -12.99 -6.43
N ALA A 250 -1.82 -12.19 -5.70
CA ALA A 250 -2.80 -12.75 -4.76
C ALA A 250 -3.81 -13.65 -5.49
N VAL A 251 -4.55 -13.06 -6.42
CA VAL A 251 -5.52 -13.78 -7.23
C VAL A 251 -4.97 -15.11 -7.77
N VAL A 252 -3.85 -15.07 -8.48
CA VAL A 252 -3.25 -16.27 -9.04
C VAL A 252 -2.82 -17.24 -7.93
N ARG A 253 -2.36 -16.67 -6.84
CA ARG A 253 -1.93 -17.42 -5.67
C ARG A 253 -3.08 -18.25 -5.10
N ALA A 254 -4.15 -17.56 -4.69
CA ALA A 254 -5.35 -18.21 -4.12
C ALA A 254 -6.08 -19.19 -5.04
N GLY A 255 -5.55 -19.46 -6.22
CA GLY A 255 -6.23 -20.41 -7.05
C GLY A 255 -6.97 -19.78 -8.19
N PHE A 256 -6.33 -18.89 -8.88
CA PHE A 256 -6.99 -18.21 -9.97
C PHE A 256 -6.02 -18.18 -11.08
N ASP A 257 -6.03 -19.25 -11.84
CA ASP A 257 -5.07 -19.47 -12.94
C ASP A 257 -3.68 -19.73 -12.36
N SER A 258 -3.45 -20.95 -11.96
CA SER A 258 -2.19 -21.34 -11.36
C SER A 258 -1.88 -22.80 -11.67
N MET A 1 33.31 -9.66 14.63
CA MET A 1 34.12 -10.37 13.63
C MET A 1 33.38 -11.56 13.05
N ASP A 2 32.06 -11.51 13.12
CA ASP A 2 31.23 -12.61 12.64
C ASP A 2 29.76 -12.23 12.64
N ASP A 3 29.18 -12.18 13.83
CA ASP A 3 27.74 -11.91 13.99
C ASP A 3 27.42 -10.41 13.99
N ASP A 4 28.35 -9.60 13.50
CA ASP A 4 28.17 -8.16 13.45
C ASP A 4 26.99 -7.80 12.58
N HIS A 5 26.82 -8.56 11.53
CA HIS A 5 25.73 -8.37 10.56
C HIS A 5 24.45 -8.94 11.09
N GLU A 6 24.56 -9.87 12.00
CA GLU A 6 23.39 -10.51 12.52
C GLU A 6 22.71 -9.62 13.53
N GLN A 7 23.49 -9.06 14.44
CA GLN A 7 22.95 -8.16 15.45
C GLN A 7 22.46 -6.88 14.78
N LEU A 8 23.24 -6.42 13.81
CA LEU A 8 22.91 -5.23 13.06
C LEU A 8 21.64 -5.45 12.25
N VAL A 9 21.60 -6.51 11.43
CA VAL A 9 20.42 -6.80 10.61
C VAL A 9 19.20 -7.01 11.51
N GLU A 10 19.46 -7.43 12.74
CA GLU A 10 18.40 -7.64 13.71
C GLU A 10 17.72 -6.33 14.03
N GLU A 11 18.50 -5.30 14.31
CA GLU A 11 17.93 -4.01 14.64
C GLU A 11 17.30 -3.38 13.41
N LEU A 12 17.81 -3.75 12.23
CA LEU A 12 17.27 -3.24 10.98
C LEU A 12 15.85 -3.76 10.79
N GLU A 13 15.69 -5.08 10.78
CA GLU A 13 14.36 -5.70 10.66
C GLU A 13 13.46 -5.33 11.85
N ALA A 14 14.08 -4.94 12.95
CA ALA A 14 13.32 -4.54 14.13
C ALA A 14 12.69 -3.20 13.86
N VAL A 15 13.53 -2.20 13.59
CA VAL A 15 13.05 -0.88 13.25
C VAL A 15 12.08 -0.92 12.07
N GLU A 16 12.29 -1.85 11.14
CA GLU A 16 11.47 -2.00 9.97
C GLU A 16 10.09 -2.52 10.36
N ALA A 17 10.07 -3.30 11.43
CA ALA A 17 8.84 -3.88 11.95
C ALA A 17 8.02 -2.79 12.62
N ILE A 18 8.70 -1.87 13.25
CA ILE A 18 8.07 -0.79 13.98
C ILE A 18 7.66 0.32 13.02
N TYR A 19 8.45 0.51 11.98
CA TYR A 19 8.21 1.53 10.97
C TYR A 19 8.69 1.00 9.64
N PRO A 20 7.82 0.88 8.63
CA PRO A 20 8.22 0.38 7.35
C PRO A 20 8.97 1.43 6.50
N ASP A 21 8.27 2.11 5.59
CA ASP A 21 8.86 3.13 4.69
C ASP A 21 9.55 4.28 5.42
N LEU A 22 9.44 4.33 6.73
CA LEU A 22 10.10 5.36 7.49
C LEU A 22 11.59 5.07 7.51
N LEU A 23 11.93 3.83 7.67
CA LEU A 23 13.29 3.42 7.71
C LEU A 23 13.62 2.77 6.39
N SER A 24 14.10 3.56 5.48
CA SER A 24 14.43 3.07 4.17
C SER A 24 15.87 2.60 4.13
N LYS A 25 16.11 1.53 3.41
CA LYS A 25 17.45 0.99 3.30
C LYS A 25 18.08 1.41 1.98
N LYS A 26 19.34 1.80 2.02
CA LYS A 26 20.04 2.22 0.82
C LYS A 26 20.90 1.09 0.30
N GLN A 27 21.40 0.28 1.20
CA GLN A 27 22.29 -0.79 0.83
C GLN A 27 21.62 -2.14 0.97
N GLU A 28 22.28 -3.19 0.48
CA GLU A 28 21.70 -4.53 0.49
C GLU A 28 21.93 -5.21 1.83
N ASP A 29 23.04 -4.86 2.49
CA ASP A 29 23.34 -5.42 3.81
C ASP A 29 22.58 -4.66 4.86
N GLY A 30 21.82 -3.68 4.42
CA GLY A 30 21.04 -2.88 5.31
C GLY A 30 21.82 -1.74 5.86
N SER A 31 23.13 -1.97 6.09
CA SER A 31 24.09 -0.98 6.60
C SER A 31 23.64 0.45 6.39
N ILE A 32 23.72 0.93 5.18
CA ILE A 32 23.37 2.33 4.96
C ILE A 32 21.87 2.50 4.72
N ILE A 33 21.30 3.54 5.34
CA ILE A 33 19.86 3.74 5.32
C ILE A 33 19.48 5.21 5.23
N VAL A 34 18.19 5.45 5.08
CA VAL A 34 17.61 6.77 5.03
C VAL A 34 16.30 6.75 5.83
N VAL A 35 16.32 7.40 6.98
CA VAL A 35 15.14 7.44 7.82
C VAL A 35 14.39 8.77 7.64
N LYS A 36 13.10 8.68 7.41
CA LYS A 36 12.24 9.84 7.22
C LYS A 36 11.33 10.06 8.41
N VAL A 37 11.40 11.25 9.01
CA VAL A 37 10.54 11.58 10.15
C VAL A 37 9.06 11.64 9.73
N PRO A 38 8.16 10.92 10.43
CA PRO A 38 6.75 10.80 10.06
C PRO A 38 5.84 11.88 10.64
N GLN A 39 6.33 12.63 11.63
CA GLN A 39 5.50 13.66 12.26
C GLN A 39 5.33 14.87 11.34
N HIS A 40 6.16 14.96 10.32
CA HIS A 40 6.10 16.09 9.39
C HIS A 40 6.49 15.68 7.98
N GLU A 41 7.39 14.70 7.88
CA GLU A 41 7.92 14.24 6.60
C GLU A 41 8.46 15.38 5.76
N TYR A 42 9.61 15.86 6.15
CA TYR A 42 10.26 16.94 5.47
C TYR A 42 11.74 16.72 5.49
N MET A 43 12.23 16.34 6.65
CA MET A 43 13.63 16.11 6.81
C MET A 43 13.91 14.64 6.89
N THR A 44 14.56 14.16 5.89
CA THR A 44 14.98 12.80 5.85
C THR A 44 16.43 12.72 6.26
N LEU A 45 16.82 11.62 6.87
CA LEU A 45 18.15 11.50 7.43
C LEU A 45 18.95 10.37 6.75
N GLN A 46 20.10 10.71 6.18
CA GLN A 46 21.00 9.75 5.54
C GLN A 46 22.03 9.26 6.56
N ILE A 47 21.89 7.98 6.97
CA ILE A 47 22.72 7.39 8.02
C ILE A 47 23.45 6.14 7.52
N SER A 48 24.75 6.10 7.72
CA SER A 48 25.58 4.95 7.40
C SER A 48 25.79 4.05 8.63
N PHE A 49 26.34 2.86 8.39
CA PHE A 49 26.59 1.86 9.42
C PHE A 49 27.95 1.19 9.20
N PRO A 50 28.98 1.85 9.70
CA PRO A 50 30.41 1.47 9.53
C PRO A 50 30.89 0.41 10.49
N THR A 51 32.13 -0.09 10.26
CA THR A 51 32.87 -0.96 11.22
C THR A 51 32.91 -0.33 12.66
N HIS A 52 32.29 0.81 12.75
CA HIS A 52 32.16 1.58 13.95
C HIS A 52 30.68 1.45 14.37
N TYR A 53 30.16 0.24 14.07
CA TYR A 53 28.74 -0.21 14.36
C TYR A 53 28.28 0.23 15.77
N PRO A 54 26.96 0.12 16.10
CA PRO A 54 26.41 0.51 17.41
C PRO A 54 27.20 -0.07 18.60
N SER A 55 27.58 -1.33 18.48
CA SER A 55 28.36 -2.00 19.51
C SER A 55 29.75 -1.38 19.63
N GLU A 56 30.20 -0.75 18.55
CA GLU A 56 31.50 -0.13 18.51
C GLU A 56 31.45 1.38 18.80
N GLU A 57 30.91 2.19 17.86
CA GLU A 57 30.95 3.65 18.04
C GLU A 57 29.68 4.35 17.53
N ALA A 58 28.60 3.58 17.37
CA ALA A 58 27.28 4.13 16.93
C ALA A 58 27.26 4.43 15.40
N PRO A 59 26.04 4.57 14.80
CA PRO A 59 25.86 4.82 13.34
C PRO A 59 26.55 6.12 12.87
N ASN A 60 26.49 6.38 11.56
CA ASN A 60 27.14 7.56 10.99
C ASN A 60 26.21 8.40 10.15
N VAL A 61 25.57 9.38 10.78
CA VAL A 61 24.77 10.34 10.02
C VAL A 61 25.66 11.07 9.03
N ILE A 62 25.42 10.85 7.77
CA ILE A 62 26.24 11.46 6.75
C ILE A 62 25.62 12.76 6.28
N GLU A 63 24.30 12.79 6.19
CA GLU A 63 23.63 13.99 5.68
C GLU A 63 22.15 13.99 6.03
N VAL A 64 21.58 15.17 6.16
CA VAL A 64 20.15 15.30 6.36
C VAL A 64 19.58 16.27 5.32
N GLY A 65 18.43 15.96 4.79
CA GLY A 65 17.83 16.80 3.77
C GLY A 65 16.43 17.20 4.11
N VAL A 66 15.94 18.26 3.51
CA VAL A 66 14.62 18.75 3.82
C VAL A 66 14.03 19.57 2.70
N CYS A 67 12.86 19.18 2.29
CA CYS A 67 12.10 19.92 1.31
C CYS A 67 11.17 20.88 2.02
N THR A 68 11.40 22.18 1.89
CA THR A 68 10.56 23.14 2.59
C THR A 68 10.83 24.58 2.15
N SER A 69 9.99 25.49 2.61
CA SER A 69 10.13 26.91 2.34
C SER A 69 11.33 27.47 3.11
N LEU A 70 11.83 28.61 2.66
CA LEU A 70 12.99 29.25 3.29
C LEU A 70 12.64 29.83 4.65
N ALA A 71 11.35 30.04 4.89
CA ALA A 71 10.88 30.55 6.18
C ALA A 71 11.11 29.52 7.28
N LYS A 72 10.77 28.28 6.99
CA LYS A 72 10.95 27.20 7.93
C LYS A 72 12.44 26.84 8.02
N ARG A 73 13.08 26.77 6.86
CA ARG A 73 14.51 26.48 6.77
C ARG A 73 15.35 27.61 7.45
N ASP A 74 14.69 28.70 7.79
CA ASP A 74 15.34 29.81 8.47
C ASP A 74 15.51 29.50 9.94
N LEU A 75 14.61 28.67 10.46
CA LEU A 75 14.61 28.29 11.85
C LEU A 75 15.61 27.17 12.04
N TYR A 76 15.46 26.12 11.25
CA TYR A 76 16.36 25.01 11.27
C TYR A 76 16.81 24.67 9.86
N ASP A 77 17.98 24.10 9.75
CA ASP A 77 18.59 23.84 8.47
C ASP A 77 19.26 22.48 8.46
N THR A 78 19.67 22.05 7.29
CA THR A 78 20.32 20.78 7.08
C THR A 78 21.54 20.60 8.00
N LYS A 79 22.50 21.51 7.92
CA LYS A 79 23.70 21.42 8.75
C LYS A 79 23.37 21.56 10.23
N TYR A 80 22.27 22.23 10.49
CA TYR A 80 21.82 22.48 11.84
C TYR A 80 21.38 21.17 12.48
N LEU A 81 20.40 20.53 11.87
CA LEU A 81 19.93 19.25 12.33
C LEU A 81 21.08 18.26 12.31
N GLN A 82 21.94 18.41 11.31
CA GLN A 82 23.14 17.61 11.17
C GLN A 82 24.00 17.69 12.42
N HIS A 83 24.06 18.87 13.06
CA HIS A 83 24.91 19.03 14.22
C HIS A 83 24.30 18.38 15.43
N LEU A 84 22.99 18.59 15.64
CA LEU A 84 22.35 17.97 16.78
C LEU A 84 22.31 16.45 16.63
N PHE A 85 21.98 15.99 15.43
CA PHE A 85 22.00 14.56 15.12
C PHE A 85 23.32 13.94 15.55
N GLN A 86 24.42 14.58 15.17
CA GLN A 86 25.75 14.09 15.50
C GLN A 86 26.00 14.10 17.02
N GLU A 87 25.62 15.18 17.68
CA GLU A 87 25.87 15.32 19.13
C GLU A 87 25.09 14.28 19.94
N VAL A 88 23.83 14.07 19.59
CA VAL A 88 22.99 13.13 20.32
C VAL A 88 23.40 11.68 20.07
N MET A 89 23.58 11.30 18.78
CA MET A 89 24.03 9.94 18.46
C MET A 89 25.36 9.61 19.15
N ASP A 90 26.21 10.62 19.28
CA ASP A 90 27.50 10.45 19.95
C ASP A 90 27.29 10.02 21.40
N SER A 91 26.18 10.44 21.97
CA SER A 91 25.88 10.13 23.35
C SER A 91 25.31 8.72 23.50
N VAL A 92 24.82 8.13 22.41
CA VAL A 92 24.23 6.79 22.51
C VAL A 92 25.31 5.70 22.40
N PHE A 93 26.57 6.15 22.23
CA PHE A 93 27.76 5.26 22.25
C PHE A 93 27.66 4.25 23.41
N HIS A 94 27.43 4.75 24.60
CA HIS A 94 27.21 3.90 25.77
C HIS A 94 25.73 3.90 26.08
N ARG A 95 25.06 2.89 25.63
CA ARG A 95 23.63 2.88 25.65
C ARG A 95 22.98 1.75 26.39
N GLY A 96 21.70 1.84 26.28
CA GLY A 96 20.78 0.95 26.86
C GLY A 96 20.27 -0.01 25.82
N SER A 97 20.49 0.37 24.57
CA SER A 97 20.04 -0.38 23.43
C SER A 97 21.07 -0.25 22.28
N VAL A 98 20.64 -0.51 21.04
CA VAL A 98 21.56 -0.46 19.88
C VAL A 98 21.89 0.96 19.48
N CYS A 99 20.86 1.80 19.32
CA CYS A 99 21.04 3.18 18.88
C CYS A 99 19.73 3.86 18.53
N LEU A 100 19.05 3.33 17.53
CA LEU A 100 17.81 3.90 16.98
C LEU A 100 16.79 4.34 18.04
N PHE A 101 16.34 3.41 18.85
CA PHE A 101 15.30 3.65 19.84
C PHE A 101 15.66 4.81 20.76
N ASP A 102 16.85 4.75 21.29
CA ASP A 102 17.31 5.72 22.25
C ASP A 102 17.72 7.01 21.56
N PHE A 103 18.19 6.90 20.34
CA PHE A 103 18.54 8.06 19.56
C PHE A 103 17.31 8.92 19.24
N LEU A 104 16.22 8.29 18.78
CA LEU A 104 15.00 9.02 18.43
C LEU A 104 14.39 9.58 19.67
N THR A 105 14.70 8.94 20.74
CA THR A 105 14.33 9.36 22.05
C THR A 105 14.93 10.76 22.32
N GLU A 106 16.23 10.90 22.08
CA GLU A 106 16.92 12.16 22.24
C GLU A 106 16.37 13.16 21.23
N LEU A 107 16.12 12.67 20.03
CA LEU A 107 15.62 13.49 18.95
C LEU A 107 14.28 14.08 19.27
N ASP A 108 13.36 13.26 19.73
CA ASP A 108 12.01 13.73 20.06
C ASP A 108 12.08 14.85 21.09
N GLY A 109 12.95 14.67 22.09
CA GLY A 109 13.11 15.70 23.11
C GLY A 109 13.78 16.96 22.59
N VAL A 110 14.82 16.81 21.77
CA VAL A 110 15.57 17.98 21.27
C VAL A 110 14.86 18.64 20.07
N LEU A 111 14.14 17.86 19.28
CA LEU A 111 13.45 18.38 18.11
C LEU A 111 12.14 19.07 18.49
N TYR A 112 11.50 18.60 19.57
CA TYR A 112 10.22 19.14 20.03
C TYR A 112 9.12 18.93 18.98
N VAL A 113 8.02 19.66 19.15
CA VAL A 113 6.91 19.58 18.23
C VAL A 113 6.41 20.97 17.87
N GLU A 114 6.41 21.29 16.60
CA GLU A 114 5.98 22.59 16.15
C GLU A 114 5.20 22.47 14.85
N PRO A 115 3.96 22.98 14.83
CA PRO A 115 3.08 22.88 13.66
C PRO A 115 3.42 23.86 12.54
N GLU A 116 4.68 24.24 12.44
CA GLU A 116 5.11 25.15 11.40
C GLU A 116 5.10 24.46 10.05
N GLU A 117 4.10 24.79 9.25
CA GLU A 117 3.93 24.27 7.91
C GLU A 117 3.85 22.77 7.96
N GLU A 118 2.67 22.30 8.22
CA GLU A 118 2.45 20.90 8.45
C GLU A 118 1.53 20.27 7.41
N THR A 119 1.64 18.96 7.26
CA THR A 119 0.89 18.22 6.27
C THR A 119 0.12 17.06 6.89
N GLU A 120 -0.50 16.26 6.04
CA GLU A 120 -1.26 15.11 6.47
C GLU A 120 -0.71 13.84 5.82
N PRO A 121 0.08 13.07 6.57
CA PRO A 121 0.63 11.80 6.10
C PRO A 121 -0.47 10.76 5.84
N VAL A 122 -0.05 9.51 5.62
CA VAL A 122 -0.96 8.43 5.36
C VAL A 122 -1.68 7.97 6.65
N GLN A 123 -2.56 8.83 7.15
CA GLN A 123 -3.30 8.56 8.36
C GLN A 123 -4.69 8.00 8.07
N GLN A 124 -4.87 7.53 6.84
CA GLN A 124 -6.13 6.95 6.42
C GLN A 124 -5.88 5.77 5.50
N SER A 125 -6.58 4.68 5.73
CA SER A 125 -6.46 3.51 4.93
C SER A 125 -7.82 3.05 4.44
N ASP A 126 -7.94 2.84 3.14
CA ASP A 126 -9.19 2.42 2.54
C ASP A 126 -9.02 1.11 1.80
N ILE A 127 -8.10 1.10 0.85
CA ILE A 127 -7.77 -0.08 0.06
C ILE A 127 -7.36 -1.26 0.97
N PRO A 128 -8.11 -2.41 0.87
CA PRO A 128 -7.89 -3.57 1.73
C PRO A 128 -6.49 -4.13 1.59
N THR A 129 -5.80 -4.22 2.70
CA THR A 129 -4.43 -4.69 2.73
C THR A 129 -4.22 -5.67 3.88
N ASP A 130 -5.28 -5.87 4.67
CA ASP A 130 -5.25 -6.74 5.83
C ASP A 130 -5.74 -8.16 5.49
N PRO A 131 -5.07 -9.18 6.04
CA PRO A 131 -5.43 -10.60 5.84
C PRO A 131 -6.83 -10.96 6.32
N PHE A 132 -7.29 -12.09 5.82
CA PHE A 132 -8.62 -12.62 6.15
C PHE A 132 -8.53 -14.12 6.40
N GLU A 133 -9.45 -14.66 7.20
CA GLU A 133 -9.47 -16.08 7.52
C GLU A 133 -10.02 -16.88 6.33
N GLY A 134 -9.38 -17.99 6.00
CA GLY A 134 -9.78 -18.80 4.82
C GLY A 134 -9.82 -17.99 3.53
N TRP A 135 -9.48 -16.74 3.63
CA TRP A 135 -9.61 -15.79 2.57
C TRP A 135 -8.27 -15.21 2.19
N THR A 136 -8.08 -15.03 0.92
CA THR A 136 -6.88 -14.44 0.41
C THR A 136 -7.25 -13.27 -0.47
N ALA A 137 -7.18 -12.08 0.07
CA ALA A 137 -7.61 -10.93 -0.67
C ALA A 137 -6.52 -9.93 -0.65
N SER A 138 -6.25 -9.39 -1.80
CA SER A 138 -5.19 -8.43 -1.99
C SER A 138 -5.22 -7.88 -3.38
N ASP A 139 -6.42 -7.87 -4.00
CA ASP A 139 -6.51 -7.36 -5.35
C ASP A 139 -7.35 -6.09 -5.41
N PRO A 140 -6.78 -4.94 -5.03
CA PRO A 140 -7.38 -3.64 -5.20
C PRO A 140 -6.93 -3.02 -6.51
N ILE A 141 -7.64 -2.00 -6.93
CA ILE A 141 -7.30 -1.22 -8.12
C ILE A 141 -7.89 0.17 -7.97
N THR A 142 -7.24 1.12 -8.57
CA THR A 142 -7.67 2.48 -8.50
C THR A 142 -8.61 2.80 -9.67
N ASP A 143 -9.68 3.54 -9.39
CA ASP A 143 -10.65 3.93 -10.39
C ASP A 143 -10.94 5.39 -10.21
N ARG A 144 -11.66 6.01 -11.14
CA ARG A 144 -11.99 7.40 -11.00
C ARG A 144 -12.87 7.59 -9.76
N GLY A 145 -12.26 8.13 -8.73
CA GLY A 145 -12.96 8.37 -7.47
C GLY A 145 -13.20 7.11 -6.66
N SER A 146 -13.50 6.02 -7.35
CA SER A 146 -13.86 4.77 -6.73
C SER A 146 -12.66 3.86 -6.57
N THR A 147 -12.79 2.86 -5.72
CA THR A 147 -11.73 1.92 -5.48
C THR A 147 -12.18 0.50 -5.82
N PHE A 148 -11.41 -0.18 -6.65
CA PHE A 148 -11.69 -1.57 -7.00
C PHE A 148 -11.06 -2.46 -5.97
N MET A 149 -11.73 -3.54 -5.63
CA MET A 149 -11.17 -4.51 -4.74
C MET A 149 -11.77 -5.87 -4.96
N ALA A 150 -10.92 -6.85 -5.03
CA ALA A 150 -11.32 -8.20 -5.23
C ALA A 150 -10.71 -9.07 -4.16
N PHE A 151 -11.47 -10.03 -3.72
CA PHE A 151 -11.03 -10.94 -2.71
C PHE A 151 -11.14 -12.34 -3.26
N ALA A 152 -10.07 -13.12 -3.23
CA ALA A 152 -10.13 -14.47 -3.72
C ALA A 152 -10.09 -15.47 -2.56
N ALA A 153 -10.61 -16.67 -2.79
CA ALA A 153 -10.61 -17.68 -1.77
C ALA A 153 -10.76 -19.08 -2.36
N HIS A 154 -9.78 -19.92 -2.09
CA HIS A 154 -9.82 -21.31 -2.51
C HIS A 154 -10.77 -22.07 -1.63
N VAL A 155 -11.55 -22.97 -2.21
CA VAL A 155 -12.57 -23.63 -1.42
C VAL A 155 -12.76 -25.09 -1.81
N THR A 156 -13.44 -25.78 -0.95
CA THR A 156 -13.81 -27.16 -1.12
C THR A 156 -15.27 -27.21 -1.54
N SER A 157 -16.03 -28.09 -0.94
CA SER A 157 -17.41 -28.26 -1.28
C SER A 157 -18.22 -27.00 -0.92
N GLU A 158 -19.52 -27.10 -1.05
CA GLU A 158 -20.39 -25.94 -0.99
C GLU A 158 -20.38 -25.26 0.35
N GLU A 159 -20.35 -26.03 1.41
CA GLU A 159 -20.46 -25.48 2.75
C GLU A 159 -19.40 -24.41 2.99
N GLN A 160 -18.13 -24.79 2.88
CA GLN A 160 -17.05 -23.82 3.00
C GLN A 160 -17.30 -22.54 2.19
N ALA A 161 -17.50 -22.70 0.89
CA ALA A 161 -17.71 -21.56 -0.01
C ALA A 161 -18.89 -20.72 0.43
N PHE A 162 -19.97 -21.38 0.79
CA PHE A 162 -21.20 -20.71 1.18
C PHE A 162 -21.03 -19.95 2.47
N ALA A 163 -20.43 -20.59 3.44
CA ALA A 163 -20.21 -19.98 4.75
C ALA A 163 -19.31 -18.76 4.62
N MET A 164 -18.07 -18.98 4.20
CA MET A 164 -17.10 -17.89 4.03
C MET A 164 -17.67 -16.70 3.22
N LEU A 165 -18.39 -17.00 2.14
CA LEU A 165 -18.99 -15.97 1.31
C LEU A 165 -20.19 -15.36 2.02
N ASP A 166 -20.93 -16.19 2.76
CA ASP A 166 -22.11 -15.76 3.51
C ASP A 166 -21.74 -14.62 4.38
N LEU A 167 -20.85 -14.91 5.29
CA LEU A 167 -20.40 -14.00 6.26
C LEU A 167 -19.77 -12.76 5.64
N LEU A 168 -18.95 -12.94 4.60
CA LEU A 168 -18.39 -11.80 3.89
C LEU A 168 -19.48 -10.87 3.35
N LYS A 169 -20.51 -11.47 2.73
CA LYS A 169 -21.58 -10.67 2.13
C LYS A 169 -22.54 -10.08 3.14
N THR A 170 -22.67 -10.70 4.30
CA THR A 170 -23.57 -10.18 5.31
C THR A 170 -22.82 -9.27 6.29
N ASP A 171 -21.51 -9.13 6.09
CA ASP A 171 -20.72 -8.29 6.96
C ASP A 171 -20.91 -6.85 6.57
N SER A 172 -21.11 -6.00 7.56
CA SER A 172 -21.36 -4.61 7.35
C SER A 172 -20.27 -3.95 6.48
N LYS A 173 -19.01 -4.32 6.70
CA LYS A 173 -17.87 -3.71 6.00
C LYS A 173 -18.01 -3.77 4.46
N MET A 174 -18.35 -4.94 3.92
CA MET A 174 -18.50 -5.08 2.48
C MET A 174 -19.87 -4.57 2.03
N ARG A 175 -20.82 -4.55 2.95
CA ARG A 175 -22.17 -4.06 2.66
C ARG A 175 -22.19 -2.55 2.54
N LYS A 176 -21.14 -1.92 3.03
CA LYS A 176 -21.01 -0.47 2.96
C LYS A 176 -20.82 0.00 1.53
N ALA A 177 -20.64 -0.95 0.63
CA ALA A 177 -20.37 -0.63 -0.75
C ALA A 177 -21.61 -0.26 -1.51
N ASN A 178 -21.42 0.12 -2.76
CA ASN A 178 -22.51 0.46 -3.63
C ASN A 178 -22.90 -0.76 -4.47
N HIS A 179 -21.91 -1.40 -5.08
CA HIS A 179 -22.14 -2.57 -5.91
C HIS A 179 -21.08 -3.63 -5.64
N VAL A 180 -21.48 -4.75 -5.05
CA VAL A 180 -20.57 -5.86 -4.84
C VAL A 180 -21.02 -7.04 -5.69
N MET A 181 -20.08 -7.82 -6.14
CA MET A 181 -20.37 -8.98 -6.98
C MET A 181 -19.50 -10.14 -6.56
N SER A 182 -19.98 -11.35 -6.75
CA SER A 182 -19.23 -12.54 -6.33
C SER A 182 -19.43 -13.69 -7.31
N ALA A 183 -18.46 -14.60 -7.32
CA ALA A 183 -18.52 -15.77 -8.17
C ALA A 183 -18.48 -17.04 -7.34
N TRP A 184 -19.17 -18.06 -7.80
CA TRP A 184 -19.23 -19.32 -7.10
C TRP A 184 -19.26 -20.50 -8.07
N ARG A 185 -18.46 -21.51 -7.80
CA ARG A 185 -18.42 -22.70 -8.64
C ARG A 185 -17.62 -23.81 -7.99
N ILE A 186 -18.20 -24.99 -7.91
CA ILE A 186 -17.51 -26.14 -7.36
C ILE A 186 -17.27 -27.13 -8.47
N LYS A 187 -16.09 -27.67 -8.54
CA LYS A 187 -15.75 -28.53 -9.63
C LYS A 187 -15.10 -29.78 -9.13
N GLN A 188 -15.61 -30.88 -9.59
CA GLN A 188 -15.08 -32.13 -9.21
C GLN A 188 -14.00 -32.55 -10.14
N ASP A 189 -12.83 -32.72 -9.61
CA ASP A 189 -11.71 -33.18 -10.40
C ASP A 189 -11.64 -34.68 -10.35
N GLY A 190 -12.52 -35.30 -11.09
CA GLY A 190 -12.57 -36.73 -11.12
C GLY A 190 -14.01 -37.23 -11.20
N SER A 191 -14.91 -36.48 -10.58
CA SER A 191 -16.32 -36.82 -10.58
C SER A 191 -17.14 -35.71 -11.25
N ALA A 192 -18.47 -35.80 -11.15
CA ALA A 192 -19.34 -34.82 -11.77
C ALA A 192 -20.20 -34.09 -10.75
N ALA A 193 -19.85 -34.19 -9.49
CA ALA A 193 -20.60 -33.51 -8.43
C ALA A 193 -20.25 -32.03 -8.40
N THR A 194 -20.65 -31.35 -9.44
CA THR A 194 -20.41 -29.95 -9.57
C THR A 194 -21.66 -29.20 -9.15
N TYR A 195 -21.48 -28.16 -8.40
CA TYR A 195 -22.61 -27.44 -7.86
C TYR A 195 -22.65 -26.01 -8.30
N GLN A 196 -23.86 -25.55 -8.56
CA GLN A 196 -24.10 -24.19 -8.99
C GLN A 196 -25.25 -23.57 -8.22
N ASP A 197 -25.23 -22.27 -8.15
CA ASP A 197 -26.23 -21.47 -7.48
C ASP A 197 -26.33 -20.19 -8.28
N SER A 198 -27.06 -19.19 -7.81
CA SER A 198 -27.20 -17.98 -8.59
C SER A 198 -28.07 -16.97 -7.87
N ASP A 199 -27.53 -15.78 -7.71
CA ASP A 199 -28.26 -14.61 -7.25
C ASP A 199 -27.57 -13.44 -7.91
N ASP A 200 -28.10 -12.24 -7.81
CA ASP A 200 -27.47 -11.13 -8.50
C ASP A 200 -26.97 -10.09 -7.52
N ASP A 201 -27.66 -9.99 -6.40
CA ASP A 201 -27.33 -9.04 -5.33
C ASP A 201 -27.38 -7.58 -5.80
N GLY A 202 -26.31 -7.12 -6.43
CA GLY A 202 -26.23 -5.74 -6.85
C GLY A 202 -26.51 -5.57 -8.31
N GLU A 203 -25.76 -6.26 -9.14
CA GLU A 203 -25.96 -6.19 -10.56
C GLU A 203 -26.58 -7.47 -11.07
N THR A 204 -27.71 -7.34 -11.74
CA THR A 204 -28.44 -8.48 -12.25
C THR A 204 -27.61 -9.32 -13.26
N ALA A 205 -26.73 -8.66 -13.99
CA ALA A 205 -25.91 -9.34 -14.99
C ALA A 205 -24.68 -9.97 -14.37
N ALA A 206 -24.23 -9.43 -13.23
CA ALA A 206 -23.02 -9.90 -12.53
C ALA A 206 -23.11 -11.38 -12.15
N GLY A 207 -24.33 -11.89 -12.13
CA GLY A 207 -24.53 -13.28 -11.74
C GLY A 207 -23.92 -14.23 -12.76
N SER A 208 -24.28 -14.04 -14.01
CA SER A 208 -23.77 -14.87 -15.09
C SER A 208 -22.42 -14.34 -15.60
N ARG A 209 -22.29 -13.02 -15.63
CA ARG A 209 -21.05 -12.36 -16.08
C ARG A 209 -19.84 -12.88 -15.34
N MET A 210 -19.89 -12.81 -14.01
CA MET A 210 -18.76 -13.20 -13.16
C MET A 210 -18.48 -14.69 -13.30
N LEU A 211 -19.55 -15.45 -13.49
CA LEU A 211 -19.44 -16.89 -13.65
C LEU A 211 -18.66 -17.24 -14.92
N HIS A 212 -19.13 -16.77 -16.07
CA HIS A 212 -18.43 -17.01 -17.34
C HIS A 212 -17.03 -16.40 -17.29
N LEU A 213 -16.90 -15.35 -16.50
CA LEU A 213 -15.65 -14.65 -16.35
C LEU A 213 -14.59 -15.58 -15.76
N ILE A 214 -14.94 -16.25 -14.66
CA ILE A 214 -13.97 -17.14 -14.04
C ILE A 214 -13.74 -18.37 -14.91
N THR A 215 -14.79 -18.86 -15.56
CA THR A 215 -14.67 -19.99 -16.47
C THR A 215 -13.63 -19.71 -17.58
N ILE A 216 -13.83 -18.61 -18.32
CA ILE A 216 -12.88 -18.22 -19.38
C ILE A 216 -11.51 -17.89 -18.81
N MET A 217 -11.46 -17.53 -17.53
CA MET A 217 -10.19 -17.27 -16.85
C MET A 217 -9.43 -18.56 -16.54
N ASP A 218 -10.00 -19.72 -16.95
CA ASP A 218 -9.38 -21.02 -16.68
C ASP A 218 -9.14 -21.25 -15.21
N VAL A 219 -10.21 -21.47 -14.48
CA VAL A 219 -10.11 -21.61 -13.05
C VAL A 219 -11.36 -22.24 -12.45
N TRP A 220 -11.17 -23.02 -11.39
CA TRP A 220 -12.24 -23.70 -10.69
C TRP A 220 -11.88 -23.88 -9.24
N ASN A 221 -12.82 -24.43 -8.49
CA ASN A 221 -12.66 -24.72 -7.06
C ASN A 221 -12.15 -23.54 -6.24
N VAL A 222 -12.47 -22.34 -6.67
CA VAL A 222 -12.04 -21.14 -6.00
C VAL A 222 -13.08 -20.04 -6.25
N ILE A 223 -13.35 -19.23 -5.26
CA ILE A 223 -14.36 -18.20 -5.40
C ILE A 223 -13.73 -16.80 -5.29
N VAL A 224 -14.40 -15.82 -5.88
CA VAL A 224 -13.89 -14.45 -5.88
C VAL A 224 -15.02 -13.42 -5.66
N VAL A 225 -14.67 -12.32 -5.03
CA VAL A 225 -15.59 -11.23 -4.75
C VAL A 225 -15.01 -9.90 -5.22
N VAL A 226 -15.83 -9.07 -5.87
CA VAL A 226 -15.40 -7.75 -6.34
C VAL A 226 -16.32 -6.66 -5.81
N ALA A 227 -15.74 -5.53 -5.50
CA ALA A 227 -16.45 -4.38 -4.96
C ALA A 227 -15.76 -3.12 -5.43
N ARG A 228 -16.51 -2.10 -5.83
CA ARG A 228 -15.86 -0.86 -6.24
C ARG A 228 -16.55 0.39 -5.65
N TRP A 229 -15.98 0.92 -4.54
CA TRP A 229 -16.42 2.20 -3.99
C TRP A 229 -15.39 2.75 -2.99
N PHE A 230 -15.37 4.09 -2.83
CA PHE A 230 -14.55 4.81 -1.82
C PHE A 230 -14.44 6.29 -2.18
N GLY A 231 -13.68 7.03 -1.38
CA GLY A 231 -13.53 8.46 -1.61
C GLY A 231 -12.19 8.82 -2.22
N GLY A 232 -12.07 10.05 -2.67
CA GLY A 232 -10.84 10.51 -3.29
C GLY A 232 -11.05 10.83 -4.75
N ALA A 233 -10.14 11.60 -5.33
CA ALA A 233 -10.23 11.95 -6.73
C ALA A 233 -9.73 10.80 -7.60
N HIS A 234 -8.50 10.42 -7.37
CA HIS A 234 -7.88 9.27 -8.03
C HIS A 234 -7.28 8.38 -6.95
N ILE A 235 -7.58 8.70 -5.69
CA ILE A 235 -7.08 7.95 -4.52
C ILE A 235 -5.56 8.08 -4.42
N GLY A 236 -4.89 7.26 -5.18
CA GLY A 236 -3.46 7.24 -5.25
C GLY A 236 -3.04 6.74 -6.60
N PRO A 237 -2.52 7.62 -7.47
CA PRO A 237 -2.16 7.27 -8.85
C PRO A 237 -1.24 6.05 -8.92
N ASP A 238 -0.26 6.02 -8.05
CA ASP A 238 0.72 4.94 -8.04
C ASP A 238 0.18 3.67 -7.41
N ARG A 239 -1.00 3.72 -6.75
CA ARG A 239 -1.48 2.56 -6.09
C ARG A 239 -1.99 1.58 -7.11
N PHE A 240 -2.56 2.12 -8.17
CA PHE A 240 -3.12 1.33 -9.26
C PHE A 240 -2.14 0.29 -9.75
N LYS A 241 -1.05 0.73 -10.32
CA LYS A 241 -0.05 -0.16 -10.89
C LYS A 241 0.73 -0.96 -9.85
N HIS A 242 1.01 -0.33 -8.74
CA HIS A 242 1.84 -0.97 -7.72
C HIS A 242 1.08 -2.09 -7.06
N ILE A 243 -0.13 -1.79 -6.68
CA ILE A 243 -0.97 -2.76 -6.06
C ILE A 243 -1.48 -3.72 -7.11
N ASN A 244 -1.50 -3.28 -8.37
CA ASN A 244 -1.84 -4.14 -9.50
C ASN A 244 -0.91 -5.33 -9.50
N SER A 245 0.38 -5.06 -9.29
CA SER A 245 1.36 -6.12 -9.23
C SER A 245 1.07 -7.05 -8.04
N THR A 246 0.80 -6.43 -6.89
CA THR A 246 0.47 -7.17 -5.68
C THR A 246 -0.79 -8.04 -5.91
N ALA A 247 -1.86 -7.36 -6.29
CA ALA A 247 -3.14 -7.95 -6.64
C ALA A 247 -3.00 -9.16 -7.55
N ARG A 248 -2.21 -8.99 -8.59
CA ARG A 248 -2.04 -10.04 -9.57
C ARG A 248 -1.38 -11.25 -8.93
N GLU A 249 -0.45 -11.02 -8.03
CA GLU A 249 0.19 -12.09 -7.31
C GLU A 249 -0.83 -12.85 -6.45
N ALA A 250 -1.64 -12.10 -5.68
CA ALA A 250 -2.66 -12.71 -4.79
C ALA A 250 -3.64 -13.60 -5.57
N VAL A 251 -4.37 -12.99 -6.50
CA VAL A 251 -5.30 -13.72 -7.36
C VAL A 251 -4.67 -15.00 -7.94
N VAL A 252 -3.47 -14.87 -8.49
CA VAL A 252 -2.74 -16.02 -9.00
C VAL A 252 -2.48 -17.03 -7.86
N ARG A 253 -2.01 -16.49 -6.74
CA ARG A 253 -1.69 -17.28 -5.53
C ARG A 253 -2.87 -18.14 -5.07
N ALA A 254 -4.00 -17.49 -4.75
CA ALA A 254 -5.21 -18.19 -4.29
C ALA A 254 -5.77 -19.24 -5.28
N GLY A 255 -5.08 -19.49 -6.37
CA GLY A 255 -5.54 -20.54 -7.25
C GLY A 255 -6.45 -20.05 -8.34
N PHE A 256 -6.11 -18.95 -8.98
CA PHE A 256 -6.98 -18.39 -10.01
C PHE A 256 -6.27 -18.45 -11.36
N ASP A 257 -4.98 -18.66 -11.31
CA ASP A 257 -4.16 -18.74 -12.50
C ASP A 257 -3.04 -19.72 -12.24
N SER A 258 -3.36 -20.96 -12.40
CA SER A 258 -2.43 -22.01 -12.15
C SER A 258 -1.87 -22.55 -13.46
N MET A 1 13.66 12.44 14.42
CA MET A 1 14.61 13.09 15.35
C MET A 1 14.09 13.09 16.78
N ASP A 2 13.11 12.27 17.03
CA ASP A 2 12.48 12.23 18.36
C ASP A 2 12.73 10.89 19.04
N ASP A 3 11.91 9.90 18.74
CA ASP A 3 12.09 8.56 19.30
C ASP A 3 12.60 7.62 18.23
N ASP A 4 12.45 8.04 17.01
CA ASP A 4 12.87 7.25 15.85
C ASP A 4 14.36 6.91 15.91
N HIS A 5 15.13 7.84 16.38
CA HIS A 5 16.58 7.66 16.46
C HIS A 5 16.98 6.77 17.62
N GLU A 6 16.24 6.84 18.75
CA GLU A 6 16.54 5.99 19.89
C GLU A 6 16.62 4.51 19.48
N GLN A 7 15.67 4.07 18.67
CA GLN A 7 15.60 2.67 18.29
C GLN A 7 16.63 2.37 17.22
N LEU A 8 16.78 3.30 16.28
CA LEU A 8 17.74 3.15 15.21
C LEU A 8 19.15 3.07 15.79
N VAL A 9 19.52 4.06 16.58
CA VAL A 9 20.84 4.10 17.21
C VAL A 9 21.03 2.88 18.12
N GLU A 10 19.93 2.34 18.64
CA GLU A 10 20.01 1.18 19.51
C GLU A 10 20.33 -0.09 18.72
N GLU A 11 19.77 -0.21 17.52
CA GLU A 11 20.04 -1.38 16.72
C GLU A 11 21.47 -1.31 16.21
N LEU A 12 21.96 -0.08 16.04
CA LEU A 12 23.36 0.13 15.66
C LEU A 12 24.26 -0.42 16.76
N GLU A 13 24.06 0.04 17.97
CA GLU A 13 24.80 -0.45 19.14
C GLU A 13 24.56 -1.94 19.37
N ALA A 14 23.44 -2.44 18.86
CA ALA A 14 23.10 -3.86 19.01
C ALA A 14 23.91 -4.71 18.05
N VAL A 15 24.00 -4.29 16.80
CA VAL A 15 24.80 -5.02 15.82
C VAL A 15 26.23 -4.94 16.24
N GLU A 16 26.57 -3.86 16.86
CA GLU A 16 27.91 -3.58 17.33
C GLU A 16 28.24 -4.47 18.52
N ALA A 17 27.21 -4.86 19.25
CA ALA A 17 27.38 -5.69 20.43
C ALA A 17 27.48 -7.15 20.04
N ILE A 18 26.64 -7.54 19.11
CA ILE A 18 26.57 -8.92 18.66
C ILE A 18 27.60 -9.20 17.56
N TYR A 19 27.73 -8.29 16.61
CA TYR A 19 28.63 -8.47 15.48
C TYR A 19 29.24 -7.14 14.99
N PRO A 20 30.22 -6.62 15.73
CA PRO A 20 30.87 -5.35 15.38
C PRO A 20 31.64 -5.44 14.05
N ASP A 21 32.86 -5.96 14.12
CA ASP A 21 33.76 -6.21 12.95
C ASP A 21 33.02 -6.77 11.73
N LEU A 22 31.95 -7.48 11.96
CA LEU A 22 31.20 -8.10 10.90
C LEU A 22 30.39 -7.07 10.12
N LEU A 23 29.79 -6.14 10.84
CA LEU A 23 28.99 -5.10 10.23
C LEU A 23 29.65 -3.75 10.39
N SER A 24 30.15 -3.21 9.30
CA SER A 24 30.80 -1.94 9.32
C SER A 24 29.82 -0.86 8.88
N LYS A 25 30.09 0.39 9.23
CA LYS A 25 29.21 1.47 8.84
C LYS A 25 29.86 2.37 7.80
N LYS A 26 29.15 2.63 6.72
CA LYS A 26 29.64 3.49 5.67
C LYS A 26 29.59 4.91 6.11
N GLN A 27 28.57 5.23 6.87
CA GLN A 27 28.39 6.56 7.37
C GLN A 27 28.77 6.65 8.83
N GLU A 28 28.97 7.88 9.28
CA GLU A 28 29.43 8.15 10.64
C GLU A 28 28.45 7.62 11.68
N ASP A 29 27.16 7.80 11.44
CA ASP A 29 26.14 7.37 12.39
C ASP A 29 25.72 5.96 12.11
N GLY A 30 24.71 5.82 11.29
CA GLY A 30 24.21 4.53 10.94
C GLY A 30 23.14 4.64 9.90
N SER A 31 23.24 5.68 9.10
CA SER A 31 22.27 5.92 8.04
C SER A 31 22.59 5.07 6.83
N ILE A 32 23.82 4.57 6.76
CA ILE A 32 24.27 3.68 5.69
C ILE A 32 25.37 2.78 6.24
N ILE A 33 25.22 1.48 6.04
CA ILE A 33 26.17 0.52 6.58
C ILE A 33 26.54 -0.55 5.55
N VAL A 34 27.50 -1.38 5.92
CA VAL A 34 27.94 -2.50 5.10
C VAL A 34 28.19 -3.70 6.01
N VAL A 35 27.33 -4.68 5.91
CA VAL A 35 27.45 -5.88 6.71
C VAL A 35 28.03 -7.00 5.87
N LYS A 36 28.89 -7.76 6.46
CA LYS A 36 29.52 -8.88 5.81
C LYS A 36 28.95 -10.17 6.37
N VAL A 37 28.61 -11.13 5.50
CA VAL A 37 28.02 -12.39 5.95
C VAL A 37 28.97 -13.20 6.83
N PRO A 38 28.51 -13.57 8.04
CA PRO A 38 29.30 -14.36 8.97
C PRO A 38 29.30 -15.84 8.61
N GLN A 39 30.39 -16.53 8.95
CA GLN A 39 30.53 -17.96 8.73
C GLN A 39 30.71 -18.27 7.25
N HIS A 40 31.01 -17.25 6.48
CA HIS A 40 31.18 -17.43 5.05
C HIS A 40 32.08 -16.37 4.47
N GLU A 41 31.83 -15.11 4.83
CA GLU A 41 32.58 -13.95 4.33
C GLU A 41 32.93 -14.03 2.85
N TYR A 42 31.99 -13.65 2.04
CA TYR A 42 32.16 -13.65 0.59
C TYR A 42 31.37 -12.52 0.00
N MET A 43 30.13 -12.44 0.39
CA MET A 43 29.27 -11.40 -0.07
C MET A 43 29.02 -10.39 1.02
N THR A 44 29.49 -9.20 0.78
CA THR A 44 29.29 -8.10 1.69
C THR A 44 28.12 -7.27 1.21
N LEU A 45 27.32 -6.78 2.12
CA LEU A 45 26.08 -6.11 1.76
C LEU A 45 26.10 -4.63 2.16
N GLN A 46 25.89 -3.78 1.20
CA GLN A 46 25.76 -2.36 1.43
C GLN A 46 24.30 -2.01 1.63
N ILE A 47 23.97 -1.62 2.85
CA ILE A 47 22.61 -1.40 3.26
C ILE A 47 22.41 0.02 3.75
N SER A 48 21.57 0.74 3.08
CA SER A 48 21.24 2.08 3.47
C SER A 48 20.05 2.08 4.41
N PHE A 49 19.83 3.22 5.00
CA PHE A 49 18.75 3.42 5.90
C PHE A 49 17.96 4.63 5.40
N PRO A 50 16.82 4.37 4.74
CA PRO A 50 15.99 5.42 4.14
C PRO A 50 15.28 6.22 5.20
N THR A 51 14.73 7.36 4.80
CA THR A 51 13.95 8.21 5.71
C THR A 51 12.91 7.38 6.48
N HIS A 52 12.47 6.27 5.88
CA HIS A 52 11.52 5.38 6.50
C HIS A 52 12.25 4.14 7.04
N TYR A 53 13.41 4.36 7.64
CA TYR A 53 14.21 3.34 8.35
C TYR A 53 13.33 2.47 9.29
N PRO A 54 13.88 1.39 9.95
CA PRO A 54 13.10 0.50 10.85
C PRO A 54 12.19 1.27 11.82
N SER A 55 12.61 2.47 12.15
CA SER A 55 11.86 3.38 13.00
C SER A 55 10.49 3.72 12.40
N GLU A 56 10.30 3.41 11.10
CA GLU A 56 9.09 3.77 10.38
C GLU A 56 8.70 2.61 9.46
N GLU A 57 9.70 2.05 8.75
CA GLU A 57 9.51 0.87 7.90
C GLU A 57 10.71 -0.09 8.03
N ALA A 58 11.67 -0.05 7.13
CA ALA A 58 12.82 -0.96 7.18
C ALA A 58 14.00 -0.45 6.31
N PRO A 59 15.23 -1.02 6.48
CA PRO A 59 16.44 -0.56 5.75
C PRO A 59 16.38 -0.87 4.24
N ASN A 60 17.38 -0.42 3.50
CA ASN A 60 17.42 -0.60 2.04
C ASN A 60 18.77 -1.05 1.56
N VAL A 61 18.90 -2.31 1.16
CA VAL A 61 20.14 -2.74 0.56
C VAL A 61 20.29 -2.10 -0.81
N ILE A 62 21.34 -1.37 -1.00
CA ILE A 62 21.54 -0.64 -2.23
C ILE A 62 22.56 -1.33 -3.11
N GLU A 63 23.53 -2.01 -2.49
CA GLU A 63 24.58 -2.69 -3.26
C GLU A 63 25.11 -3.89 -2.50
N VAL A 64 25.46 -4.94 -3.23
CA VAL A 64 26.10 -6.08 -2.62
C VAL A 64 27.30 -6.47 -3.46
N GLY A 65 28.28 -7.08 -2.85
CA GLY A 65 29.46 -7.50 -3.59
C GLY A 65 29.95 -8.82 -3.12
N VAL A 66 30.65 -9.53 -3.97
CA VAL A 66 31.15 -10.83 -3.62
C VAL A 66 32.44 -11.16 -4.32
N CYS A 67 33.38 -11.60 -3.54
CA CYS A 67 34.66 -12.02 -4.03
C CYS A 67 34.60 -13.50 -4.33
N THR A 68 34.72 -13.85 -5.60
CA THR A 68 34.63 -15.22 -6.01
C THR A 68 34.93 -15.33 -7.49
N SER A 69 35.06 -16.54 -7.98
CA SER A 69 35.37 -16.77 -9.37
C SER A 69 34.08 -17.01 -10.17
N LEU A 70 34.25 -17.36 -11.43
CA LEU A 70 33.13 -17.59 -12.34
C LEU A 70 32.38 -18.88 -12.03
N ALA A 71 32.86 -19.61 -11.02
CA ALA A 71 32.24 -20.86 -10.62
C ALA A 71 30.80 -20.64 -10.15
N LYS A 72 30.58 -19.56 -9.42
CA LYS A 72 29.25 -19.24 -8.92
C LYS A 72 28.74 -17.91 -9.47
N ARG A 73 29.66 -16.97 -9.71
CA ARG A 73 29.29 -15.67 -10.30
C ARG A 73 28.58 -15.83 -11.65
N ASP A 74 28.73 -16.98 -12.27
CA ASP A 74 28.07 -17.26 -13.54
C ASP A 74 26.59 -17.57 -13.31
N LEU A 75 26.29 -18.00 -12.10
CA LEU A 75 24.94 -18.39 -11.73
C LEU A 75 24.15 -17.19 -11.19
N TYR A 76 24.83 -16.32 -10.47
CA TYR A 76 24.19 -15.13 -9.92
C TYR A 76 25.14 -13.95 -9.89
N ASP A 77 24.59 -12.76 -9.79
CA ASP A 77 25.36 -11.55 -9.79
C ASP A 77 24.96 -10.70 -8.59
N THR A 78 25.73 -9.67 -8.32
CA THR A 78 25.51 -8.83 -7.16
C THR A 78 24.15 -8.12 -7.19
N LYS A 79 23.90 -7.36 -8.25
CA LYS A 79 22.63 -6.61 -8.37
C LYS A 79 21.42 -7.57 -8.37
N TYR A 80 21.66 -8.79 -8.76
CA TYR A 80 20.63 -9.81 -8.78
C TYR A 80 20.28 -10.19 -7.36
N LEU A 81 21.31 -10.60 -6.61
CA LEU A 81 21.16 -10.91 -5.20
C LEU A 81 20.54 -9.73 -4.50
N GLN A 82 20.95 -8.54 -4.92
CA GLN A 82 20.43 -7.27 -4.40
C GLN A 82 18.92 -7.20 -4.49
N HIS A 83 18.36 -7.70 -5.58
CA HIS A 83 16.93 -7.66 -5.78
C HIS A 83 16.23 -8.54 -4.75
N LEU A 84 16.64 -9.80 -4.65
CA LEU A 84 16.01 -10.73 -3.71
C LEU A 84 16.31 -10.32 -2.26
N PHE A 85 17.52 -9.91 -2.04
CA PHE A 85 17.98 -9.45 -0.74
C PHE A 85 17.04 -8.40 -0.14
N GLN A 86 16.74 -7.36 -0.92
CA GLN A 86 15.84 -6.30 -0.44
C GLN A 86 14.43 -6.87 -0.25
N GLU A 87 14.04 -7.67 -1.23
CA GLU A 87 12.79 -8.36 -1.29
C GLU A 87 12.50 -9.12 0.02
N VAL A 88 13.47 -9.95 0.45
CA VAL A 88 13.31 -10.74 1.65
C VAL A 88 13.62 -9.95 2.89
N MET A 89 14.40 -8.86 2.75
CA MET A 89 14.74 -8.07 3.91
C MET A 89 13.48 -7.50 4.54
N ASP A 90 12.76 -6.58 3.82
CA ASP A 90 11.39 -6.20 4.31
C ASP A 90 10.62 -7.32 5.00
N SER A 91 10.58 -8.49 4.41
CA SER A 91 9.85 -9.62 5.00
C SER A 91 10.28 -9.96 6.45
N VAL A 92 11.37 -9.37 6.94
CA VAL A 92 11.83 -9.71 8.28
C VAL A 92 11.50 -8.62 9.27
N PHE A 93 11.07 -7.48 8.76
CA PHE A 93 10.73 -6.35 9.61
C PHE A 93 9.39 -6.55 10.27
N HIS A 94 8.56 -7.41 9.72
CA HIS A 94 7.21 -7.54 10.20
C HIS A 94 7.14 -8.43 11.44
N ARG A 95 7.81 -7.98 12.48
CA ARG A 95 7.89 -8.63 13.78
C ARG A 95 8.02 -7.42 14.66
N GLY A 96 8.00 -7.51 15.96
CA GLY A 96 8.28 -6.30 16.73
C GLY A 96 9.77 -6.03 16.82
N SER A 97 10.42 -6.11 15.69
CA SER A 97 11.84 -5.89 15.58
C SER A 97 12.11 -4.90 14.46
N VAL A 98 13.37 -4.51 14.32
CA VAL A 98 13.78 -3.55 13.30
C VAL A 98 14.11 -4.24 11.98
N CYS A 99 14.70 -5.47 12.07
CA CYS A 99 15.09 -6.30 10.88
C CYS A 99 16.22 -7.27 11.20
N LEU A 100 17.32 -6.75 11.75
CA LEU A 100 18.59 -7.52 11.93
C LEU A 100 18.42 -8.97 12.41
N PHE A 101 17.74 -9.16 13.53
CA PHE A 101 17.60 -10.48 14.13
C PHE A 101 16.90 -11.47 13.22
N ASP A 102 15.84 -11.03 12.57
CA ASP A 102 15.07 -11.94 11.71
C ASP A 102 15.72 -12.00 10.33
N PHE A 103 16.48 -10.97 10.03
CA PHE A 103 17.20 -10.85 8.78
C PHE A 103 18.26 -11.93 8.65
N LEU A 104 19.05 -12.13 9.70
CA LEU A 104 20.13 -13.10 9.70
C LEU A 104 19.55 -14.48 9.70
N THR A 105 18.35 -14.55 10.18
CA THR A 105 17.60 -15.74 10.26
C THR A 105 17.17 -16.22 8.85
N GLU A 106 16.38 -15.39 8.17
CA GLU A 106 15.94 -15.73 6.83
C GLU A 106 17.11 -15.95 5.90
N LEU A 107 18.10 -15.09 6.00
CA LEU A 107 19.29 -15.19 5.17
C LEU A 107 20.06 -16.46 5.46
N ASP A 108 20.08 -16.88 6.73
CA ASP A 108 20.79 -18.09 7.13
C ASP A 108 20.28 -19.27 6.33
N GLY A 109 18.97 -19.29 6.10
CA GLY A 109 18.39 -20.35 5.31
C GLY A 109 18.41 -20.08 3.81
N VAL A 110 17.93 -18.91 3.40
CA VAL A 110 17.75 -18.62 1.97
C VAL A 110 19.07 -18.38 1.23
N LEU A 111 20.08 -17.87 1.91
CA LEU A 111 21.35 -17.57 1.27
C LEU A 111 22.28 -18.78 1.34
N TYR A 112 21.82 -19.84 1.96
CA TYR A 112 22.62 -21.04 2.08
C TYR A 112 22.12 -22.09 1.10
N VAL A 113 20.86 -22.46 1.21
CA VAL A 113 20.29 -23.47 0.35
C VAL A 113 18.77 -23.32 0.27
N GLU A 114 18.24 -23.44 -0.95
CA GLU A 114 16.79 -23.36 -1.20
C GLU A 114 16.26 -21.92 -1.12
N PRO A 115 15.76 -21.38 -2.26
CA PRO A 115 15.21 -20.02 -2.32
C PRO A 115 13.86 -19.91 -1.59
N GLU A 116 13.32 -18.70 -1.58
CA GLU A 116 12.10 -18.41 -0.86
C GLU A 116 11.02 -17.86 -1.81
N GLU A 117 9.81 -17.75 -1.30
CA GLU A 117 8.69 -17.24 -2.04
C GLU A 117 8.13 -16.06 -1.29
N GLU A 118 8.63 -14.89 -1.60
CA GLU A 118 8.29 -13.70 -0.88
C GLU A 118 7.54 -12.69 -1.75
N THR A 119 6.88 -11.75 -1.10
CA THR A 119 6.11 -10.73 -1.77
C THR A 119 6.34 -9.37 -1.10
N GLU A 120 5.68 -8.34 -1.60
CA GLU A 120 5.80 -7.00 -1.04
C GLU A 120 5.07 -6.91 0.29
N PRO A 121 5.45 -5.93 1.12
CA PRO A 121 4.83 -5.70 2.43
C PRO A 121 3.37 -5.26 2.34
N VAL A 122 2.79 -5.04 3.49
CA VAL A 122 1.42 -4.63 3.59
C VAL A 122 1.33 -3.12 3.65
N GLN A 123 1.02 -2.51 2.53
CA GLN A 123 0.87 -1.07 2.48
C GLN A 123 -0.49 -0.69 3.01
N GLN A 124 -0.54 -0.39 4.30
CA GLN A 124 -1.78 -0.06 4.98
C GLN A 124 -2.40 1.22 4.43
N SER A 125 -3.58 1.07 3.90
CA SER A 125 -4.31 2.16 3.34
C SER A 125 -5.80 1.87 3.44
N ASP A 126 -6.63 2.67 2.79
CA ASP A 126 -8.07 2.43 2.80
C ASP A 126 -8.33 1.12 2.09
N ILE A 127 -7.73 0.99 0.93
CA ILE A 127 -7.74 -0.21 0.11
C ILE A 127 -7.12 -1.41 0.87
N PRO A 128 -7.77 -2.61 0.82
CA PRO A 128 -7.30 -3.83 1.53
C PRO A 128 -6.00 -4.38 0.95
N THR A 129 -5.00 -4.56 1.81
CA THR A 129 -3.70 -5.07 1.38
C THR A 129 -3.20 -6.17 2.32
N ASP A 130 -4.00 -6.51 3.31
CA ASP A 130 -3.62 -7.52 4.29
C ASP A 130 -4.35 -8.85 4.06
N PRO A 131 -3.60 -9.98 4.05
CA PRO A 131 -4.13 -11.33 3.87
C PRO A 131 -5.19 -11.71 4.89
N PHE A 132 -5.90 -12.78 4.60
CA PHE A 132 -6.98 -13.24 5.45
C PHE A 132 -6.88 -14.74 5.73
N GLU A 133 -7.57 -15.18 6.76
CA GLU A 133 -7.59 -16.59 7.13
C GLU A 133 -8.57 -17.33 6.22
N GLY A 134 -8.16 -18.46 5.67
CA GLY A 134 -9.06 -19.21 4.78
C GLY A 134 -9.32 -18.45 3.50
N TRP A 135 -8.70 -17.30 3.40
CA TRP A 135 -8.97 -16.38 2.35
C TRP A 135 -7.69 -15.79 1.80
N THR A 136 -7.71 -15.46 0.55
CA THR A 136 -6.61 -14.82 -0.09
C THR A 136 -7.12 -13.62 -0.84
N ALA A 137 -7.01 -12.45 -0.25
CA ALA A 137 -7.56 -11.29 -0.83
C ALA A 137 -6.54 -10.23 -0.84
N SER A 138 -6.24 -9.77 -1.99
CA SER A 138 -5.20 -8.80 -2.18
C SER A 138 -5.25 -8.28 -3.59
N ASP A 139 -6.44 -8.26 -4.16
CA ASP A 139 -6.57 -7.82 -5.52
C ASP A 139 -7.36 -6.52 -5.63
N PRO A 140 -6.73 -5.39 -5.35
CA PRO A 140 -7.28 -4.09 -5.58
C PRO A 140 -6.85 -3.54 -6.93
N ILE A 141 -7.63 -2.64 -7.48
CA ILE A 141 -7.31 -1.96 -8.73
C ILE A 141 -7.92 -0.57 -8.70
N THR A 142 -7.25 0.39 -9.26
CA THR A 142 -7.80 1.71 -9.33
C THR A 142 -8.41 1.96 -10.71
N ASP A 143 -9.59 2.51 -10.70
CA ASP A 143 -10.33 2.81 -11.90
C ASP A 143 -10.74 4.26 -11.78
N ARG A 144 -11.33 4.82 -12.81
CA ARG A 144 -11.72 6.20 -12.76
C ARG A 144 -12.69 6.43 -11.60
N GLY A 145 -12.14 7.06 -10.59
CA GLY A 145 -12.84 7.40 -9.37
C GLY A 145 -13.06 6.20 -8.45
N SER A 146 -13.34 5.07 -9.05
CA SER A 146 -13.69 3.86 -8.33
C SER A 146 -12.50 2.96 -8.08
N THR A 147 -12.56 2.21 -6.99
CA THR A 147 -11.56 1.22 -6.70
C THR A 147 -12.19 -0.15 -6.90
N PHE A 148 -11.53 -0.99 -7.64
CA PHE A 148 -11.99 -2.32 -7.85
C PHE A 148 -11.27 -3.24 -6.89
N MET A 149 -12.01 -3.97 -6.13
CA MET A 149 -11.41 -4.84 -5.15
C MET A 149 -11.93 -6.24 -5.30
N ALA A 150 -11.06 -7.20 -5.13
CA ALA A 150 -11.45 -8.56 -5.28
C ALA A 150 -10.78 -9.39 -4.22
N PHE A 151 -11.52 -10.30 -3.67
CA PHE A 151 -11.01 -11.20 -2.70
C PHE A 151 -11.20 -12.61 -3.23
N ALA A 152 -10.12 -13.38 -3.34
CA ALA A 152 -10.24 -14.74 -3.84
C ALA A 152 -10.00 -15.78 -2.72
N ALA A 153 -10.38 -17.01 -2.98
CA ALA A 153 -10.14 -18.09 -2.02
C ALA A 153 -10.40 -19.46 -2.62
N HIS A 154 -9.39 -20.30 -2.57
CA HIS A 154 -9.51 -21.71 -3.00
C HIS A 154 -10.29 -22.47 -1.95
N VAL A 155 -11.22 -23.33 -2.37
CA VAL A 155 -12.11 -23.95 -1.40
C VAL A 155 -12.45 -25.40 -1.76
N THR A 156 -12.94 -26.11 -0.76
CA THR A 156 -13.41 -27.47 -0.86
C THR A 156 -14.85 -27.50 -1.36
N SER A 157 -15.68 -28.32 -0.72
CA SER A 157 -17.06 -28.49 -1.14
C SER A 157 -17.85 -27.17 -0.95
N GLU A 158 -19.14 -27.23 -1.16
CA GLU A 158 -19.94 -26.03 -1.26
C GLU A 158 -20.15 -25.37 0.07
N GLU A 159 -20.26 -26.18 1.11
CA GLU A 159 -20.51 -25.68 2.46
C GLU A 159 -19.51 -24.59 2.83
N GLN A 160 -18.22 -24.92 2.80
CA GLN A 160 -17.17 -23.94 3.04
C GLN A 160 -17.38 -22.66 2.24
N ALA A 161 -17.36 -22.79 0.91
CA ALA A 161 -17.56 -21.67 0.00
C ALA A 161 -18.76 -20.82 0.37
N PHE A 162 -19.86 -21.48 0.68
CA PHE A 162 -21.11 -20.82 0.98
C PHE A 162 -21.04 -20.01 2.25
N ALA A 163 -20.46 -20.59 3.28
CA ALA A 163 -20.39 -19.92 4.56
C ALA A 163 -19.36 -18.81 4.54
N MET A 164 -18.12 -19.14 4.25
CA MET A 164 -17.02 -18.16 4.20
C MET A 164 -17.39 -16.94 3.34
N LEU A 165 -18.06 -17.18 2.21
CA LEU A 165 -18.42 -16.11 1.32
C LEU A 165 -19.68 -15.38 1.80
N ASP A 166 -20.59 -16.13 2.41
CA ASP A 166 -21.82 -15.55 2.97
C ASP A 166 -21.46 -14.45 3.90
N LEU A 167 -20.70 -14.82 4.87
CA LEU A 167 -20.31 -13.98 5.92
C LEU A 167 -19.43 -12.85 5.42
N LEU A 168 -18.50 -13.15 4.51
CA LEU A 168 -17.66 -12.10 3.98
C LEU A 168 -18.45 -11.04 3.21
N LYS A 169 -19.40 -11.46 2.39
CA LYS A 169 -20.14 -10.47 1.60
C LYS A 169 -21.04 -9.59 2.47
N THR A 170 -21.41 -10.08 3.65
CA THR A 170 -22.18 -9.25 4.59
C THR A 170 -21.25 -8.68 5.68
N ASP A 171 -19.97 -8.99 5.58
CA ASP A 171 -18.96 -8.55 6.55
C ASP A 171 -18.91 -7.04 6.64
N SER A 172 -18.57 -6.55 7.81
CA SER A 172 -18.53 -5.13 8.08
C SER A 172 -17.50 -4.37 7.22
N LYS A 173 -16.41 -5.03 6.86
CA LYS A 173 -15.41 -4.40 6.01
C LYS A 173 -15.93 -4.33 4.57
N MET A 174 -16.81 -5.26 4.24
CA MET A 174 -17.45 -5.30 2.94
C MET A 174 -18.58 -4.28 2.88
N ARG A 175 -19.03 -3.83 4.06
CA ARG A 175 -20.10 -2.84 4.15
C ARG A 175 -19.59 -1.46 3.81
N LYS A 176 -18.27 -1.32 3.75
CA LYS A 176 -17.67 -0.05 3.47
C LYS A 176 -17.92 0.35 2.06
N ALA A 177 -17.86 -0.61 1.15
CA ALA A 177 -18.06 -0.33 -0.25
C ALA A 177 -19.52 -0.11 -0.56
N ASN A 178 -19.77 0.52 -1.69
CA ASN A 178 -21.13 0.83 -2.11
C ASN A 178 -21.87 -0.42 -2.64
N HIS A 179 -21.18 -1.24 -3.45
CA HIS A 179 -21.78 -2.47 -4.02
C HIS A 179 -20.75 -3.60 -4.06
N VAL A 180 -21.17 -4.81 -3.66
CA VAL A 180 -20.30 -5.98 -3.72
C VAL A 180 -20.95 -7.11 -4.55
N MET A 181 -20.11 -7.91 -5.18
CA MET A 181 -20.56 -9.03 -6.02
C MET A 181 -19.76 -10.28 -5.67
N SER A 182 -20.38 -11.44 -5.81
CA SER A 182 -19.71 -12.69 -5.48
C SER A 182 -19.82 -13.73 -6.59
N ALA A 183 -18.97 -14.76 -6.51
CA ALA A 183 -18.97 -15.87 -7.46
C ALA A 183 -18.31 -17.09 -6.84
N TRP A 184 -18.89 -18.26 -7.04
CA TRP A 184 -18.35 -19.49 -6.49
C TRP A 184 -18.61 -20.68 -7.40
N ARG A 185 -17.68 -21.63 -7.43
CA ARG A 185 -17.83 -22.83 -8.23
C ARG A 185 -16.97 -23.98 -7.71
N ILE A 186 -17.58 -25.14 -7.58
CA ILE A 186 -16.89 -26.34 -7.12
C ILE A 186 -16.61 -27.26 -8.30
N LYS A 187 -15.49 -27.94 -8.23
CA LYS A 187 -15.08 -28.85 -9.28
C LYS A 187 -14.50 -30.12 -8.69
N GLN A 188 -14.84 -31.24 -9.27
CA GLN A 188 -14.24 -32.49 -8.89
C GLN A 188 -12.99 -32.72 -9.69
N ASP A 189 -11.87 -32.54 -9.07
CA ASP A 189 -10.57 -32.76 -9.72
C ASP A 189 -10.45 -34.18 -10.26
N GLY A 190 -10.91 -35.15 -9.49
CA GLY A 190 -10.83 -36.53 -9.94
C GLY A 190 -12.08 -36.96 -10.65
N SER A 191 -13.23 -36.64 -10.07
CA SER A 191 -14.51 -37.01 -10.64
C SER A 191 -14.97 -35.98 -11.70
N ALA A 192 -16.25 -36.00 -12.03
CA ALA A 192 -16.77 -35.11 -13.05
C ALA A 192 -17.75 -34.09 -12.49
N ALA A 193 -18.18 -34.30 -11.26
CA ALA A 193 -19.16 -33.42 -10.64
C ALA A 193 -18.64 -32.00 -10.46
N THR A 194 -19.57 -31.07 -10.45
CA THR A 194 -19.28 -29.68 -10.24
C THR A 194 -20.45 -29.04 -9.53
N TYR A 195 -20.23 -27.92 -8.91
CA TYR A 195 -21.31 -27.23 -8.26
C TYR A 195 -21.26 -25.77 -8.59
N GLN A 196 -22.26 -25.31 -9.29
CA GLN A 196 -22.34 -23.93 -9.70
C GLN A 196 -23.65 -23.33 -9.23
N ASP A 197 -23.59 -22.11 -8.78
CA ASP A 197 -24.76 -21.40 -8.36
C ASP A 197 -24.61 -19.96 -8.81
N SER A 198 -25.72 -19.34 -9.13
CA SER A 198 -25.71 -17.98 -9.64
C SER A 198 -25.50 -16.97 -8.50
N ASP A 199 -25.45 -15.70 -8.88
CA ASP A 199 -25.27 -14.61 -7.95
C ASP A 199 -25.65 -13.32 -8.61
N ASP A 200 -25.94 -12.32 -7.80
CA ASP A 200 -26.39 -11.02 -8.25
C ASP A 200 -26.75 -10.21 -7.03
N ASP A 201 -25.84 -10.24 -6.07
CA ASP A 201 -26.05 -9.64 -4.74
C ASP A 201 -26.41 -8.14 -4.82
N GLY A 202 -25.45 -7.25 -4.62
CA GLY A 202 -25.74 -5.84 -4.76
C GLY A 202 -25.55 -5.36 -6.17
N GLU A 203 -24.60 -5.94 -6.87
CA GLU A 203 -24.36 -5.60 -8.24
C GLU A 203 -24.81 -6.75 -9.13
N THR A 204 -26.13 -6.88 -9.26
CA THR A 204 -26.74 -7.97 -9.98
C THR A 204 -26.20 -8.16 -11.42
N ALA A 205 -25.90 -7.06 -12.09
CA ALA A 205 -25.44 -7.12 -13.47
C ALA A 205 -24.02 -7.68 -13.57
N ALA A 206 -23.25 -7.49 -12.53
CA ALA A 206 -21.87 -7.91 -12.51
C ALA A 206 -21.72 -9.38 -12.13
N GLY A 207 -22.74 -9.96 -11.49
CA GLY A 207 -22.68 -11.35 -11.08
C GLY A 207 -22.40 -12.29 -12.23
N SER A 208 -23.28 -12.27 -13.24
CA SER A 208 -23.12 -13.12 -14.41
C SER A 208 -21.85 -12.73 -15.19
N ARG A 209 -21.48 -11.46 -15.07
CA ARG A 209 -20.28 -10.94 -15.73
C ARG A 209 -19.04 -11.68 -15.23
N MET A 210 -18.84 -11.64 -13.93
CA MET A 210 -17.68 -12.27 -13.31
C MET A 210 -17.82 -13.80 -13.36
N LEU A 211 -19.05 -14.25 -13.39
CA LEU A 211 -19.34 -15.68 -13.49
C LEU A 211 -18.71 -16.27 -14.75
N HIS A 212 -19.12 -15.77 -15.91
CA HIS A 212 -18.56 -16.27 -17.16
C HIS A 212 -17.08 -15.91 -17.25
N LEU A 213 -16.69 -14.85 -16.56
CA LEU A 213 -15.31 -14.41 -16.52
C LEU A 213 -14.43 -15.46 -15.84
N ILE A 214 -14.87 -15.97 -14.69
CA ILE A 214 -14.09 -16.98 -13.99
C ILE A 214 -14.11 -18.28 -14.76
N THR A 215 -15.15 -18.48 -15.56
CA THR A 215 -15.23 -19.65 -16.41
C THR A 215 -14.13 -19.62 -17.49
N ILE A 216 -14.06 -18.51 -18.22
CA ILE A 216 -13.06 -18.37 -19.28
C ILE A 216 -11.63 -18.33 -18.73
N MET A 217 -11.48 -17.90 -17.46
CA MET A 217 -10.15 -17.86 -16.83
C MET A 217 -9.57 -19.25 -16.58
N ASP A 218 -10.31 -20.32 -16.92
CA ASP A 218 -9.84 -21.69 -16.69
C ASP A 218 -9.44 -21.88 -15.23
N VAL A 219 -10.44 -21.91 -14.38
CA VAL A 219 -10.19 -22.01 -12.95
C VAL A 219 -11.39 -22.62 -12.24
N TRP A 220 -11.10 -23.47 -11.27
CA TRP A 220 -12.12 -24.14 -10.50
C TRP A 220 -11.67 -24.30 -9.08
N ASN A 221 -12.59 -24.75 -8.23
CA ASN A 221 -12.33 -24.95 -6.82
C ASN A 221 -11.83 -23.64 -6.23
N VAL A 222 -12.67 -22.63 -6.27
CA VAL A 222 -12.25 -21.30 -5.93
C VAL A 222 -13.47 -20.38 -5.84
N ILE A 223 -13.37 -19.35 -5.03
CA ILE A 223 -14.42 -18.37 -4.91
C ILE A 223 -13.84 -16.98 -4.98
N VAL A 224 -14.64 -16.02 -5.42
CA VAL A 224 -14.17 -14.65 -5.54
C VAL A 224 -15.28 -13.63 -5.20
N VAL A 225 -14.85 -12.48 -4.68
CA VAL A 225 -15.73 -11.39 -4.31
C VAL A 225 -15.16 -10.07 -4.80
N VAL A 226 -15.94 -9.32 -5.55
CA VAL A 226 -15.49 -8.03 -6.06
C VAL A 226 -16.33 -6.90 -5.49
N ALA A 227 -15.71 -5.76 -5.26
CA ALA A 227 -16.37 -4.62 -4.71
C ALA A 227 -15.96 -3.36 -5.46
N ARG A 228 -16.94 -2.50 -5.71
CA ARG A 228 -16.68 -1.23 -6.38
C ARG A 228 -16.76 -0.10 -5.36
N TRP A 229 -15.61 0.44 -5.00
CA TRP A 229 -15.58 1.46 -3.97
C TRP A 229 -14.77 2.67 -4.39
N PHE A 230 -15.44 3.78 -4.60
CA PHE A 230 -14.79 5.01 -5.02
C PHE A 230 -14.12 5.72 -3.85
N GLY A 231 -13.06 6.44 -4.15
CA GLY A 231 -12.33 7.17 -3.13
C GLY A 231 -11.47 8.27 -3.73
N GLY A 232 -12.07 9.06 -4.60
CA GLY A 232 -11.35 10.13 -5.24
C GLY A 232 -11.46 10.05 -6.75
N ALA A 233 -10.62 10.79 -7.45
CA ALA A 233 -10.60 10.77 -8.91
C ALA A 233 -9.82 9.56 -9.44
N HIS A 234 -8.62 9.39 -8.93
CA HIS A 234 -7.76 8.26 -9.28
C HIS A 234 -7.26 7.62 -7.99
N ILE A 235 -7.71 8.18 -6.87
CA ILE A 235 -7.33 7.72 -5.52
C ILE A 235 -5.85 8.06 -5.24
N GLY A 236 -4.95 7.40 -5.94
CA GLY A 236 -3.54 7.65 -5.78
C GLY A 236 -2.74 7.02 -6.90
N PRO A 237 -1.67 7.68 -7.35
CA PRO A 237 -0.83 7.18 -8.46
C PRO A 237 -0.14 5.86 -8.13
N ASP A 238 0.16 5.68 -6.86
CA ASP A 238 0.83 4.46 -6.41
C ASP A 238 -0.12 3.28 -6.32
N ARG A 239 -1.44 3.53 -6.29
CA ARG A 239 -2.35 2.48 -6.01
C ARG A 239 -2.39 1.45 -7.12
N PHE A 240 -2.87 1.83 -8.31
CA PHE A 240 -3.11 0.86 -9.39
C PHE A 240 -1.92 -0.08 -9.62
N LYS A 241 -0.79 0.49 -10.00
CA LYS A 241 0.41 -0.30 -10.27
C LYS A 241 0.79 -1.24 -9.13
N HIS A 242 0.65 -0.76 -7.92
CA HIS A 242 1.11 -1.50 -6.76
C HIS A 242 0.13 -2.59 -6.43
N ILE A 243 -1.13 -2.22 -6.44
CA ILE A 243 -2.18 -3.14 -6.11
C ILE A 243 -2.41 -4.13 -7.24
N ASN A 244 -2.07 -3.75 -8.47
CA ASN A 244 -2.18 -4.63 -9.60
C ASN A 244 -1.14 -5.72 -9.48
N SER A 245 0.07 -5.34 -9.10
CA SER A 245 1.13 -6.31 -8.96
C SER A 245 0.78 -7.30 -7.84
N THR A 246 0.21 -6.75 -6.78
CA THR A 246 -0.21 -7.53 -5.66
C THR A 246 -1.34 -8.47 -6.10
N ALA A 247 -2.37 -7.87 -6.69
CA ALA A 247 -3.51 -8.60 -7.24
C ALA A 247 -3.06 -9.77 -8.09
N ARG A 248 -2.20 -9.51 -9.06
CA ARG A 248 -1.67 -10.55 -9.94
C ARG A 248 -1.20 -11.76 -9.16
N GLU A 249 -0.43 -11.52 -8.11
CA GLU A 249 0.07 -12.59 -7.28
C GLU A 249 -1.09 -13.29 -6.53
N ALA A 250 -1.95 -12.49 -5.88
CA ALA A 250 -3.07 -13.03 -5.09
C ALA A 250 -4.00 -13.92 -5.94
N VAL A 251 -4.60 -13.32 -6.96
CA VAL A 251 -5.43 -14.02 -7.92
C VAL A 251 -4.75 -15.34 -8.41
N VAL A 252 -3.53 -15.23 -8.92
CA VAL A 252 -2.74 -16.40 -9.36
C VAL A 252 -2.43 -17.36 -8.19
N ARG A 253 -2.46 -16.84 -6.98
CA ARG A 253 -2.15 -17.64 -5.81
C ARG A 253 -3.34 -18.51 -5.47
N ALA A 254 -4.49 -17.88 -5.31
CA ALA A 254 -5.73 -18.58 -5.02
C ALA A 254 -6.12 -19.63 -6.08
N GLY A 255 -5.47 -19.63 -7.24
CA GLY A 255 -5.69 -20.68 -8.22
C GLY A 255 -6.17 -20.14 -9.53
N PHE A 256 -6.81 -18.98 -9.48
CA PHE A 256 -7.22 -18.26 -10.68
C PHE A 256 -6.13 -18.20 -11.74
N ASP A 257 -6.27 -19.11 -12.68
CA ASP A 257 -5.40 -19.19 -13.89
C ASP A 257 -4.00 -19.72 -13.54
N SER A 258 -3.92 -20.43 -12.45
CA SER A 258 -2.66 -21.01 -12.02
C SER A 258 -2.71 -22.53 -12.16
N MET A 1 27.75 -3.40 3.05
CA MET A 1 26.28 -3.36 3.01
C MET A 1 25.74 -4.43 2.09
N ASP A 2 24.51 -4.84 2.32
CA ASP A 2 23.87 -5.87 1.50
C ASP A 2 22.38 -5.85 1.74
N ASP A 3 22.01 -5.79 3.00
CA ASP A 3 20.61 -5.79 3.40
C ASP A 3 20.13 -4.36 3.72
N ASP A 4 20.83 -3.39 3.16
CA ASP A 4 20.54 -1.95 3.41
C ASP A 4 19.07 -1.60 3.16
N HIS A 5 18.51 -2.21 2.13
CA HIS A 5 17.12 -1.99 1.73
C HIS A 5 16.18 -2.55 2.75
N GLU A 6 16.52 -3.68 3.33
CA GLU A 6 15.65 -4.28 4.33
C GLU A 6 15.23 -3.25 5.38
N GLN A 7 16.21 -2.66 6.03
CA GLN A 7 15.95 -1.67 7.09
C GLN A 7 15.47 -0.34 6.52
N LEU A 8 16.16 0.17 5.50
CA LEU A 8 15.82 1.46 4.91
C LEU A 8 14.41 1.45 4.31
N VAL A 9 14.14 0.45 3.50
CA VAL A 9 12.85 0.38 2.84
C VAL A 9 11.78 0.04 3.86
N GLU A 10 12.20 -0.57 4.98
CA GLU A 10 11.28 -0.91 6.02
C GLU A 10 10.70 0.33 6.66
N GLU A 11 11.58 1.25 7.08
CA GLU A 11 11.12 2.47 7.70
C GLU A 11 10.25 3.24 6.73
N LEU A 12 10.56 3.10 5.43
CA LEU A 12 9.75 3.73 4.41
C LEU A 12 8.33 3.18 4.45
N GLU A 13 8.18 1.86 4.27
CA GLU A 13 6.86 1.21 4.25
C GLU A 13 6.12 1.34 5.57
N ALA A 14 6.84 1.58 6.64
CA ALA A 14 6.25 1.69 7.97
C ALA A 14 5.78 3.09 8.24
N VAL A 15 6.61 4.06 7.85
CA VAL A 15 6.22 5.45 7.98
C VAL A 15 5.05 5.69 7.05
N GLU A 16 5.02 4.86 6.02
CA GLU A 16 3.99 4.84 5.01
C GLU A 16 2.68 4.30 5.57
N ALA A 17 2.79 3.56 6.66
CA ALA A 17 1.63 2.99 7.32
C ALA A 17 1.11 3.96 8.38
N ILE A 18 2.03 4.47 9.16
CA ILE A 18 1.72 5.38 10.26
C ILE A 18 1.31 6.76 9.74
N TYR A 19 2.13 7.32 8.86
CA TYR A 19 1.89 8.65 8.29
C TYR A 19 2.46 8.75 6.88
N PRO A 20 1.76 8.19 5.88
CA PRO A 20 2.23 8.19 4.49
C PRO A 20 2.50 9.60 3.94
N ASP A 21 1.43 10.26 3.50
CA ASP A 21 1.48 11.64 2.94
C ASP A 21 2.32 12.63 3.78
N LEU A 22 2.55 12.32 5.05
CA LEU A 22 3.32 13.20 5.90
C LEU A 22 4.79 13.13 5.52
N LEU A 23 5.26 11.93 5.24
CA LEU A 23 6.62 11.73 4.82
C LEU A 23 6.63 11.25 3.38
N SER A 24 6.90 12.13 2.46
CA SER A 24 6.90 11.77 1.07
C SER A 24 8.30 11.40 0.67
N LYS A 25 8.44 10.52 -0.28
CA LYS A 25 9.73 10.08 -0.72
C LYS A 25 9.99 10.63 -2.11
N LYS A 26 11.09 11.33 -2.27
CA LYS A 26 11.35 12.07 -3.49
C LYS A 26 12.23 11.33 -4.46
N GLN A 27 13.17 10.60 -3.95
CA GLN A 27 14.08 9.89 -4.80
C GLN A 27 13.56 8.47 -5.08
N GLU A 28 14.34 7.70 -5.83
CA GLU A 28 13.97 6.35 -6.26
C GLU A 28 13.41 5.47 -5.13
N ASP A 29 14.22 5.22 -4.09
CA ASP A 29 13.78 4.38 -2.99
C ASP A 29 14.63 4.56 -1.74
N GLY A 30 14.19 5.47 -0.91
CA GLY A 30 14.83 5.69 0.38
C GLY A 30 16.15 6.43 0.30
N SER A 31 16.46 6.99 -0.84
CA SER A 31 17.70 7.71 -0.97
C SER A 31 17.52 9.20 -0.64
N ILE A 32 16.32 9.74 -0.91
CA ILE A 32 15.98 11.15 -0.56
C ILE A 32 14.47 11.27 -0.37
N ILE A 33 14.06 12.09 0.59
CA ILE A 33 12.67 12.25 0.94
C ILE A 33 12.37 13.69 1.34
N VAL A 34 11.11 13.95 1.55
CA VAL A 34 10.63 15.23 2.04
C VAL A 34 9.51 14.97 3.04
N VAL A 35 9.77 15.24 4.30
CA VAL A 35 8.80 15.02 5.33
C VAL A 35 8.20 16.35 5.77
N LYS A 36 6.93 16.37 5.96
CA LYS A 36 6.19 17.55 6.35
C LYS A 36 6.29 17.81 7.86
N VAL A 37 5.77 18.96 8.30
CA VAL A 37 5.86 19.34 9.71
C VAL A 37 4.48 19.24 10.36
N PRO A 38 4.32 18.32 11.31
CA PRO A 38 3.05 18.16 12.02
C PRO A 38 2.79 19.35 12.94
N GLN A 39 1.53 19.80 12.99
CA GLN A 39 1.12 20.94 13.83
C GLN A 39 1.55 22.27 13.20
N HIS A 40 2.28 22.18 12.10
CA HIS A 40 2.71 23.34 11.34
C HIS A 40 2.86 22.96 9.89
N GLU A 41 1.77 22.47 9.33
CA GLU A 41 1.69 22.02 7.95
C GLU A 41 1.86 23.15 6.97
N TYR A 42 3.08 23.61 6.89
CA TYR A 42 3.48 24.70 6.03
C TYR A 42 4.96 24.58 5.77
N MET A 43 5.66 24.07 6.76
CA MET A 43 7.06 23.81 6.63
C MET A 43 7.24 22.37 6.30
N THR A 44 7.94 22.13 5.26
CA THR A 44 8.28 20.79 4.88
C THR A 44 9.78 20.64 4.94
N LEU A 45 10.25 19.45 5.21
CA LEU A 45 11.68 19.24 5.40
C LEU A 45 12.24 18.31 4.31
N GLN A 46 13.29 18.74 3.66
CA GLN A 46 13.95 17.93 2.67
C GLN A 46 15.12 17.19 3.31
N ILE A 47 15.05 15.85 3.27
CA ILE A 47 16.04 15.01 3.91
C ILE A 47 16.56 13.94 2.95
N SER A 48 17.85 13.97 2.74
CA SER A 48 18.53 13.00 1.92
C SER A 48 19.01 11.82 2.77
N PHE A 49 19.44 10.77 2.12
CA PHE A 49 19.95 9.60 2.77
C PHE A 49 21.33 9.29 2.24
N PRO A 50 22.35 9.43 3.10
CA PRO A 50 23.75 9.27 2.72
C PRO A 50 24.15 7.82 2.61
N THR A 51 25.30 7.60 1.99
CA THR A 51 25.88 6.28 1.87
C THR A 51 26.03 5.65 3.26
N HIS A 52 26.04 6.49 4.29
CA HIS A 52 26.09 6.04 5.65
C HIS A 52 24.70 6.12 6.28
N TYR A 53 23.73 5.55 5.56
CA TYR A 53 22.32 5.41 6.03
C TYR A 53 22.24 5.02 7.52
N PRO A 54 21.06 5.28 8.18
CA PRO A 54 20.78 5.05 9.61
C PRO A 54 21.68 4.05 10.34
N SER A 55 21.86 2.85 9.77
CA SER A 55 22.70 1.83 10.40
C SER A 55 24.11 2.37 10.68
N GLU A 56 24.67 3.04 9.71
CA GLU A 56 25.98 3.62 9.85
C GLU A 56 25.91 4.93 10.61
N GLU A 57 25.13 5.87 10.12
CA GLU A 57 25.00 7.15 10.78
C GLU A 57 23.56 7.57 10.94
N ALA A 58 22.98 8.09 9.87
CA ALA A 58 21.64 8.67 9.87
C ALA A 58 21.42 9.45 8.56
N PRO A 59 20.17 9.86 8.26
CA PRO A 59 19.85 10.66 7.06
C PRO A 59 20.48 12.06 7.10
N ASN A 60 20.27 12.82 6.04
CA ASN A 60 20.83 14.16 5.91
C ASN A 60 19.76 15.18 5.60
N VAL A 61 19.38 15.98 6.58
CA VAL A 61 18.43 17.04 6.32
C VAL A 61 19.10 18.13 5.49
N ILE A 62 18.71 18.21 4.23
CA ILE A 62 19.34 19.12 3.30
C ILE A 62 18.76 20.51 3.38
N GLU A 63 17.46 20.60 3.69
CA GLU A 63 16.84 21.93 3.77
C GLU A 63 15.41 21.85 4.27
N VAL A 64 14.88 23.00 4.67
CA VAL A 64 13.50 23.11 5.10
C VAL A 64 12.86 24.32 4.42
N GLY A 65 11.58 24.25 4.18
CA GLY A 65 10.89 25.36 3.54
C GLY A 65 9.55 25.61 4.14
N VAL A 66 9.02 26.80 3.97
CA VAL A 66 7.76 27.14 4.58
C VAL A 66 6.99 28.19 3.80
N CYS A 67 5.75 27.90 3.55
CA CYS A 67 4.86 28.80 2.86
C CYS A 67 4.12 29.67 3.88
N THR A 68 3.77 30.91 3.48
CA THR A 68 3.03 31.85 4.33
C THR A 68 3.80 32.21 5.60
N SER A 69 5.11 32.36 5.45
CA SER A 69 5.96 32.72 6.56
C SER A 69 5.69 34.17 6.98
N LEU A 70 6.02 35.11 6.09
CA LEU A 70 5.79 36.55 6.31
C LEU A 70 6.37 37.06 7.64
N ALA A 71 5.54 37.09 8.68
CA ALA A 71 5.97 37.58 9.98
C ALA A 71 6.74 36.53 10.74
N LYS A 72 6.46 35.27 10.44
CA LYS A 72 7.13 34.15 11.09
C LYS A 72 8.60 34.15 10.72
N ARG A 73 8.87 34.51 9.46
CA ARG A 73 10.24 34.64 8.95
C ARG A 73 11.09 35.56 9.85
N ASP A 74 10.43 36.50 10.51
CA ASP A 74 11.09 37.45 11.41
C ASP A 74 11.57 36.76 12.68
N LEU A 75 11.11 35.56 12.90
CA LEU A 75 11.44 34.82 14.09
C LEU A 75 12.32 33.60 13.77
N TYR A 76 11.96 32.87 12.73
CA TYR A 76 12.74 31.72 12.33
C TYR A 76 12.96 31.68 10.82
N ASP A 77 14.06 31.10 10.41
CA ASP A 77 14.41 31.00 9.01
C ASP A 77 14.64 29.54 8.65
N THR A 78 14.66 29.29 7.35
CA THR A 78 14.89 27.97 6.82
C THR A 78 16.21 27.35 7.33
N LYS A 79 17.32 28.06 7.15
CA LYS A 79 18.62 27.57 7.58
C LYS A 79 18.71 27.49 9.12
N TYR A 80 17.86 28.25 9.77
CA TYR A 80 17.82 28.24 11.23
C TYR A 80 17.21 26.95 11.71
N LEU A 81 15.98 26.67 11.23
CA LEU A 81 15.31 25.43 11.55
C LEU A 81 16.21 24.27 11.14
N GLN A 82 16.90 24.45 10.02
CA GLN A 82 17.87 23.50 9.50
C GLN A 82 18.90 23.15 10.56
N HIS A 83 19.36 24.15 11.28
CA HIS A 83 20.37 23.94 12.31
C HIS A 83 19.85 23.08 13.42
N LEU A 84 18.72 23.47 14.00
CA LEU A 84 18.15 22.71 15.11
C LEU A 84 17.73 21.31 14.66
N PHE A 85 17.12 21.22 13.49
CA PHE A 85 16.70 19.95 12.92
C PHE A 85 17.87 18.96 12.89
N GLN A 86 19.01 19.39 12.36
CA GLN A 86 20.20 18.53 12.33
C GLN A 86 20.70 18.21 13.75
N GLU A 87 20.74 19.23 14.59
CA GLU A 87 21.21 19.07 15.97
C GLU A 87 20.36 18.06 16.75
N VAL A 88 19.06 18.07 16.52
CA VAL A 88 18.18 17.13 17.20
C VAL A 88 18.16 15.79 16.48
N MET A 89 18.53 15.79 15.18
CA MET A 89 18.63 14.56 14.40
C MET A 89 19.69 13.66 15.02
N ASP A 90 20.73 14.26 15.57
CA ASP A 90 21.76 13.56 16.35
C ASP A 90 21.16 12.49 17.30
N SER A 91 19.91 12.71 17.73
CA SER A 91 19.22 11.74 18.56
C SER A 91 19.06 10.42 17.79
N VAL A 92 18.79 10.54 16.50
CA VAL A 92 18.64 9.39 15.62
C VAL A 92 19.90 9.24 14.77
N PHE A 93 21.02 9.37 15.44
CA PHE A 93 22.33 9.30 14.81
C PHE A 93 23.12 8.17 15.43
N HIS A 94 22.90 7.97 16.72
CA HIS A 94 23.55 6.90 17.45
C HIS A 94 22.57 6.19 18.40
N ARG A 95 21.70 5.37 17.82
CA ARG A 95 20.72 4.54 18.52
C ARG A 95 20.57 3.37 17.59
N GLY A 96 19.87 2.31 17.93
CA GLY A 96 19.65 1.30 16.93
C GLY A 96 18.39 1.52 16.12
N SER A 97 17.85 2.73 16.19
CA SER A 97 16.65 3.08 15.46
C SER A 97 17.02 3.53 14.04
N VAL A 98 16.14 4.30 13.39
CA VAL A 98 16.40 4.72 12.03
C VAL A 98 16.47 6.25 11.92
N CYS A 99 15.37 6.95 12.23
CA CYS A 99 15.36 8.43 12.16
C CYS A 99 14.00 9.04 12.47
N LEU A 100 12.98 8.38 12.03
CA LEU A 100 11.62 8.94 12.07
C LEU A 100 10.97 8.96 13.46
N PHE A 101 11.16 7.90 14.22
CA PHE A 101 10.46 7.74 15.48
C PHE A 101 11.02 8.59 16.62
N ASP A 102 12.33 8.61 16.78
CA ASP A 102 12.92 9.29 17.95
C ASP A 102 13.10 10.79 17.75
N PHE A 103 13.19 11.23 16.51
CA PHE A 103 13.45 12.62 16.24
C PHE A 103 12.18 13.49 16.36
N LEU A 104 11.02 12.86 16.21
CA LEU A 104 9.75 13.57 16.26
C LEU A 104 9.49 14.21 17.63
N THR A 105 9.95 13.56 18.69
CA THR A 105 9.77 14.12 20.03
C THR A 105 10.49 15.46 20.16
N GLU A 106 11.75 15.48 19.72
CA GLU A 106 12.55 16.70 19.71
C GLU A 106 11.81 17.82 18.99
N LEU A 107 11.33 17.51 17.78
CA LEU A 107 10.60 18.48 16.97
C LEU A 107 9.28 18.88 17.63
N ASP A 108 8.63 17.92 18.25
CA ASP A 108 7.34 18.15 18.89
C ASP A 108 7.45 19.27 19.93
N GLY A 109 8.54 19.27 20.68
CA GLY A 109 8.74 20.30 21.67
C GLY A 109 9.26 21.62 21.09
N VAL A 110 10.25 21.54 20.19
CA VAL A 110 10.88 22.74 19.65
C VAL A 110 10.02 23.47 18.58
N LEU A 111 9.25 22.72 17.81
CA LEU A 111 8.43 23.31 16.75
C LEU A 111 7.24 24.09 17.31
N TYR A 112 6.84 23.76 18.53
CA TYR A 112 5.74 24.47 19.16
C TYR A 112 5.62 24.08 20.62
N VAL A 113 5.76 25.06 21.49
CA VAL A 113 5.58 24.84 22.91
C VAL A 113 4.09 24.85 23.23
N GLU A 114 3.69 24.06 24.23
CA GLU A 114 2.28 23.93 24.63
C GLU A 114 1.48 23.14 23.57
N PRO A 115 0.40 22.46 23.97
CA PRO A 115 -0.42 21.69 23.06
C PRO A 115 -1.46 22.55 22.33
N GLU A 116 -1.45 22.51 21.02
CA GLU A 116 -2.45 23.22 20.23
C GLU A 116 -3.57 22.25 19.90
N GLU A 117 -4.73 22.77 19.55
CA GLU A 117 -5.88 21.92 19.33
C GLU A 117 -6.49 22.22 17.97
N GLU A 118 -6.27 21.32 17.04
CA GLU A 118 -6.80 21.45 15.70
C GLU A 118 -6.96 20.07 15.07
N THR A 119 -7.78 19.98 14.04
CA THR A 119 -8.07 18.71 13.40
C THR A 119 -7.06 18.37 12.31
N GLU A 120 -6.92 17.09 12.05
CA GLU A 120 -6.06 16.61 11.01
C GLU A 120 -6.75 16.79 9.66
N PRO A 121 -5.98 16.86 8.57
CA PRO A 121 -6.52 16.98 7.22
C PRO A 121 -7.37 15.77 6.82
N VAL A 122 -7.89 15.80 5.62
CA VAL A 122 -8.75 14.74 5.12
C VAL A 122 -7.93 13.49 4.75
N GLN A 123 -7.97 12.50 5.61
CA GLN A 123 -7.26 11.26 5.38
C GLN A 123 -8.14 10.29 4.60
N GLN A 124 -7.93 10.19 3.30
CA GLN A 124 -8.73 9.32 2.47
C GLN A 124 -8.08 7.95 2.31
N SER A 125 -8.76 6.93 2.81
CA SER A 125 -8.28 5.56 2.71
C SER A 125 -9.47 4.61 2.80
N ASP A 126 -9.45 3.57 1.97
CA ASP A 126 -10.56 2.62 1.89
C ASP A 126 -10.09 1.26 1.42
N ILE A 127 -9.14 1.29 0.52
CA ILE A 127 -8.56 0.10 -0.11
C ILE A 127 -7.99 -0.89 0.92
N PRO A 128 -8.51 -2.17 0.91
CA PRO A 128 -8.09 -3.21 1.88
C PRO A 128 -6.67 -3.69 1.63
N THR A 129 -5.93 -3.87 2.71
CA THR A 129 -4.55 -4.34 2.64
C THR A 129 -4.28 -5.39 3.72
N ASP A 130 -5.32 -5.73 4.46
CA ASP A 130 -5.23 -6.68 5.55
C ASP A 130 -5.68 -8.07 5.11
N PRO A 131 -5.08 -9.13 5.70
CA PRO A 131 -5.39 -10.52 5.37
C PRO A 131 -6.69 -11.01 6.01
N PHE A 132 -7.12 -12.16 5.55
CA PHE A 132 -8.40 -12.74 5.96
C PHE A 132 -8.28 -14.25 6.18
N GLU A 133 -9.19 -14.80 6.99
CA GLU A 133 -9.19 -16.24 7.30
C GLU A 133 -9.82 -17.01 6.14
N GLY A 134 -9.24 -18.15 5.78
CA GLY A 134 -9.74 -18.93 4.64
C GLY A 134 -9.77 -18.13 3.35
N TRP A 135 -9.25 -16.93 3.42
CA TRP A 135 -9.32 -15.97 2.39
C TRP A 135 -7.95 -15.46 2.02
N THR A 136 -7.76 -15.23 0.77
CA THR A 136 -6.58 -14.61 0.27
C THR A 136 -7.00 -13.44 -0.58
N ALA A 137 -6.99 -12.26 -0.01
CA ALA A 137 -7.49 -11.11 -0.70
C ALA A 137 -6.46 -10.05 -0.69
N SER A 138 -6.21 -9.53 -1.83
CA SER A 138 -5.21 -8.50 -2.02
C SER A 138 -5.29 -7.94 -3.40
N ASP A 139 -6.48 -7.97 -3.99
CA ASP A 139 -6.60 -7.55 -5.36
C ASP A 139 -7.48 -6.32 -5.52
N PRO A 140 -6.95 -5.13 -5.22
CA PRO A 140 -7.57 -3.87 -5.52
C PRO A 140 -7.09 -3.32 -6.87
N ILE A 141 -7.76 -2.28 -7.34
CA ILE A 141 -7.38 -1.55 -8.57
C ILE A 141 -8.09 -0.23 -8.60
N THR A 142 -7.33 0.80 -8.82
CA THR A 142 -7.86 2.13 -8.82
C THR A 142 -8.35 2.54 -10.23
N ASP A 143 -9.54 3.11 -10.25
CA ASP A 143 -10.21 3.54 -11.46
C ASP A 143 -10.68 4.95 -11.21
N ARG A 144 -11.29 5.60 -12.18
CA ARG A 144 -11.72 6.97 -11.97
C ARG A 144 -12.68 7.08 -10.77
N GLY A 145 -12.14 7.64 -9.71
CA GLY A 145 -12.86 7.85 -8.46
C GLY A 145 -13.05 6.57 -7.66
N SER A 146 -13.33 5.50 -8.36
CA SER A 146 -13.57 4.21 -7.75
C SER A 146 -12.30 3.35 -7.72
N THR A 147 -12.37 2.30 -6.96
CA THR A 147 -11.36 1.28 -6.90
C THR A 147 -12.05 0.00 -6.70
N PHE A 148 -11.71 -0.98 -7.47
CA PHE A 148 -12.35 -2.21 -7.33
C PHE A 148 -11.49 -3.16 -6.52
N MET A 149 -12.12 -3.99 -5.75
CA MET A 149 -11.40 -4.92 -4.92
C MET A 149 -11.93 -6.30 -5.15
N ALA A 150 -11.06 -7.25 -5.05
CA ALA A 150 -11.43 -8.61 -5.19
C ALA A 150 -10.78 -9.42 -4.09
N PHE A 151 -11.48 -10.41 -3.65
CA PHE A 151 -10.98 -11.29 -2.63
C PHE A 151 -11.06 -12.71 -3.18
N ALA A 152 -9.97 -13.43 -3.17
CA ALA A 152 -9.97 -14.79 -3.66
C ALA A 152 -9.83 -15.78 -2.51
N ALA A 153 -10.38 -16.96 -2.67
CA ALA A 153 -10.27 -17.97 -1.64
C ALA A 153 -10.42 -19.37 -2.19
N HIS A 154 -9.43 -20.19 -1.92
CA HIS A 154 -9.46 -21.60 -2.30
C HIS A 154 -10.43 -22.32 -1.39
N VAL A 155 -11.25 -23.16 -1.94
CA VAL A 155 -12.26 -23.80 -1.12
C VAL A 155 -12.43 -25.26 -1.46
N THR A 156 -13.12 -25.95 -0.58
CA THR A 156 -13.43 -27.34 -0.71
C THR A 156 -14.85 -27.46 -1.26
N SER A 157 -15.64 -28.35 -0.70
CA SER A 157 -16.97 -28.57 -1.18
C SER A 157 -17.85 -27.33 -0.95
N GLU A 158 -19.11 -27.47 -1.25
CA GLU A 158 -20.02 -26.34 -1.36
C GLU A 158 -20.25 -25.60 -0.05
N GLU A 159 -20.24 -26.31 1.06
CA GLU A 159 -20.57 -25.68 2.33
C GLU A 159 -19.57 -24.59 2.68
N GLN A 160 -18.28 -24.92 2.69
CA GLN A 160 -17.25 -23.92 2.93
C GLN A 160 -17.44 -22.66 2.09
N ALA A 161 -17.53 -22.86 0.78
CA ALA A 161 -17.69 -21.75 -0.16
C ALA A 161 -18.93 -20.93 0.17
N PHE A 162 -20.04 -21.62 0.37
CA PHE A 162 -21.32 -20.96 0.59
C PHE A 162 -21.34 -20.23 1.92
N ALA A 163 -20.85 -20.87 2.94
CA ALA A 163 -20.84 -20.32 4.28
C ALA A 163 -19.95 -19.11 4.38
N MET A 164 -18.65 -19.33 4.18
CA MET A 164 -17.66 -18.27 4.26
C MET A 164 -18.04 -17.07 3.37
N LEU A 165 -18.56 -17.34 2.19
CA LEU A 165 -18.99 -16.29 1.28
C LEU A 165 -20.26 -15.63 1.81
N ASP A 166 -21.19 -16.44 2.30
CA ASP A 166 -22.47 -15.97 2.86
C ASP A 166 -22.22 -14.87 3.85
N LEU A 167 -21.48 -15.24 4.85
CA LEU A 167 -21.18 -14.40 5.95
C LEU A 167 -20.40 -13.17 5.50
N LEU A 168 -19.39 -13.37 4.64
CA LEU A 168 -18.62 -12.24 4.11
C LEU A 168 -19.51 -11.22 3.41
N LYS A 169 -20.43 -11.71 2.60
CA LYS A 169 -21.33 -10.85 1.85
C LYS A 169 -22.20 -9.99 2.77
N THR A 170 -22.73 -10.60 3.83
CA THR A 170 -23.59 -9.87 4.74
C THR A 170 -22.79 -9.32 5.95
N ASP A 171 -21.47 -9.42 5.88
CA ASP A 171 -20.63 -8.95 6.98
C ASP A 171 -20.46 -7.46 6.89
N SER A 172 -20.25 -6.82 8.02
CA SER A 172 -20.10 -5.38 8.08
C SER A 172 -18.79 -4.93 7.40
N LYS A 173 -17.88 -5.88 7.22
CA LYS A 173 -16.61 -5.65 6.55
C LYS A 173 -16.83 -5.31 5.09
N MET A 174 -17.56 -6.16 4.39
CA MET A 174 -17.83 -5.97 2.98
C MET A 174 -19.04 -5.04 2.79
N ARG A 175 -19.80 -4.87 3.87
CA ARG A 175 -20.98 -4.01 3.89
C ARG A 175 -20.59 -2.55 3.69
N LYS A 176 -19.33 -2.26 3.85
CA LYS A 176 -18.84 -0.90 3.77
C LYS A 176 -18.85 -0.36 2.35
N ALA A 177 -18.86 -1.25 1.37
CA ALA A 177 -18.86 -0.83 -0.02
C ALA A 177 -20.27 -0.48 -0.48
N ASN A 178 -20.38 0.12 -1.64
CA ASN A 178 -21.67 0.49 -2.17
C ASN A 178 -22.34 -0.67 -2.88
N HIS A 179 -21.54 -1.47 -3.59
CA HIS A 179 -22.05 -2.63 -4.30
C HIS A 179 -21.01 -3.73 -4.31
N VAL A 180 -21.47 -4.96 -4.10
CA VAL A 180 -20.59 -6.11 -4.09
C VAL A 180 -21.10 -7.20 -5.01
N MET A 181 -20.19 -7.96 -5.57
CA MET A 181 -20.52 -9.06 -6.49
C MET A 181 -19.63 -10.25 -6.17
N SER A 182 -20.07 -11.43 -6.54
CA SER A 182 -19.28 -12.61 -6.21
C SER A 182 -19.30 -13.66 -7.32
N ALA A 183 -18.38 -14.62 -7.20
CA ALA A 183 -18.30 -15.72 -8.13
C ALA A 183 -17.74 -16.95 -7.44
N TRP A 184 -18.51 -18.02 -7.43
CA TRP A 184 -18.08 -19.26 -6.81
C TRP A 184 -18.04 -20.37 -7.84
N ARG A 185 -17.18 -21.35 -7.61
CA ARG A 185 -17.02 -22.45 -8.55
C ARG A 185 -16.31 -23.60 -7.87
N ILE A 186 -16.95 -24.74 -7.87
CA ILE A 186 -16.38 -25.90 -7.22
C ILE A 186 -16.35 -27.08 -8.17
N LYS A 187 -15.17 -27.57 -8.44
CA LYS A 187 -14.97 -28.72 -9.29
C LYS A 187 -14.27 -29.79 -8.50
N GLN A 188 -14.76 -30.99 -8.56
CA GLN A 188 -14.10 -32.08 -7.87
C GLN A 188 -12.74 -32.34 -8.47
N ASP A 189 -11.72 -32.23 -7.63
CA ASP A 189 -10.32 -32.42 -8.03
C ASP A 189 -10.13 -33.64 -8.92
N GLY A 190 -10.60 -34.78 -8.46
CA GLY A 190 -10.46 -35.99 -9.23
C GLY A 190 -11.78 -36.69 -9.45
N SER A 191 -12.85 -35.91 -9.51
CA SER A 191 -14.18 -36.46 -9.71
C SER A 191 -14.98 -35.59 -10.69
N ALA A 192 -16.27 -35.84 -10.80
CA ALA A 192 -17.11 -35.12 -11.76
C ALA A 192 -18.03 -34.10 -11.12
N ALA A 193 -18.33 -34.29 -9.84
CA ALA A 193 -19.27 -33.41 -9.13
C ALA A 193 -18.81 -31.95 -9.13
N THR A 194 -19.76 -31.05 -9.24
CA THR A 194 -19.52 -29.64 -9.25
C THR A 194 -20.69 -28.92 -8.59
N TYR A 195 -20.39 -27.90 -7.80
CA TYR A 195 -21.44 -27.10 -7.20
C TYR A 195 -21.22 -25.65 -7.54
N GLN A 196 -22.19 -25.08 -8.22
CA GLN A 196 -22.10 -23.73 -8.71
C GLN A 196 -23.49 -23.16 -8.93
N ASP A 197 -23.59 -21.83 -8.96
CA ASP A 197 -24.86 -21.16 -9.18
C ASP A 197 -24.59 -19.73 -9.64
N SER A 198 -25.60 -19.08 -10.17
CA SER A 198 -25.44 -17.74 -10.70
C SER A 198 -25.51 -16.68 -9.60
N ASP A 199 -24.59 -15.74 -9.66
CA ASP A 199 -24.57 -14.60 -8.75
C ASP A 199 -25.27 -13.42 -9.40
N ASP A 200 -25.85 -12.55 -8.59
CA ASP A 200 -26.54 -11.39 -9.12
C ASP A 200 -26.53 -10.24 -8.12
N ASP A 201 -26.67 -10.57 -6.82
CA ASP A 201 -26.66 -9.56 -5.73
C ASP A 201 -27.50 -8.32 -6.09
N GLY A 202 -26.88 -7.16 -5.99
CA GLY A 202 -27.53 -5.93 -6.38
C GLY A 202 -27.06 -5.50 -7.73
N GLU A 203 -25.79 -5.76 -8.00
CA GLU A 203 -25.19 -5.46 -9.27
C GLU A 203 -25.30 -6.70 -10.15
N THR A 204 -26.47 -6.92 -10.72
CA THR A 204 -26.72 -8.11 -11.48
C THR A 204 -25.99 -8.10 -12.82
N ALA A 205 -25.66 -6.91 -13.31
CA ALA A 205 -24.95 -6.76 -14.57
C ALA A 205 -23.54 -7.30 -14.41
N ALA A 206 -22.96 -7.03 -13.26
CA ALA A 206 -21.64 -7.49 -12.94
C ALA A 206 -21.66 -8.92 -12.43
N GLY A 207 -22.84 -9.36 -12.00
CA GLY A 207 -22.99 -10.67 -11.38
C GLY A 207 -22.79 -11.81 -12.37
N SER A 208 -23.56 -11.78 -13.45
CA SER A 208 -23.46 -12.79 -14.50
C SER A 208 -22.09 -12.74 -15.13
N ARG A 209 -21.65 -11.52 -15.38
CA ARG A 209 -20.32 -11.26 -15.88
C ARG A 209 -19.25 -11.95 -15.03
N MET A 210 -19.44 -11.97 -13.71
CA MET A 210 -18.48 -12.60 -12.81
C MET A 210 -18.39 -14.07 -13.11
N LEU A 211 -19.53 -14.64 -13.44
CA LEU A 211 -19.62 -16.04 -13.79
C LEU A 211 -18.86 -16.33 -15.06
N HIS A 212 -19.26 -15.69 -16.15
CA HIS A 212 -18.58 -15.81 -17.43
C HIS A 212 -17.11 -15.44 -17.31
N LEU A 213 -16.80 -14.63 -16.32
CA LEU A 213 -15.47 -14.15 -16.11
C LEU A 213 -14.59 -15.24 -15.53
N ILE A 214 -15.08 -15.90 -14.50
CA ILE A 214 -14.30 -16.94 -13.87
C ILE A 214 -14.25 -18.17 -14.77
N THR A 215 -15.16 -18.26 -15.71
CA THR A 215 -15.15 -19.36 -16.64
C THR A 215 -14.04 -19.13 -17.69
N ILE A 216 -14.07 -17.96 -18.35
CA ILE A 216 -13.04 -17.59 -19.33
C ILE A 216 -11.65 -17.46 -18.69
N MET A 217 -11.63 -17.24 -17.37
CA MET A 217 -10.37 -17.07 -16.64
C MET A 217 -9.63 -18.38 -16.40
N ASP A 218 -10.15 -19.52 -16.90
CA ASP A 218 -9.51 -20.82 -16.68
C ASP A 218 -9.27 -21.06 -15.22
N VAL A 219 -10.34 -21.31 -14.48
CA VAL A 219 -10.22 -21.41 -13.05
C VAL A 219 -11.42 -22.12 -12.41
N TRP A 220 -11.14 -22.86 -11.35
CA TRP A 220 -12.13 -23.62 -10.59
C TRP A 220 -11.65 -23.79 -9.16
N ASN A 221 -12.47 -24.45 -8.35
CA ASN A 221 -12.16 -24.80 -6.95
C ASN A 221 -11.80 -23.58 -6.10
N VAL A 222 -12.18 -22.41 -6.54
CA VAL A 222 -11.80 -21.19 -5.86
C VAL A 222 -12.92 -20.14 -6.04
N ILE A 223 -13.03 -19.23 -5.09
CA ILE A 223 -14.07 -18.21 -5.16
C ILE A 223 -13.45 -16.81 -5.21
N VAL A 224 -14.17 -15.87 -5.80
CA VAL A 224 -13.73 -14.49 -5.86
C VAL A 224 -14.88 -13.51 -5.64
N VAL A 225 -14.67 -12.61 -4.69
CA VAL A 225 -15.63 -11.57 -4.38
C VAL A 225 -15.09 -10.20 -4.81
N VAL A 226 -15.93 -9.41 -5.47
CA VAL A 226 -15.54 -8.08 -5.89
C VAL A 226 -16.41 -7.03 -5.21
N ALA A 227 -15.78 -5.94 -4.84
CA ALA A 227 -16.44 -4.85 -4.16
C ALA A 227 -15.76 -3.56 -4.59
N ARG A 228 -16.51 -2.51 -4.79
CA ARG A 228 -15.89 -1.27 -5.21
C ARG A 228 -16.21 -0.10 -4.27
N TRP A 229 -15.27 0.83 -4.17
CA TRP A 229 -15.37 1.99 -3.28
C TRP A 229 -15.09 3.25 -4.09
N PHE A 230 -15.66 4.36 -3.66
CA PHE A 230 -15.47 5.64 -4.34
C PHE A 230 -14.89 6.66 -3.38
N GLY A 231 -13.87 7.39 -3.82
CA GLY A 231 -13.28 8.41 -2.98
C GLY A 231 -12.14 9.15 -3.65
N GLY A 232 -12.43 10.31 -4.22
CA GLY A 232 -11.41 11.10 -4.87
C GLY A 232 -11.59 11.16 -6.38
N ALA A 233 -10.68 11.85 -7.06
CA ALA A 233 -10.73 11.93 -8.51
C ALA A 233 -10.24 10.64 -9.12
N HIS A 234 -9.02 10.27 -8.78
CA HIS A 234 -8.48 8.97 -9.15
C HIS A 234 -7.88 8.32 -7.93
N ILE A 235 -8.14 8.94 -6.76
CA ILE A 235 -7.65 8.45 -5.46
C ILE A 235 -6.13 8.60 -5.37
N GLY A 236 -5.45 7.77 -6.12
CA GLY A 236 -4.03 7.78 -6.18
C GLY A 236 -3.55 6.93 -7.33
N PRO A 237 -3.18 7.55 -8.46
CA PRO A 237 -2.72 6.83 -9.66
C PRO A 237 -1.62 5.83 -9.35
N ASP A 238 -0.89 6.09 -8.29
CA ASP A 238 0.18 5.22 -7.87
C ASP A 238 -0.33 3.89 -7.34
N ARG A 239 -1.51 3.88 -6.69
CA ARG A 239 -1.99 2.67 -6.09
C ARG A 239 -2.39 1.69 -7.15
N PHE A 240 -2.95 2.21 -8.23
CA PHE A 240 -3.42 1.42 -9.35
C PHE A 240 -2.38 0.37 -9.80
N LYS A 241 -1.24 0.84 -10.29
CA LYS A 241 -0.21 -0.07 -10.81
C LYS A 241 0.55 -0.82 -9.71
N HIS A 242 0.65 -0.24 -8.55
CA HIS A 242 1.44 -0.85 -7.48
C HIS A 242 0.68 -2.00 -6.88
N ILE A 243 -0.54 -1.72 -6.55
CA ILE A 243 -1.40 -2.69 -5.98
C ILE A 243 -1.81 -3.69 -7.06
N ASN A 244 -1.71 -3.23 -8.32
CA ASN A 244 -1.92 -4.08 -9.47
C ASN A 244 -0.98 -5.27 -9.38
N SER A 245 0.31 -4.97 -9.20
CA SER A 245 1.30 -6.01 -9.10
C SER A 245 1.00 -6.96 -7.92
N THR A 246 0.63 -6.35 -6.78
CA THR A 246 0.26 -7.11 -5.61
C THR A 246 -0.91 -8.04 -5.93
N ALA A 247 -2.01 -7.44 -6.35
CA ALA A 247 -3.22 -8.14 -6.79
C ALA A 247 -2.91 -9.33 -7.69
N ARG A 248 -2.09 -9.08 -8.70
CA ARG A 248 -1.76 -10.13 -9.67
C ARG A 248 -1.17 -11.34 -8.97
N GLU A 249 -0.34 -11.09 -7.98
CA GLU A 249 0.28 -12.16 -7.22
C GLU A 249 -0.77 -12.93 -6.41
N ALA A 250 -1.62 -12.21 -5.65
CA ALA A 250 -2.65 -12.86 -4.82
C ALA A 250 -3.62 -13.70 -5.64
N VAL A 251 -4.34 -13.05 -6.56
CA VAL A 251 -5.26 -13.73 -7.48
C VAL A 251 -4.64 -15.00 -8.06
N VAL A 252 -3.46 -14.88 -8.65
CA VAL A 252 -2.79 -16.03 -9.22
C VAL A 252 -2.49 -17.07 -8.13
N ARG A 253 -2.00 -16.57 -7.00
CA ARG A 253 -1.66 -17.41 -5.85
C ARG A 253 -2.84 -18.28 -5.41
N ALA A 254 -3.95 -17.63 -5.05
CA ALA A 254 -5.15 -18.35 -4.59
C ALA A 254 -5.77 -19.32 -5.60
N GLY A 255 -5.15 -19.49 -6.75
CA GLY A 255 -5.69 -20.44 -7.70
C GLY A 255 -6.57 -19.83 -8.73
N PHE A 256 -6.16 -18.71 -9.27
CA PHE A 256 -6.96 -18.01 -10.26
C PHE A 256 -6.07 -17.77 -11.41
N ASP A 257 -5.79 -18.85 -12.13
CA ASP A 257 -4.82 -18.85 -13.23
C ASP A 257 -4.42 -20.29 -13.51
N SER A 258 -4.90 -20.83 -14.59
CA SER A 258 -4.56 -22.19 -14.96
C SER A 258 -4.02 -22.25 -16.39
N MET A 1 31.79 -6.56 7.25
CA MET A 1 32.45 -7.27 6.13
C MET A 1 31.66 -8.52 5.76
N ASP A 2 30.36 -8.49 5.97
CA ASP A 2 29.52 -9.65 5.71
C ASP A 2 28.25 -9.25 4.95
N ASP A 3 27.31 -8.62 5.64
CA ASP A 3 26.03 -8.20 5.01
C ASP A 3 25.78 -6.73 5.30
N ASP A 4 26.87 -5.98 5.28
CA ASP A 4 26.86 -4.56 5.61
C ASP A 4 26.00 -3.78 4.64
N HIS A 5 25.89 -4.27 3.43
CA HIS A 5 25.09 -3.65 2.40
C HIS A 5 23.64 -3.94 2.62
N GLU A 6 23.33 -5.16 2.97
CA GLU A 6 21.96 -5.54 3.21
C GLU A 6 21.32 -4.68 4.29
N GLN A 7 21.96 -4.55 5.44
CA GLN A 7 21.41 -3.73 6.52
C GLN A 7 21.36 -2.26 6.08
N LEU A 8 22.41 -1.82 5.40
CA LEU A 8 22.48 -0.44 4.88
C LEU A 8 21.32 -0.16 3.92
N VAL A 9 21.19 -1.00 2.90
CA VAL A 9 20.14 -0.85 1.91
C VAL A 9 18.77 -0.99 2.56
N GLU A 10 18.73 -1.68 3.69
CA GLU A 10 17.49 -1.86 4.42
C GLU A 10 17.12 -0.63 5.20
N GLU A 11 18.11 0.08 5.76
CA GLU A 11 17.81 1.29 6.49
C GLU A 11 17.32 2.34 5.52
N LEU A 12 17.85 2.27 4.29
CA LEU A 12 17.39 3.14 3.21
C LEU A 12 15.90 2.92 2.95
N GLU A 13 15.53 1.67 2.69
CA GLU A 13 14.12 1.32 2.46
C GLU A 13 13.26 1.59 3.71
N ALA A 14 13.89 1.59 4.88
CA ALA A 14 13.18 1.81 6.12
C ALA A 14 12.89 3.29 6.32
N VAL A 15 13.91 4.13 6.10
CA VAL A 15 13.75 5.56 6.22
C VAL A 15 12.77 6.03 5.15
N GLU A 16 12.79 5.33 4.02
CA GLU A 16 11.89 5.54 2.92
C GLU A 16 10.45 5.35 3.41
N ALA A 17 10.20 4.16 3.95
CA ALA A 17 8.92 3.79 4.53
C ALA A 17 8.40 4.85 5.50
N ILE A 18 9.26 5.32 6.36
CA ILE A 18 8.88 6.30 7.36
C ILE A 18 8.72 7.69 6.75
N TYR A 19 9.72 8.09 5.94
CA TYR A 19 9.72 9.41 5.31
C TYR A 19 10.32 9.35 3.92
N PRO A 20 9.49 9.34 2.89
CA PRO A 20 9.96 9.32 1.52
C PRO A 20 10.45 10.70 1.05
N ASP A 21 9.50 11.55 0.63
CA ASP A 21 9.76 12.97 0.18
C ASP A 21 10.76 13.73 1.07
N LEU A 22 10.87 13.36 2.32
CA LEU A 22 11.75 14.05 3.24
C LEU A 22 13.22 13.72 2.94
N LEU A 23 13.47 12.47 2.60
CA LEU A 23 14.81 12.01 2.31
C LEU A 23 15.13 12.17 0.84
N SER A 24 16.39 12.46 0.56
CA SER A 24 16.85 12.57 -0.81
C SER A 24 18.21 11.92 -0.94
N LYS A 25 18.34 10.92 -1.80
CA LYS A 25 19.62 10.22 -1.95
C LYS A 25 20.41 10.82 -3.10
N LYS A 26 21.65 11.22 -2.83
CA LYS A 26 22.53 11.73 -3.84
C LYS A 26 23.08 10.59 -4.64
N GLN A 27 23.29 9.48 -3.95
CA GLN A 27 23.80 8.30 -4.56
C GLN A 27 22.71 7.26 -4.70
N GLU A 28 22.91 6.33 -5.60
CA GLU A 28 21.92 5.31 -5.91
C GLU A 28 21.51 4.47 -4.69
N ASP A 29 22.48 3.91 -3.96
CA ASP A 29 22.15 3.06 -2.83
C ASP A 29 23.10 3.24 -1.67
N GLY A 30 22.74 4.17 -0.83
CA GLY A 30 23.46 4.38 0.40
C GLY A 30 24.48 5.46 0.27
N SER A 31 25.68 5.05 -0.12
CA SER A 31 26.90 5.87 -0.33
C SER A 31 26.83 7.33 0.09
N ILE A 32 25.88 8.10 -0.42
CA ILE A 32 25.75 9.52 -0.05
C ILE A 32 24.31 9.94 -0.16
N ILE A 33 23.83 10.65 0.85
CA ILE A 33 22.44 11.06 0.91
C ILE A 33 22.30 12.45 1.53
N VAL A 34 21.15 13.04 1.33
CA VAL A 34 20.81 14.32 1.90
C VAL A 34 19.43 14.23 2.53
N VAL A 35 19.38 14.26 3.83
CA VAL A 35 18.11 14.20 4.51
C VAL A 35 17.75 15.58 5.00
N LYS A 36 16.50 15.89 5.07
CA LYS A 36 16.09 17.20 5.52
C LYS A 36 15.38 17.06 6.85
N VAL A 37 15.52 18.07 7.70
CA VAL A 37 14.88 18.08 9.02
C VAL A 37 13.45 17.52 8.96
N PRO A 38 13.14 16.51 9.81
CA PRO A 38 11.84 15.79 9.84
C PRO A 38 10.62 16.71 9.95
N GLN A 39 10.84 17.92 10.44
CA GLN A 39 9.75 18.88 10.58
C GLN A 39 9.41 19.51 9.22
N HIS A 40 10.16 19.09 8.16
CA HIS A 40 9.94 19.55 6.79
C HIS A 40 10.44 20.97 6.66
N GLU A 41 11.58 21.21 7.26
CA GLU A 41 12.20 22.52 7.30
C GLU A 41 12.71 23.03 5.97
N TYR A 42 14.01 23.07 5.90
CA TYR A 42 14.75 23.71 4.82
C TYR A 42 16.22 23.47 5.05
N MET A 43 16.56 23.11 6.29
CA MET A 43 17.92 22.72 6.60
C MET A 43 18.11 21.28 6.24
N THR A 44 18.89 21.06 5.24
CA THR A 44 19.15 19.73 4.79
C THR A 44 20.52 19.27 5.25
N LEU A 45 20.61 18.02 5.60
CA LEU A 45 21.84 17.44 6.09
C LEU A 45 22.51 16.59 5.01
N GLN A 46 23.73 16.98 4.65
CA GLN A 46 24.54 16.26 3.67
C GLN A 46 25.35 15.19 4.39
N ILE A 47 25.04 13.92 4.12
CA ILE A 47 25.67 12.83 4.81
C ILE A 47 26.20 11.80 3.80
N SER A 48 27.35 11.26 4.09
CA SER A 48 27.97 10.27 3.24
C SER A 48 28.08 8.96 4.01
N PHE A 49 28.32 7.90 3.31
CA PHE A 49 28.48 6.63 3.92
C PHE A 49 29.83 6.04 3.56
N PRO A 50 30.78 6.15 4.50
CA PRO A 50 32.16 5.69 4.31
C PRO A 50 32.25 4.20 4.30
N THR A 51 33.39 3.69 3.87
CA THR A 51 33.64 2.26 3.88
C THR A 51 33.38 1.68 5.28
N HIS A 52 33.49 2.52 6.30
CA HIS A 52 33.21 2.11 7.67
C HIS A 52 31.81 2.57 8.09
N TYR A 53 30.85 2.44 7.17
CA TYR A 53 29.41 2.73 7.40
C TYR A 53 28.90 2.12 8.75
N PRO A 54 27.66 2.53 9.21
CA PRO A 54 27.05 2.14 10.51
C PRO A 54 27.60 0.87 11.17
N SER A 55 27.62 -0.22 10.42
CA SER A 55 28.15 -1.50 10.91
C SER A 55 29.54 -1.28 11.54
N GLU A 56 30.48 -0.85 10.72
CA GLU A 56 31.84 -0.55 11.16
C GLU A 56 31.89 0.57 12.18
N GLU A 57 31.35 1.73 11.82
CA GLU A 57 31.38 2.89 12.71
C GLU A 57 30.08 3.69 12.68
N ALA A 58 29.83 4.34 11.55
CA ALA A 58 28.70 5.27 11.39
C ALA A 58 28.84 6.04 10.07
N PRO A 59 27.76 6.71 9.60
CA PRO A 59 27.83 7.55 8.40
C PRO A 59 28.75 8.78 8.59
N ASN A 60 28.88 9.59 7.57
CA ASN A 60 29.74 10.76 7.62
C ASN A 60 28.98 12.02 7.32
N VAL A 61 28.88 12.91 8.29
CA VAL A 61 28.21 14.15 8.06
C VAL A 61 29.17 15.11 7.34
N ILE A 62 28.94 15.28 6.08
CA ILE A 62 29.83 16.05 5.25
C ILE A 62 29.52 17.53 5.28
N GLU A 63 28.24 17.86 5.41
CA GLU A 63 27.82 19.26 5.36
C GLU A 63 26.36 19.41 5.71
N VAL A 64 25.94 20.63 5.93
CA VAL A 64 24.54 20.94 6.12
C VAL A 64 24.23 22.23 5.37
N GLY A 65 23.01 22.38 4.98
CA GLY A 65 22.61 23.54 4.25
C GLY A 65 21.31 24.03 4.75
N VAL A 66 21.03 25.29 4.58
CA VAL A 66 19.80 25.81 5.10
C VAL A 66 19.30 27.03 4.36
N CYS A 67 18.03 27.02 4.08
CA CYS A 67 17.39 28.15 3.47
C CYS A 67 16.88 29.07 4.57
N THR A 68 17.48 30.23 4.71
CA THR A 68 17.14 31.12 5.81
C THR A 68 17.02 32.57 5.41
N SER A 69 16.26 33.29 6.19
CA SER A 69 16.12 34.70 6.06
C SER A 69 17.01 35.37 7.12
N LEU A 70 17.02 36.68 7.15
CA LEU A 70 17.88 37.41 8.08
C LEU A 70 17.27 37.49 9.50
N ALA A 71 16.50 36.47 9.87
CA ALA A 71 15.86 36.43 11.18
C ALA A 71 16.68 35.61 12.18
N LYS A 72 17.09 34.41 11.78
CA LYS A 72 17.88 33.55 12.67
C LYS A 72 19.13 33.03 11.97
N ARG A 73 19.65 33.84 11.08
CA ARG A 73 20.82 33.45 10.28
C ARG A 73 22.10 33.68 11.08
N ASP A 74 21.96 34.49 12.11
CA ASP A 74 23.08 34.88 12.96
C ASP A 74 23.27 33.91 14.12
N LEU A 75 22.25 33.10 14.37
CA LEU A 75 22.26 32.18 15.49
C LEU A 75 23.02 30.89 15.18
N TYR A 76 22.92 30.42 13.95
CA TYR A 76 23.60 29.18 13.56
C TYR A 76 24.08 29.25 12.13
N ASP A 77 25.25 28.68 11.91
CA ASP A 77 25.84 28.62 10.59
C ASP A 77 25.90 27.17 10.14
N THR A 78 26.19 26.95 8.87
CA THR A 78 26.25 25.62 8.32
C THR A 78 27.35 24.78 8.98
N LYS A 79 28.55 25.32 9.07
CA LYS A 79 29.66 24.60 9.70
C LYS A 79 29.40 24.39 11.19
N TYR A 80 28.63 25.28 11.76
CA TYR A 80 28.31 25.23 13.17
C TYR A 80 27.39 24.05 13.45
N LEU A 81 26.30 23.99 12.68
CA LEU A 81 25.35 22.89 12.80
C LEU A 81 26.06 21.57 12.54
N GLN A 82 27.01 21.60 11.61
CA GLN A 82 27.84 20.45 11.29
C GLN A 82 28.58 19.95 12.51
N HIS A 83 29.02 20.88 13.37
CA HIS A 83 29.74 20.49 14.56
C HIS A 83 28.84 19.73 15.52
N LEU A 84 27.66 20.28 15.80
CA LEU A 84 26.73 19.58 16.70
C LEU A 84 26.23 18.29 16.05
N PHE A 85 26.01 18.35 14.76
CA PHE A 85 25.62 17.17 13.99
C PHE A 85 26.62 16.02 14.27
N GLN A 86 27.90 16.32 14.12
CA GLN A 86 28.97 15.36 14.39
C GLN A 86 28.91 14.83 15.83
N GLU A 87 28.72 15.72 16.81
CA GLU A 87 28.68 15.31 18.23
C GLU A 87 27.48 14.40 18.48
N VAL A 88 26.47 14.54 17.65
CA VAL A 88 25.30 13.68 17.69
C VAL A 88 25.62 12.33 17.11
N MET A 89 26.38 12.31 16.01
CA MET A 89 26.79 11.05 15.41
C MET A 89 27.55 10.21 16.40
N ASP A 90 28.33 10.89 17.24
CA ASP A 90 29.01 10.25 18.38
C ASP A 90 28.04 9.32 19.13
N SER A 91 26.79 9.76 19.26
CA SER A 91 25.75 8.92 19.84
C SER A 91 25.47 7.72 18.92
N VAL A 92 25.23 7.99 17.64
CA VAL A 92 24.93 6.93 16.68
C VAL A 92 26.23 6.42 16.05
N PHE A 93 27.21 6.25 16.92
CA PHE A 93 28.55 5.84 16.53
C PHE A 93 28.86 4.51 17.19
N HIS A 94 28.26 4.31 18.36
CA HIS A 94 28.39 3.07 19.09
C HIS A 94 27.07 2.70 19.77
N ARG A 95 26.15 2.17 18.98
CA ARG A 95 24.83 1.72 19.40
C ARG A 95 24.53 0.64 18.40
N GLY A 96 23.53 -0.19 18.61
CA GLY A 96 23.17 -1.08 17.53
C GLY A 96 22.40 -0.39 16.43
N SER A 97 22.00 0.85 16.67
CA SER A 97 21.26 1.63 15.69
C SER A 97 22.19 2.09 14.57
N VAL A 98 21.64 2.26 13.39
CA VAL A 98 22.45 2.65 12.24
C VAL A 98 22.82 4.14 12.26
N CYS A 99 21.85 5.01 12.60
CA CYS A 99 22.09 6.48 12.67
C CYS A 99 20.78 7.25 12.73
N LEU A 100 20.09 7.23 11.60
CA LEU A 100 18.88 8.02 11.34
C LEU A 100 17.87 8.06 12.49
N PHE A 101 17.63 6.94 13.11
CA PHE A 101 16.63 6.84 14.14
C PHE A 101 17.05 7.48 15.46
N ASP A 102 18.28 7.25 15.86
CA ASP A 102 18.73 7.73 17.19
C ASP A 102 19.22 9.16 17.14
N PHE A 103 19.78 9.56 16.02
CA PHE A 103 20.34 10.89 15.91
C PHE A 103 19.25 11.97 15.81
N LEU A 104 18.04 11.58 15.43
CA LEU A 104 16.97 12.55 15.27
C LEU A 104 16.45 12.96 16.62
N THR A 105 16.73 12.13 17.58
CA THR A 105 16.35 12.36 18.93
C THR A 105 17.08 13.58 19.48
N GLU A 106 18.41 13.54 19.39
CA GLU A 106 19.23 14.65 19.83
C GLU A 106 18.88 15.91 19.05
N LEU A 107 18.71 15.76 17.73
CA LEU A 107 18.34 16.89 16.88
C LEU A 107 16.99 17.46 17.28
N ASP A 108 16.08 16.59 17.69
CA ASP A 108 14.74 17.00 18.10
C ASP A 108 14.82 17.99 19.25
N GLY A 109 15.73 17.74 20.18
CA GLY A 109 15.89 18.63 21.31
C GLY A 109 16.82 19.82 21.01
N VAL A 110 17.98 19.54 20.43
CA VAL A 110 18.98 20.60 20.18
C VAL A 110 18.53 21.61 19.11
N LEU A 111 17.78 21.13 18.11
CA LEU A 111 17.32 22.00 17.04
C LEU A 111 16.07 22.76 17.47
N TYR A 112 15.42 22.27 18.54
CA TYR A 112 14.22 22.88 19.09
C TYR A 112 13.06 22.83 18.08
N VAL A 113 12.10 23.74 18.23
CA VAL A 113 10.91 23.81 17.37
C VAL A 113 9.98 22.63 17.65
N GLU A 114 9.18 22.76 18.69
CA GLU A 114 8.25 21.73 19.07
C GLU A 114 6.80 22.21 18.95
N PRO A 115 6.09 21.73 17.92
CA PRO A 115 4.68 22.11 17.70
C PRO A 115 3.77 21.58 18.79
N GLU A 116 3.63 20.27 18.85
CA GLU A 116 2.78 19.63 19.82
C GLU A 116 3.41 18.35 20.31
N GLU A 117 2.78 17.72 21.27
CA GLU A 117 3.30 16.51 21.86
C GLU A 117 2.27 15.39 21.80
N GLU A 118 1.99 14.95 20.59
CA GLU A 118 1.05 13.87 20.33
C GLU A 118 1.25 13.36 18.92
N THR A 119 0.70 12.19 18.62
CA THR A 119 0.85 11.60 17.30
C THR A 119 -0.50 11.25 16.69
N GLU A 120 -0.67 11.61 15.42
CA GLU A 120 -1.89 11.30 14.70
C GLU A 120 -1.57 10.84 13.27
N PRO A 121 -1.39 9.53 13.07
CA PRO A 121 -1.10 8.97 11.77
C PRO A 121 -2.38 8.72 10.96
N VAL A 122 -2.21 8.32 9.72
CA VAL A 122 -3.33 8.03 8.86
C VAL A 122 -3.52 6.51 8.72
N GLN A 123 -4.57 5.99 9.33
CA GLN A 123 -4.86 4.57 9.27
C GLN A 123 -6.26 4.33 8.71
N GLN A 124 -6.82 5.37 8.12
CA GLN A 124 -8.14 5.28 7.51
C GLN A 124 -8.00 4.92 6.04
N SER A 125 -8.44 3.74 5.69
CA SER A 125 -8.36 3.27 4.32
C SER A 125 -9.43 2.23 4.05
N ASP A 126 -10.12 2.40 2.94
CA ASP A 126 -11.13 1.45 2.52
C ASP A 126 -10.47 0.26 1.89
N ILE A 127 -9.53 0.55 1.02
CA ILE A 127 -8.73 -0.45 0.32
C ILE A 127 -8.02 -1.41 1.27
N PRO A 128 -8.40 -2.71 1.18
CA PRO A 128 -7.85 -3.77 2.03
C PRO A 128 -6.38 -4.07 1.73
N THR A 129 -5.59 -4.11 2.76
CA THR A 129 -4.17 -4.39 2.64
C THR A 129 -3.76 -5.47 3.65
N ASP A 130 -4.71 -5.88 4.47
CA ASP A 130 -4.49 -6.87 5.49
C ASP A 130 -5.04 -8.23 5.04
N PRO A 131 -4.50 -9.34 5.58
CA PRO A 131 -4.91 -10.68 5.19
C PRO A 131 -6.23 -11.11 5.83
N PHE A 132 -6.75 -12.19 5.29
CA PHE A 132 -8.02 -12.73 5.72
C PHE A 132 -7.90 -14.22 5.99
N GLU A 133 -8.76 -14.75 6.84
CA GLU A 133 -8.75 -16.18 7.17
C GLU A 133 -9.42 -16.95 6.04
N GLY A 134 -8.81 -18.06 5.63
CA GLY A 134 -9.32 -18.85 4.48
C GLY A 134 -9.28 -18.09 3.15
N TRP A 135 -9.40 -16.80 3.27
CA TRP A 135 -9.48 -15.87 2.21
C TRP A 135 -8.11 -15.34 1.84
N THR A 136 -7.93 -15.12 0.58
CA THR A 136 -6.72 -14.54 0.09
C THR A 136 -7.06 -13.37 -0.82
N ALA A 137 -7.02 -12.18 -0.29
CA ALA A 137 -7.44 -11.03 -1.03
C ALA A 137 -6.35 -10.03 -1.03
N SER A 138 -6.12 -9.46 -2.17
CA SER A 138 -5.03 -8.51 -2.33
C SER A 138 -5.13 -7.71 -3.61
N ASP A 139 -6.29 -7.73 -4.30
CA ASP A 139 -6.35 -6.98 -5.57
C ASP A 139 -7.30 -5.79 -5.53
N PRO A 140 -6.87 -4.67 -4.93
CA PRO A 140 -7.52 -3.40 -5.05
C PRO A 140 -6.88 -2.58 -6.17
N ILE A 141 -7.68 -2.11 -7.03
CA ILE A 141 -7.25 -1.34 -8.19
C ILE A 141 -7.92 0.05 -8.15
N THR A 142 -7.45 0.96 -8.97
CA THR A 142 -7.93 2.32 -8.95
C THR A 142 -8.53 2.78 -10.30
N ASP A 143 -9.55 3.62 -10.22
CA ASP A 143 -10.22 4.23 -11.37
C ASP A 143 -10.51 5.67 -11.01
N ARG A 144 -11.01 6.48 -11.93
CA ARG A 144 -11.27 7.87 -11.60
C ARG A 144 -12.27 7.97 -10.45
N GLY A 145 -11.74 8.38 -9.33
CA GLY A 145 -12.51 8.54 -8.10
C GLY A 145 -12.89 7.23 -7.44
N SER A 146 -13.17 6.23 -8.25
CA SER A 146 -13.61 4.95 -7.76
C SER A 146 -12.45 4.00 -7.54
N THR A 147 -12.69 2.99 -6.73
CA THR A 147 -11.73 2.00 -6.44
C THR A 147 -12.32 0.65 -6.81
N PHE A 148 -11.54 -0.19 -7.38
CA PHE A 148 -11.95 -1.52 -7.70
C PHE A 148 -11.21 -2.47 -6.79
N MET A 149 -11.79 -3.60 -6.47
CA MET A 149 -11.05 -4.58 -5.68
C MET A 149 -11.66 -5.95 -5.76
N ALA A 150 -10.84 -6.96 -5.57
CA ALA A 150 -11.26 -8.33 -5.63
C ALA A 150 -10.62 -9.15 -4.53
N PHE A 151 -11.36 -10.13 -4.07
CA PHE A 151 -10.91 -11.02 -3.02
C PHE A 151 -11.03 -12.45 -3.56
N ALA A 152 -9.97 -13.23 -3.49
CA ALA A 152 -10.04 -14.61 -3.93
C ALA A 152 -9.88 -15.58 -2.77
N ALA A 153 -10.46 -16.75 -2.89
CA ALA A 153 -10.31 -17.75 -1.86
C ALA A 153 -10.51 -19.16 -2.39
N HIS A 154 -9.53 -20.00 -2.17
CA HIS A 154 -9.60 -21.40 -2.57
C HIS A 154 -10.55 -22.15 -1.66
N VAL A 155 -11.40 -22.97 -2.23
CA VAL A 155 -12.40 -23.62 -1.43
C VAL A 155 -12.59 -25.09 -1.80
N THR A 156 -13.30 -25.77 -0.95
CA THR A 156 -13.62 -27.16 -1.08
C THR A 156 -15.10 -27.27 -1.46
N SER A 157 -15.84 -28.20 -0.85
CA SER A 157 -17.21 -28.40 -1.21
C SER A 157 -18.06 -27.17 -0.86
N GLU A 158 -19.36 -27.27 -1.08
CA GLU A 158 -20.24 -26.11 -1.09
C GLU A 158 -20.36 -25.43 0.26
N GLU A 159 -20.32 -26.20 1.34
CA GLU A 159 -20.48 -25.64 2.67
C GLU A 159 -19.45 -24.54 2.92
N GLN A 160 -18.18 -24.88 2.72
CA GLN A 160 -17.09 -23.92 2.81
C GLN A 160 -17.39 -22.61 2.05
N ALA A 161 -17.56 -22.73 0.75
CA ALA A 161 -17.80 -21.57 -0.12
C ALA A 161 -19.02 -20.78 0.32
N PHE A 162 -20.07 -21.48 0.71
CA PHE A 162 -21.30 -20.85 1.13
C PHE A 162 -21.09 -20.01 2.36
N ALA A 163 -20.47 -20.59 3.35
CA ALA A 163 -20.26 -19.92 4.62
C ALA A 163 -19.35 -18.72 4.47
N MET A 164 -18.12 -18.97 4.03
CA MET A 164 -17.15 -17.89 3.86
C MET A 164 -17.66 -16.72 2.99
N LEU A 165 -18.44 -17.04 1.96
CA LEU A 165 -19.00 -16.00 1.08
C LEU A 165 -20.22 -15.36 1.76
N ASP A 166 -21.00 -16.17 2.46
CA ASP A 166 -22.19 -15.70 3.19
C ASP A 166 -21.79 -14.60 4.10
N LEU A 167 -20.88 -14.96 4.97
CA LEU A 167 -20.33 -14.11 5.94
C LEU A 167 -19.74 -12.86 5.31
N LEU A 168 -18.86 -13.03 4.33
CA LEU A 168 -18.23 -11.89 3.68
C LEU A 168 -19.24 -10.91 3.08
N LYS A 169 -20.27 -11.42 2.43
CA LYS A 169 -21.27 -10.56 1.82
C LYS A 169 -22.08 -9.83 2.87
N THR A 170 -22.34 -10.49 3.99
CA THR A 170 -23.12 -9.88 5.05
C THR A 170 -22.22 -9.16 6.05
N ASP A 171 -20.96 -9.02 5.68
CA ASP A 171 -19.97 -8.38 6.54
C ASP A 171 -20.09 -6.89 6.38
N SER A 172 -20.09 -6.19 7.48
CA SER A 172 -20.29 -4.76 7.46
C SER A 172 -19.16 -3.99 6.77
N LYS A 173 -17.95 -4.56 6.71
CA LYS A 173 -16.84 -3.87 6.04
C LYS A 173 -16.96 -3.99 4.52
N MET A 174 -17.50 -5.09 4.03
CA MET A 174 -17.75 -5.24 2.60
C MET A 174 -19.08 -4.58 2.25
N ARG A 175 -19.86 -4.35 3.28
CA ARG A 175 -21.15 -3.72 3.19
C ARG A 175 -20.99 -2.23 2.90
N LYS A 176 -19.79 -1.74 3.10
CA LYS A 176 -19.50 -0.31 2.99
C LYS A 176 -19.35 0.15 1.55
N ALA A 177 -19.25 -0.77 0.62
CA ALA A 177 -19.02 -0.40 -0.76
C ALA A 177 -20.29 0.07 -1.46
N ASN A 178 -20.13 0.53 -2.69
CA ASN A 178 -21.27 0.97 -3.47
C ASN A 178 -22.05 -0.23 -4.00
N HIS A 179 -21.35 -1.14 -4.63
CA HIS A 179 -21.95 -2.38 -5.14
C HIS A 179 -20.91 -3.49 -5.11
N VAL A 180 -21.27 -4.62 -4.54
CA VAL A 180 -20.36 -5.76 -4.48
C VAL A 180 -20.91 -6.92 -5.29
N MET A 181 -20.03 -7.68 -5.88
CA MET A 181 -20.41 -8.82 -6.69
C MET A 181 -19.57 -10.02 -6.27
N SER A 182 -20.13 -11.20 -6.38
CA SER A 182 -19.44 -12.39 -5.93
C SER A 182 -19.70 -13.57 -6.86
N ALA A 183 -18.76 -14.50 -6.90
CA ALA A 183 -18.87 -15.67 -7.73
C ALA A 183 -18.14 -16.84 -7.11
N TRP A 184 -18.85 -17.94 -6.88
CA TRP A 184 -18.26 -19.13 -6.34
C TRP A 184 -18.40 -20.28 -7.33
N ARG A 185 -17.50 -21.25 -7.25
CA ARG A 185 -17.49 -22.34 -8.20
C ARG A 185 -16.73 -23.51 -7.64
N ILE A 186 -17.33 -24.68 -7.70
CA ILE A 186 -16.69 -25.88 -7.19
C ILE A 186 -16.78 -26.99 -8.22
N LYS A 187 -15.64 -27.52 -8.58
CA LYS A 187 -15.56 -28.54 -9.58
C LYS A 187 -14.61 -29.62 -9.14
N GLN A 188 -15.13 -30.82 -9.06
CA GLN A 188 -14.34 -31.94 -8.66
C GLN A 188 -13.20 -32.17 -9.64
N ASP A 189 -12.00 -32.23 -9.10
CA ASP A 189 -10.79 -32.46 -9.89
C ASP A 189 -10.98 -33.61 -10.86
N GLY A 190 -11.49 -34.73 -10.36
CA GLY A 190 -11.72 -35.89 -11.21
C GLY A 190 -12.94 -36.67 -10.74
N SER A 191 -14.01 -35.94 -10.44
CA SER A 191 -15.26 -36.55 -10.00
C SER A 191 -16.44 -35.70 -10.50
N ALA A 192 -17.66 -36.04 -10.09
CA ALA A 192 -18.85 -35.36 -10.58
C ALA A 192 -19.56 -34.53 -9.50
N ALA A 193 -19.07 -34.57 -8.28
CA ALA A 193 -19.69 -33.82 -7.19
C ALA A 193 -19.37 -32.32 -7.28
N THR A 194 -20.14 -31.61 -8.08
CA THR A 194 -19.93 -30.20 -8.31
C THR A 194 -21.12 -29.38 -7.84
N TYR A 195 -20.85 -28.28 -7.19
CA TYR A 195 -21.90 -27.39 -6.74
C TYR A 195 -21.63 -25.97 -7.22
N GLN A 196 -22.61 -25.42 -7.93
CA GLN A 196 -22.49 -24.09 -8.52
C GLN A 196 -23.79 -23.31 -8.35
N ASP A 197 -23.68 -22.04 -8.03
CA ASP A 197 -24.85 -21.16 -7.90
C ASP A 197 -24.49 -19.75 -8.27
N SER A 198 -25.47 -19.00 -8.75
CA SER A 198 -25.25 -17.64 -9.20
C SER A 198 -25.45 -16.58 -8.09
N ASP A 199 -25.24 -15.34 -8.49
CA ASP A 199 -25.37 -14.19 -7.60
C ASP A 199 -25.71 -12.96 -8.42
N ASP A 200 -26.24 -11.94 -7.77
CA ASP A 200 -26.64 -10.71 -8.47
C ASP A 200 -26.97 -9.59 -7.48
N ASP A 201 -26.55 -9.76 -6.24
CA ASP A 201 -26.85 -8.79 -5.16
C ASP A 201 -26.53 -7.34 -5.51
N GLY A 202 -25.28 -7.08 -5.89
CA GLY A 202 -24.88 -5.71 -6.20
C GLY A 202 -25.47 -5.23 -7.51
N GLU A 203 -24.79 -5.54 -8.58
CA GLU A 203 -25.28 -5.23 -9.91
C GLU A 203 -25.62 -6.54 -10.61
N THR A 204 -26.88 -6.69 -11.02
CA THR A 204 -27.36 -7.95 -11.57
C THR A 204 -26.68 -8.31 -12.89
N ALA A 205 -26.30 -7.31 -13.67
CA ALA A 205 -25.64 -7.54 -14.95
C ALA A 205 -24.27 -8.18 -14.75
N ALA A 206 -23.72 -7.99 -13.57
CA ALA A 206 -22.41 -8.52 -13.23
C ALA A 206 -22.48 -9.97 -12.75
N GLY A 207 -23.68 -10.41 -12.37
CA GLY A 207 -23.83 -11.72 -11.77
C GLY A 207 -23.49 -12.87 -12.71
N SER A 208 -24.24 -13.02 -13.77
CA SER A 208 -24.00 -14.10 -14.72
C SER A 208 -22.71 -13.84 -15.49
N ARG A 209 -22.47 -12.58 -15.79
CA ARG A 209 -21.25 -12.15 -16.45
C ARG A 209 -20.02 -12.64 -15.71
N MET A 210 -20.00 -12.44 -14.39
CA MET A 210 -18.86 -12.82 -13.55
C MET A 210 -18.73 -14.34 -13.53
N LEU A 211 -19.87 -15.01 -13.53
CA LEU A 211 -19.91 -16.46 -13.59
C LEU A 211 -19.19 -16.98 -14.84
N HIS A 212 -19.63 -16.51 -16.00
CA HIS A 212 -19.00 -16.93 -17.26
C HIS A 212 -17.58 -16.39 -17.35
N LEU A 213 -17.35 -15.33 -16.61
CA LEU A 213 -16.05 -14.69 -16.54
C LEU A 213 -15.05 -15.63 -15.91
N ILE A 214 -15.41 -16.21 -14.77
CA ILE A 214 -14.50 -17.14 -14.11
C ILE A 214 -14.41 -18.44 -14.88
N THR A 215 -15.44 -18.78 -15.64
CA THR A 215 -15.41 -19.97 -16.47
C THR A 215 -14.37 -19.80 -17.60
N ILE A 216 -14.52 -18.73 -18.37
CA ILE A 216 -13.61 -18.46 -19.50
C ILE A 216 -12.18 -18.14 -19.05
N MET A 217 -12.02 -17.70 -17.80
CA MET A 217 -10.69 -17.36 -17.27
C MET A 217 -9.86 -18.60 -16.93
N ASP A 218 -10.41 -19.80 -17.20
CA ASP A 218 -9.74 -21.06 -16.86
C ASP A 218 -9.46 -21.14 -15.37
N VAL A 219 -10.50 -21.31 -14.60
CA VAL A 219 -10.37 -21.33 -13.16
C VAL A 219 -11.60 -21.92 -12.47
N TRP A 220 -11.36 -22.68 -11.40
CA TRP A 220 -12.41 -23.36 -10.64
C TRP A 220 -11.95 -23.57 -9.22
N ASN A 221 -12.82 -24.17 -8.42
CA ASN A 221 -12.56 -24.48 -7.00
C ASN A 221 -12.10 -23.29 -6.17
N VAL A 222 -12.37 -22.10 -6.65
CA VAL A 222 -11.95 -20.89 -5.97
C VAL A 222 -13.04 -19.84 -6.12
N ILE A 223 -13.17 -18.98 -5.14
CA ILE A 223 -14.20 -17.94 -5.16
C ILE A 223 -13.57 -16.57 -5.29
N VAL A 224 -14.32 -15.65 -5.87
CA VAL A 224 -13.87 -14.29 -5.99
C VAL A 224 -15.00 -13.29 -5.74
N VAL A 225 -14.66 -12.21 -5.07
CA VAL A 225 -15.57 -11.14 -4.76
C VAL A 225 -14.99 -9.80 -5.21
N VAL A 226 -15.76 -9.04 -5.96
CA VAL A 226 -15.33 -7.73 -6.43
C VAL A 226 -16.16 -6.64 -5.78
N ALA A 227 -15.51 -5.55 -5.44
CA ALA A 227 -16.16 -4.45 -4.78
C ALA A 227 -15.70 -3.12 -5.39
N ARG A 228 -16.63 -2.16 -5.40
CA ARG A 228 -16.36 -0.82 -5.93
C ARG A 228 -16.49 0.22 -4.81
N TRP A 229 -15.44 1.03 -4.61
CA TRP A 229 -15.42 2.05 -3.55
C TRP A 229 -15.15 3.43 -4.10
N PHE A 230 -15.60 4.45 -3.41
CA PHE A 230 -15.35 5.83 -3.80
C PHE A 230 -14.27 6.43 -2.92
N GLY A 231 -13.30 7.10 -3.52
CA GLY A 231 -12.22 7.70 -2.77
C GLY A 231 -11.92 9.11 -3.24
N GLY A 232 -10.64 9.38 -3.49
CA GLY A 232 -10.23 10.70 -3.94
C GLY A 232 -10.33 10.84 -5.45
N ALA A 233 -9.34 11.47 -6.06
CA ALA A 233 -9.33 11.64 -7.51
C ALA A 233 -8.86 10.35 -8.16
N HIS A 234 -7.67 9.93 -7.82
CA HIS A 234 -7.15 8.66 -8.29
C HIS A 234 -6.61 7.88 -7.11
N ILE A 235 -6.89 8.37 -5.90
CA ILE A 235 -6.48 7.72 -4.65
C ILE A 235 -4.96 7.84 -4.44
N GLY A 236 -4.20 7.37 -5.41
CA GLY A 236 -2.76 7.41 -5.35
C GLY A 236 -2.16 6.73 -6.57
N PRO A 237 -1.07 7.27 -7.13
CA PRO A 237 -0.42 6.69 -8.31
C PRO A 237 0.16 5.31 -8.00
N ASP A 238 0.73 5.19 -6.81
CA ASP A 238 1.35 3.96 -6.36
C ASP A 238 0.31 2.92 -5.93
N ARG A 239 -0.97 3.30 -5.89
CA ARG A 239 -1.98 2.40 -5.45
C ARG A 239 -2.21 1.27 -6.45
N PHE A 240 -2.74 1.61 -7.61
CA PHE A 240 -3.15 0.61 -8.59
C PHE A 240 -1.99 -0.19 -9.19
N LYS A 241 -1.10 0.50 -9.90
CA LYS A 241 0.03 -0.15 -10.60
C LYS A 241 0.85 -1.07 -9.70
N HIS A 242 1.27 -0.55 -8.58
CA HIS A 242 2.18 -1.26 -7.70
C HIS A 242 1.48 -2.44 -7.03
N ILE A 243 0.29 -2.21 -6.52
CA ILE A 243 -0.43 -3.28 -5.90
C ILE A 243 -0.87 -4.28 -6.96
N ASN A 244 -1.08 -3.79 -8.18
CA ASN A 244 -1.44 -4.63 -9.31
C ASN A 244 -0.49 -5.79 -9.43
N SER A 245 0.79 -5.49 -9.35
CA SER A 245 1.80 -6.52 -9.40
C SER A 245 1.61 -7.52 -8.23
N THR A 246 1.46 -6.97 -7.03
CA THR A 246 1.28 -7.78 -5.82
C THR A 246 -0.02 -8.62 -5.91
N ALA A 247 -1.11 -7.91 -6.11
CA ALA A 247 -2.44 -8.48 -6.32
C ALA A 247 -2.44 -9.60 -7.34
N ARG A 248 -1.68 -9.39 -8.41
CA ARG A 248 -1.57 -10.34 -9.48
C ARG A 248 -1.06 -11.66 -8.92
N GLU A 249 -0.07 -11.56 -8.05
CA GLU A 249 0.47 -12.72 -7.38
C GLU A 249 -0.61 -13.41 -6.54
N ALA A 250 -1.33 -12.63 -5.70
CA ALA A 250 -2.38 -13.20 -4.83
C ALA A 250 -3.46 -13.96 -5.62
N VAL A 251 -4.16 -13.24 -6.49
CA VAL A 251 -5.19 -13.81 -7.36
C VAL A 251 -4.72 -15.12 -7.99
N VAL A 252 -3.56 -15.08 -8.62
CA VAL A 252 -2.97 -16.25 -9.23
C VAL A 252 -2.75 -17.34 -8.16
N ARG A 253 -2.12 -16.92 -7.06
CA ARG A 253 -1.80 -17.84 -5.94
C ARG A 253 -3.02 -18.59 -5.42
N ALA A 254 -4.08 -17.85 -5.07
CA ALA A 254 -5.33 -18.48 -4.59
C ALA A 254 -5.98 -19.46 -5.58
N GLY A 255 -5.35 -19.70 -6.71
CA GLY A 255 -5.90 -20.66 -7.61
C GLY A 255 -6.69 -20.08 -8.75
N PHE A 256 -6.19 -19.02 -9.36
CA PHE A 256 -6.95 -18.37 -10.44
C PHE A 256 -6.22 -18.55 -11.74
N ASP A 257 -4.99 -19.00 -11.63
CA ASP A 257 -4.14 -19.26 -12.77
C ASP A 257 -3.16 -20.34 -12.40
N SER A 258 -3.62 -21.55 -12.50
CA SER A 258 -2.84 -22.70 -12.14
C SER A 258 -2.22 -23.34 -13.38
N MET A 1 10.95 5.94 18.36
CA MET A 1 10.98 7.40 18.11
C MET A 1 11.33 8.18 19.37
N ASP A 2 12.00 7.54 20.29
CA ASP A 2 12.36 8.19 21.55
C ASP A 2 13.50 7.45 22.25
N ASP A 3 13.18 6.30 22.82
CA ASP A 3 14.15 5.50 23.56
C ASP A 3 14.85 4.50 22.64
N ASP A 4 14.99 4.89 21.39
CA ASP A 4 15.57 4.04 20.36
C ASP A 4 16.96 3.55 20.75
N HIS A 5 17.71 4.44 21.35
CA HIS A 5 19.09 4.13 21.74
C HIS A 5 19.10 3.11 22.82
N GLU A 6 18.24 3.28 23.78
CA GLU A 6 18.15 2.38 24.92
C GLU A 6 18.05 0.91 24.47
N GLN A 7 17.16 0.63 23.55
CA GLN A 7 16.94 -0.75 23.12
C GLN A 7 18.01 -1.17 22.10
N LEU A 8 18.44 -0.22 21.27
CA LEU A 8 19.47 -0.48 20.28
C LEU A 8 20.79 -0.82 20.97
N VAL A 9 21.22 0.07 21.87
CA VAL A 9 22.45 -0.13 22.62
C VAL A 9 22.41 -1.46 23.36
N GLU A 10 21.21 -1.84 23.80
CA GLU A 10 21.04 -3.13 24.46
C GLU A 10 21.39 -4.26 23.48
N GLU A 11 20.69 -4.25 22.34
CA GLU A 11 20.92 -5.16 21.25
C GLU A 11 22.42 -5.27 20.91
N LEU A 12 23.08 -4.12 20.79
CA LEU A 12 24.53 -4.07 20.50
C LEU A 12 25.32 -4.92 21.52
N GLU A 13 25.11 -4.63 22.80
CA GLU A 13 25.79 -5.36 23.87
C GLU A 13 25.25 -6.80 24.02
N ALA A 14 24.09 -7.06 23.45
CA ALA A 14 23.48 -8.37 23.52
C ALA A 14 24.20 -9.33 22.60
N VAL A 15 24.36 -8.94 21.32
CA VAL A 15 25.10 -9.76 20.37
C VAL A 15 26.50 -10.00 20.89
N GLU A 16 26.99 -9.02 21.60
CA GLU A 16 28.27 -9.07 22.23
C GLU A 16 28.28 -10.18 23.30
N ALA A 17 27.37 -10.04 24.25
CA ALA A 17 27.19 -11.00 25.34
C ALA A 17 27.06 -12.43 24.85
N ILE A 18 26.28 -12.62 23.81
CA ILE A 18 26.03 -13.96 23.29
C ILE A 18 27.13 -14.39 22.35
N TYR A 19 27.46 -13.54 21.40
CA TYR A 19 28.47 -13.83 20.40
C TYR A 19 29.62 -12.81 20.49
N PRO A 20 30.55 -13.04 21.45
CA PRO A 20 31.62 -12.08 21.76
C PRO A 20 32.63 -11.86 20.63
N ASP A 21 33.22 -12.93 20.12
CA ASP A 21 34.27 -12.82 19.10
C ASP A 21 33.69 -13.11 17.73
N LEU A 22 32.47 -13.62 17.73
CA LEU A 22 31.81 -14.05 16.51
C LEU A 22 31.36 -12.86 15.69
N LEU A 23 30.84 -11.86 16.36
CA LEU A 23 30.40 -10.66 15.71
C LEU A 23 31.48 -9.59 15.78
N SER A 24 31.51 -8.73 14.80
CA SER A 24 32.46 -7.66 14.75
C SER A 24 31.75 -6.41 14.25
N LYS A 25 32.04 -5.25 14.84
CA LYS A 25 31.36 -4.04 14.43
C LYS A 25 32.21 -3.24 13.47
N LYS A 26 31.65 -2.91 12.33
CA LYS A 26 32.34 -2.13 11.32
C LYS A 26 32.52 -0.72 11.78
N GLN A 27 31.52 -0.21 12.45
CA GLN A 27 31.57 1.14 12.95
C GLN A 27 31.86 1.15 14.45
N GLU A 28 32.30 2.29 14.92
CA GLU A 28 32.69 2.46 16.32
C GLU A 28 31.56 2.13 17.29
N ASP A 29 30.36 2.62 16.99
CA ASP A 29 29.24 2.41 17.88
C ASP A 29 28.62 1.06 17.66
N GLY A 30 27.68 1.01 16.75
CA GLY A 30 27.01 -0.22 16.44
C GLY A 30 25.97 0.01 15.38
N SER A 31 26.18 1.06 14.61
CA SER A 31 25.26 1.41 13.55
C SER A 31 25.50 0.56 12.31
N ILE A 32 26.66 -0.08 12.25
CA ILE A 32 26.98 -1.02 11.17
C ILE A 32 27.88 -2.11 11.72
N ILE A 33 27.57 -3.36 11.39
CA ILE A 33 28.29 -4.50 11.95
C ILE A 33 28.47 -5.60 10.91
N VAL A 34 29.28 -6.58 11.27
CA VAL A 34 29.53 -7.75 10.45
C VAL A 34 29.60 -8.98 11.36
N VAL A 35 28.64 -9.86 11.21
CA VAL A 35 28.62 -11.06 12.01
C VAL A 35 28.97 -12.28 11.14
N LYS A 36 29.69 -13.22 11.69
CA LYS A 36 30.07 -14.43 10.96
C LYS A 36 29.28 -15.61 11.49
N VAL A 37 28.87 -16.51 10.62
CA VAL A 37 28.08 -17.67 11.05
C VAL A 37 28.97 -18.76 11.63
N PRO A 38 28.72 -19.18 12.88
CA PRO A 38 29.51 -20.22 13.54
C PRO A 38 29.07 -21.62 13.10
N GLN A 39 27.94 -21.68 12.44
CA GLN A 39 27.37 -22.94 11.96
C GLN A 39 28.18 -23.52 10.81
N HIS A 40 28.75 -22.65 9.98
CA HIS A 40 29.52 -23.10 8.82
C HIS A 40 30.85 -22.39 8.74
N GLU A 41 30.87 -21.16 9.26
CA GLU A 41 32.08 -20.34 9.34
C GLU A 41 32.78 -20.17 8.02
N TYR A 42 32.15 -19.43 7.13
CA TYR A 42 32.70 -19.12 5.83
C TYR A 42 31.97 -17.95 5.22
N MET A 43 30.68 -17.85 5.53
CA MET A 43 29.89 -16.74 5.07
C MET A 43 29.70 -15.75 6.20
N THR A 44 30.24 -14.58 5.99
CA THR A 44 30.11 -13.50 6.94
C THR A 44 29.03 -12.54 6.44
N LEU A 45 28.30 -11.95 7.35
CA LEU A 45 27.19 -11.09 6.98
C LEU A 45 27.47 -9.65 7.37
N GLN A 46 27.31 -8.76 6.41
CA GLN A 46 27.46 -7.34 6.64
C GLN A 46 26.09 -6.72 6.82
N ILE A 47 25.84 -6.17 8.00
CA ILE A 47 24.52 -5.67 8.36
C ILE A 47 24.61 -4.27 8.96
N SER A 48 23.90 -3.35 8.35
CA SER A 48 23.81 -1.99 8.80
C SER A 48 22.61 -1.80 9.70
N PHE A 49 22.58 -0.67 10.33
CA PHE A 49 21.50 -0.27 11.18
C PHE A 49 21.00 1.08 10.69
N PRO A 50 19.93 1.06 9.90
CA PRO A 50 19.37 2.25 9.26
C PRO A 50 18.73 3.17 10.26
N THR A 51 18.40 4.38 9.82
CA THR A 51 17.74 5.36 10.67
C THR A 51 16.51 4.74 11.37
N HIS A 52 15.93 3.72 10.76
CA HIS A 52 14.82 3.02 11.34
C HIS A 52 15.26 1.63 11.79
N TYR A 53 16.37 1.59 12.49
CA TYR A 53 16.88 0.38 13.19
C TYR A 53 15.75 -0.36 13.95
N PRO A 54 16.03 -1.58 14.51
CA PRO A 54 15.03 -2.38 15.29
C PRO A 54 14.12 -1.53 16.18
N SER A 55 14.71 -0.49 16.72
CA SER A 55 14.05 0.48 17.58
C SER A 55 12.85 1.17 16.90
N GLU A 56 12.75 1.06 15.58
CA GLU A 56 11.75 1.80 14.84
C GLU A 56 11.24 0.97 13.65
N GLU A 57 12.13 0.16 13.06
CA GLU A 57 11.80 -0.68 11.93
C GLU A 57 12.60 -2.01 12.00
N ALA A 58 13.78 -2.05 11.37
CA ALA A 58 14.62 -3.27 11.36
C ALA A 58 16.00 -2.94 10.73
N PRO A 59 17.03 -3.80 10.94
CA PRO A 59 18.39 -3.56 10.40
C PRO A 59 18.49 -3.70 8.87
N ASN A 60 19.69 -3.50 8.32
CA ASN A 60 19.89 -3.55 6.87
C ASN A 60 21.03 -4.47 6.51
N VAL A 61 20.74 -5.67 6.08
CA VAL A 61 21.81 -6.54 5.63
C VAL A 61 22.32 -6.03 4.28
N ILE A 62 23.46 -5.37 4.32
CA ILE A 62 24.01 -4.71 3.16
C ILE A 62 24.65 -5.68 2.21
N GLU A 63 25.35 -6.68 2.74
CA GLU A 63 26.08 -7.65 1.89
C GLU A 63 26.46 -8.88 2.66
N VAL A 64 26.71 -9.96 1.95
CA VAL A 64 27.20 -11.18 2.56
C VAL A 64 28.39 -11.66 1.76
N GLY A 65 29.33 -12.27 2.43
CA GLY A 65 30.50 -12.75 1.75
C GLY A 65 30.84 -14.13 2.17
N VAL A 66 31.52 -14.85 1.32
CA VAL A 66 31.86 -16.20 1.63
C VAL A 66 33.15 -16.63 0.98
N CYS A 67 34.00 -17.19 1.79
CA CYS A 67 35.24 -17.73 1.35
C CYS A 67 35.03 -19.18 1.00
N THR A 68 35.29 -19.55 -0.24
CA THR A 68 35.03 -20.90 -0.66
C THR A 68 35.57 -21.15 -2.06
N SER A 69 35.56 -22.40 -2.48
CA SER A 69 35.98 -22.76 -3.80
C SER A 69 34.74 -22.97 -4.69
N LEU A 70 34.96 -23.47 -5.88
CA LEU A 70 33.89 -23.65 -6.86
C LEU A 70 32.97 -24.84 -6.54
N ALA A 71 33.29 -25.58 -5.49
CA ALA A 71 32.51 -26.78 -5.11
C ALA A 71 31.06 -26.43 -4.74
N LYS A 72 30.87 -25.45 -3.89
CA LYS A 72 29.54 -25.04 -3.48
C LYS A 72 29.25 -23.64 -3.96
N ARG A 73 29.87 -23.31 -5.07
CA ARG A 73 29.74 -21.99 -5.66
C ARG A 73 28.50 -21.95 -6.57
N ASP A 74 28.04 -23.14 -6.96
CA ASP A 74 26.89 -23.28 -7.83
C ASP A 74 25.59 -23.22 -7.04
N LEU A 75 25.69 -23.56 -5.78
CA LEU A 75 24.52 -23.66 -4.91
C LEU A 75 24.05 -22.29 -4.44
N TYR A 76 24.97 -21.48 -3.95
CA TYR A 76 24.61 -20.18 -3.43
C TYR A 76 25.70 -19.15 -3.66
N ASP A 77 25.29 -17.92 -3.84
CA ASP A 77 26.20 -16.82 -4.03
C ASP A 77 25.91 -15.71 -3.02
N THR A 78 26.58 -14.59 -3.17
CA THR A 78 26.47 -13.48 -2.25
C THR A 78 25.10 -12.78 -2.32
N LYS A 79 24.74 -12.32 -3.50
CA LYS A 79 23.47 -11.61 -3.68
C LYS A 79 22.28 -12.52 -3.41
N TYR A 80 22.44 -13.79 -3.69
CA TYR A 80 21.39 -14.77 -3.46
C TYR A 80 21.07 -14.87 -1.98
N LEU A 81 22.09 -15.18 -1.19
CA LEU A 81 21.93 -15.27 0.25
C LEU A 81 21.45 -13.94 0.80
N GLN A 82 21.91 -12.85 0.18
CA GLN A 82 21.51 -11.51 0.53
C GLN A 82 20.00 -11.35 0.46
N HIS A 83 19.40 -11.97 -0.55
CA HIS A 83 17.96 -11.88 -0.74
C HIS A 83 17.22 -12.60 0.38
N LEU A 84 17.55 -13.87 0.59
CA LEU A 84 16.85 -14.64 1.64
C LEU A 84 17.11 -14.06 3.02
N PHE A 85 18.37 -13.77 3.30
CA PHE A 85 18.78 -13.15 4.57
C PHE A 85 17.92 -11.93 4.85
N GLN A 86 17.82 -11.04 3.86
CA GLN A 86 17.02 -9.83 3.98
C GLN A 86 15.56 -10.14 4.32
N GLU A 87 14.99 -11.11 3.60
CA GLU A 87 13.58 -11.47 3.80
C GLU A 87 13.32 -11.97 5.21
N VAL A 88 14.10 -12.95 5.67
CA VAL A 88 13.89 -13.50 7.01
C VAL A 88 14.15 -12.46 8.09
N MET A 89 15.10 -11.56 7.84
CA MET A 89 15.42 -10.51 8.79
C MET A 89 14.28 -9.51 8.86
N ASP A 90 13.86 -9.02 7.71
CA ASP A 90 12.75 -8.06 7.62
C ASP A 90 11.48 -8.63 8.25
N SER A 91 11.30 -9.94 8.12
CA SER A 91 10.14 -10.63 8.67
C SER A 91 10.05 -10.48 10.19
N VAL A 92 11.19 -10.24 10.87
CA VAL A 92 11.15 -10.14 12.32
C VAL A 92 10.68 -8.77 12.78
N PHE A 93 10.51 -7.84 11.81
CA PHE A 93 10.00 -6.51 12.10
C PHE A 93 8.66 -6.56 12.82
N HIS A 94 7.86 -7.55 12.49
CA HIS A 94 6.55 -7.66 13.10
C HIS A 94 6.59 -8.61 14.29
N ARG A 95 7.39 -8.27 15.29
CA ARG A 95 7.55 -9.00 16.54
C ARG A 95 7.95 -7.91 17.50
N GLY A 96 7.96 -8.10 18.80
CA GLY A 96 8.51 -7.04 19.60
C GLY A 96 10.01 -7.18 19.86
N SER A 97 10.62 -8.22 19.33
CA SER A 97 12.05 -8.41 19.49
C SER A 97 12.79 -7.44 18.57
N VAL A 98 14.05 -7.14 18.89
CA VAL A 98 14.82 -6.19 18.08
C VAL A 98 15.04 -6.68 16.67
N CYS A 99 15.60 -7.91 16.55
CA CYS A 99 15.91 -8.47 15.23
C CYS A 99 16.83 -9.68 15.30
N LEU A 100 17.76 -9.67 16.24
CA LEU A 100 18.82 -10.68 16.30
C LEU A 100 18.32 -12.09 16.61
N PHE A 101 17.46 -12.23 17.60
CA PHE A 101 17.05 -13.54 18.07
C PHE A 101 16.13 -14.26 17.10
N ASP A 102 15.16 -13.55 16.57
CA ASP A 102 14.13 -14.17 15.75
C ASP A 102 14.62 -14.50 14.36
N PHE A 103 15.61 -13.77 13.87
CA PHE A 103 16.07 -13.99 12.51
C PHE A 103 17.10 -15.13 12.43
N LEU A 104 17.87 -15.36 13.49
CA LEU A 104 18.90 -16.39 13.48
C LEU A 104 18.28 -17.77 13.46
N THR A 105 17.08 -17.83 13.96
CA THR A 105 16.33 -19.05 13.99
C THR A 105 15.89 -19.42 12.58
N GLU A 106 15.19 -18.49 11.94
CA GLU A 106 14.79 -18.65 10.54
C GLU A 106 16.01 -18.95 9.70
N LEU A 107 17.09 -18.24 10.00
CA LEU A 107 18.36 -18.38 9.33
C LEU A 107 18.89 -19.78 9.44
N ASP A 108 18.82 -20.34 10.64
CA ASP A 108 19.30 -21.68 10.90
C ASP A 108 18.65 -22.68 9.96
N GLY A 109 17.34 -22.55 9.80
CA GLY A 109 16.64 -23.44 8.90
C GLY A 109 16.88 -23.14 7.42
N VAL A 110 16.76 -21.87 7.04
CA VAL A 110 16.89 -21.48 5.63
C VAL A 110 18.32 -21.64 5.10
N LEU A 111 19.31 -21.29 5.91
CA LEU A 111 20.71 -21.40 5.51
C LEU A 111 21.14 -22.86 5.41
N TYR A 112 20.54 -23.70 6.24
CA TYR A 112 20.85 -25.11 6.25
C TYR A 112 20.27 -25.78 5.00
N VAL A 113 18.95 -25.70 4.84
CA VAL A 113 18.28 -26.26 3.66
C VAL A 113 16.75 -26.04 3.72
N GLU A 114 16.30 -24.94 3.12
CA GLU A 114 14.88 -24.61 3.05
C GLU A 114 14.62 -23.49 2.03
N PRO A 115 14.16 -23.84 0.82
CA PRO A 115 13.79 -22.87 -0.20
C PRO A 115 12.49 -22.16 0.17
N GLU A 116 12.60 -20.91 0.56
CA GLU A 116 11.44 -20.15 1.01
C GLU A 116 10.86 -19.29 -0.10
N GLU A 117 9.72 -18.68 0.19
CA GLU A 117 9.00 -17.84 -0.75
C GLU A 117 8.21 -16.81 0.03
N GLU A 118 8.91 -15.81 0.53
CA GLU A 118 8.31 -14.80 1.36
C GLU A 118 8.75 -13.41 0.95
N THR A 119 7.85 -12.43 1.08
CA THR A 119 8.12 -11.03 0.76
C THR A 119 7.13 -10.11 1.47
N GLU A 120 7.57 -8.92 1.81
CA GLU A 120 6.72 -7.92 2.43
C GLU A 120 6.20 -6.97 1.35
N PRO A 121 4.88 -7.03 1.07
CA PRO A 121 4.25 -6.19 0.06
C PRO A 121 4.32 -4.69 0.37
N VAL A 122 3.71 -3.90 -0.49
CA VAL A 122 3.72 -2.46 -0.34
C VAL A 122 2.65 -2.02 0.64
N GLN A 123 3.08 -1.44 1.74
CA GLN A 123 2.17 -0.95 2.76
C GLN A 123 1.40 0.27 2.27
N GLN A 124 0.13 0.09 1.96
CA GLN A 124 -0.70 1.18 1.51
C GLN A 124 -1.85 1.39 2.50
N SER A 125 -2.56 2.49 2.35
CA SER A 125 -3.63 2.81 3.25
C SER A 125 -4.96 2.89 2.52
N ASP A 126 -6.03 2.58 3.27
CA ASP A 126 -7.41 2.63 2.80
C ASP A 126 -7.76 1.35 2.12
N ILE A 127 -7.03 1.08 1.08
CA ILE A 127 -7.13 -0.14 0.32
C ILE A 127 -6.79 -1.38 1.21
N PRO A 128 -7.60 -2.48 1.13
CA PRO A 128 -7.32 -3.70 1.92
C PRO A 128 -6.06 -4.39 1.42
N THR A 129 -5.11 -4.60 2.31
CA THR A 129 -3.85 -5.20 1.94
C THR A 129 -3.49 -6.36 2.87
N ASP A 130 -4.30 -6.56 3.89
CA ASP A 130 -4.08 -7.59 4.88
C ASP A 130 -4.80 -8.88 4.48
N PRO A 131 -4.22 -10.05 4.83
CA PRO A 131 -4.81 -11.34 4.54
C PRO A 131 -5.91 -11.69 5.53
N PHE A 132 -6.65 -12.70 5.19
CA PHE A 132 -7.79 -13.12 5.97
C PHE A 132 -7.72 -14.61 6.25
N GLU A 133 -8.47 -15.06 7.22
CA GLU A 133 -8.53 -16.49 7.54
C GLU A 133 -9.41 -17.19 6.53
N GLY A 134 -8.96 -18.30 5.98
CA GLY A 134 -9.74 -19.01 4.98
C GLY A 134 -9.91 -18.18 3.73
N TRP A 135 -9.18 -17.09 3.68
CA TRP A 135 -9.34 -16.10 2.64
C TRP A 135 -8.00 -15.54 2.19
N THR A 136 -7.92 -15.17 0.94
CA THR A 136 -6.73 -14.60 0.37
C THR A 136 -7.12 -13.38 -0.47
N ALA A 137 -6.92 -12.20 0.06
CA ALA A 137 -7.35 -11.02 -0.61
C ALA A 137 -6.24 -10.05 -0.74
N SER A 138 -6.08 -9.55 -1.93
CA SER A 138 -5.01 -8.62 -2.24
C SER A 138 -5.18 -8.10 -3.66
N ASP A 139 -6.42 -8.08 -4.18
CA ASP A 139 -6.61 -7.61 -5.56
C ASP A 139 -7.41 -6.31 -5.63
N PRO A 140 -6.78 -5.17 -5.36
CA PRO A 140 -7.34 -3.86 -5.58
C PRO A 140 -6.98 -3.31 -6.97
N ILE A 141 -7.73 -2.31 -7.40
CA ILE A 141 -7.51 -1.55 -8.64
C ILE A 141 -8.21 -0.20 -8.47
N THR A 142 -7.96 0.74 -9.34
CA THR A 142 -8.56 2.04 -9.20
C THR A 142 -9.25 2.50 -10.49
N ASP A 143 -10.34 3.24 -10.32
CA ASP A 143 -11.10 3.81 -11.41
C ASP A 143 -11.36 5.25 -11.04
N ARG A 144 -11.92 6.03 -11.94
CA ARG A 144 -12.19 7.41 -11.63
C ARG A 144 -13.13 7.53 -10.43
N GLY A 145 -12.56 7.92 -9.32
CA GLY A 145 -13.29 8.10 -8.07
C GLY A 145 -13.60 6.78 -7.36
N SER A 146 -13.79 5.73 -8.14
CA SER A 146 -14.13 4.42 -7.62
C SER A 146 -12.91 3.59 -7.35
N THR A 147 -13.10 2.52 -6.61
CA THR A 147 -12.04 1.62 -6.29
C THR A 147 -12.48 0.21 -6.58
N PHE A 148 -11.59 -0.59 -7.09
CA PHE A 148 -11.88 -1.96 -7.33
C PHE A 148 -11.20 -2.83 -6.30
N MET A 149 -11.96 -3.64 -5.61
CA MET A 149 -11.41 -4.57 -4.66
C MET A 149 -11.90 -5.95 -4.94
N ALA A 150 -11.03 -6.91 -4.82
CA ALA A 150 -11.39 -8.27 -5.01
C ALA A 150 -10.71 -9.13 -3.98
N PHE A 151 -11.46 -10.05 -3.42
CA PHE A 151 -10.94 -10.96 -2.44
C PHE A 151 -11.11 -12.37 -2.97
N ALA A 152 -10.03 -13.13 -3.03
CA ALA A 152 -10.11 -14.50 -3.48
C ALA A 152 -10.01 -15.47 -2.31
N ALA A 153 -10.36 -16.72 -2.54
CA ALA A 153 -10.25 -17.75 -1.50
C ALA A 153 -10.45 -19.15 -2.06
N HIS A 154 -9.44 -19.98 -1.88
CA HIS A 154 -9.52 -21.38 -2.27
C HIS A 154 -10.42 -22.10 -1.31
N VAL A 155 -11.33 -22.89 -1.79
CA VAL A 155 -12.34 -23.47 -0.93
C VAL A 155 -12.70 -24.88 -1.38
N THR A 156 -13.22 -25.62 -0.46
CA THR A 156 -13.71 -26.95 -0.72
C THR A 156 -15.07 -26.88 -1.42
N SER A 157 -15.93 -27.81 -1.13
CA SER A 157 -17.21 -27.83 -1.77
C SER A 157 -18.04 -26.65 -1.29
N GLU A 158 -18.81 -26.13 -2.22
CA GLU A 158 -19.68 -24.95 -2.03
C GLU A 158 -20.38 -24.83 -0.68
N GLU A 159 -20.58 -25.91 0.04
CA GLU A 159 -21.17 -25.80 1.38
C GLU A 159 -20.32 -24.86 2.25
N GLN A 160 -19.00 -25.02 2.16
CA GLN A 160 -18.07 -24.18 2.91
C GLN A 160 -18.03 -22.79 2.30
N ALA A 161 -17.80 -22.74 0.99
CA ALA A 161 -17.77 -21.48 0.24
C ALA A 161 -19.01 -20.65 0.51
N PHE A 162 -20.15 -21.31 0.58
CA PHE A 162 -21.43 -20.65 0.82
C PHE A 162 -21.43 -19.97 2.16
N ALA A 163 -21.04 -20.69 3.19
CA ALA A 163 -21.02 -20.13 4.53
C ALA A 163 -20.07 -18.94 4.63
N MET A 164 -18.80 -19.16 4.32
CA MET A 164 -17.79 -18.09 4.38
C MET A 164 -18.17 -16.87 3.51
N LEU A 165 -18.77 -17.12 2.36
CA LEU A 165 -19.21 -16.05 1.46
C LEU A 165 -20.46 -15.37 2.03
N ASP A 166 -21.34 -16.17 2.59
CA ASP A 166 -22.59 -15.68 3.19
C ASP A 166 -22.29 -14.60 4.16
N LEU A 167 -21.42 -14.95 5.06
CA LEU A 167 -21.08 -14.12 6.15
C LEU A 167 -20.24 -12.94 5.68
N LEU A 168 -19.33 -13.17 4.73
CA LEU A 168 -18.53 -12.08 4.18
C LEU A 168 -19.41 -11.05 3.44
N LYS A 169 -20.43 -11.53 2.73
CA LYS A 169 -21.32 -10.60 2.02
C LYS A 169 -22.23 -9.85 2.99
N THR A 170 -22.44 -10.41 4.18
CA THR A 170 -23.28 -9.74 5.18
C THR A 170 -22.39 -9.05 6.22
N ASP A 171 -21.09 -9.13 5.99
CA ASP A 171 -20.09 -8.53 6.88
C ASP A 171 -20.28 -7.05 6.96
N SER A 172 -20.07 -6.51 8.14
CA SER A 172 -20.26 -5.10 8.39
C SER A 172 -19.28 -4.22 7.58
N LYS A 173 -18.12 -4.76 7.22
CA LYS A 173 -17.17 -3.98 6.43
C LYS A 173 -17.60 -3.93 4.98
N MET A 174 -18.00 -5.09 4.43
CA MET A 174 -18.58 -5.16 3.10
C MET A 174 -19.91 -4.39 3.06
N ARG A 175 -20.54 -4.25 4.22
CA ARG A 175 -21.78 -3.50 4.39
C ARG A 175 -21.56 -2.02 4.12
N LYS A 176 -20.36 -1.55 4.41
CA LYS A 176 -20.02 -0.15 4.26
C LYS A 176 -20.00 0.24 2.81
N ALA A 177 -19.59 -0.69 1.98
CA ALA A 177 -19.46 -0.45 0.57
C ALA A 177 -20.79 -0.30 -0.11
N ASN A 178 -20.79 0.44 -1.20
CA ASN A 178 -22.00 0.66 -1.98
C ASN A 178 -22.20 -0.50 -2.97
N HIS A 179 -21.10 -1.05 -3.46
CA HIS A 179 -21.17 -2.14 -4.45
C HIS A 179 -20.28 -3.30 -4.04
N VAL A 180 -20.88 -4.48 -3.90
CA VAL A 180 -20.14 -5.70 -3.58
C VAL A 180 -20.84 -6.93 -4.19
N MET A 181 -20.07 -7.74 -4.90
CA MET A 181 -20.59 -8.89 -5.62
C MET A 181 -19.68 -10.11 -5.40
N SER A 182 -20.21 -11.29 -5.62
CA SER A 182 -19.44 -12.52 -5.43
C SER A 182 -19.62 -13.49 -6.60
N ALA A 183 -18.74 -14.50 -6.69
CA ALA A 183 -18.83 -15.51 -7.74
C ALA A 183 -17.86 -16.66 -7.45
N TRP A 184 -18.26 -17.87 -7.82
CA TRP A 184 -17.41 -19.04 -7.62
C TRP A 184 -17.79 -20.19 -8.54
N ARG A 185 -16.95 -21.21 -8.55
CA ARG A 185 -17.17 -22.41 -9.34
C ARG A 185 -16.41 -23.56 -8.69
N ILE A 186 -17.09 -24.66 -8.44
CA ILE A 186 -16.45 -25.81 -7.79
C ILE A 186 -16.38 -26.96 -8.75
N LYS A 187 -15.20 -27.44 -9.05
CA LYS A 187 -15.08 -28.63 -9.85
C LYS A 187 -14.21 -29.64 -9.16
N GLN A 188 -14.58 -30.87 -9.25
CA GLN A 188 -13.82 -31.92 -8.66
C GLN A 188 -12.55 -32.12 -9.41
N ASP A 189 -11.44 -31.85 -8.75
CA ASP A 189 -10.09 -32.00 -9.31
C ASP A 189 -9.99 -33.20 -10.24
N GLY A 190 -10.18 -34.39 -9.70
CA GLY A 190 -10.15 -35.58 -10.50
C GLY A 190 -11.50 -36.25 -10.62
N SER A 191 -12.55 -35.46 -10.79
CA SER A 191 -13.89 -36.01 -10.96
C SER A 191 -14.77 -35.08 -11.82
N ALA A 192 -16.01 -35.48 -12.01
CA ALA A 192 -16.92 -34.75 -12.88
C ALA A 192 -17.79 -33.72 -12.16
N ALA A 193 -18.05 -33.94 -10.87
CA ALA A 193 -18.95 -33.08 -10.11
C ALA A 193 -18.50 -31.63 -10.09
N THR A 194 -19.44 -30.73 -10.35
CA THR A 194 -19.18 -29.32 -10.34
C THR A 194 -20.39 -28.57 -9.79
N TYR A 195 -20.15 -27.38 -9.30
CA TYR A 195 -21.22 -26.52 -8.83
C TYR A 195 -21.04 -25.13 -9.38
N GLN A 196 -22.11 -24.54 -9.88
CA GLN A 196 -22.07 -23.22 -10.46
C GLN A 196 -22.63 -22.19 -9.49
N ASP A 197 -22.44 -20.92 -9.80
CA ASP A 197 -22.91 -19.85 -8.94
C ASP A 197 -23.55 -18.74 -9.76
N SER A 198 -24.11 -17.76 -9.07
CA SER A 198 -24.76 -16.62 -9.71
C SER A 198 -24.81 -15.45 -8.75
N ASP A 199 -24.83 -14.25 -9.30
CA ASP A 199 -24.91 -13.03 -8.51
C ASP A 199 -25.61 -11.96 -9.31
N ASP A 200 -26.38 -11.15 -8.63
CA ASP A 200 -27.14 -10.09 -9.25
C ASP A 200 -27.33 -9.00 -8.24
N ASP A 201 -26.34 -8.86 -7.39
CA ASP A 201 -26.37 -7.92 -6.27
C ASP A 201 -26.48 -6.47 -6.75
N GLY A 202 -25.40 -5.71 -6.67
CA GLY A 202 -25.43 -4.35 -7.15
C GLY A 202 -25.30 -4.30 -8.64
N GLU A 203 -24.33 -5.01 -9.16
CA GLU A 203 -24.12 -5.07 -10.58
C GLU A 203 -24.53 -6.43 -11.10
N THR A 204 -25.73 -6.47 -11.61
CA THR A 204 -26.32 -7.70 -12.10
C THR A 204 -25.46 -8.32 -13.23
N ALA A 205 -24.84 -7.47 -14.04
CA ALA A 205 -24.02 -7.94 -15.14
C ALA A 205 -22.68 -8.45 -14.65
N ALA A 206 -22.22 -7.91 -13.54
CA ALA A 206 -20.95 -8.30 -12.96
C ALA A 206 -20.98 -9.74 -12.50
N GLY A 207 -22.13 -10.16 -11.97
CA GLY A 207 -22.28 -11.54 -11.51
C GLY A 207 -22.03 -12.53 -12.63
N SER A 208 -22.62 -12.27 -13.78
CA SER A 208 -22.46 -13.14 -14.93
C SER A 208 -21.06 -12.96 -15.54
N ARG A 209 -20.54 -11.74 -15.48
CA ARG A 209 -19.23 -11.44 -16.03
C ARG A 209 -18.13 -12.23 -15.32
N MET A 210 -18.12 -12.18 -13.99
CA MET A 210 -17.10 -12.91 -13.23
C MET A 210 -17.30 -14.41 -13.38
N LEU A 211 -18.55 -14.78 -13.56
CA LEU A 211 -18.91 -16.18 -13.76
C LEU A 211 -18.27 -16.70 -15.04
N HIS A 212 -18.55 -16.02 -16.14
CA HIS A 212 -17.95 -16.37 -17.41
C HIS A 212 -16.45 -16.28 -17.32
N LEU A 213 -15.98 -15.29 -16.58
CA LEU A 213 -14.56 -15.03 -16.41
C LEU A 213 -13.85 -16.18 -15.72
N ILE A 214 -14.40 -16.65 -14.61
CA ILE A 214 -13.76 -17.74 -13.88
C ILE A 214 -13.89 -19.04 -14.64
N THR A 215 -14.87 -19.13 -15.51
CA THR A 215 -15.02 -20.28 -16.33
C THR A 215 -13.94 -20.32 -17.41
N ILE A 216 -13.79 -19.20 -18.13
CA ILE A 216 -12.81 -19.11 -19.21
C ILE A 216 -11.36 -19.15 -18.72
N MET A 217 -11.09 -18.58 -17.53
CA MET A 217 -9.73 -18.59 -16.96
C MET A 217 -9.25 -19.97 -16.55
N ASP A 218 -10.08 -21.01 -16.74
CA ASP A 218 -9.74 -22.37 -16.34
C ASP A 218 -9.35 -22.42 -14.88
N VAL A 219 -10.35 -22.23 -14.04
CA VAL A 219 -10.14 -22.16 -12.62
C VAL A 219 -11.37 -22.64 -11.86
N TRP A 220 -11.14 -23.42 -10.80
CA TRP A 220 -12.21 -24.00 -10.02
C TRP A 220 -11.83 -24.07 -8.56
N ASN A 221 -12.82 -24.34 -7.73
CA ASN A 221 -12.67 -24.55 -6.28
C ASN A 221 -12.20 -23.31 -5.55
N VAL A 222 -12.23 -22.18 -6.20
CA VAL A 222 -11.84 -20.94 -5.57
C VAL A 222 -12.96 -19.91 -5.75
N ILE A 223 -13.11 -19.03 -4.77
CA ILE A 223 -14.16 -18.01 -4.81
C ILE A 223 -13.55 -16.63 -4.95
N VAL A 224 -14.36 -15.68 -5.39
CA VAL A 224 -13.94 -14.30 -5.50
C VAL A 224 -15.08 -13.33 -5.14
N VAL A 225 -14.71 -12.22 -4.54
CA VAL A 225 -15.63 -11.18 -4.13
C VAL A 225 -15.10 -9.83 -4.57
N VAL A 226 -15.92 -9.07 -5.29
CA VAL A 226 -15.51 -7.77 -5.76
C VAL A 226 -16.35 -6.68 -5.10
N ALA A 227 -15.70 -5.67 -4.62
CA ALA A 227 -16.35 -4.56 -3.94
C ALA A 227 -15.76 -3.25 -4.42
N ARG A 228 -16.58 -2.22 -4.50
CA ARG A 228 -16.08 -0.91 -4.90
C ARG A 228 -16.28 0.04 -3.74
N TRP A 229 -15.20 0.33 -3.01
CA TRP A 229 -15.32 1.20 -1.86
C TRP A 229 -13.95 1.71 -1.39
N PHE A 230 -13.97 2.87 -0.71
CA PHE A 230 -12.77 3.50 -0.15
C PHE A 230 -11.92 4.14 -1.24
N GLY A 231 -12.23 5.38 -1.56
CA GLY A 231 -11.48 6.08 -2.57
C GLY A 231 -11.75 7.58 -2.54
N GLY A 232 -11.07 8.29 -3.42
CA GLY A 232 -11.24 9.72 -3.52
C GLY A 232 -11.42 10.15 -4.96
N ALA A 233 -10.49 10.94 -5.47
CA ALA A 233 -10.55 11.36 -6.86
C ALA A 233 -10.01 10.26 -7.76
N HIS A 234 -8.76 9.88 -7.56
CA HIS A 234 -8.19 8.74 -8.26
C HIS A 234 -7.47 7.84 -7.26
N ILE A 235 -7.47 8.26 -5.98
CA ILE A 235 -6.86 7.49 -4.88
C ILE A 235 -5.31 7.48 -4.98
N GLY A 236 -4.81 7.86 -6.13
CA GLY A 236 -3.39 7.84 -6.38
C GLY A 236 -3.04 6.85 -7.47
N PRO A 237 -2.30 7.29 -8.49
CA PRO A 237 -1.92 6.43 -9.63
C PRO A 237 -1.07 5.24 -9.20
N ASP A 238 -0.47 5.35 -8.03
CA ASP A 238 0.37 4.31 -7.50
C ASP A 238 -0.45 3.16 -6.91
N ARG A 239 -1.77 3.33 -6.82
CA ARG A 239 -2.60 2.29 -6.29
C ARG A 239 -2.77 1.19 -7.29
N PHE A 240 -3.44 1.48 -8.40
CA PHE A 240 -3.80 0.43 -9.35
C PHE A 240 -2.61 -0.27 -10.02
N LYS A 241 -1.84 0.47 -10.82
CA LYS A 241 -0.67 -0.12 -11.54
C LYS A 241 0.22 -1.01 -10.67
N HIS A 242 0.64 -0.49 -9.55
CA HIS A 242 1.61 -1.19 -8.70
C HIS A 242 0.93 -2.31 -7.93
N ILE A 243 -0.23 -2.02 -7.40
CA ILE A 243 -0.98 -3.00 -6.65
C ILE A 243 -1.50 -4.08 -7.59
N ASN A 244 -1.62 -3.74 -8.88
CA ASN A 244 -2.02 -4.69 -9.90
C ASN A 244 -1.04 -5.82 -9.93
N SER A 245 0.24 -5.48 -9.94
CA SER A 245 1.28 -6.50 -9.93
C SER A 245 1.12 -7.41 -8.69
N THR A 246 0.81 -6.77 -7.56
CA THR A 246 0.60 -7.48 -6.31
C THR A 246 -0.64 -8.39 -6.42
N ALA A 247 -1.75 -7.76 -6.77
CA ALA A 247 -3.04 -8.42 -6.98
C ALA A 247 -2.90 -9.65 -7.86
N ARG A 248 -2.23 -9.48 -9.00
CA ARG A 248 -2.07 -10.57 -9.94
C ARG A 248 -1.46 -11.79 -9.27
N GLU A 249 -0.48 -11.56 -8.42
CA GLU A 249 0.16 -12.67 -7.71
C GLU A 249 -0.82 -13.29 -6.66
N ALA A 250 -1.59 -12.46 -5.96
CA ALA A 250 -2.57 -12.98 -4.98
C ALA A 250 -3.60 -13.88 -5.64
N VAL A 251 -4.34 -13.32 -6.58
CA VAL A 251 -5.33 -14.04 -7.37
C VAL A 251 -4.80 -15.41 -7.86
N VAL A 252 -3.65 -15.41 -8.53
CA VAL A 252 -3.07 -16.66 -9.02
C VAL A 252 -2.67 -17.55 -7.84
N ARG A 253 -2.13 -16.92 -6.81
CA ARG A 253 -1.72 -17.62 -5.58
C ARG A 253 -2.89 -18.43 -5.02
N ALA A 254 -3.99 -17.74 -4.73
CA ALA A 254 -5.21 -18.39 -4.21
C ALA A 254 -5.79 -19.47 -5.13
N GLY A 255 -5.19 -19.68 -6.30
CA GLY A 255 -5.67 -20.75 -7.13
C GLY A 255 -6.62 -20.29 -8.21
N PHE A 256 -6.29 -19.22 -8.91
CA PHE A 256 -7.25 -18.69 -9.87
C PHE A 256 -6.78 -18.92 -11.30
N ASP A 257 -5.70 -19.65 -11.44
CA ASP A 257 -5.17 -19.95 -12.76
C ASP A 257 -5.14 -21.44 -13.03
N SER A 258 -5.83 -22.19 -12.21
CA SER A 258 -5.86 -23.64 -12.34
C SER A 258 -7.28 -24.16 -12.10
N MET A 1 -6.78 75.52 -7.18
CA MET A 1 -5.74 74.56 -6.73
C MET A 1 -6.10 73.15 -7.16
N ASP A 2 -5.08 72.30 -7.33
CA ASP A 2 -5.29 70.93 -7.78
C ASP A 2 -5.50 69.98 -6.62
N ASP A 3 -4.82 70.25 -5.51
CA ASP A 3 -4.89 69.42 -4.32
C ASP A 3 -4.39 68.01 -4.63
N ASP A 4 -3.31 67.96 -5.41
CA ASP A 4 -2.70 66.70 -5.90
C ASP A 4 -2.34 65.77 -4.75
N HIS A 5 -1.83 66.33 -3.70
CA HIS A 5 -1.40 65.58 -2.52
C HIS A 5 -2.54 65.29 -1.61
N GLU A 6 -3.53 66.17 -1.57
CA GLU A 6 -4.68 65.94 -0.73
C GLU A 6 -5.41 64.69 -1.19
N GLN A 7 -5.88 64.72 -2.42
CA GLN A 7 -6.61 63.57 -3.00
C GLN A 7 -5.83 62.26 -2.81
N LEU A 8 -4.53 62.31 -3.07
CA LEU A 8 -3.66 61.13 -2.94
C LEU A 8 -3.55 60.68 -1.48
N VAL A 9 -3.12 61.59 -0.60
CA VAL A 9 -2.98 61.26 0.83
C VAL A 9 -4.32 60.79 1.40
N GLU A 10 -5.39 61.28 0.82
CA GLU A 10 -6.72 60.90 1.23
C GLU A 10 -6.99 59.45 0.85
N GLU A 11 -6.91 59.16 -0.46
CA GLU A 11 -7.13 57.79 -0.94
C GLU A 11 -6.36 56.77 -0.10
N LEU A 12 -5.18 57.19 0.40
CA LEU A 12 -4.39 56.32 1.28
C LEU A 12 -5.16 56.07 2.59
N GLU A 13 -5.52 57.15 3.27
CA GLU A 13 -6.27 57.11 4.55
C GLU A 13 -7.74 56.67 4.35
N ALA A 14 -8.18 56.67 3.10
CA ALA A 14 -9.58 56.39 2.79
C ALA A 14 -9.80 54.93 2.61
N VAL A 15 -8.78 54.25 2.08
CA VAL A 15 -8.84 52.86 1.83
C VAL A 15 -8.52 52.15 3.14
N GLU A 16 -7.83 52.90 4.01
CA GLU A 16 -7.46 52.47 5.32
C GLU A 16 -8.72 52.17 6.13
N ALA A 17 -9.62 53.14 6.18
CA ALA A 17 -10.92 53.00 6.81
C ALA A 17 -11.66 51.76 6.28
N ILE A 18 -11.94 51.80 5.00
CA ILE A 18 -12.66 50.72 4.31
C ILE A 18 -11.99 49.33 4.50
N TYR A 19 -10.67 49.32 4.51
CA TYR A 19 -9.90 48.07 4.64
C TYR A 19 -8.80 48.23 5.67
N PRO A 20 -8.98 47.63 6.86
CA PRO A 20 -8.09 47.84 8.02
C PRO A 20 -6.62 47.57 7.80
N ASP A 21 -6.17 46.32 7.79
CA ASP A 21 -4.76 46.03 7.68
C ASP A 21 -4.47 45.67 6.26
N LEU A 22 -5.49 45.80 5.46
CA LEU A 22 -5.46 45.30 4.13
C LEU A 22 -4.54 46.10 3.29
N LEU A 23 -4.57 47.39 3.45
CA LEU A 23 -3.69 48.21 2.69
C LEU A 23 -2.63 48.84 3.58
N SER A 24 -1.41 48.37 3.44
CA SER A 24 -0.32 48.83 4.24
C SER A 24 0.76 49.52 3.41
N LYS A 25 0.96 50.80 3.69
CA LYS A 25 1.96 51.61 2.99
C LYS A 25 3.39 51.05 3.01
N LYS A 26 4.17 51.49 2.02
CA LYS A 26 5.55 51.09 1.86
C LYS A 26 6.45 52.28 2.09
N GLN A 27 6.04 53.42 1.57
CA GLN A 27 6.81 54.62 1.72
C GLN A 27 6.41 55.38 2.96
N GLU A 28 7.25 56.30 3.36
CA GLU A 28 7.01 57.09 4.55
C GLU A 28 6.13 58.27 4.20
N ASP A 29 5.85 58.39 2.90
CA ASP A 29 5.03 59.44 2.39
C ASP A 29 3.76 58.88 1.83
N GLY A 30 3.79 58.52 0.60
CA GLY A 30 2.67 57.98 -0.03
C GLY A 30 2.86 57.94 -1.50
N SER A 31 4.00 57.43 -1.93
CA SER A 31 4.30 57.29 -3.35
C SER A 31 4.53 55.81 -3.64
N ILE A 32 4.18 55.00 -2.63
CA ILE A 32 4.25 53.51 -2.68
C ILE A 32 3.38 52.97 -1.56
N ILE A 33 2.78 51.80 -1.79
CA ILE A 33 1.82 51.22 -0.86
C ILE A 33 1.70 49.73 -1.12
N VAL A 34 1.11 49.02 -0.21
CA VAL A 34 0.85 47.61 -0.36
C VAL A 34 -0.58 47.33 -0.01
N VAL A 35 -1.21 46.46 -0.75
CA VAL A 35 -2.54 46.04 -0.43
C VAL A 35 -2.64 44.52 -0.54
N LYS A 36 -3.26 43.88 0.41
CA LYS A 36 -3.38 42.42 0.40
C LYS A 36 -4.77 42.01 -0.04
N VAL A 37 -4.86 41.11 -1.06
CA VAL A 37 -6.20 40.61 -1.52
C VAL A 37 -7.28 40.56 -0.43
N PRO A 38 -8.38 41.36 -0.66
CA PRO A 38 -9.52 41.55 0.28
C PRO A 38 -10.14 40.28 0.81
N GLN A 39 -9.89 39.16 0.15
CA GLN A 39 -10.40 37.89 0.64
C GLN A 39 -9.64 37.49 1.91
N HIS A 40 -8.58 38.27 2.20
CA HIS A 40 -7.74 38.11 3.38
C HIS A 40 -6.79 37.00 3.14
N GLU A 41 -6.26 36.99 1.93
CA GLU A 41 -5.37 35.99 1.47
C GLU A 41 -3.98 36.09 2.08
N TYR A 42 -3.05 36.13 1.19
CA TYR A 42 -1.63 36.11 1.44
C TYR A 42 -0.96 36.75 0.27
N MET A 43 -1.77 37.12 -0.73
CA MET A 43 -1.28 37.71 -1.92
C MET A 43 -1.30 39.17 -1.76
N THR A 44 -0.16 39.69 -1.56
CA THR A 44 -0.03 41.07 -1.37
C THR A 44 0.38 41.74 -2.65
N LEU A 45 -0.22 42.88 -2.86
CA LEU A 45 0.02 43.67 -4.03
C LEU A 45 0.78 44.93 -3.62
N GLN A 46 2.04 45.00 -3.98
CA GLN A 46 2.90 46.13 -3.66
C GLN A 46 2.93 47.07 -4.84
N ILE A 47 2.22 48.21 -4.74
CA ILE A 47 2.08 49.11 -5.85
C ILE A 47 2.75 50.48 -5.56
N SER A 48 3.56 50.92 -6.48
CA SER A 48 4.19 52.23 -6.44
C SER A 48 3.31 53.29 -7.10
N PHE A 49 3.68 54.52 -6.93
CA PHE A 49 2.98 55.62 -7.51
C PHE A 49 3.96 56.47 -8.35
N PRO A 50 3.74 56.48 -9.67
CA PRO A 50 4.53 57.23 -10.64
C PRO A 50 4.34 58.72 -10.47
N THR A 51 5.08 59.50 -11.25
CA THR A 51 5.06 60.95 -11.14
C THR A 51 3.79 61.44 -11.88
N HIS A 52 3.01 60.46 -12.25
CA HIS A 52 1.83 60.62 -13.06
C HIS A 52 0.65 59.95 -12.35
N TYR A 53 0.81 59.81 -11.00
CA TYR A 53 -0.26 59.31 -10.09
C TYR A 53 -1.64 59.91 -10.46
N PRO A 54 -2.77 59.26 -9.97
CA PRO A 54 -4.18 59.63 -10.30
C PRO A 54 -4.44 61.05 -10.82
N SER A 55 -3.79 62.05 -10.24
CA SER A 55 -3.92 63.43 -10.71
C SER A 55 -3.60 63.55 -12.21
N GLU A 56 -2.76 62.64 -12.72
CA GLU A 56 -2.41 62.60 -14.11
C GLU A 56 -2.95 61.34 -14.79
N GLU A 57 -2.56 60.15 -14.26
CA GLU A 57 -2.95 58.89 -14.88
C GLU A 57 -3.42 57.85 -13.87
N ALA A 58 -2.47 57.10 -13.32
CA ALA A 58 -2.76 55.95 -12.47
C ALA A 58 -1.45 55.42 -11.80
N PRO A 59 -1.56 54.57 -10.72
CA PRO A 59 -0.36 54.03 -9.99
C PRO A 59 0.48 52.99 -10.78
N ASN A 60 1.41 52.28 -10.07
CA ASN A 60 2.31 51.28 -10.69
C ASN A 60 2.38 50.01 -9.86
N VAL A 61 1.53 49.04 -10.15
CA VAL A 61 1.62 47.74 -9.47
C VAL A 61 3.00 47.10 -9.71
N ILE A 62 3.87 47.28 -8.74
CA ILE A 62 5.19 46.74 -8.80
C ILE A 62 5.18 45.25 -8.74
N GLU A 63 4.95 44.68 -7.56
CA GLU A 63 4.92 43.22 -7.47
C GLU A 63 3.81 42.71 -6.61
N VAL A 64 3.34 41.51 -6.93
CA VAL A 64 2.30 40.85 -6.18
C VAL A 64 2.75 39.43 -5.87
N GLY A 65 2.62 38.97 -4.64
CA GLY A 65 2.92 37.59 -4.40
C GLY A 65 2.14 37.04 -3.25
N VAL A 66 2.16 35.74 -3.11
CA VAL A 66 1.37 35.07 -2.11
C VAL A 66 2.22 34.17 -1.24
N CYS A 67 1.95 34.24 0.04
CA CYS A 67 2.69 33.46 1.00
C CYS A 67 2.07 32.08 1.20
N THR A 68 2.77 31.05 0.70
CA THR A 68 2.42 29.63 0.87
C THR A 68 1.07 29.28 0.22
N SER A 69 1.15 28.60 -0.92
CA SER A 69 -0.04 28.20 -1.65
C SER A 69 0.15 26.81 -2.26
N LEU A 70 -0.88 25.96 -2.15
CA LEU A 70 -0.80 24.60 -2.67
C LEU A 70 -1.75 24.40 -3.87
N ALA A 71 -3.02 24.16 -3.58
CA ALA A 71 -4.01 23.89 -4.63
C ALA A 71 -4.34 25.14 -5.43
N LYS A 72 -4.32 26.28 -4.74
CA LYS A 72 -4.62 27.56 -5.35
C LYS A 72 -3.45 28.05 -6.18
N ARG A 73 -2.30 27.40 -6.04
CA ARG A 73 -1.08 27.80 -6.76
C ARG A 73 -1.03 27.09 -8.12
N ASP A 74 -1.92 26.14 -8.30
CA ASP A 74 -2.02 25.37 -9.54
C ASP A 74 -2.70 26.20 -10.61
N LEU A 75 -3.50 27.14 -10.16
CA LEU A 75 -4.27 27.99 -11.05
C LEU A 75 -3.52 29.26 -11.41
N TYR A 76 -2.92 29.90 -10.42
CA TYR A 76 -2.20 31.14 -10.65
C TYR A 76 -0.92 31.20 -9.84
N ASP A 77 -0.14 32.24 -10.10
CA ASP A 77 1.12 32.43 -9.41
C ASP A 77 1.34 33.92 -9.20
N THR A 78 2.56 34.28 -8.88
CA THR A 78 2.91 35.66 -8.62
C THR A 78 2.88 36.53 -9.89
N LYS A 79 3.46 36.05 -10.99
CA LYS A 79 3.55 36.85 -12.21
C LYS A 79 2.20 36.93 -12.89
N TYR A 80 1.45 35.87 -12.75
CA TYR A 80 0.15 35.79 -13.38
C TYR A 80 -0.78 36.82 -12.80
N LEU A 81 -0.84 36.89 -11.49
CA LEU A 81 -1.67 37.87 -10.84
C LEU A 81 -1.15 39.26 -11.16
N GLN A 82 0.18 39.37 -11.25
CA GLN A 82 0.85 40.59 -11.61
C GLN A 82 0.39 41.03 -12.98
N HIS A 83 0.08 40.04 -13.81
CA HIS A 83 -0.26 40.27 -15.19
C HIS A 83 -1.64 40.79 -15.28
N LEU A 84 -2.58 40.11 -14.64
CA LEU A 84 -3.95 40.54 -14.70
C LEU A 84 -4.12 41.93 -14.12
N PHE A 85 -3.76 42.13 -12.84
CA PHE A 85 -3.86 43.47 -12.23
C PHE A 85 -3.20 44.55 -13.10
N GLN A 86 -1.91 44.36 -13.36
CA GLN A 86 -1.21 45.28 -14.28
C GLN A 86 -2.07 45.61 -15.50
N GLU A 87 -2.62 44.58 -16.12
CA GLU A 87 -3.45 44.77 -17.31
C GLU A 87 -4.80 45.46 -16.99
N VAL A 88 -5.34 45.27 -15.79
CA VAL A 88 -6.60 45.93 -15.45
C VAL A 88 -6.40 47.44 -15.19
N MET A 89 -5.56 47.83 -14.21
CA MET A 89 -5.20 49.30 -14.01
C MET A 89 -4.65 49.93 -15.32
N ASP A 90 -4.18 49.06 -16.15
CA ASP A 90 -3.71 49.46 -17.48
C ASP A 90 -4.90 50.02 -18.24
N SER A 91 -6.06 49.48 -17.94
CA SER A 91 -7.30 49.96 -18.48
C SER A 91 -8.15 50.75 -17.44
N VAL A 92 -7.67 50.92 -16.16
CA VAL A 92 -8.47 51.72 -15.18
C VAL A 92 -8.06 53.17 -15.24
N PHE A 93 -7.38 53.54 -16.32
CA PHE A 93 -7.00 54.93 -16.46
C PHE A 93 -8.28 55.71 -16.69
N HIS A 94 -9.09 55.25 -17.62
CA HIS A 94 -10.44 55.75 -17.80
C HIS A 94 -11.39 55.10 -16.80
N ARG A 95 -11.67 55.81 -15.76
CA ARG A 95 -12.54 55.41 -14.66
C ARG A 95 -13.14 56.65 -14.14
N GLY A 96 -13.99 56.57 -13.15
CA GLY A 96 -14.56 57.77 -12.65
C GLY A 96 -14.10 58.03 -11.23
N SER A 97 -12.94 57.48 -10.89
CA SER A 97 -12.35 57.63 -9.58
C SER A 97 -10.83 57.45 -9.64
N VAL A 98 -10.18 57.63 -8.49
CA VAL A 98 -8.72 57.55 -8.37
C VAL A 98 -8.11 56.30 -9.02
N CYS A 99 -8.59 55.11 -8.62
CA CYS A 99 -8.14 53.80 -9.21
C CYS A 99 -8.41 52.66 -8.26
N LEU A 100 -8.19 52.91 -6.98
CA LEU A 100 -8.29 51.87 -5.96
C LEU A 100 -9.66 51.23 -5.93
N PHE A 101 -10.69 52.03 -6.15
CA PHE A 101 -12.04 51.53 -6.07
C PHE A 101 -12.42 50.82 -7.36
N ASP A 102 -11.94 51.35 -8.44
CA ASP A 102 -12.26 50.89 -9.77
C ASP A 102 -11.59 49.56 -10.11
N PHE A 103 -10.42 49.31 -9.56
CA PHE A 103 -9.73 48.07 -9.91
C PHE A 103 -10.17 46.89 -9.03
N LEU A 104 -10.39 47.14 -7.72
CA LEU A 104 -10.79 46.04 -6.81
C LEU A 104 -12.10 45.42 -7.23
N THR A 105 -12.88 46.20 -7.90
CA THR A 105 -14.12 45.77 -8.43
C THR A 105 -13.86 44.89 -9.66
N GLU A 106 -12.98 45.37 -10.54
CA GLU A 106 -12.54 44.61 -11.70
C GLU A 106 -12.00 43.26 -11.26
N LEU A 107 -11.15 43.28 -10.22
CA LEU A 107 -10.59 42.06 -9.67
C LEU A 107 -11.71 41.14 -9.19
N ASP A 108 -12.54 41.65 -8.27
CA ASP A 108 -13.73 40.93 -7.75
C ASP A 108 -14.53 40.25 -8.88
N GLY A 109 -14.52 40.83 -10.06
CA GLY A 109 -15.18 40.18 -11.17
C GLY A 109 -14.28 39.15 -11.86
N VAL A 110 -13.05 39.53 -12.15
CA VAL A 110 -12.12 38.67 -12.94
C VAL A 110 -11.39 37.57 -12.12
N LEU A 111 -11.11 37.85 -10.87
CA LEU A 111 -10.31 36.96 -10.03
C LEU A 111 -11.19 36.19 -9.01
N TYR A 112 -12.48 36.36 -9.09
CA TYR A 112 -13.35 35.70 -8.15
C TYR A 112 -14.26 34.70 -8.86
N VAL A 113 -13.95 33.43 -8.70
CA VAL A 113 -14.71 32.36 -9.33
C VAL A 113 -15.80 31.83 -8.40
N GLU A 114 -16.29 32.71 -7.52
CA GLU A 114 -17.31 32.37 -6.50
C GLU A 114 -16.69 31.62 -5.32
N PRO A 115 -17.39 31.60 -4.15
CA PRO A 115 -16.91 30.92 -2.96
C PRO A 115 -16.89 29.40 -3.13
N GLU A 116 -15.70 28.86 -3.30
CA GLU A 116 -15.52 27.42 -3.41
C GLU A 116 -14.35 26.99 -2.57
N GLU A 117 -14.63 26.25 -1.52
CA GLU A 117 -13.62 25.77 -0.63
C GLU A 117 -14.09 24.46 -0.02
N GLU A 118 -14.00 23.41 -0.80
CA GLU A 118 -14.40 22.09 -0.38
C GLU A 118 -13.83 21.05 -1.31
N THR A 119 -13.55 19.89 -0.79
CA THR A 119 -13.00 18.83 -1.56
C THR A 119 -13.31 17.49 -0.91
N GLU A 120 -12.73 16.47 -1.45
CA GLU A 120 -12.92 15.13 -0.98
C GLU A 120 -11.65 14.31 -1.21
N PRO A 121 -10.76 14.29 -0.21
CA PRO A 121 -9.50 13.58 -0.30
C PRO A 121 -9.69 12.08 -0.08
N VAL A 122 -8.59 11.35 -0.10
CA VAL A 122 -8.64 9.91 0.08
C VAL A 122 -8.76 9.57 1.57
N GLN A 123 -9.80 10.11 2.19
CA GLN A 123 -10.07 9.85 3.60
C GLN A 123 -10.76 8.51 3.74
N GLN A 124 -11.39 8.08 2.66
CA GLN A 124 -12.06 6.82 2.63
C GLN A 124 -11.59 6.01 1.42
N SER A 125 -10.87 4.96 1.70
CA SER A 125 -10.35 4.07 0.69
C SER A 125 -10.24 2.70 1.31
N ASP A 126 -10.28 1.66 0.52
CA ASP A 126 -10.28 0.34 1.11
C ASP A 126 -9.37 -0.64 0.44
N ILE A 127 -8.29 -0.19 -0.24
CA ILE A 127 -7.30 -1.14 -0.78
C ILE A 127 -6.82 -2.14 0.27
N PRO A 128 -7.20 -3.44 0.08
CA PRO A 128 -6.84 -4.49 1.01
C PRO A 128 -5.34 -4.70 1.06
N THR A 129 -4.81 -4.55 2.23
CA THR A 129 -3.39 -4.72 2.45
C THR A 129 -3.13 -5.81 3.48
N ASP A 130 -4.19 -6.21 4.17
CA ASP A 130 -4.12 -7.27 5.15
C ASP A 130 -5.03 -8.43 4.74
N PRO A 131 -4.60 -9.68 4.99
CA PRO A 131 -5.35 -10.86 4.62
C PRO A 131 -6.61 -11.06 5.43
N PHE A 132 -7.42 -11.98 4.96
CA PHE A 132 -8.70 -12.25 5.56
C PHE A 132 -8.73 -13.65 6.14
N GLU A 133 -9.74 -13.93 6.94
CA GLU A 133 -9.84 -15.20 7.63
C GLU A 133 -10.36 -16.28 6.68
N GLY A 134 -9.64 -17.38 6.62
CA GLY A 134 -9.98 -18.50 5.72
C GLY A 134 -9.81 -18.15 4.25
N TRP A 135 -10.09 -16.91 3.95
CA TRP A 135 -10.03 -16.29 2.67
C TRP A 135 -8.61 -15.91 2.28
N THR A 136 -8.45 -15.37 1.07
CA THR A 136 -7.16 -14.90 0.68
C THR A 136 -7.24 -13.83 -0.39
N ALA A 137 -7.32 -12.57 0.00
CA ALA A 137 -7.18 -11.54 -0.98
C ALA A 137 -5.88 -10.83 -0.90
N SER A 138 -5.76 -9.91 -1.83
CA SER A 138 -4.65 -8.96 -2.01
C SER A 138 -4.73 -8.35 -3.41
N ASP A 139 -5.94 -8.33 -4.00
CA ASP A 139 -6.09 -7.86 -5.37
C ASP A 139 -6.94 -6.58 -5.44
N PRO A 140 -6.32 -5.42 -5.20
CA PRO A 140 -6.92 -4.12 -5.41
C PRO A 140 -6.62 -3.58 -6.80
N ILE A 141 -7.31 -2.50 -7.17
CA ILE A 141 -7.11 -1.74 -8.43
C ILE A 141 -7.84 -0.41 -8.30
N THR A 142 -7.43 0.57 -9.05
CA THR A 142 -8.01 1.88 -9.01
C THR A 142 -8.88 2.11 -10.27
N ASP A 143 -9.98 2.87 -10.11
CA ASP A 143 -10.88 3.17 -11.19
C ASP A 143 -11.32 4.60 -11.02
N ARG A 144 -12.02 5.15 -11.98
CA ARG A 144 -12.46 6.51 -11.86
C ARG A 144 -13.44 6.64 -10.69
N GLY A 145 -12.97 7.31 -9.65
CA GLY A 145 -13.73 7.48 -8.43
C GLY A 145 -13.84 6.22 -7.57
N SER A 146 -14.00 5.10 -8.24
CA SER A 146 -14.20 3.84 -7.57
C SER A 146 -12.92 3.05 -7.43
N THR A 147 -12.90 2.14 -6.48
CA THR A 147 -11.80 1.26 -6.29
C THR A 147 -12.24 -0.16 -6.58
N PHE A 148 -11.39 -0.93 -7.21
CA PHE A 148 -11.67 -2.34 -7.43
C PHE A 148 -10.91 -3.16 -6.43
N MET A 149 -11.57 -4.13 -5.83
CA MET A 149 -10.87 -5.03 -4.93
C MET A 149 -11.46 -6.41 -5.00
N ALA A 150 -10.60 -7.41 -5.03
CA ALA A 150 -11.03 -8.78 -5.12
C ALA A 150 -10.39 -9.64 -4.05
N PHE A 151 -11.17 -10.55 -3.53
CA PHE A 151 -10.72 -11.50 -2.54
C PHE A 151 -10.98 -12.89 -3.09
N ALA A 152 -10.00 -13.76 -3.10
CA ALA A 152 -10.21 -15.08 -3.62
C ALA A 152 -10.00 -16.12 -2.49
N ALA A 153 -10.95 -17.02 -2.31
CA ALA A 153 -10.74 -18.06 -1.33
C ALA A 153 -10.90 -19.46 -1.87
N HIS A 154 -10.04 -20.31 -1.38
CA HIS A 154 -10.07 -21.74 -1.65
C HIS A 154 -11.20 -22.36 -0.87
N VAL A 155 -11.80 -23.44 -1.38
CA VAL A 155 -12.97 -24.01 -0.76
C VAL A 155 -13.12 -25.49 -1.09
N THR A 156 -13.99 -26.11 -0.36
CA THR A 156 -14.38 -27.48 -0.57
C THR A 156 -15.72 -27.45 -1.29
N SER A 157 -16.61 -28.35 -0.95
CA SER A 157 -17.89 -28.38 -1.59
C SER A 157 -18.74 -27.15 -1.21
N GLU A 158 -19.97 -27.15 -1.68
CA GLU A 158 -20.91 -26.02 -1.55
C GLU A 158 -20.87 -25.36 -0.18
N GLU A 159 -20.89 -26.18 0.85
CA GLU A 159 -21.00 -25.73 2.25
C GLU A 159 -20.01 -24.62 2.64
N GLN A 160 -18.84 -24.61 2.06
CA GLN A 160 -17.83 -23.60 2.43
C GLN A 160 -18.09 -22.36 1.68
N ALA A 161 -18.12 -22.48 0.37
CA ALA A 161 -18.34 -21.36 -0.48
C ALA A 161 -19.61 -20.64 -0.05
N PHE A 162 -20.64 -21.41 0.28
CA PHE A 162 -21.90 -20.86 0.75
C PHE A 162 -21.76 -20.16 2.11
N ALA A 163 -21.33 -20.91 3.11
CA ALA A 163 -21.26 -20.37 4.47
C ALA A 163 -20.18 -19.33 4.65
N MET A 164 -19.03 -19.51 3.98
CA MET A 164 -17.94 -18.57 4.18
C MET A 164 -18.21 -17.28 3.39
N LEU A 165 -18.92 -17.40 2.26
CA LEU A 165 -19.29 -16.23 1.47
C LEU A 165 -20.39 -15.48 2.18
N ASP A 166 -21.27 -16.22 2.86
CA ASP A 166 -22.37 -15.61 3.58
C ASP A 166 -21.82 -14.68 4.60
N LEU A 167 -21.19 -15.28 5.58
CA LEU A 167 -20.49 -14.58 6.61
C LEU A 167 -19.57 -13.48 6.12
N LEU A 168 -19.04 -13.63 4.92
CA LEU A 168 -18.22 -12.60 4.36
C LEU A 168 -19.01 -11.30 4.22
N LYS A 169 -20.05 -11.34 3.40
CA LYS A 169 -20.88 -10.16 3.17
C LYS A 169 -21.57 -9.70 4.44
N THR A 170 -22.27 -10.62 5.10
CA THR A 170 -22.92 -10.26 6.38
C THR A 170 -21.95 -9.73 7.47
N ASP A 171 -20.65 -9.84 7.26
CA ASP A 171 -19.70 -9.21 8.19
C ASP A 171 -19.63 -7.73 7.88
N SER A 172 -19.50 -6.92 8.91
CA SER A 172 -19.43 -5.49 8.74
C SER A 172 -18.24 -5.07 7.85
N LYS A 173 -17.29 -5.98 7.70
CA LYS A 173 -16.10 -5.76 6.89
C LYS A 173 -16.42 -5.64 5.40
N MET A 174 -17.11 -6.62 4.85
CA MET A 174 -17.49 -6.56 3.46
C MET A 174 -18.78 -5.75 3.31
N ARG A 175 -19.38 -5.44 4.45
CA ARG A 175 -20.59 -4.63 4.55
C ARG A 175 -20.30 -3.19 4.11
N LYS A 176 -19.06 -2.78 4.30
CA LYS A 176 -18.62 -1.42 4.01
C LYS A 176 -18.71 -1.12 2.52
N ALA A 177 -18.66 -2.15 1.72
CA ALA A 177 -18.62 -1.98 0.29
C ALA A 177 -20.03 -1.80 -0.25
N ASN A 178 -20.25 -0.70 -0.97
CA ASN A 178 -21.57 -0.38 -1.50
C ASN A 178 -22.10 -1.48 -2.42
N HIS A 179 -21.22 -2.00 -3.28
CA HIS A 179 -21.61 -3.05 -4.21
C HIS A 179 -20.58 -4.16 -4.19
N VAL A 180 -21.03 -5.36 -3.87
CA VAL A 180 -20.16 -6.52 -3.80
C VAL A 180 -20.61 -7.55 -4.81
N MET A 181 -19.68 -8.33 -5.29
CA MET A 181 -19.99 -9.37 -6.24
C MET A 181 -19.19 -10.62 -5.91
N SER A 182 -19.80 -11.77 -6.05
CA SER A 182 -19.15 -13.02 -5.70
C SER A 182 -19.49 -14.13 -6.70
N ALA A 183 -18.53 -15.01 -7.00
CA ALA A 183 -18.81 -16.15 -7.88
C ALA A 183 -18.15 -17.41 -7.30
N TRP A 184 -18.57 -18.59 -7.77
CA TRP A 184 -18.05 -19.84 -7.21
C TRP A 184 -18.11 -21.00 -8.21
N ARG A 185 -17.15 -21.92 -8.10
CA ARG A 185 -17.13 -23.15 -8.92
C ARG A 185 -16.68 -24.31 -8.07
N ILE A 186 -17.47 -25.35 -8.03
CA ILE A 186 -17.11 -26.57 -7.34
C ILE A 186 -17.22 -27.69 -8.32
N LYS A 187 -16.18 -28.48 -8.52
CA LYS A 187 -16.31 -29.64 -9.34
C LYS A 187 -15.86 -30.81 -8.52
N GLN A 188 -16.40 -31.93 -8.82
CA GLN A 188 -16.08 -33.13 -8.08
C GLN A 188 -14.70 -33.63 -8.46
N ASP A 189 -13.75 -33.37 -7.58
CA ASP A 189 -12.35 -33.82 -7.72
C ASP A 189 -12.23 -35.19 -8.39
N GLY A 190 -12.94 -36.20 -7.87
CA GLY A 190 -12.83 -37.54 -8.42
C GLY A 190 -14.11 -38.05 -9.04
N SER A 191 -15.13 -37.23 -9.10
CA SER A 191 -16.41 -37.62 -9.67
C SER A 191 -16.96 -36.54 -10.61
N ALA A 192 -18.27 -36.56 -10.85
CA ALA A 192 -18.87 -35.61 -11.78
C ALA A 192 -19.79 -34.59 -11.10
N ALA A 193 -20.03 -34.75 -9.80
CA ALA A 193 -20.91 -33.83 -9.07
C ALA A 193 -20.29 -32.44 -8.95
N THR A 194 -20.77 -31.53 -9.77
CA THR A 194 -20.29 -30.18 -9.79
C THR A 194 -21.39 -29.24 -9.37
N TYR A 195 -21.04 -28.05 -8.95
CA TYR A 195 -22.03 -27.10 -8.51
C TYR A 195 -21.64 -25.69 -8.90
N GLN A 196 -22.57 -25.01 -9.52
CA GLN A 196 -22.42 -23.62 -9.89
C GLN A 196 -23.79 -23.00 -10.04
N ASP A 197 -23.89 -21.74 -9.75
CA ASP A 197 -25.15 -21.02 -9.91
C ASP A 197 -24.87 -19.56 -10.14
N SER A 198 -25.87 -18.82 -10.56
CA SER A 198 -25.69 -17.43 -10.83
C SER A 198 -26.39 -16.61 -9.76
N ASP A 199 -25.74 -15.58 -9.29
CA ASP A 199 -26.31 -14.73 -8.26
C ASP A 199 -25.80 -13.32 -8.43
N ASP A 200 -26.60 -12.36 -8.02
CA ASP A 200 -26.22 -10.97 -8.15
C ASP A 200 -25.36 -10.53 -6.99
N ASP A 201 -25.78 -10.89 -5.80
CA ASP A 201 -25.11 -10.51 -4.56
C ASP A 201 -24.79 -9.03 -4.55
N GLY A 202 -25.69 -8.21 -5.09
CA GLY A 202 -25.39 -6.82 -5.23
C GLY A 202 -25.25 -6.40 -6.69
N GLU A 203 -24.30 -7.00 -7.37
CA GLU A 203 -24.02 -6.63 -8.75
C GLU A 203 -24.37 -7.74 -9.76
N THR A 204 -25.66 -7.99 -9.92
CA THR A 204 -26.17 -8.90 -10.99
C THR A 204 -25.44 -8.76 -12.33
N ALA A 205 -24.97 -7.56 -12.63
CA ALA A 205 -24.32 -7.31 -13.89
C ALA A 205 -22.86 -7.67 -13.81
N ALA A 206 -22.31 -7.51 -12.64
CA ALA A 206 -20.93 -7.78 -12.43
C ALA A 206 -20.68 -9.27 -12.30
N GLY A 207 -21.37 -9.97 -11.36
CA GLY A 207 -21.19 -11.44 -11.23
C GLY A 207 -21.14 -12.20 -12.53
N SER A 208 -21.97 -11.84 -13.46
CA SER A 208 -22.03 -12.50 -14.75
C SER A 208 -20.69 -12.34 -15.49
N ARG A 209 -20.04 -11.24 -15.24
CA ARG A 209 -18.82 -10.91 -15.94
C ARG A 209 -17.72 -11.79 -15.36
N MET A 210 -17.83 -12.06 -14.07
CA MET A 210 -16.93 -12.96 -13.44
C MET A 210 -17.21 -14.34 -13.98
N LEU A 211 -18.45 -14.78 -13.87
CA LEU A 211 -18.91 -16.02 -14.58
C LEU A 211 -18.38 -16.15 -16.03
N HIS A 212 -18.06 -15.03 -16.61
CA HIS A 212 -17.56 -15.09 -17.98
C HIS A 212 -16.11 -15.38 -17.88
N LEU A 213 -15.53 -14.80 -16.87
CA LEU A 213 -14.12 -14.78 -16.66
C LEU A 213 -13.68 -16.11 -16.10
N ILE A 214 -14.35 -16.53 -15.07
CA ILE A 214 -14.01 -17.73 -14.38
C ILE A 214 -14.37 -18.95 -15.20
N THR A 215 -15.19 -18.80 -16.27
CA THR A 215 -15.49 -19.96 -17.06
C THR A 215 -14.46 -20.01 -18.22
N ILE A 216 -13.90 -18.81 -18.53
CA ILE A 216 -12.99 -18.68 -19.69
C ILE A 216 -11.51 -18.80 -19.32
N MET A 217 -11.20 -18.66 -18.03
CA MET A 217 -9.80 -18.59 -17.57
C MET A 217 -9.27 -19.91 -17.05
N ASP A 218 -10.05 -20.98 -17.23
CA ASP A 218 -9.67 -22.33 -16.78
C ASP A 218 -9.37 -22.36 -15.27
N VAL A 219 -10.41 -22.23 -14.48
CA VAL A 219 -10.27 -22.21 -13.03
C VAL A 219 -11.54 -22.74 -12.37
N TRP A 220 -11.39 -23.30 -11.18
CA TRP A 220 -12.51 -23.89 -10.45
C TRP A 220 -12.06 -24.29 -9.04
N ASN A 221 -13.03 -24.68 -8.17
CA ASN A 221 -12.75 -25.07 -6.77
C ASN A 221 -12.11 -23.91 -6.01
N VAL A 222 -12.71 -22.75 -6.18
CA VAL A 222 -12.21 -21.51 -5.63
C VAL A 222 -13.29 -20.44 -5.83
N ILE A 223 -13.38 -19.53 -4.88
CA ILE A 223 -14.37 -18.45 -4.95
C ILE A 223 -13.68 -17.12 -5.05
N VAL A 224 -14.39 -16.12 -5.55
CA VAL A 224 -13.82 -14.81 -5.72
C VAL A 224 -14.88 -13.74 -5.50
N VAL A 225 -14.52 -12.73 -4.70
CA VAL A 225 -15.38 -11.61 -4.43
C VAL A 225 -14.74 -10.31 -4.86
N VAL A 226 -15.47 -9.52 -5.62
CA VAL A 226 -15.02 -8.22 -6.06
C VAL A 226 -15.88 -7.15 -5.39
N ALA A 227 -15.33 -5.97 -5.16
CA ALA A 227 -16.01 -4.94 -4.43
C ALA A 227 -15.60 -3.57 -4.97
N ARG A 228 -16.53 -2.62 -4.91
CA ARG A 228 -16.27 -1.24 -5.35
C ARG A 228 -16.33 -0.27 -4.17
N TRP A 229 -15.41 0.70 -4.18
CA TRP A 229 -15.39 1.75 -3.17
C TRP A 229 -15.19 3.11 -3.80
N PHE A 230 -16.03 4.06 -3.43
CA PHE A 230 -15.93 5.40 -3.97
C PHE A 230 -15.23 6.30 -2.97
N GLY A 231 -14.21 6.99 -3.43
CA GLY A 231 -13.48 7.90 -2.56
C GLY A 231 -12.87 9.05 -3.33
N GLY A 232 -11.59 8.93 -3.67
CA GLY A 232 -10.92 9.97 -4.41
C GLY A 232 -11.23 9.88 -5.89
N ALA A 233 -10.93 10.94 -6.63
CA ALA A 233 -11.19 10.99 -8.06
C ALA A 233 -10.51 9.85 -8.79
N HIS A 234 -9.23 9.68 -8.55
CA HIS A 234 -8.49 8.57 -9.14
C HIS A 234 -7.71 7.85 -8.07
N ILE A 235 -7.95 8.22 -6.80
CA ILE A 235 -7.28 7.58 -5.63
C ILE A 235 -5.74 7.58 -5.78
N GLY A 236 -5.23 8.47 -6.62
CA GLY A 236 -3.80 8.47 -6.88
C GLY A 236 -3.44 7.42 -7.92
N PRO A 237 -2.98 7.83 -9.12
CA PRO A 237 -2.65 6.90 -10.21
C PRO A 237 -1.53 5.90 -9.87
N ASP A 238 -0.83 6.16 -8.77
CA ASP A 238 0.27 5.29 -8.36
C ASP A 238 -0.22 3.93 -7.87
N ARG A 239 -1.45 3.87 -7.33
CA ARG A 239 -1.96 2.60 -6.86
C ARG A 239 -2.19 1.66 -8.04
N PHE A 240 -3.03 2.09 -8.97
CA PHE A 240 -3.44 1.29 -10.15
C PHE A 240 -2.31 0.48 -10.80
N LYS A 241 -1.13 1.05 -10.88
CA LYS A 241 -0.07 0.45 -11.66
C LYS A 241 0.69 -0.61 -10.84
N HIS A 242 1.12 -0.19 -9.67
CA HIS A 242 1.97 -1.03 -8.83
C HIS A 242 1.11 -2.05 -8.11
N ILE A 243 -0.10 -1.61 -7.80
CA ILE A 243 -1.08 -2.44 -7.18
C ILE A 243 -1.53 -3.51 -8.14
N ASN A 244 -1.60 -3.18 -9.46
CA ASN A 244 -1.96 -4.16 -10.46
C ASN A 244 -1.04 -5.35 -10.37
N SER A 245 0.25 -5.08 -10.24
CA SER A 245 1.23 -6.15 -10.12
C SER A 245 0.92 -7.04 -8.89
N THR A 246 1.01 -6.43 -7.70
CA THR A 246 0.67 -7.10 -6.44
C THR A 246 -0.65 -7.91 -6.53
N ALA A 247 -1.69 -7.27 -7.06
CA ALA A 247 -3.01 -7.89 -7.20
C ALA A 247 -2.93 -9.19 -7.98
N ARG A 248 -2.29 -9.13 -9.14
CA ARG A 248 -2.07 -10.30 -9.98
C ARG A 248 -1.50 -11.47 -9.17
N GLU A 249 -0.53 -11.18 -8.33
CA GLU A 249 0.07 -12.21 -7.49
C GLU A 249 -0.96 -12.80 -6.51
N ALA A 250 -1.88 -11.97 -6.06
CA ALA A 250 -2.92 -12.37 -5.11
C ALA A 250 -3.91 -13.37 -5.72
N VAL A 251 -4.60 -12.94 -6.77
CA VAL A 251 -5.57 -13.76 -7.49
C VAL A 251 -4.95 -15.10 -7.89
N VAL A 252 -3.74 -15.05 -8.42
CA VAL A 252 -3.00 -16.24 -8.77
C VAL A 252 -2.78 -17.09 -7.52
N ARG A 253 -2.26 -16.43 -6.49
CA ARG A 253 -1.97 -17.05 -5.17
C ARG A 253 -3.15 -17.90 -4.65
N ALA A 254 -4.35 -17.35 -4.71
CA ALA A 254 -5.53 -18.06 -4.20
C ALA A 254 -6.03 -19.16 -5.15
N GLY A 255 -5.28 -19.41 -6.23
CA GLY A 255 -5.66 -20.51 -7.12
C GLY A 255 -6.15 -20.07 -8.50
N PHE A 256 -6.53 -18.80 -8.65
CA PHE A 256 -7.06 -18.33 -9.93
C PHE A 256 -5.98 -18.13 -10.95
N ASP A 257 -5.54 -19.22 -11.55
CA ASP A 257 -4.53 -19.20 -12.63
C ASP A 257 -4.15 -20.59 -12.95
N SER A 258 -4.07 -21.35 -11.91
CA SER A 258 -3.65 -22.71 -11.94
C SER A 258 -2.35 -22.88 -12.71
#